data_1DE3
#
_entry.id   1DE3
#
_cell.length_a   1.000
_cell.length_b   1.000
_cell.length_c   1.000
_cell.angle_alpha   90.00
_cell.angle_beta   90.00
_cell.angle_gamma   90.00
#
_symmetry.space_group_name_H-M   'P 1'
#
_entity_poly.entity_id   1
_entity_poly.type   'polypeptide(L)'
_entity_poly.pdbx_seq_one_letter_code
;AVTWTCLNDQKNPKTNKYETKRLLYNQNKAESNSHHAPLSDGKTGSSYPHWFTNGYDGDGKLPKGRTPIKFGKSDCDRPP
KHSKDGNGKTDHYLLEFPTFPDGHDYKFDSKKPKENPGPARVIYTYPNKVFCGIIAHTKENQGELKLCSH
;
_entity_poly.pdbx_strand_id   A
#
# COMPACT_ATOMS: atom_id res chain seq x y z
N ALA A 1 17.99 -1.80 6.82
CA ALA A 1 17.72 -3.20 7.21
C ALA A 1 17.36 -4.07 5.97
N VAL A 2 16.07 -4.15 5.70
CA VAL A 2 15.54 -4.88 4.54
C VAL A 2 15.35 -3.89 3.37
N THR A 3 15.47 -4.44 2.18
CA THR A 3 15.37 -3.70 0.92
C THR A 3 14.27 -4.28 0.02
N TRP A 4 13.08 -3.71 0.14
CA TRP A 4 11.92 -4.11 -0.66
C TRP A 4 12.00 -3.44 -2.04
N THR A 5 12.33 -4.26 -3.03
CA THR A 5 12.53 -3.75 -4.39
C THR A 5 11.40 -4.27 -5.28
N CYS A 6 10.88 -3.36 -6.10
CA CYS A 6 9.80 -3.63 -7.05
C CYS A 6 10.20 -3.26 -8.47
N LEU A 7 9.52 -3.86 -9.43
CA LEU A 7 9.81 -3.64 -10.86
C LEU A 7 8.59 -3.07 -11.59
N ASN A 8 8.53 -1.76 -11.61
CA ASN A 8 7.44 -1.02 -12.27
C ASN A 8 7.84 -0.59 -13.69
N ASP A 9 6.83 -0.58 -14.54
CA ASP A 9 7.01 -0.25 -15.95
C ASP A 9 6.67 1.24 -16.13
N GLN A 10 7.72 2.02 -16.36
CA GLN A 10 7.62 3.47 -16.57
C GLN A 10 7.65 3.83 -18.06
N LYS A 11 6.60 4.53 -18.46
CA LYS A 11 6.46 4.99 -19.87
C LYS A 11 7.20 6.29 -20.04
N ASN A 12 8.50 6.14 -20.23
CA ASN A 12 9.41 7.27 -20.43
C ASN A 12 8.86 8.12 -21.60
N PRO A 13 8.61 9.41 -21.39
CA PRO A 13 8.09 10.30 -22.45
C PRO A 13 9.12 10.64 -23.52
N LYS A 14 10.40 10.60 -23.13
CA LYS A 14 11.54 10.85 -24.04
C LYS A 14 11.61 9.76 -25.13
N THR A 15 11.51 8.52 -24.68
CA THR A 15 11.56 7.37 -25.60
C THR A 15 10.17 6.84 -25.96
N ASN A 16 9.12 7.46 -25.39
CA ASN A 16 7.70 7.06 -25.48
C ASN A 16 7.50 5.54 -25.31
N LYS A 17 8.40 4.95 -24.53
CA LYS A 17 8.49 3.50 -24.33
C LYS A 17 8.39 3.19 -22.83
N TYR A 18 7.95 1.97 -22.58
CA TYR A 18 7.82 1.39 -21.24
C TYR A 18 9.08 0.62 -20.83
N GLU A 19 9.68 1.09 -19.74
CA GLU A 19 10.91 0.51 -19.19
C GLU A 19 10.62 -0.05 -17.80
N THR A 20 11.33 -1.11 -17.46
CA THR A 20 11.13 -1.80 -16.16
C THR A 20 12.25 -1.41 -15.21
N LYS A 21 11.94 -0.38 -14.43
CA LYS A 21 12.88 0.18 -13.45
C LYS A 21 12.74 -0.57 -12.11
N ARG A 22 13.80 -0.53 -11.32
CA ARG A 22 13.86 -1.22 -10.02
C ARG A 22 13.70 -0.23 -8.88
N LEU A 23 12.47 -0.13 -8.41
CA LEU A 23 12.10 0.75 -7.28
C LEU A 23 12.45 0.10 -5.94
N LEU A 24 13.65 0.41 -5.47
CA LEU A 24 14.14 -0.03 -4.16
C LEU A 24 13.58 0.89 -3.05
N TYR A 25 12.97 0.19 -2.10
CA TYR A 25 12.39 0.80 -0.88
C TYR A 25 13.04 0.22 0.37
N ASN A 26 13.25 1.09 1.33
CA ASN A 26 13.81 0.65 2.61
C ASN A 26 12.63 0.36 3.54
N GLN A 27 12.50 -0.90 3.95
CA GLN A 27 11.46 -1.30 4.92
C GLN A 27 11.41 -0.35 6.11
N ASN A 28 12.58 -0.06 6.67
CA ASN A 28 12.70 0.90 7.80
C ASN A 28 11.85 2.14 7.58
N LYS A 29 11.87 2.63 6.35
CA LYS A 29 11.07 3.78 5.92
C LYS A 29 9.57 3.47 5.77
N ALA A 30 9.26 2.32 5.22
CA ALA A 30 7.88 1.80 5.10
C ALA A 30 7.25 1.56 6.48
N GLU A 31 7.90 0.72 7.30
CA GLU A 31 7.53 0.45 8.70
C GLU A 31 7.58 1.73 9.56
N SER A 32 8.28 2.76 9.10
CA SER A 32 8.36 4.07 9.79
C SER A 32 7.24 5.02 9.37
N ASN A 33 7.04 5.16 8.06
CA ASN A 33 5.96 5.96 7.47
C ASN A 33 4.60 5.50 7.95
N SER A 34 4.44 4.17 7.98
CA SER A 34 3.26 3.52 8.53
C SER A 34 3.13 3.73 10.05
N HIS A 35 4.27 3.92 10.72
CA HIS A 35 4.28 4.22 12.18
C HIS A 35 4.27 5.73 12.47
N HIS A 36 3.72 6.48 11.53
CA HIS A 36 3.55 7.93 11.62
C HIS A 36 2.12 8.36 11.26
N ALA A 37 1.63 7.78 10.17
CA ALA A 37 0.24 7.98 9.72
C ALA A 37 -0.79 7.39 10.71
N PRO A 38 -1.96 8.05 10.84
CA PRO A 38 -3.02 7.57 11.73
C PRO A 38 -3.69 6.33 11.12
N LEU A 39 -4.15 5.46 12.01
CA LEU A 39 -4.82 4.22 11.62
C LEU A 39 -6.32 4.43 11.42
N SER A 40 -6.62 4.82 10.19
CA SER A 40 -7.99 5.17 9.79
C SER A 40 -8.14 5.16 8.27
N ASP A 41 -9.02 4.25 7.81
CA ASP A 41 -9.31 4.11 6.38
C ASP A 41 -10.02 5.38 5.91
N GLY A 42 -9.37 6.04 4.96
CA GLY A 42 -9.91 7.26 4.31
C GLY A 42 -10.48 8.23 5.35
N LYS A 43 -9.56 8.85 6.08
CA LYS A 43 -9.94 9.81 7.15
C LYS A 43 -8.87 10.89 7.37
N THR A 44 -8.17 11.16 6.28
CA THR A 44 -7.06 12.12 6.31
C THR A 44 -7.13 12.92 5.02
N GLY A 45 -6.27 13.92 4.95
CA GLY A 45 -6.22 14.83 3.80
C GLY A 45 -6.17 14.13 2.44
N SER A 46 -5.06 13.46 2.21
CA SER A 46 -4.88 12.63 0.99
C SER A 46 -5.72 11.35 0.99
N SER A 47 -6.48 11.14 2.08
CA SER A 47 -7.33 9.96 2.40
C SER A 47 -6.52 8.90 3.14
N TYR A 48 -5.26 8.78 2.72
CA TYR A 48 -4.28 7.83 3.24
C TYR A 48 -4.05 7.97 4.75
N PRO A 49 -3.84 6.84 5.44
CA PRO A 49 -3.81 5.48 4.86
C PRO A 49 -5.20 4.93 4.57
N HIS A 50 -5.34 4.54 3.31
CA HIS A 50 -6.62 4.00 2.85
C HIS A 50 -6.59 2.48 3.00
N TRP A 51 -7.76 1.92 3.26
CA TRP A 51 -7.91 0.46 3.32
C TRP A 51 -7.51 -0.15 1.98
N PHE A 52 -6.80 -1.23 2.15
CA PHE A 52 -6.29 -2.03 1.05
C PHE A 52 -7.19 -3.24 0.92
N THR A 53 -8.08 -3.09 -0.06
CA THR A 53 -8.99 -4.16 -0.49
C THR A 53 -8.25 -5.49 -0.55
N ASN A 54 -6.99 -5.46 -0.97
CA ASN A 54 -6.12 -6.66 -1.08
C ASN A 54 -6.83 -7.74 -1.92
N GLY A 55 -7.66 -7.26 -2.84
CA GLY A 55 -8.54 -8.12 -3.64
C GLY A 55 -9.90 -8.30 -2.98
N TYR A 56 -10.00 -8.28 -1.65
CA TYR A 56 -11.28 -8.39 -0.91
C TYR A 56 -12.25 -7.26 -1.29
N ASP A 57 -13.51 -7.50 -0.96
CA ASP A 57 -14.58 -6.51 -1.18
C ASP A 57 -14.81 -5.59 0.03
N GLY A 58 -14.32 -6.05 1.18
CA GLY A 58 -14.46 -5.37 2.48
C GLY A 58 -15.19 -6.21 3.53
N ASP A 59 -14.94 -7.51 3.45
CA ASP A 59 -15.57 -8.49 4.34
C ASP A 59 -14.69 -9.74 4.49
N GLY A 60 -14.21 -10.23 3.33
CA GLY A 60 -13.37 -11.44 3.25
C GLY A 60 -13.43 -12.11 1.89
N LYS A 61 -14.58 -12.00 1.24
CA LYS A 61 -14.77 -12.50 -0.13
C LYS A 61 -14.16 -11.50 -1.14
N LEU A 62 -13.76 -12.07 -2.25
CA LEU A 62 -13.16 -11.29 -3.34
C LEU A 62 -14.08 -11.26 -4.58
N PRO A 63 -14.03 -10.18 -5.38
CA PRO A 63 -14.87 -10.01 -6.57
C PRO A 63 -14.41 -10.97 -7.69
N LYS A 64 -14.86 -10.68 -8.90
CA LYS A 64 -14.52 -11.48 -10.10
C LYS A 64 -13.01 -11.41 -10.35
N GLY A 65 -12.39 -12.56 -10.11
CA GLY A 65 -10.93 -12.74 -10.29
C GLY A 65 -10.20 -12.44 -8.98
N ARG A 66 -10.40 -13.35 -8.04
CA ARG A 66 -9.79 -13.31 -6.70
C ARG A 66 -8.27 -13.39 -6.82
N THR A 67 -7.63 -12.28 -6.47
CA THR A 67 -6.15 -12.18 -6.50
C THR A 67 -5.57 -11.45 -5.29
N PRO A 68 -5.80 -11.99 -4.08
CA PRO A 68 -5.34 -11.33 -2.84
C PRO A 68 -3.83 -11.53 -2.70
N ILE A 69 -3.11 -10.41 -2.67
CA ILE A 69 -1.65 -10.44 -2.51
C ILE A 69 -1.33 -11.28 -1.27
N LYS A 70 -0.70 -12.40 -1.55
CA LYS A 70 -0.28 -13.35 -0.49
C LYS A 70 1.10 -12.91 0.02
N PHE A 71 1.08 -12.46 1.26
CA PHE A 71 2.29 -11.99 1.98
C PHE A 71 3.01 -13.15 2.69
N GLY A 72 2.20 -14.08 3.18
CA GLY A 72 2.66 -15.26 3.94
C GLY A 72 2.27 -15.20 5.42
N LYS A 73 1.29 -14.35 5.72
CA LYS A 73 0.72 -14.19 7.06
C LYS A 73 -0.73 -14.67 7.07
N SER A 74 -1.19 -14.97 8.28
CA SER A 74 -2.57 -15.42 8.52
C SER A 74 -3.50 -14.24 8.80
N ASP A 75 -2.97 -13.18 9.41
CA ASP A 75 -3.69 -11.93 9.68
C ASP A 75 -3.77 -11.01 8.45
N CYS A 76 -2.69 -11.00 7.67
CA CYS A 76 -2.65 -10.25 6.39
C CYS A 76 -3.54 -10.88 5.31
N ASP A 77 -3.67 -12.21 5.39
CA ASP A 77 -4.59 -12.99 4.54
C ASP A 77 -6.01 -13.08 5.12
N ARG A 78 -6.12 -12.77 6.41
CA ARG A 78 -7.40 -12.80 7.15
C ARG A 78 -8.43 -11.84 6.51
N PRO A 79 -9.73 -12.05 6.80
CA PRO A 79 -10.78 -11.18 6.27
C PRO A 79 -10.69 -9.77 6.86
N PRO A 80 -10.40 -8.75 6.03
CA PRO A 80 -10.26 -7.36 6.49
C PRO A 80 -11.65 -6.80 6.75
N LYS A 81 -12.05 -6.91 8.02
CA LYS A 81 -13.37 -6.46 8.47
C LYS A 81 -13.47 -4.92 8.46
N HIS A 82 -13.45 -4.40 7.24
CA HIS A 82 -13.49 -2.96 6.96
C HIS A 82 -14.95 -2.48 7.09
N SER A 83 -15.11 -1.58 8.06
CA SER A 83 -16.43 -0.99 8.36
C SER A 83 -16.68 0.24 7.44
N LYS A 84 -17.42 1.23 7.90
CA LYS A 84 -17.68 2.48 7.14
C LYS A 84 -16.40 3.26 6.80
N ASP A 85 -15.72 3.75 7.84
CA ASP A 85 -14.41 4.41 7.67
C ASP A 85 -13.24 3.48 8.10
N GLY A 86 -13.50 2.19 8.04
CA GLY A 86 -12.55 1.14 8.48
C GLY A 86 -11.97 1.44 9.87
N ASN A 87 -12.86 1.79 10.79
CA ASN A 87 -12.48 2.23 12.15
C ASN A 87 -13.66 2.01 13.11
N GLY A 88 -13.82 0.73 13.46
CA GLY A 88 -14.89 0.30 14.36
C GLY A 88 -14.44 0.37 15.83
N LYS A 89 -14.58 -0.79 16.44
CA LYS A 89 -14.14 -1.00 17.83
C LYS A 89 -12.78 -1.72 17.89
N THR A 90 -12.59 -2.64 16.94
CA THR A 90 -11.37 -3.46 16.78
C THR A 90 -11.18 -3.93 15.34
N ASP A 91 -11.61 -3.09 14.39
CA ASP A 91 -11.48 -3.39 12.95
C ASP A 91 -10.04 -3.89 12.68
N HIS A 92 -9.95 -4.97 11.92
CA HIS A 92 -8.64 -5.54 11.54
C HIS A 92 -8.51 -5.63 10.02
N TYR A 93 -8.50 -4.43 9.43
CA TYR A 93 -8.39 -4.30 7.98
C TYR A 93 -6.94 -4.05 7.55
N LEU A 94 -6.61 -4.53 6.37
CA LEU A 94 -5.27 -4.31 5.79
C LEU A 94 -5.23 -2.94 5.11
N LEU A 95 -4.41 -2.06 5.66
CA LEU A 95 -4.24 -0.68 5.14
C LEU A 95 -3.09 -0.66 4.13
N GLU A 96 -3.17 0.32 3.23
CA GLU A 96 -2.18 0.56 2.17
C GLU A 96 -1.76 2.04 2.12
N PHE A 97 -0.63 2.30 2.75
CA PHE A 97 -0.07 3.66 2.73
C PHE A 97 0.92 3.81 1.56
N PRO A 98 0.88 4.93 0.82
CA PRO A 98 1.83 5.23 -0.26
C PRO A 98 3.21 5.59 0.27
N THR A 99 4.00 4.54 0.43
CA THR A 99 5.38 4.68 0.93
C THR A 99 6.32 5.19 -0.19
N PHE A 100 7.25 6.03 0.24
CA PHE A 100 8.21 6.68 -0.67
C PHE A 100 9.64 6.12 -0.50
N PRO A 101 10.44 6.08 -1.58
CA PRO A 101 11.81 5.54 -1.54
C PRO A 101 12.79 6.48 -0.85
N ASP A 102 12.67 7.79 -1.14
CA ASP A 102 13.43 8.88 -0.49
C ASP A 102 13.45 8.72 1.04
N GLY A 103 12.33 8.17 1.52
CA GLY A 103 12.15 7.89 2.93
C GLY A 103 11.46 9.01 3.70
N HIS A 104 10.86 9.87 2.91
CA HIS A 104 10.07 10.97 3.44
C HIS A 104 8.64 10.48 3.69
N ASP A 105 8.02 11.25 4.56
CA ASP A 105 6.62 11.06 4.95
C ASP A 105 5.74 12.02 4.18
N TYR A 106 5.44 11.62 2.95
CA TYR A 106 4.54 12.37 2.07
C TYR A 106 3.40 13.00 2.88
N LYS A 107 3.01 14.18 2.45
CA LYS A 107 1.88 14.93 3.06
C LYS A 107 0.56 14.23 2.74
N PHE A 108 0.29 13.19 3.51
CA PHE A 108 -0.94 12.41 3.41
C PHE A 108 -2.14 13.06 4.10
N ASP A 109 -1.81 14.06 4.91
CA ASP A 109 -2.78 14.90 5.61
C ASP A 109 -3.22 16.11 4.77
N SER A 110 -2.48 16.37 3.68
CA SER A 110 -2.76 17.53 2.83
C SER A 110 -3.82 17.17 1.79
N LYS A 111 -5.07 17.49 2.16
CA LYS A 111 -6.23 17.21 1.29
C LYS A 111 -6.11 17.90 -0.06
N LYS A 112 -6.10 19.23 0.05
CA LYS A 112 -5.95 20.12 -1.10
C LYS A 112 -4.95 21.25 -0.83
N PRO A 113 -3.89 21.30 -1.64
CA PRO A 113 -3.62 20.34 -2.73
C PRO A 113 -3.07 19.01 -2.19
N LYS A 114 -2.80 18.10 -3.12
CA LYS A 114 -2.35 16.74 -2.79
C LYS A 114 -1.63 16.17 -4.02
N GLU A 115 -0.30 16.28 -3.96
CA GLU A 115 0.56 15.73 -5.02
C GLU A 115 0.20 14.26 -5.26
N ASN A 116 0.41 13.84 -6.51
CA ASN A 116 0.19 12.45 -6.93
C ASN A 116 0.90 11.48 -5.97
N PRO A 117 0.25 10.35 -5.66
CA PRO A 117 0.83 9.34 -4.76
C PRO A 117 2.00 8.62 -5.43
N GLY A 118 2.38 7.50 -4.82
CA GLY A 118 3.50 6.65 -5.26
C GLY A 118 3.02 5.26 -5.71
N PRO A 119 3.85 4.53 -6.48
CA PRO A 119 3.53 3.17 -6.93
C PRO A 119 3.65 2.16 -5.79
N ALA A 120 4.88 1.97 -5.30
CA ALA A 120 5.14 1.10 -4.15
C ALA A 120 4.53 1.65 -2.86
N ARG A 121 3.77 0.76 -2.26
CA ARG A 121 3.00 1.06 -1.05
C ARG A 121 3.24 0.01 0.02
N VAL A 122 3.20 0.49 1.26
CA VAL A 122 3.39 -0.37 2.44
C VAL A 122 2.05 -0.98 2.87
N ILE A 123 2.14 -2.26 3.18
CA ILE A 123 0.96 -3.03 3.64
C ILE A 123 1.22 -3.56 5.04
N TYR A 124 0.18 -3.44 5.84
CA TYR A 124 0.23 -3.74 7.28
C TYR A 124 -1.17 -3.75 7.87
N THR A 125 -1.34 -4.68 8.81
CA THR A 125 -2.63 -4.88 9.50
C THR A 125 -2.90 -3.70 10.45
N TYR A 126 -3.82 -3.88 11.40
CA TYR A 126 -4.21 -2.83 12.37
C TYR A 126 -5.06 -3.40 13.53
N PRO A 127 -4.87 -2.89 14.75
CA PRO A 127 -3.82 -1.92 15.14
C PRO A 127 -2.42 -2.50 15.29
N ASN A 128 -2.37 -3.82 15.09
CA ASN A 128 -1.13 -4.59 15.08
C ASN A 128 -0.06 -3.90 14.22
N LYS A 129 -0.46 -3.51 13.01
CA LYS A 129 0.44 -2.85 12.05
C LYS A 129 1.68 -3.70 11.76
N VAL A 130 1.46 -5.01 11.86
CA VAL A 130 2.49 -6.04 11.63
C VAL A 130 2.86 -5.96 10.16
N PHE A 131 3.83 -5.07 9.91
CA PHE A 131 4.39 -4.81 8.59
C PHE A 131 4.54 -6.12 7.83
N CYS A 132 3.67 -6.25 6.82
CA CYS A 132 3.69 -7.47 6.00
C CYS A 132 4.76 -7.34 4.92
N GLY A 133 4.57 -6.32 4.10
CA GLY A 133 5.49 -6.00 3.02
C GLY A 133 5.12 -4.75 2.24
N ILE A 134 5.80 -4.62 1.12
CA ILE A 134 5.56 -3.51 0.17
C ILE A 134 5.11 -4.10 -1.16
N ILE A 135 4.12 -3.45 -1.72
CA ILE A 135 3.56 -3.86 -3.02
C ILE A 135 3.54 -2.65 -3.96
N ALA A 136 3.81 -2.90 -5.23
CA ALA A 136 3.82 -1.85 -6.25
C ALA A 136 3.16 -2.35 -7.53
N HIS A 137 2.72 -1.40 -8.32
CA HIS A 137 2.04 -1.73 -9.56
C HIS A 137 3.10 -1.87 -10.64
N THR A 138 3.32 -3.10 -11.04
CA THR A 138 4.25 -3.46 -12.12
C THR A 138 4.05 -2.65 -13.40
N LYS A 139 2.86 -2.09 -13.56
CA LYS A 139 2.58 -1.13 -14.64
C LYS A 139 2.32 0.26 -14.04
N GLU A 140 3.42 0.99 -13.90
CA GLU A 140 3.45 2.38 -13.39
C GLU A 140 2.93 2.45 -11.93
N ASN A 141 1.64 2.78 -11.79
CA ASN A 141 0.95 2.90 -10.49
C ASN A 141 -0.52 2.48 -10.60
N GLN A 142 -0.78 1.50 -11.46
CA GLN A 142 -2.14 1.03 -11.72
C GLN A 142 -2.26 -0.48 -11.88
N GLY A 143 -1.35 -1.02 -12.70
CA GLY A 143 -1.24 -2.48 -12.96
C GLY A 143 -1.29 -3.28 -11.64
N GLU A 144 -1.56 -4.57 -11.78
CA GLU A 144 -1.64 -5.45 -10.60
C GLU A 144 -0.45 -5.25 -9.65
N LEU A 145 -0.82 -4.91 -8.41
CA LEU A 145 0.17 -4.67 -7.35
C LEU A 145 0.91 -5.95 -7.05
N LYS A 146 2.16 -5.98 -7.47
CA LYS A 146 3.02 -7.14 -7.25
C LYS A 146 3.84 -6.90 -5.98
N LEU A 147 3.56 -7.76 -5.00
CA LEU A 147 4.28 -7.79 -3.72
C LEU A 147 5.79 -7.80 -3.98
N CYS A 148 6.39 -6.65 -3.74
CA CYS A 148 7.85 -6.45 -3.85
C CYS A 148 8.55 -7.57 -3.05
N SER A 149 9.84 -7.68 -3.31
CA SER A 149 10.64 -8.73 -2.69
C SER A 149 11.97 -8.17 -2.21
N HIS A 150 12.30 -8.60 -1.00
CA HIS A 150 13.56 -8.18 -0.37
C HIS A 150 14.62 -9.30 -0.32
N ALA A 1 16.23 -2.82 8.46
CA ALA A 1 15.87 -2.02 7.28
C ALA A 1 15.85 -2.85 6.00
N VAL A 2 14.72 -3.53 5.85
CA VAL A 2 14.53 -4.46 4.74
C VAL A 2 14.42 -3.67 3.42
N THR A 3 15.09 -4.14 2.38
CA THR A 3 15.10 -3.47 1.07
C THR A 3 14.03 -4.04 0.14
N TRP A 4 12.85 -3.43 0.20
CA TRP A 4 11.72 -3.87 -0.64
C TRP A 4 11.75 -3.16 -1.98
N THR A 5 12.14 -3.92 -2.99
CA THR A 5 12.34 -3.37 -4.33
C THR A 5 11.26 -3.87 -5.26
N CYS A 6 10.73 -2.94 -6.04
CA CYS A 6 9.66 -3.22 -7.01
C CYS A 6 10.04 -2.80 -8.42
N LEU A 7 9.71 -3.67 -9.34
CA LEU A 7 10.05 -3.46 -10.76
C LEU A 7 8.82 -2.96 -11.54
N ASN A 8 8.65 -1.65 -11.49
CA ASN A 8 7.50 -0.97 -12.12
C ASN A 8 7.90 -0.58 -13.55
N ASP A 9 6.91 -0.68 -14.44
CA ASP A 9 7.14 -0.32 -15.84
C ASP A 9 7.10 1.23 -16.00
N GLN A 10 7.87 1.74 -16.93
CA GLN A 10 7.99 3.21 -17.19
C GLN A 10 8.16 3.50 -18.68
N LYS A 11 7.15 4.17 -19.21
CA LYS A 11 7.13 4.55 -20.64
C LYS A 11 8.05 5.76 -20.83
N ASN A 12 9.33 5.44 -20.94
CA ASN A 12 10.37 6.47 -21.16
C ASN A 12 10.05 7.23 -22.44
N PRO A 13 10.01 8.58 -22.42
CA PRO A 13 9.73 9.40 -23.62
C PRO A 13 10.91 9.42 -24.62
N LYS A 14 12.12 9.22 -24.10
CA LYS A 14 13.36 9.16 -24.92
C LYS A 14 13.26 8.03 -25.96
N THR A 15 12.84 6.87 -25.47
CA THR A 15 12.69 5.68 -26.30
C THR A 15 11.24 5.34 -26.64
N ASN A 16 10.31 6.18 -26.15
CA ASN A 16 8.84 6.01 -26.24
C ASN A 16 8.38 4.57 -25.94
N LYS A 17 9.17 3.91 -25.11
CA LYS A 17 9.01 2.49 -24.80
C LYS A 17 8.94 2.29 -23.29
N TYR A 18 8.38 1.15 -22.93
CA TYR A 18 8.17 0.75 -21.53
C TYR A 18 9.35 -0.08 -21.00
N GLU A 19 9.89 0.40 -19.89
CA GLU A 19 11.07 -0.24 -19.25
C GLU A 19 10.73 -0.60 -17.81
N THR A 20 11.37 -1.64 -17.31
CA THR A 20 11.07 -2.14 -15.97
C THR A 20 12.19 -1.71 -15.01
N LYS A 21 12.06 -0.47 -14.57
CA LYS A 21 13.02 0.12 -13.64
C LYS A 21 12.91 -0.52 -12.25
N ARG A 22 13.85 -0.18 -11.37
CA ARG A 22 13.90 -0.72 -10.00
C ARG A 22 13.60 0.38 -8.98
N LEU A 23 12.57 0.11 -8.21
CA LEU A 23 12.13 1.04 -7.15
C LEU A 23 12.36 0.42 -5.77
N LEU A 24 13.55 0.73 -5.26
CA LEU A 24 13.94 0.31 -3.91
C LEU A 24 13.29 1.22 -2.85
N TYR A 25 12.61 0.53 -1.95
CA TYR A 25 11.92 1.12 -0.80
C TYR A 25 12.47 0.55 0.51
N ASN A 26 13.20 1.42 1.20
CA ASN A 26 13.74 1.04 2.53
C ASN A 26 12.55 0.83 3.48
N GLN A 27 12.39 -0.40 3.93
CA GLN A 27 11.36 -0.75 4.93
C GLN A 27 11.44 0.12 6.17
N ASN A 28 12.65 0.58 6.55
CA ASN A 28 12.79 1.54 7.64
C ASN A 28 11.87 2.77 7.50
N LYS A 29 11.58 3.07 6.26
CA LYS A 29 10.65 4.16 5.88
C LYS A 29 9.21 3.69 5.78
N ALA A 30 8.99 2.43 5.42
CA ALA A 30 7.65 1.82 5.43
C ALA A 30 7.15 1.50 6.86
N GLU A 31 7.99 0.80 7.63
CA GLU A 31 7.74 0.49 9.06
C GLU A 31 7.50 1.78 9.86
N SER A 32 8.22 2.84 9.52
CA SER A 32 8.02 4.15 10.17
C SER A 32 6.86 4.92 9.59
N ASN A 33 6.74 4.98 8.26
CA ASN A 33 5.62 5.63 7.54
C ASN A 33 4.26 5.12 8.01
N SER A 34 4.24 3.82 8.31
CA SER A 34 3.07 3.14 8.88
C SER A 34 2.86 3.51 10.33
N HIS A 35 3.93 3.44 11.13
CA HIS A 35 3.93 3.80 12.56
C HIS A 35 3.71 5.31 12.81
N HIS A 36 3.79 6.08 11.73
CA HIS A 36 3.58 7.54 11.70
C HIS A 36 2.12 7.86 11.34
N ALA A 37 1.75 7.56 10.09
CA ALA A 37 0.36 7.70 9.60
C ALA A 37 -0.68 7.15 10.60
N PRO A 38 -1.83 7.83 10.72
CA PRO A 38 -2.87 7.44 11.67
C PRO A 38 -3.52 6.15 11.21
N LEU A 39 -3.79 5.30 12.18
CA LEU A 39 -4.42 4.02 11.95
C LEU A 39 -5.93 4.15 11.72
N SER A 40 -6.26 4.50 10.48
CA SER A 40 -7.64 4.71 10.04
C SER A 40 -7.71 4.63 8.51
N ASP A 41 -8.86 4.17 8.02
CA ASP A 41 -9.16 4.12 6.59
C ASP A 41 -9.90 5.40 6.20
N GLY A 42 -9.36 6.05 5.18
CA GLY A 42 -9.97 7.25 4.55
C GLY A 42 -10.53 8.20 5.62
N LYS A 43 -9.61 8.78 6.39
CA LYS A 43 -9.97 9.71 7.47
C LYS A 43 -8.89 10.78 7.70
N THR A 44 -8.23 11.11 6.59
CA THR A 44 -7.13 12.06 6.62
C THR A 44 -7.25 12.96 5.39
N GLY A 45 -6.33 13.91 5.29
CA GLY A 45 -6.32 14.90 4.21
C GLY A 45 -6.35 14.27 2.82
N SER A 46 -5.24 13.64 2.48
CA SER A 46 -5.11 12.90 1.20
C SER A 46 -6.02 11.67 1.13
N SER A 47 -6.69 11.36 2.25
CA SER A 47 -7.59 10.21 2.48
C SER A 47 -6.79 8.95 2.83
N TYR A 48 -5.52 9.17 3.15
CA TYR A 48 -4.55 8.13 3.51
C TYR A 48 -4.23 8.09 5.00
N PRO A 49 -4.01 6.89 5.54
CA PRO A 49 -4.00 5.63 4.80
C PRO A 49 -5.41 5.08 4.53
N HIS A 50 -5.54 4.63 3.29
CA HIS A 50 -6.84 4.09 2.85
C HIS A 50 -6.87 2.58 3.12
N TRP A 51 -8.05 2.04 3.04
CA TRP A 51 -8.27 0.60 3.16
C TRP A 51 -7.87 -0.05 1.84
N PHE A 52 -7.05 -1.04 2.04
CA PHE A 52 -6.56 -1.85 0.93
C PHE A 52 -7.43 -3.10 0.89
N THR A 53 -8.40 -3.03 -0.02
CA THR A 53 -9.29 -4.14 -0.37
C THR A 53 -8.54 -5.48 -0.34
N ASN A 54 -7.30 -5.42 -0.83
CA ASN A 54 -6.37 -6.57 -0.93
C ASN A 54 -7.04 -7.69 -1.74
N GLY A 55 -8.00 -7.27 -2.56
CA GLY A 55 -8.86 -8.16 -3.34
C GLY A 55 -10.22 -8.35 -2.66
N TYR A 56 -10.25 -8.38 -1.33
CA TYR A 56 -11.47 -8.58 -0.54
C TYR A 56 -12.26 -7.27 -0.40
N ASP A 57 -13.56 -7.39 -0.18
CA ASP A 57 -14.46 -6.23 -0.03
C ASP A 57 -14.34 -5.72 1.41
N GLY A 58 -15.26 -4.80 1.77
CA GLY A 58 -15.40 -4.27 3.14
C GLY A 58 -15.52 -5.39 4.19
N ASP A 59 -16.00 -6.54 3.73
CA ASP A 59 -16.12 -7.75 4.57
C ASP A 59 -14.90 -8.67 4.41
N GLY A 60 -14.93 -9.51 3.38
CA GLY A 60 -13.89 -10.50 3.08
C GLY A 60 -14.23 -11.33 1.85
N LYS A 61 -14.91 -10.71 0.91
CA LYS A 61 -15.31 -11.34 -0.36
C LYS A 61 -14.64 -10.63 -1.53
N LEU A 62 -14.10 -11.42 -2.45
CA LEU A 62 -13.43 -10.83 -3.61
C LEU A 62 -14.38 -10.69 -4.81
N PRO A 63 -14.15 -9.73 -5.71
CA PRO A 63 -15.01 -9.53 -6.89
C PRO A 63 -14.79 -10.67 -7.91
N LYS A 64 -15.20 -10.43 -9.16
CA LYS A 64 -15.04 -11.39 -10.26
C LYS A 64 -13.56 -11.46 -10.74
N GLY A 65 -12.73 -11.92 -9.80
CA GLY A 65 -11.28 -12.06 -10.02
C GLY A 65 -10.51 -12.00 -8.70
N ARG A 66 -10.79 -13.00 -7.88
CA ARG A 66 -10.12 -13.19 -6.58
C ARG A 66 -8.62 -13.30 -6.74
N THR A 67 -7.92 -12.24 -6.36
CA THR A 67 -6.45 -12.19 -6.46
C THR A 67 -5.80 -11.42 -5.30
N PRO A 68 -5.99 -11.92 -4.06
CA PRO A 68 -5.47 -11.22 -2.89
C PRO A 68 -3.97 -11.46 -2.77
N ILE A 69 -3.21 -10.39 -2.95
CA ILE A 69 -1.73 -10.42 -2.84
C ILE A 69 -1.32 -11.32 -1.65
N LYS A 70 -0.74 -12.45 -2.03
CA LYS A 70 -0.27 -13.44 -1.06
C LYS A 70 1.11 -13.05 -0.53
N PHE A 71 1.07 -12.54 0.69
CA PHE A 71 2.29 -12.09 1.37
C PHE A 71 3.10 -13.27 1.94
N GLY A 72 2.36 -14.20 2.53
CA GLY A 72 2.91 -15.41 3.17
C GLY A 72 2.75 -15.37 4.70
N LYS A 73 1.87 -14.50 5.17
CA LYS A 73 1.54 -14.39 6.59
C LYS A 73 0.23 -15.16 6.89
N SER A 74 -0.31 -14.90 8.06
CA SER A 74 -1.53 -15.60 8.54
C SER A 74 -2.65 -14.60 8.85
N ASP A 75 -2.34 -13.62 9.68
CA ASP A 75 -3.25 -12.49 10.00
C ASP A 75 -3.33 -11.46 8.86
N CYS A 76 -2.22 -11.30 8.16
CA CYS A 76 -2.16 -10.41 6.98
C CYS A 76 -2.87 -11.02 5.76
N ASP A 77 -2.86 -12.35 5.70
CA ASP A 77 -3.61 -13.10 4.67
C ASP A 77 -5.10 -13.26 5.06
N ARG A 78 -5.38 -13.08 6.36
CA ARG A 78 -6.74 -13.20 6.93
C ARG A 78 -7.74 -12.23 6.27
N PRO A 79 -9.06 -12.47 6.40
CA PRO A 79 -10.08 -11.59 5.81
C PRO A 79 -10.09 -10.20 6.48
N PRO A 80 -9.86 -9.13 5.71
CA PRO A 80 -9.83 -7.76 6.20
C PRO A 80 -11.24 -7.28 6.51
N LYS A 81 -11.50 -7.18 7.81
CA LYS A 81 -12.83 -6.79 8.28
C LYS A 81 -12.92 -5.26 8.39
N HIS A 82 -12.98 -4.65 7.22
CA HIS A 82 -13.11 -3.17 7.08
C HIS A 82 -14.55 -2.72 7.34
N SER A 83 -14.65 -1.80 8.28
CA SER A 83 -15.96 -1.24 8.69
C SER A 83 -16.34 -0.07 7.76
N LYS A 84 -17.04 0.94 8.27
CA LYS A 84 -17.39 2.13 7.50
C LYS A 84 -16.17 2.99 7.16
N ASP A 85 -15.51 3.48 8.20
CA ASP A 85 -14.22 4.23 8.05
C ASP A 85 -12.99 3.36 8.36
N GLY A 86 -13.23 2.05 8.47
CA GLY A 86 -12.21 1.06 8.84
C GLY A 86 -11.59 1.39 10.20
N ASN A 87 -12.46 1.51 11.20
CA ASN A 87 -12.06 1.91 12.56
C ASN A 87 -13.13 1.47 13.58
N GLY A 88 -13.06 0.18 13.89
CA GLY A 88 -13.99 -0.45 14.85
C GLY A 88 -13.34 -0.54 16.23
N LYS A 89 -13.98 -1.39 17.04
CA LYS A 89 -13.45 -1.75 18.37
C LYS A 89 -12.08 -2.44 18.28
N THR A 90 -11.95 -3.24 17.22
CA THR A 90 -10.72 -4.00 16.90
C THR A 90 -10.60 -4.32 15.40
N ASP A 91 -11.28 -3.50 14.57
CA ASP A 91 -11.27 -3.69 13.09
C ASP A 91 -9.86 -4.09 12.64
N HIS A 92 -9.75 -5.23 12.00
CA HIS A 92 -8.43 -5.70 11.50
C HIS A 92 -8.40 -5.67 9.98
N TYR A 93 -8.45 -4.46 9.45
CA TYR A 93 -8.44 -4.22 8.01
C TYR A 93 -7.03 -3.93 7.53
N LEU A 94 -6.70 -4.52 6.39
CA LEU A 94 -5.41 -4.28 5.75
C LEU A 94 -5.41 -2.91 5.08
N LEU A 95 -4.75 -1.95 5.73
CA LEU A 95 -4.64 -0.63 5.13
C LEU A 95 -3.42 -0.54 4.23
N GLU A 96 -3.52 0.37 3.26
CA GLU A 96 -2.41 0.70 2.36
C GLU A 96 -2.05 2.18 2.45
N PHE A 97 -0.75 2.39 2.57
CA PHE A 97 -0.19 3.75 2.62
C PHE A 97 0.86 3.96 1.51
N PRO A 98 0.85 5.14 0.85
CA PRO A 98 1.83 5.49 -0.19
C PRO A 98 3.22 5.76 0.39
N THR A 99 3.97 4.68 0.49
CA THR A 99 5.34 4.73 1.04
C THR A 99 6.32 5.20 -0.04
N PHE A 100 6.88 6.38 0.19
CA PHE A 100 7.84 7.02 -0.73
C PHE A 100 9.27 6.46 -0.56
N PRO A 101 10.09 6.46 -1.63
CA PRO A 101 11.47 5.94 -1.56
C PRO A 101 12.43 6.90 -0.88
N ASP A 102 12.29 8.20 -1.21
CA ASP A 102 13.05 9.30 -0.58
C ASP A 102 13.05 9.16 0.95
N GLY A 103 11.93 8.63 1.43
CA GLY A 103 11.73 8.36 2.86
C GLY A 103 11.04 9.49 3.60
N HIS A 104 10.48 10.37 2.78
CA HIS A 104 9.69 11.48 3.27
C HIS A 104 8.24 11.01 3.45
N ASP A 105 7.74 11.30 4.63
CA ASP A 105 6.34 10.99 4.98
C ASP A 105 5.45 11.98 4.25
N TYR A 106 5.18 11.65 2.98
CA TYR A 106 4.27 12.43 2.11
C TYR A 106 3.16 13.03 2.96
N LYS A 107 2.88 14.30 2.69
CA LYS A 107 1.79 15.05 3.32
C LYS A 107 0.43 14.41 2.96
N PHE A 108 0.18 13.30 3.62
CA PHE A 108 -1.04 12.52 3.48
C PHE A 108 -2.23 13.18 4.23
N ASP A 109 -1.85 14.09 5.12
CA ASP A 109 -2.80 14.90 5.89
C ASP A 109 -3.25 16.16 5.14
N SER A 110 -2.58 16.43 4.01
CA SER A 110 -2.87 17.62 3.18
C SER A 110 -3.96 17.29 2.17
N LYS A 111 -5.19 17.62 2.56
CA LYS A 111 -6.38 17.38 1.73
C LYS A 111 -6.29 18.08 0.38
N LYS A 112 -6.35 19.40 0.46
CA LYS A 112 -6.23 20.27 -0.70
C LYS A 112 -5.21 21.40 -0.46
N PRO A 113 -4.18 21.47 -1.31
CA PRO A 113 -3.95 20.51 -2.42
C PRO A 113 -3.37 19.19 -1.91
N LYS A 114 -3.11 18.30 -2.84
CA LYS A 114 -2.65 16.92 -2.55
C LYS A 114 -1.95 16.38 -3.80
N GLU A 115 -0.63 16.28 -3.69
CA GLU A 115 0.19 15.68 -4.74
C GLU A 115 -0.17 14.20 -4.90
N ASN A 116 -0.01 13.75 -6.13
CA ASN A 116 -0.21 12.33 -6.50
C ASN A 116 0.67 11.42 -5.64
N PRO A 117 0.14 10.26 -5.21
CA PRO A 117 0.89 9.32 -4.37
C PRO A 117 2.00 8.63 -5.19
N GLY A 118 2.51 7.54 -4.61
CA GLY A 118 3.58 6.73 -5.20
C GLY A 118 3.04 5.40 -5.76
N PRO A 119 3.88 4.69 -6.55
CA PRO A 119 3.49 3.36 -7.08
C PRO A 119 3.55 2.31 -5.99
N ALA A 120 4.70 2.17 -5.33
CA ALA A 120 4.85 1.27 -4.20
C ALA A 120 4.28 1.83 -2.91
N ARG A 121 3.60 0.92 -2.26
CA ARG A 121 2.86 1.21 -1.02
C ARG A 121 3.08 0.11 0.01
N VAL A 122 3.07 0.58 1.25
CA VAL A 122 3.25 -0.31 2.42
C VAL A 122 1.89 -0.89 2.82
N ILE A 123 1.95 -2.17 3.23
CA ILE A 123 0.75 -2.91 3.66
C ILE A 123 1.02 -3.51 5.04
N TYR A 124 0.00 -3.41 5.88
CA TYR A 124 0.07 -3.82 7.28
C TYR A 124 -1.31 -3.77 7.92
N THR A 125 -1.57 -4.80 8.72
CA THR A 125 -2.84 -4.95 9.45
C THR A 125 -3.00 -3.80 10.45
N TYR A 126 -3.93 -3.95 11.39
CA TYR A 126 -4.25 -2.90 12.39
C TYR A 126 -5.13 -3.46 13.54
N PRO A 127 -4.90 -2.98 14.77
CA PRO A 127 -3.81 -2.07 15.18
C PRO A 127 -2.43 -2.73 15.29
N ASN A 128 -2.45 -4.05 15.06
CA ASN A 128 -1.27 -4.91 15.04
C ASN A 128 -0.15 -4.25 14.21
N LYS A 129 -0.54 -3.76 13.02
CA LYS A 129 0.39 -3.11 12.07
C LYS A 129 1.54 -4.04 11.71
N VAL A 130 1.19 -5.33 11.67
CA VAL A 130 2.13 -6.43 11.34
C VAL A 130 2.54 -6.24 9.88
N PHE A 131 3.60 -5.44 9.74
CA PHE A 131 4.22 -5.09 8.46
C PHE A 131 4.38 -6.35 7.63
N CYS A 132 3.58 -6.39 6.59
CA CYS A 132 3.57 -7.56 5.71
C CYS A 132 4.69 -7.41 4.65
N GLY A 133 4.54 -6.33 3.90
CA GLY A 133 5.51 -5.95 2.88
C GLY A 133 5.21 -4.63 2.20
N ILE A 134 5.60 -4.60 0.94
CA ILE A 134 5.39 -3.44 0.07
C ILE A 134 4.97 -3.97 -1.30
N ILE A 135 3.89 -3.39 -1.79
CA ILE A 135 3.37 -3.74 -3.12
C ILE A 135 3.39 -2.50 -4.02
N ALA A 136 3.69 -2.73 -5.28
CA ALA A 136 3.73 -1.65 -6.28
C ALA A 136 3.17 -2.12 -7.61
N HIS A 137 2.59 -1.15 -8.29
CA HIS A 137 1.99 -1.40 -9.61
C HIS A 137 3.11 -1.62 -10.62
N THR A 138 3.07 -2.82 -11.22
CA THR A 138 4.05 -3.25 -12.21
C THR A 138 3.78 -2.71 -13.62
N LYS A 139 3.47 -1.41 -13.63
CA LYS A 139 3.09 -0.64 -14.81
C LYS A 139 2.83 0.82 -14.40
N GLU A 140 3.90 1.59 -14.27
CA GLU A 140 3.85 3.03 -13.92
C GLU A 140 3.29 3.25 -12.51
N ASN A 141 1.97 3.29 -12.43
CA ASN A 141 1.21 3.41 -11.18
C ASN A 141 -0.21 2.79 -11.31
N GLN A 142 -0.35 1.86 -12.24
CA GLN A 142 -1.61 1.15 -12.50
C GLN A 142 -1.37 -0.31 -12.85
N GLY A 143 -2.49 -1.03 -12.86
CA GLY A 143 -2.52 -2.47 -13.12
C GLY A 143 -2.51 -3.25 -11.80
N GLU A 144 -2.03 -4.47 -11.91
CA GLU A 144 -1.92 -5.39 -10.75
C GLU A 144 -0.69 -5.07 -9.89
N LEU A 145 -0.93 -4.88 -8.61
CA LEU A 145 0.14 -4.60 -7.64
C LEU A 145 0.94 -5.88 -7.38
N LYS A 146 2.23 -5.82 -7.71
CA LYS A 146 3.09 -6.99 -7.49
C LYS A 146 3.84 -6.76 -6.18
N LEU A 147 3.56 -7.70 -5.28
CA LEU A 147 4.22 -7.77 -3.96
C LEU A 147 5.74 -7.75 -4.16
N CYS A 148 6.29 -6.56 -3.94
CA CYS A 148 7.74 -6.31 -4.01
C CYS A 148 8.45 -7.40 -3.19
N SER A 149 9.72 -7.56 -3.50
CA SER A 149 10.51 -8.63 -2.91
C SER A 149 11.84 -8.04 -2.43
N HIS A 150 12.16 -8.42 -1.20
CA HIS A 150 13.42 -7.98 -0.59
C HIS A 150 14.50 -9.08 -0.58
N ALA A 1 15.63 -1.19 6.60
CA ALA A 1 15.51 -2.58 7.10
C ALA A 1 15.48 -3.60 5.95
N VAL A 2 14.31 -3.86 5.43
CA VAL A 2 14.13 -4.81 4.32
C VAL A 2 13.97 -4.02 3.01
N THR A 3 14.83 -4.36 2.05
CA THR A 3 14.88 -3.70 0.74
C THR A 3 13.81 -4.28 -0.21
N TRP A 4 12.62 -3.72 -0.13
CA TRP A 4 11.50 -4.13 -1.01
C TRP A 4 11.61 -3.46 -2.37
N THR A 5 11.94 -4.28 -3.34
CA THR A 5 12.20 -3.83 -4.71
C THR A 5 11.07 -4.32 -5.62
N CYS A 6 10.65 -3.42 -6.49
CA CYS A 6 9.56 -3.67 -7.46
C CYS A 6 10.00 -3.33 -8.89
N LEU A 7 9.43 -4.04 -9.85
CA LEU A 7 9.79 -3.87 -11.27
C LEU A 7 8.61 -3.24 -12.05
N ASN A 8 8.58 -1.91 -11.97
CA ASN A 8 7.52 -1.12 -12.64
C ASN A 8 7.99 -0.62 -14.01
N ASP A 9 7.00 -0.44 -14.88
CA ASP A 9 7.23 -0.01 -16.27
C ASP A 9 7.06 1.51 -16.36
N GLN A 10 8.19 2.19 -16.50
CA GLN A 10 8.23 3.66 -16.60
C GLN A 10 8.44 4.11 -18.05
N LYS A 11 7.58 5.03 -18.49
CA LYS A 11 7.66 5.62 -19.83
C LYS A 11 8.74 6.68 -19.86
N ASN A 12 9.98 6.19 -19.90
CA ASN A 12 11.18 7.03 -19.92
C ASN A 12 11.00 8.12 -20.98
N PRO A 13 11.09 9.40 -20.62
CA PRO A 13 10.90 10.51 -21.59
C PRO A 13 12.04 10.63 -22.60
N LYS A 14 13.24 10.18 -22.20
CA LYS A 14 14.44 10.17 -23.06
C LYS A 14 14.23 9.22 -24.26
N THR A 15 13.79 8.01 -23.94
CA THR A 15 13.58 6.96 -24.94
C THR A 15 12.13 6.90 -25.43
N ASN A 16 11.27 7.73 -24.83
CA ASN A 16 9.80 7.78 -25.02
C ASN A 16 9.14 6.38 -25.04
N LYS A 17 9.75 5.49 -24.26
CA LYS A 17 9.38 4.09 -24.18
C LYS A 17 9.24 3.60 -22.74
N TYR A 18 8.55 2.48 -22.62
CA TYR A 18 8.30 1.81 -21.33
C TYR A 18 9.44 0.88 -20.92
N GLU A 19 10.09 1.25 -19.83
CA GLU A 19 11.26 0.51 -19.29
C GLU A 19 10.89 -0.05 -17.93
N THR A 20 11.43 -1.24 -17.65
CA THR A 20 11.15 -1.95 -16.39
C THR A 20 12.30 -1.76 -15.41
N LYS A 21 12.27 -0.59 -14.77
CA LYS A 21 13.26 -0.20 -13.75
C LYS A 21 12.97 -0.91 -12.43
N ARG A 22 13.95 -0.85 -11.53
CA ARG A 22 13.86 -1.48 -10.19
C ARG A 22 13.65 -0.41 -9.11
N LEU A 23 12.40 -0.33 -8.68
CA LEU A 23 11.95 0.57 -7.62
C LEU A 23 12.25 -0.03 -6.25
N LEU A 24 13.49 0.18 -5.83
CA LEU A 24 13.96 -0.21 -4.49
C LEU A 24 13.44 0.76 -3.42
N TYR A 25 12.76 0.14 -2.47
CA TYR A 25 12.17 0.81 -1.31
C TYR A 25 12.77 0.26 -0.01
N ASN A 26 13.01 1.17 0.90
CA ASN A 26 13.54 0.80 2.21
C ASN A 26 12.34 0.64 3.15
N GLN A 27 12.13 -0.60 3.60
CA GLN A 27 11.06 -0.90 4.57
C GLN A 27 11.16 -0.04 5.83
N ASN A 28 12.36 0.38 6.20
CA ASN A 28 12.57 1.37 7.27
C ASN A 28 11.63 2.58 7.14
N LYS A 29 11.57 3.11 5.92
CA LYS A 29 10.64 4.20 5.60
C LYS A 29 9.20 3.72 5.51
N ALA A 30 8.94 2.50 5.09
CA ALA A 30 7.59 1.91 5.05
C ALA A 30 7.01 1.68 6.45
N GLU A 31 7.74 0.95 7.30
CA GLU A 31 7.41 0.71 8.72
C GLU A 31 7.31 2.04 9.49
N SER A 32 8.16 3.00 9.15
CA SER A 32 8.15 4.35 9.76
C SER A 32 6.97 5.21 9.27
N ASN A 33 6.79 5.28 7.94
CA ASN A 33 5.67 5.99 7.28
C ASN A 33 4.32 5.55 7.84
N SER A 34 4.13 4.24 7.94
CA SER A 34 2.93 3.66 8.55
C SER A 34 2.84 3.99 10.05
N HIS A 35 3.97 3.94 10.77
CA HIS A 35 4.05 4.33 12.19
C HIS A 35 3.83 5.83 12.45
N HIS A 36 3.97 6.62 11.39
CA HIS A 36 3.72 8.07 11.38
C HIS A 36 2.24 8.37 11.03
N ALA A 37 1.75 7.68 10.02
CA ALA A 37 0.35 7.73 9.58
C ALA A 37 -0.61 7.21 10.67
N PRO A 38 -1.75 7.88 10.88
CA PRO A 38 -2.75 7.47 11.87
C PRO A 38 -3.45 6.20 11.42
N LEU A 39 -4.03 5.52 12.39
CA LEU A 39 -4.73 4.26 12.14
C LEU A 39 -6.23 4.47 11.91
N SER A 40 -6.53 4.82 10.66
CA SER A 40 -7.88 5.19 10.23
C SER A 40 -8.01 5.16 8.71
N ASP A 41 -9.00 4.39 8.26
CA ASP A 41 -9.30 4.24 6.83
C ASP A 41 -10.04 5.52 6.37
N GLY A 42 -9.41 6.17 5.40
CA GLY A 42 -9.98 7.37 4.75
C GLY A 42 -10.47 8.39 5.80
N LYS A 43 -9.51 8.94 6.53
CA LYS A 43 -9.80 9.91 7.61
C LYS A 43 -8.64 10.92 7.80
N THR A 44 -8.06 11.26 6.67
CA THR A 44 -6.90 12.17 6.64
C THR A 44 -6.97 12.96 5.34
N GLY A 45 -6.07 13.94 5.24
CA GLY A 45 -5.98 14.83 4.08
C GLY A 45 -6.01 14.10 2.73
N SER A 46 -4.90 13.45 2.42
CA SER A 46 -4.81 12.63 1.19
C SER A 46 -5.67 11.35 1.25
N SER A 47 -6.40 11.17 2.37
CA SER A 47 -7.31 10.05 2.69
C SER A 47 -6.56 8.88 3.34
N TYR A 48 -5.28 8.82 3.00
CA TYR A 48 -4.30 7.84 3.50
C TYR A 48 -4.04 7.95 5.02
N PRO A 49 -3.85 6.82 5.69
CA PRO A 49 -3.82 5.46 5.08
C PRO A 49 -5.23 4.93 4.82
N HIS A 50 -5.42 4.58 3.57
CA HIS A 50 -6.71 4.01 3.15
C HIS A 50 -6.72 2.51 3.41
N TRP A 51 -7.91 1.93 3.33
CA TRP A 51 -8.11 0.50 3.41
C TRP A 51 -7.67 -0.14 2.09
N PHE A 52 -7.19 -1.35 2.27
CA PHE A 52 -6.70 -2.21 1.22
C PHE A 52 -7.54 -3.49 1.24
N THR A 53 -8.62 -3.41 0.48
CA THR A 53 -9.52 -4.55 0.20
C THR A 53 -8.72 -5.82 -0.03
N ASN A 54 -7.57 -5.70 -0.71
CA ASN A 54 -6.66 -6.80 -1.05
C ASN A 54 -7.42 -7.89 -1.84
N GLY A 55 -8.41 -7.42 -2.60
CA GLY A 55 -9.30 -8.30 -3.36
C GLY A 55 -10.67 -8.49 -2.67
N TYR A 56 -10.66 -8.57 -1.34
CA TYR A 56 -11.88 -8.71 -0.53
C TYR A 56 -12.90 -7.61 -0.86
N ASP A 57 -14.14 -7.84 -0.45
CA ASP A 57 -15.24 -6.88 -0.62
C ASP A 57 -15.52 -6.02 0.61
N GLY A 58 -15.03 -6.49 1.75
CA GLY A 58 -15.23 -5.84 3.06
C GLY A 58 -14.82 -6.75 4.24
N ASP A 59 -15.24 -8.02 4.11
CA ASP A 59 -14.97 -9.08 5.09
C ASP A 59 -13.76 -9.94 4.70
N GLY A 60 -14.01 -10.95 3.89
CA GLY A 60 -12.99 -11.90 3.42
C GLY A 60 -13.44 -12.71 2.20
N LYS A 61 -14.38 -12.12 1.46
CA LYS A 61 -14.93 -12.72 0.25
C LYS A 61 -14.56 -11.86 -0.96
N LEU A 62 -14.18 -12.57 -2.00
CA LEU A 62 -13.69 -11.98 -3.26
C LEU A 62 -14.60 -12.43 -4.41
N PRO A 63 -14.83 -11.58 -5.40
CA PRO A 63 -15.63 -11.94 -6.59
C PRO A 63 -14.92 -12.95 -7.51
N LYS A 64 -15.48 -13.16 -8.69
CA LYS A 64 -14.92 -14.11 -9.67
C LYS A 64 -13.89 -13.38 -10.55
N GLY A 65 -12.63 -13.59 -10.13
CA GLY A 65 -11.45 -13.03 -10.81
C GLY A 65 -10.70 -12.04 -9.93
N ARG A 66 -10.45 -12.47 -8.70
CA ARG A 66 -9.71 -11.68 -7.73
C ARG A 66 -8.40 -12.37 -7.33
N THR A 67 -7.48 -11.54 -6.82
CA THR A 67 -6.16 -12.02 -6.40
C THR A 67 -5.65 -11.30 -5.14
N PRO A 68 -5.95 -11.87 -3.97
CA PRO A 68 -5.53 -11.30 -2.68
C PRO A 68 -4.02 -11.50 -2.49
N ILE A 69 -3.27 -10.42 -2.73
CA ILE A 69 -1.81 -10.42 -2.51
C ILE A 69 -1.48 -11.11 -1.18
N LYS A 70 -0.67 -12.15 -1.32
CA LYS A 70 -0.22 -12.94 -0.18
C LYS A 70 1.19 -12.47 0.20
N PHE A 71 1.36 -12.40 1.50
CA PHE A 71 2.63 -11.95 2.13
C PHE A 71 3.35 -13.10 2.85
N GLY A 72 2.53 -14.04 3.33
CA GLY A 72 3.01 -15.22 4.11
C GLY A 72 2.67 -15.12 5.61
N LYS A 73 1.95 -14.07 5.97
CA LYS A 73 1.47 -13.89 7.35
C LYS A 73 -0.01 -14.23 7.39
N SER A 74 -0.32 -15.32 8.09
CA SER A 74 -1.72 -15.75 8.33
C SER A 74 -2.64 -14.60 8.76
N ASP A 75 -2.06 -13.63 9.48
CA ASP A 75 -2.73 -12.37 9.86
C ASP A 75 -2.87 -11.39 8.68
N CYS A 76 -1.80 -11.17 7.93
CA CYS A 76 -1.88 -10.35 6.70
C CYS A 76 -2.75 -10.98 5.59
N ASP A 77 -2.97 -12.29 5.69
CA ASP A 77 -3.83 -13.08 4.81
C ASP A 77 -5.24 -13.27 5.41
N ARG A 78 -5.39 -13.07 6.72
CA ARG A 78 -6.66 -13.25 7.44
C ARG A 78 -7.74 -12.33 6.82
N PRO A 79 -9.01 -12.68 7.00
CA PRO A 79 -10.12 -11.83 6.53
C PRO A 79 -10.26 -10.54 7.36
N PRO A 80 -9.93 -9.38 6.78
CA PRO A 80 -9.99 -8.09 7.46
C PRO A 80 -11.44 -7.67 7.69
N LYS A 81 -11.67 -7.08 8.84
CA LYS A 81 -13.04 -6.65 9.18
C LYS A 81 -13.10 -5.11 9.20
N HIS A 82 -13.23 -4.61 7.99
CA HIS A 82 -13.38 -3.16 7.75
C HIS A 82 -14.83 -2.74 8.00
N SER A 83 -14.96 -1.67 8.78
CA SER A 83 -16.28 -1.12 9.16
C SER A 83 -16.69 0.00 8.19
N LYS A 84 -17.40 1.02 8.66
CA LYS A 84 -17.82 2.16 7.80
C LYS A 84 -16.63 3.01 7.36
N ASP A 85 -15.97 3.61 8.35
CA ASP A 85 -14.75 4.42 8.14
C ASP A 85 -13.46 3.65 8.54
N GLY A 86 -13.56 2.32 8.49
CA GLY A 86 -12.49 1.40 8.92
C GLY A 86 -11.74 1.89 10.16
N ASN A 87 -12.47 1.77 11.26
CA ASN A 87 -12.01 2.17 12.60
C ASN A 87 -12.64 1.26 13.65
N GLY A 88 -13.98 1.18 13.59
CA GLY A 88 -14.82 0.43 14.56
C GLY A 88 -14.32 0.65 15.99
N LYS A 89 -14.42 -0.41 16.77
CA LYS A 89 -13.84 -0.42 18.13
C LYS A 89 -12.50 -1.15 18.19
N THR A 90 -12.40 -2.17 17.33
CA THR A 90 -11.25 -3.10 17.24
C THR A 90 -11.11 -3.62 15.80
N ASP A 91 -11.51 -2.79 14.83
CA ASP A 91 -11.38 -3.12 13.40
C ASP A 91 -9.98 -3.67 13.10
N HIS A 92 -9.93 -4.56 12.13
CA HIS A 92 -8.66 -5.21 11.78
C HIS A 92 -8.51 -5.38 10.26
N TYR A 93 -8.58 -4.23 9.62
CA TYR A 93 -8.51 -4.15 8.15
C TYR A 93 -7.08 -3.91 7.69
N LEU A 94 -6.75 -4.51 6.55
CA LEU A 94 -5.45 -4.28 5.90
C LEU A 94 -5.43 -2.89 5.26
N LEU A 95 -4.54 -2.04 5.75
CA LEU A 95 -4.39 -0.67 5.24
C LEU A 95 -3.25 -0.62 4.21
N GLU A 96 -3.41 0.32 3.29
CA GLU A 96 -2.43 0.58 2.22
C GLU A 96 -2.02 2.06 2.18
N PHE A 97 -0.86 2.31 2.75
CA PHE A 97 -0.27 3.64 2.74
C PHE A 97 0.71 3.80 1.54
N PRO A 98 0.67 4.92 0.82
CA PRO A 98 1.61 5.20 -0.30
C PRO A 98 3.01 5.55 0.21
N THR A 99 3.90 4.56 0.08
CA THR A 99 5.29 4.70 0.52
C THR A 99 6.20 5.21 -0.62
N PHE A 100 7.15 6.04 -0.21
CA PHE A 100 8.09 6.69 -1.15
C PHE A 100 9.52 6.14 -1.03
N PRO A 101 10.28 6.05 -2.14
CA PRO A 101 11.64 5.50 -2.13
C PRO A 101 12.68 6.47 -1.55
N ASP A 102 12.55 7.76 -1.91
CA ASP A 102 13.33 8.88 -1.35
C ASP A 102 13.37 8.84 0.18
N GLY A 103 12.27 8.33 0.72
CA GLY A 103 12.06 8.13 2.15
C GLY A 103 11.50 9.34 2.88
N HIS A 104 10.90 10.19 2.06
CA HIS A 104 10.16 11.34 2.54
C HIS A 104 8.71 10.91 2.81
N ASP A 105 8.34 11.14 4.05
CA ASP A 105 6.97 10.93 4.49
C ASP A 105 5.99 11.87 3.77
N TYR A 106 5.58 11.41 2.60
CA TYR A 106 4.61 12.14 1.77
C TYR A 106 3.51 12.74 2.65
N LYS A 107 3.19 13.99 2.31
CA LYS A 107 2.11 14.74 2.99
C LYS A 107 0.74 14.07 2.71
N PHE A 108 0.47 13.08 3.55
CA PHE A 108 -0.79 12.32 3.50
C PHE A 108 -1.95 13.01 4.24
N ASP A 109 -1.56 14.01 5.01
CA ASP A 109 -2.51 14.86 5.73
C ASP A 109 -2.94 16.08 4.90
N SER A 110 -2.28 16.30 3.75
CA SER A 110 -2.57 17.45 2.88
C SER A 110 -3.68 17.10 1.90
N LYS A 111 -4.91 17.42 2.30
CA LYS A 111 -6.10 17.16 1.49
C LYS A 111 -6.04 17.87 0.14
N LYS A 112 -6.07 19.20 0.24
CA LYS A 112 -5.96 20.09 -0.91
C LYS A 112 -4.91 21.19 -0.64
N PRO A 113 -3.90 21.26 -1.51
CA PRO A 113 -3.66 20.32 -2.62
C PRO A 113 -3.07 19.00 -2.11
N LYS A 114 -2.85 18.10 -3.06
CA LYS A 114 -2.37 16.74 -2.77
C LYS A 114 -1.68 16.22 -4.02
N GLU A 115 -0.35 16.21 -3.96
CA GLU A 115 0.49 15.67 -5.02
C GLU A 115 0.07 14.20 -5.30
N ASN A 116 0.25 13.80 -6.55
CA ASN A 116 -0.01 12.43 -7.01
C ASN A 116 0.66 11.41 -6.06
N PRO A 117 -0.05 10.30 -5.77
CA PRO A 117 0.48 9.29 -4.85
C PRO A 117 1.63 8.50 -5.51
N GLY A 118 1.95 7.35 -4.93
CA GLY A 118 3.06 6.49 -5.36
C GLY A 118 2.56 5.09 -5.78
N PRO A 119 3.30 4.37 -6.62
CA PRO A 119 2.96 2.99 -7.03
C PRO A 119 3.19 2.00 -5.88
N ALA A 120 4.43 1.94 -5.42
CA ALA A 120 4.82 1.09 -4.27
C ALA A 120 4.25 1.63 -2.96
N ARG A 121 3.32 0.82 -2.48
CA ARG A 121 2.54 1.12 -1.28
C ARG A 121 2.81 0.08 -0.20
N VAL A 122 2.86 0.56 1.03
CA VAL A 122 3.09 -0.29 2.21
C VAL A 122 1.74 -0.86 2.70
N ILE A 123 1.80 -2.15 3.04
CA ILE A 123 0.65 -2.88 3.54
C ILE A 123 0.95 -3.37 4.96
N TYR A 124 -0.10 -3.30 5.77
CA TYR A 124 -0.04 -3.61 7.22
C TYR A 124 -1.43 -3.65 7.85
N THR A 125 -1.58 -4.56 8.79
CA THR A 125 -2.85 -4.78 9.52
C THR A 125 -3.11 -3.60 10.47
N TYR A 126 -4.01 -3.79 11.44
CA TYR A 126 -4.42 -2.73 12.40
C TYR A 126 -5.23 -3.32 13.58
N PRO A 127 -5.05 -2.79 14.81
CA PRO A 127 -4.02 -1.78 15.17
C PRO A 127 -2.61 -2.32 15.30
N ASN A 128 -2.51 -3.64 15.14
CA ASN A 128 -1.24 -4.39 15.14
C ASN A 128 -0.21 -3.73 14.23
N LYS A 129 -0.65 -3.34 13.03
CA LYS A 129 0.19 -2.70 12.01
C LYS A 129 1.38 -3.57 11.62
N VAL A 130 1.16 -4.87 11.76
CA VAL A 130 2.14 -5.93 11.47
C VAL A 130 2.40 -5.86 9.96
N PHE A 131 3.38 -5.03 9.67
CA PHE A 131 3.90 -4.78 8.31
C PHE A 131 3.88 -6.10 7.54
N CYS A 132 3.17 -6.05 6.44
CA CYS A 132 3.00 -7.23 5.58
C CYS A 132 4.06 -7.21 4.48
N GLY A 133 4.01 -6.14 3.68
CA GLY A 133 4.88 -5.95 2.51
C GLY A 133 4.69 -4.60 1.85
N ILE A 134 5.26 -4.54 0.66
CA ILE A 134 5.10 -3.41 -0.26
C ILE A 134 4.64 -3.97 -1.61
N ILE A 135 3.62 -3.31 -2.13
CA ILE A 135 3.05 -3.68 -3.42
C ILE A 135 3.01 -2.47 -4.36
N ALA A 136 3.41 -2.72 -5.59
CA ALA A 136 3.48 -1.68 -6.62
C ALA A 136 2.84 -2.16 -7.91
N HIS A 137 2.37 -1.19 -8.66
CA HIS A 137 1.74 -1.49 -9.95
C HIS A 137 2.86 -1.59 -10.99
N THR A 138 3.15 -2.84 -11.34
CA THR A 138 4.14 -3.21 -12.38
C THR A 138 4.03 -2.38 -13.66
N LYS A 139 2.83 -1.87 -13.93
CA LYS A 139 2.61 -0.90 -15.01
C LYS A 139 2.44 0.52 -14.41
N GLU A 140 3.59 1.16 -14.19
CA GLU A 140 3.71 2.51 -13.61
C GLU A 140 3.13 2.59 -12.18
N ASN A 141 1.87 3.03 -12.08
CA ASN A 141 1.11 3.19 -10.82
C ASN A 141 -0.39 2.89 -11.02
N GLN A 142 -0.65 1.93 -11.91
CA GLN A 142 -2.02 1.52 -12.24
C GLN A 142 -2.21 0.02 -12.47
N GLY A 143 -1.26 -0.60 -13.16
CA GLY A 143 -1.25 -2.05 -13.42
C GLY A 143 -1.44 -2.88 -12.14
N GLU A 144 -1.62 -4.18 -12.29
CA GLU A 144 -1.79 -5.06 -11.10
C GLU A 144 -0.67 -4.89 -10.08
N LEU A 145 -1.09 -4.56 -8.85
CA LEU A 145 -0.17 -4.42 -7.71
C LEU A 145 0.55 -5.74 -7.47
N LYS A 146 1.77 -5.81 -7.95
CA LYS A 146 2.58 -7.01 -7.77
C LYS A 146 3.43 -6.82 -6.51
N LEU A 147 3.13 -7.69 -5.55
CA LEU A 147 3.84 -7.80 -4.28
C LEU A 147 5.36 -7.76 -4.56
N CYS A 148 5.93 -6.62 -4.22
CA CYS A 148 7.38 -6.40 -4.34
C CYS A 148 8.12 -7.49 -3.55
N SER A 149 9.41 -7.53 -3.75
CA SER A 149 10.24 -8.56 -3.13
C SER A 149 11.54 -7.98 -2.60
N HIS A 150 12.04 -8.64 -1.58
CA HIS A 150 13.29 -8.24 -0.93
C HIS A 150 14.39 -9.31 -0.94
N ALA A 1 16.25 -3.16 9.21
CA ALA A 1 15.11 -3.18 8.26
C ALA A 1 15.47 -4.07 7.05
N VAL A 2 14.84 -3.80 5.92
CA VAL A 2 15.05 -4.59 4.70
C VAL A 2 14.95 -3.64 3.48
N THR A 3 15.41 -4.14 2.33
CA THR A 3 15.39 -3.40 1.05
C THR A 3 14.36 -3.99 0.07
N TRP A 4 13.12 -3.53 0.18
CA TRP A 4 12.06 -3.99 -0.71
C TRP A 4 12.13 -3.25 -2.05
N THR A 5 12.45 -4.00 -3.09
CA THR A 5 12.66 -3.46 -4.44
C THR A 5 11.54 -3.96 -5.36
N CYS A 6 11.07 -3.04 -6.19
CA CYS A 6 9.99 -3.30 -7.16
C CYS A 6 10.45 -2.91 -8.56
N LEU A 7 9.82 -3.55 -9.53
CA LEU A 7 10.15 -3.35 -10.94
C LEU A 7 8.93 -2.80 -11.72
N ASN A 8 8.80 -1.48 -11.62
CA ASN A 8 7.69 -0.75 -12.25
C ASN A 8 8.07 -0.39 -13.68
N ASP A 9 7.07 -0.31 -14.53
CA ASP A 9 7.29 0.06 -15.92
C ASP A 9 7.20 1.59 -16.07
N GLN A 10 7.99 2.15 -16.97
CA GLN A 10 8.08 3.60 -17.24
C GLN A 10 8.23 3.90 -18.73
N LYS A 11 7.18 4.50 -19.28
CA LYS A 11 7.13 4.87 -20.70
C LYS A 11 7.94 6.16 -20.89
N ASN A 12 9.23 5.95 -20.99
CA ASN A 12 10.20 7.06 -21.18
C ASN A 12 9.81 7.82 -22.46
N PRO A 13 9.66 9.14 -22.40
CA PRO A 13 9.27 9.96 -23.57
C PRO A 13 10.41 10.11 -24.57
N LYS A 14 11.65 10.04 -24.06
CA LYS A 14 12.86 10.11 -24.90
C LYS A 14 12.93 8.95 -25.88
N THR A 15 12.73 7.75 -25.34
CA THR A 15 12.76 6.52 -26.13
C THR A 15 11.36 6.07 -26.56
N ASN A 16 10.34 6.82 -26.12
CA ASN A 16 8.90 6.51 -26.31
C ASN A 16 8.56 5.03 -26.03
N LYS A 17 9.38 4.44 -25.17
CA LYS A 17 9.31 3.01 -24.86
C LYS A 17 9.18 2.80 -23.36
N TYR A 18 8.73 1.61 -23.02
CA TYR A 18 8.49 1.19 -21.63
C TYR A 18 9.66 0.39 -21.08
N GLU A 19 10.15 0.86 -19.94
CA GLU A 19 11.31 0.22 -19.28
C GLU A 19 10.94 -0.20 -17.88
N THR A 20 11.60 -1.22 -17.39
CA THR A 20 11.30 -1.80 -16.08
C THR A 20 12.38 -1.35 -15.08
N LYS A 21 12.13 -0.14 -14.55
CA LYS A 21 13.01 0.47 -13.54
C LYS A 21 13.03 -0.37 -12.25
N ARG A 22 13.90 0.00 -11.32
CA ARG A 22 14.08 -0.73 -10.06
C ARG A 22 13.91 0.20 -8.86
N LEU A 23 12.67 0.28 -8.40
CA LEU A 23 12.32 1.12 -7.25
C LEU A 23 12.65 0.38 -5.94
N LEU A 24 13.79 0.75 -5.39
CA LEU A 24 14.24 0.23 -4.09
C LEU A 24 13.67 1.08 -2.96
N TYR A 25 13.05 0.37 -2.03
CA TYR A 25 12.46 0.93 -0.81
C TYR A 25 13.13 0.35 0.43
N ASN A 26 12.94 1.07 1.52
CA ASN A 26 13.47 0.63 2.81
C ASN A 26 12.28 0.26 3.66
N GLN A 27 12.25 -1.01 4.05
CA GLN A 27 11.24 -1.57 4.98
C GLN A 27 11.10 -0.70 6.23
N ASN A 28 12.18 -0.01 6.58
CA ASN A 28 12.22 0.96 7.69
C ASN A 28 11.29 2.13 7.43
N LYS A 29 11.59 2.93 6.41
CA LYS A 29 10.74 4.04 5.99
C LYS A 29 9.30 3.62 5.70
N ALA A 30 9.08 2.36 5.43
CA ALA A 30 7.74 1.77 5.27
C ALA A 30 7.08 1.43 6.62
N GLU A 31 7.63 0.46 7.34
CA GLU A 31 7.19 0.08 8.69
C GLU A 31 7.17 1.28 9.64
N SER A 32 7.96 2.30 9.37
CA SER A 32 8.03 3.54 10.14
C SER A 32 6.99 4.55 9.65
N ASN A 33 6.85 4.71 8.34
CA ASN A 33 5.81 5.58 7.74
C ASN A 33 4.40 5.19 8.19
N SER A 34 4.15 3.89 8.13
CA SER A 34 2.88 3.32 8.60
C SER A 34 2.70 3.54 10.10
N HIS A 35 3.79 3.47 10.85
CA HIS A 35 3.81 3.73 12.30
C HIS A 35 3.82 5.23 12.65
N HIS A 36 3.75 6.07 11.61
CA HIS A 36 3.69 7.53 11.72
C HIS A 36 2.29 8.03 11.33
N ALA A 37 1.72 7.41 10.30
CA ALA A 37 0.34 7.68 9.85
C ALA A 37 -0.71 7.13 10.81
N PRO A 38 -1.84 7.83 10.99
CA PRO A 38 -2.92 7.40 11.90
C PRO A 38 -3.63 6.19 11.32
N LEU A 39 -4.11 5.32 12.19
CA LEU A 39 -4.82 4.11 11.75
C LEU A 39 -6.32 4.36 11.57
N SER A 40 -6.63 4.81 10.35
CA SER A 40 -8.00 5.20 10.00
C SER A 40 -8.18 5.26 8.49
N ASP A 41 -9.08 4.42 8.01
CA ASP A 41 -9.40 4.37 6.56
C ASP A 41 -10.10 5.67 6.16
N GLY A 42 -9.47 6.37 5.21
CA GLY A 42 -9.99 7.62 4.63
C GLY A 42 -10.49 8.57 5.73
N LYS A 43 -9.52 9.11 6.46
CA LYS A 43 -9.81 10.04 7.57
C LYS A 43 -8.69 11.07 7.76
N THR A 44 -8.03 11.36 6.64
CA THR A 44 -6.89 12.28 6.66
C THR A 44 -6.96 13.13 5.40
N GLY A 45 -5.98 14.02 5.29
CA GLY A 45 -5.93 14.98 4.20
C GLY A 45 -5.92 14.31 2.82
N SER A 46 -4.81 13.64 2.53
CA SER A 46 -4.66 12.86 1.28
C SER A 46 -5.63 11.68 1.19
N SER A 47 -6.32 11.41 2.31
CA SER A 47 -7.29 10.32 2.52
C SER A 47 -6.57 9.00 2.93
N TYR A 48 -5.34 9.20 3.38
CA TYR A 48 -4.42 8.12 3.78
C TYR A 48 -4.14 8.10 5.29
N PRO A 49 -3.95 6.91 5.86
CA PRO A 49 -3.95 5.62 5.16
C PRO A 49 -5.36 5.13 4.88
N HIS A 50 -5.52 4.77 3.63
CA HIS A 50 -6.82 4.25 3.19
C HIS A 50 -6.85 2.73 3.38
N TRP A 51 -8.06 2.21 3.39
CA TRP A 51 -8.30 0.76 3.43
C TRP A 51 -7.91 0.17 2.09
N PHE A 52 -7.14 -0.88 2.23
CA PHE A 52 -6.65 -1.65 1.11
C PHE A 52 -7.44 -2.95 1.06
N THR A 53 -8.47 -2.88 0.23
CA THR A 53 -9.31 -4.04 -0.11
C THR A 53 -8.48 -5.33 -0.22
N ASN A 54 -7.31 -5.19 -0.87
CA ASN A 54 -6.36 -6.31 -1.07
C ASN A 54 -7.04 -7.54 -1.69
N GLY A 55 -7.96 -7.21 -2.60
CA GLY A 55 -8.86 -8.20 -3.20
C GLY A 55 -10.12 -8.43 -2.37
N TYR A 56 -9.98 -8.35 -1.06
CA TYR A 56 -11.07 -8.58 -0.10
C TYR A 56 -12.02 -7.38 -0.08
N ASP A 57 -13.30 -7.69 0.07
CA ASP A 57 -14.36 -6.65 0.11
C ASP A 57 -14.40 -6.00 1.51
N GLY A 58 -15.49 -5.27 1.77
CA GLY A 58 -15.77 -4.66 3.09
C GLY A 58 -16.39 -5.68 4.08
N ASP A 59 -15.88 -6.90 4.02
CA ASP A 59 -16.36 -8.00 4.89
C ASP A 59 -15.22 -8.92 5.30
N GLY A 60 -14.74 -9.67 4.32
CA GLY A 60 -13.64 -10.61 4.56
C GLY A 60 -13.17 -11.28 3.30
N LYS A 61 -13.77 -12.42 3.00
CA LYS A 61 -13.52 -13.15 1.74
C LYS A 61 -13.77 -12.25 0.53
N LEU A 62 -13.27 -12.70 -0.62
CA LEU A 62 -13.32 -11.95 -1.88
C LEU A 62 -14.45 -12.50 -2.77
N PRO A 63 -14.93 -11.72 -3.74
CA PRO A 63 -15.98 -12.19 -4.67
C PRO A 63 -15.40 -13.21 -5.66
N LYS A 64 -16.18 -13.46 -6.72
CA LYS A 64 -15.78 -14.39 -7.78
C LYS A 64 -14.97 -13.65 -8.86
N GLY A 65 -13.65 -13.79 -8.72
CA GLY A 65 -12.68 -13.20 -9.64
C GLY A 65 -11.83 -12.15 -8.94
N ARG A 66 -11.03 -12.66 -8.01
CA ARG A 66 -10.07 -11.85 -7.25
C ARG A 66 -8.70 -12.51 -7.10
N THR A 67 -7.74 -11.69 -6.72
CA THR A 67 -6.35 -12.15 -6.53
C THR A 67 -5.66 -11.44 -5.36
N PRO A 68 -5.81 -11.99 -4.14
CA PRO A 68 -5.20 -11.39 -2.94
C PRO A 68 -3.69 -11.64 -2.95
N ILE A 69 -2.95 -10.57 -2.77
CA ILE A 69 -1.48 -10.64 -2.72
C ILE A 69 -1.06 -11.49 -1.51
N LYS A 70 -0.34 -12.55 -1.82
CA LYS A 70 0.17 -13.45 -0.80
C LYS A 70 1.50 -12.92 -0.25
N PHE A 71 1.41 -12.46 0.98
CA PHE A 71 2.56 -11.91 1.73
C PHE A 71 3.39 -13.01 2.39
N GLY A 72 2.67 -14.05 2.84
CA GLY A 72 3.24 -15.22 3.53
C GLY A 72 2.85 -15.24 5.00
N LYS A 73 1.74 -14.56 5.33
CA LYS A 73 1.19 -14.53 6.67
C LYS A 73 -0.31 -14.79 6.61
N SER A 74 -0.73 -15.73 7.43
CA SER A 74 -2.16 -16.10 7.56
C SER A 74 -3.00 -14.95 8.13
N ASP A 75 -2.32 -13.94 8.63
CA ASP A 75 -2.88 -12.70 9.19
C ASP A 75 -3.02 -11.63 8.11
N CYS A 76 -1.94 -11.31 7.41
CA CYS A 76 -2.01 -10.37 6.26
C CYS A 76 -2.89 -10.92 5.11
N ASP A 77 -3.09 -12.24 5.14
CA ASP A 77 -3.95 -12.95 4.19
C ASP A 77 -5.38 -13.13 4.77
N ARG A 78 -5.53 -13.00 6.06
CA ARG A 78 -6.82 -13.14 6.75
C ARG A 78 -7.88 -12.23 6.09
N PRO A 79 -9.16 -12.54 6.34
CA PRO A 79 -10.25 -11.72 5.82
C PRO A 79 -10.41 -10.40 6.63
N PRO A 80 -10.13 -9.26 6.00
CA PRO A 80 -10.22 -7.93 6.62
C PRO A 80 -11.68 -7.53 6.77
N LYS A 81 -11.96 -7.07 7.98
CA LYS A 81 -13.33 -6.66 8.35
C LYS A 81 -13.41 -5.13 8.41
N HIS A 82 -13.62 -4.58 7.23
CA HIS A 82 -13.77 -3.12 7.05
C HIS A 82 -15.20 -2.69 7.41
N SER A 83 -15.30 -1.43 7.84
CA SER A 83 -16.58 -0.85 8.26
C SER A 83 -17.02 0.30 7.31
N LYS A 84 -17.67 1.33 7.85
CA LYS A 84 -18.03 2.54 7.09
C LYS A 84 -16.80 3.37 6.72
N ASP A 85 -15.99 3.69 7.73
CA ASP A 85 -14.71 4.42 7.54
C ASP A 85 -13.49 3.60 7.98
N GLY A 86 -13.66 2.27 7.96
CA GLY A 86 -12.63 1.33 8.42
C GLY A 86 -12.11 1.67 9.83
N ASN A 87 -13.08 1.81 10.72
CA ASN A 87 -12.82 2.22 12.13
C ASN A 87 -13.96 1.76 13.03
N GLY A 88 -13.92 0.46 13.32
CA GLY A 88 -14.94 -0.17 14.17
C GLY A 88 -14.43 -0.26 15.60
N LYS A 89 -15.04 -1.20 16.33
CA LYS A 89 -14.62 -1.51 17.71
C LYS A 89 -13.17 -2.03 17.73
N THR A 90 -12.91 -3.00 16.85
CA THR A 90 -11.58 -3.64 16.70
C THR A 90 -11.27 -3.95 15.24
N ASP A 91 -11.66 -3.02 14.34
CA ASP A 91 -11.41 -3.17 12.90
C ASP A 91 -10.02 -3.77 12.63
N HIS A 92 -10.01 -4.83 11.85
CA HIS A 92 -8.74 -5.54 11.57
C HIS A 92 -8.54 -5.71 10.06
N TYR A 93 -8.59 -4.55 9.41
CA TYR A 93 -8.44 -4.48 7.95
C TYR A 93 -6.99 -4.26 7.54
N LEU A 94 -6.73 -4.48 6.25
CA LEU A 94 -5.43 -4.20 5.66
C LEU A 94 -5.41 -2.81 5.02
N LEU A 95 -4.58 -1.95 5.58
CA LEU A 95 -4.43 -0.55 5.11
C LEU A 95 -3.26 -0.48 4.12
N GLU A 96 -3.36 0.51 3.24
CA GLU A 96 -2.32 0.79 2.24
C GLU A 96 -1.90 2.26 2.28
N PHE A 97 -0.63 2.40 2.59
CA PHE A 97 -0.01 3.73 2.64
C PHE A 97 0.95 3.94 1.46
N PRO A 98 0.93 5.11 0.80
CA PRO A 98 1.82 5.44 -0.32
C PRO A 98 3.22 5.71 0.18
N THR A 99 3.95 4.61 0.37
CA THR A 99 5.34 4.70 0.85
C THR A 99 6.26 5.22 -0.26
N PHE A 100 7.22 6.04 0.15
CA PHE A 100 8.18 6.70 -0.75
C PHE A 100 9.60 6.19 -0.53
N PRO A 101 10.43 6.11 -1.59
CA PRO A 101 11.82 5.65 -1.49
C PRO A 101 12.74 6.70 -0.86
N ASP A 102 12.54 7.96 -1.24
CA ASP A 102 13.28 9.13 -0.68
C ASP A 102 13.28 9.08 0.84
N GLY A 103 12.21 8.51 1.38
CA GLY A 103 12.02 8.29 2.81
C GLY A 103 11.30 9.47 3.46
N HIS A 104 10.80 10.34 2.60
CA HIS A 104 10.00 11.49 3.04
C HIS A 104 8.57 11.00 3.30
N ASP A 105 8.15 11.24 4.52
CA ASP A 105 6.76 10.97 4.93
C ASP A 105 5.86 11.93 4.17
N TYR A 106 5.48 11.51 2.99
CA TYR A 106 4.52 12.26 2.15
C TYR A 106 3.44 12.88 3.04
N LYS A 107 3.15 14.13 2.73
CA LYS A 107 2.09 14.89 3.41
C LYS A 107 0.70 14.26 3.11
N PHE A 108 0.51 13.11 3.73
CA PHE A 108 -0.72 12.33 3.64
C PHE A 108 -1.90 12.99 4.38
N ASP A 109 -1.52 13.99 5.16
CA ASP A 109 -2.45 14.84 5.90
C ASP A 109 -2.87 16.08 5.08
N SER A 110 -2.17 16.33 3.97
CA SER A 110 -2.45 17.52 3.14
C SER A 110 -3.54 17.20 2.11
N LYS A 111 -4.76 17.57 2.49
CA LYS A 111 -5.93 17.35 1.61
C LYS A 111 -5.79 18.05 0.27
N LYS A 112 -5.88 19.37 0.35
CA LYS A 112 -5.70 20.22 -0.82
C LYS A 112 -4.68 21.34 -0.52
N PRO A 113 -3.62 21.41 -1.35
CA PRO A 113 -3.36 20.47 -2.46
C PRO A 113 -2.82 19.13 -1.94
N LYS A 114 -2.55 18.25 -2.89
CA LYS A 114 -2.10 16.89 -2.60
C LYS A 114 -1.42 16.33 -3.84
N GLU A 115 -0.13 16.07 -3.68
CA GLU A 115 0.67 15.45 -4.75
C GLU A 115 0.15 14.03 -5.01
N ASN A 116 0.24 13.66 -6.28
CA ASN A 116 -0.11 12.31 -6.76
C ASN A 116 0.60 11.23 -5.92
N PRO A 117 -0.10 10.14 -5.60
CA PRO A 117 0.47 9.04 -4.80
C PRO A 117 1.51 8.26 -5.62
N GLY A 118 2.37 7.58 -4.87
CA GLY A 118 3.44 6.74 -5.40
C GLY A 118 2.92 5.37 -5.89
N PRO A 119 3.69 4.67 -6.74
CA PRO A 119 3.30 3.34 -7.23
C PRO A 119 3.47 2.30 -6.14
N ALA A 120 4.63 2.34 -5.47
CA ALA A 120 4.91 1.45 -4.34
C ALA A 120 4.30 1.96 -3.03
N ARG A 121 3.62 1.00 -2.44
CA ARG A 121 2.85 1.24 -1.22
C ARG A 121 3.10 0.14 -0.20
N VAL A 122 3.06 0.55 1.06
CA VAL A 122 3.24 -0.36 2.20
C VAL A 122 1.89 -0.90 2.66
N ILE A 123 1.93 -2.19 3.00
CA ILE A 123 0.72 -2.91 3.46
C ILE A 123 0.98 -3.44 4.86
N TYR A 124 -0.06 -3.34 5.67
CA TYR A 124 0.02 -3.64 7.11
C TYR A 124 -1.38 -3.68 7.73
N THR A 125 -1.55 -4.63 8.63
CA THR A 125 -2.83 -4.85 9.33
C THR A 125 -3.06 -3.71 10.33
N TYR A 126 -3.97 -3.94 11.28
CA TYR A 126 -4.37 -2.92 12.28
C TYR A 126 -5.25 -3.52 13.39
N PRO A 127 -5.07 -3.04 14.64
CA PRO A 127 -4.01 -2.08 15.08
C PRO A 127 -2.63 -2.69 15.19
N ASN A 128 -2.61 -4.01 14.98
CA ASN A 128 -1.37 -4.80 14.93
C ASN A 128 -0.30 -4.13 14.10
N LYS A 129 -0.70 -3.66 12.90
CA LYS A 129 0.20 -2.98 11.94
C LYS A 129 1.37 -3.90 11.56
N VAL A 130 1.06 -5.19 11.53
CA VAL A 130 2.02 -6.25 11.19
C VAL A 130 2.41 -6.05 9.73
N PHE A 131 3.50 -5.32 9.56
CA PHE A 131 4.11 -5.01 8.26
C PHE A 131 4.06 -6.26 7.39
N CYS A 132 3.24 -6.16 6.35
CA CYS A 132 3.06 -7.29 5.42
C CYS A 132 4.17 -7.23 4.37
N GLY A 133 4.18 -6.13 3.62
CA GLY A 133 5.17 -5.87 2.58
C GLY A 133 4.95 -4.55 1.87
N ILE A 134 5.60 -4.45 0.72
CA ILE A 134 5.47 -3.30 -0.18
C ILE A 134 5.06 -3.79 -1.55
N ILE A 135 3.94 -3.29 -2.00
CA ILE A 135 3.42 -3.63 -3.33
C ILE A 135 3.39 -2.37 -4.21
N ALA A 136 3.64 -2.59 -5.49
CA ALA A 136 3.68 -1.50 -6.48
C ALA A 136 3.09 -1.97 -7.80
N HIS A 137 2.71 -0.96 -8.60
CA HIS A 137 2.12 -1.24 -9.91
C HIS A 137 3.26 -1.47 -10.92
N THR A 138 3.17 -2.57 -11.62
CA THR A 138 4.18 -2.97 -12.62
C THR A 138 3.91 -2.33 -14.00
N LYS A 139 3.51 -1.06 -13.94
CA LYS A 139 3.17 -0.25 -15.12
C LYS A 139 2.84 1.19 -14.69
N GLU A 140 3.90 1.95 -14.45
CA GLU A 140 3.85 3.36 -14.03
C GLU A 140 3.28 3.48 -12.61
N ASN A 141 1.95 3.48 -12.54
CA ASN A 141 1.15 3.59 -11.30
C ASN A 141 -0.23 2.90 -11.41
N GLN A 142 -0.30 1.97 -12.36
CA GLN A 142 -1.54 1.28 -12.71
C GLN A 142 -1.27 -0.19 -13.04
N GLY A 143 -2.26 -1.02 -12.69
CA GLY A 143 -2.22 -2.48 -12.87
C GLY A 143 -1.98 -3.17 -11.54
N GLU A 144 -2.32 -4.46 -11.51
CA GLU A 144 -2.16 -5.30 -10.29
C GLU A 144 -0.82 -5.05 -9.59
N LEU A 145 -0.96 -4.70 -8.32
CA LEU A 145 0.20 -4.34 -7.51
C LEU A 145 0.97 -5.61 -7.16
N LYS A 146 2.18 -5.72 -7.68
CA LYS A 146 3.02 -6.90 -7.39
C LYS A 146 3.79 -6.68 -6.10
N LEU A 147 3.76 -7.72 -5.26
CA LEU A 147 4.51 -7.77 -3.99
C LEU A 147 5.99 -7.64 -4.29
N CYS A 148 6.53 -6.46 -4.01
CA CYS A 148 7.96 -6.19 -4.14
C CYS A 148 8.76 -7.26 -3.38
N SER A 149 10.05 -7.25 -3.59
CA SER A 149 10.93 -8.26 -3.01
C SER A 149 12.24 -7.65 -2.57
N HIS A 150 12.84 -8.31 -1.60
CA HIS A 150 14.12 -7.86 -1.04
C HIS A 150 15.27 -8.86 -1.18
N ALA A 1 17.17 -1.82 7.85
CA ALA A 1 15.89 -2.44 7.51
C ALA A 1 15.96 -3.23 6.19
N VAL A 2 14.84 -3.82 5.84
CA VAL A 2 14.74 -4.66 4.64
C VAL A 2 14.68 -3.76 3.37
N THR A 3 15.08 -4.32 2.24
CA THR A 3 15.10 -3.62 0.93
C THR A 3 14.08 -4.22 -0.03
N TRP A 4 12.86 -3.68 0.02
CA TRP A 4 11.77 -4.13 -0.85
C TRP A 4 11.88 -3.47 -2.21
N THR A 5 12.22 -4.28 -3.20
CA THR A 5 12.49 -3.78 -4.56
C THR A 5 11.37 -4.25 -5.48
N CYS A 6 10.75 -3.26 -6.13
CA CYS A 6 9.58 -3.43 -7.00
C CYS A 6 9.99 -3.10 -8.43
N LEU A 7 9.70 -4.00 -9.37
CA LEU A 7 10.06 -3.79 -10.78
C LEU A 7 8.89 -3.15 -11.54
N ASN A 8 8.84 -1.84 -11.47
CA ASN A 8 7.77 -1.06 -12.12
C ASN A 8 8.22 -0.59 -13.49
N ASP A 9 7.26 -0.57 -14.39
CA ASP A 9 7.51 -0.13 -15.77
C ASP A 9 7.43 1.40 -15.87
N GLN A 10 8.25 2.01 -16.73
CA GLN A 10 8.30 3.48 -16.92
C GLN A 10 8.42 3.85 -18.40
N LYS A 11 7.39 4.50 -18.90
CA LYS A 11 7.34 4.92 -20.31
C LYS A 11 8.10 6.25 -20.44
N ASN A 12 9.39 6.08 -20.65
CA ASN A 12 10.32 7.21 -20.78
C ASN A 12 9.92 7.99 -22.05
N PRO A 13 9.71 9.32 -21.97
CA PRO A 13 9.36 10.14 -23.15
C PRO A 13 10.52 10.36 -24.11
N LYS A 14 11.74 10.30 -23.59
CA LYS A 14 12.99 10.44 -24.39
C LYS A 14 13.08 9.31 -25.44
N THR A 15 12.82 8.09 -24.98
CA THR A 15 12.88 6.91 -25.85
C THR A 15 11.48 6.44 -26.30
N ASN A 16 10.45 7.12 -25.79
CA ASN A 16 9.01 6.79 -25.95
C ASN A 16 8.72 5.29 -25.75
N LYS A 17 9.55 4.68 -24.91
CA LYS A 17 9.53 3.23 -24.63
C LYS A 17 9.43 2.97 -23.14
N TYR A 18 8.85 1.82 -22.87
CA TYR A 18 8.60 1.32 -21.52
C TYR A 18 9.77 0.45 -21.01
N GLU A 19 10.26 0.82 -19.84
CA GLU A 19 11.42 0.14 -19.22
C GLU A 19 11.06 -0.32 -17.81
N THR A 20 11.62 -1.46 -17.41
CA THR A 20 11.31 -2.04 -16.09
C THR A 20 12.44 -1.72 -15.11
N LYS A 21 12.32 -0.52 -14.57
CA LYS A 21 13.30 0.02 -13.61
C LYS A 21 13.07 -0.63 -12.22
N ARG A 22 14.14 -0.68 -11.46
CA ARG A 22 14.13 -1.28 -10.10
C ARG A 22 13.81 -0.21 -9.05
N LEU A 23 12.64 -0.36 -8.47
CA LEU A 23 12.15 0.56 -7.43
C LEU A 23 12.45 0.01 -6.04
N LEU A 24 13.67 0.27 -5.61
CA LEU A 24 14.14 -0.09 -4.27
C LEU A 24 13.54 0.84 -3.21
N TYR A 25 12.87 0.20 -2.27
CA TYR A 25 12.23 0.85 -1.12
C TYR A 25 12.82 0.31 0.18
N ASN A 26 13.16 1.24 1.05
CA ASN A 26 13.66 0.87 2.38
C ASN A 26 12.44 0.61 3.27
N GLN A 27 12.38 -0.62 3.80
CA GLN A 27 11.34 -1.02 4.76
C GLN A 27 11.22 -0.04 5.93
N ASN A 28 12.36 0.40 6.46
CA ASN A 28 12.41 1.41 7.55
C ASN A 28 11.56 2.61 7.21
N LYS A 29 11.70 3.10 5.99
CA LYS A 29 10.90 4.23 5.47
C LYS A 29 9.40 3.92 5.33
N ALA A 30 9.10 2.66 5.08
CA ALA A 30 7.74 2.10 5.04
C ALA A 30 7.16 1.92 6.45
N GLU A 31 7.74 1.03 7.24
CA GLU A 31 7.39 0.80 8.66
C GLU A 31 7.36 2.10 9.47
N SER A 32 8.25 3.03 9.15
CA SER A 32 8.33 4.37 9.78
C SER A 32 7.16 5.26 9.35
N ASN A 33 6.93 5.38 8.05
CA ASN A 33 5.80 6.14 7.48
C ASN A 33 4.46 5.68 8.06
N SER A 34 4.23 4.38 7.98
CA SER A 34 3.06 3.71 8.58
C SER A 34 3.00 3.89 10.11
N HIS A 35 4.15 3.87 10.78
CA HIS A 35 4.27 4.15 12.23
C HIS A 35 4.02 5.62 12.60
N HIS A 36 3.91 6.46 11.58
CA HIS A 36 3.60 7.89 11.70
C HIS A 36 2.13 8.17 11.33
N ALA A 37 1.72 7.66 10.17
CA ALA A 37 0.33 7.72 9.70
C ALA A 37 -0.66 7.19 10.74
N PRO A 38 -1.83 7.84 10.89
CA PRO A 38 -2.86 7.42 11.84
C PRO A 38 -3.51 6.15 11.32
N LEU A 39 -4.10 5.46 12.27
CA LEU A 39 -4.77 4.17 12.01
C LEU A 39 -6.28 4.38 11.79
N SER A 40 -6.59 4.72 10.55
CA SER A 40 -7.97 5.08 10.16
C SER A 40 -8.15 5.08 8.64
N ASP A 41 -9.12 4.27 8.20
CA ASP A 41 -9.43 4.12 6.78
C ASP A 41 -10.15 5.38 6.28
N GLY A 42 -9.47 6.11 5.41
CA GLY A 42 -10.02 7.32 4.80
C GLY A 42 -10.56 8.28 5.85
N LYS A 43 -9.61 8.86 6.60
CA LYS A 43 -9.92 9.82 7.67
C LYS A 43 -8.81 10.88 7.83
N THR A 44 -8.14 11.12 6.73
CA THR A 44 -7.01 12.05 6.70
C THR A 44 -7.12 12.90 5.44
N GLY A 45 -6.25 13.91 5.36
CA GLY A 45 -6.23 14.85 4.24
C GLY A 45 -6.22 14.15 2.87
N SER A 46 -5.12 13.50 2.57
CA SER A 46 -5.01 12.72 1.32
C SER A 46 -5.88 11.45 1.32
N SER A 47 -6.56 11.20 2.45
CA SER A 47 -7.45 10.04 2.73
C SER A 47 -6.66 8.86 3.34
N TYR A 48 -5.39 8.80 2.93
CA TYR A 48 -4.39 7.82 3.39
C TYR A 48 -4.10 7.92 4.91
N PRO A 49 -3.85 6.77 5.55
CA PRO A 49 -3.84 5.42 4.95
C PRO A 49 -5.27 4.88 4.71
N HIS A 50 -5.48 4.56 3.46
CA HIS A 50 -6.79 4.03 3.06
C HIS A 50 -6.75 2.51 3.13
N TRP A 51 -7.92 1.95 3.39
CA TRP A 51 -8.08 0.49 3.39
C TRP A 51 -7.63 -0.10 2.06
N PHE A 52 -6.93 -1.20 2.25
CA PHE A 52 -6.41 -2.00 1.16
C PHE A 52 -7.26 -3.25 1.07
N THR A 53 -8.22 -3.14 0.17
CA THR A 53 -9.05 -4.27 -0.28
C THR A 53 -8.23 -5.54 -0.39
N ASN A 54 -7.00 -5.39 -0.93
CA ASN A 54 -6.05 -6.49 -1.15
C ASN A 54 -6.71 -7.64 -1.91
N GLY A 55 -7.72 -7.27 -2.69
CA GLY A 55 -8.58 -8.23 -3.39
C GLY A 55 -9.93 -8.35 -2.70
N TYR A 56 -9.98 -8.41 -1.37
CA TYR A 56 -11.24 -8.50 -0.59
C TYR A 56 -12.23 -7.38 -0.94
N ASP A 57 -13.51 -7.68 -0.76
CA ASP A 57 -14.60 -6.70 -0.96
C ASP A 57 -14.78 -5.75 0.22
N GLY A 58 -14.29 -6.19 1.36
CA GLY A 58 -14.43 -5.47 2.66
C GLY A 58 -15.14 -6.23 3.75
N ASP A 59 -14.96 -7.54 3.69
CA ASP A 59 -15.62 -8.46 4.63
C ASP A 59 -14.85 -9.78 4.76
N GLY A 60 -14.46 -10.33 3.60
CA GLY A 60 -13.78 -11.63 3.53
C GLY A 60 -13.85 -12.26 2.12
N LYS A 61 -14.93 -11.96 1.43
CA LYS A 61 -15.11 -12.42 0.03
C LYS A 61 -14.54 -11.41 -0.94
N LEU A 62 -14.00 -11.96 -2.03
CA LEU A 62 -13.38 -11.15 -3.09
C LEU A 62 -14.36 -10.99 -4.28
N PRO A 63 -14.25 -9.89 -5.06
CA PRO A 63 -15.14 -9.63 -6.20
C PRO A 63 -14.79 -10.59 -7.37
N LYS A 64 -15.27 -10.21 -8.55
CA LYS A 64 -15.07 -11.00 -9.77
C LYS A 64 -13.57 -11.01 -10.15
N GLY A 65 -12.97 -12.17 -9.95
CA GLY A 65 -11.54 -12.42 -10.20
C GLY A 65 -10.71 -12.19 -8.94
N ARG A 66 -10.92 -13.12 -8.01
CA ARG A 66 -10.23 -13.14 -6.70
C ARG A 66 -8.71 -13.27 -6.91
N THR A 67 -8.04 -12.19 -6.57
CA THR A 67 -6.57 -12.13 -6.70
C THR A 67 -5.88 -11.39 -5.52
N PRO A 68 -6.05 -11.90 -4.29
CA PRO A 68 -5.49 -11.23 -3.11
C PRO A 68 -3.98 -11.42 -3.07
N ILE A 69 -3.28 -10.31 -2.88
CA ILE A 69 -1.81 -10.34 -2.75
C ILE A 69 -1.45 -11.17 -1.51
N LYS A 70 -0.92 -12.35 -1.80
CA LYS A 70 -0.45 -13.29 -0.78
C LYS A 70 0.97 -12.89 -0.39
N PHE A 71 1.07 -12.48 0.87
CA PHE A 71 2.34 -12.08 1.48
C PHE A 71 3.13 -13.28 2.05
N GLY A 72 2.36 -14.26 2.53
CA GLY A 72 2.87 -15.49 3.17
C GLY A 72 2.63 -15.52 4.69
N LYS A 73 1.71 -14.68 5.13
CA LYS A 73 1.30 -14.60 6.54
C LYS A 73 -0.21 -14.61 6.59
N SER A 74 -0.73 -15.71 7.13
CA SER A 74 -2.20 -15.91 7.35
C SER A 74 -2.85 -14.71 8.07
N ASP A 75 -1.99 -13.94 8.74
CA ASP A 75 -2.31 -12.65 9.39
C ASP A 75 -2.69 -11.57 8.38
N CYS A 76 -1.76 -11.18 7.51
CA CYS A 76 -2.04 -10.22 6.42
C CYS A 76 -3.07 -10.79 5.42
N ASP A 77 -3.17 -12.12 5.40
CA ASP A 77 -4.16 -12.84 4.60
C ASP A 77 -5.53 -12.92 5.32
N ARG A 78 -5.59 -12.60 6.61
CA ARG A 78 -6.81 -12.68 7.43
C ARG A 78 -7.96 -11.87 6.78
N PRO A 79 -9.22 -12.13 7.17
CA PRO A 79 -10.35 -11.35 6.66
C PRO A 79 -10.33 -9.92 7.23
N PRO A 80 -10.12 -8.91 6.37
CA PRO A 80 -10.10 -7.50 6.77
C PRO A 80 -11.52 -7.02 7.09
N LYS A 81 -11.79 -6.96 8.38
CA LYS A 81 -13.12 -6.56 8.88
C LYS A 81 -13.24 -5.02 8.85
N HIS A 82 -13.27 -4.52 7.62
CA HIS A 82 -13.41 -3.08 7.34
C HIS A 82 -14.88 -2.67 7.48
N SER A 83 -15.10 -1.74 8.38
CA SER A 83 -16.45 -1.22 8.68
C SER A 83 -16.76 0.00 7.80
N LYS A 84 -17.55 0.97 8.24
CA LYS A 84 -17.86 2.18 7.45
C LYS A 84 -16.62 3.02 7.12
N ASP A 85 -16.01 3.52 8.18
CA ASP A 85 -14.75 4.30 8.13
C ASP A 85 -13.53 3.48 8.59
N GLY A 86 -13.71 2.15 8.53
CA GLY A 86 -12.71 1.16 9.01
C GLY A 86 -12.21 1.48 10.42
N ASN A 87 -13.16 1.79 11.30
CA ASN A 87 -12.91 2.17 12.71
C ASN A 87 -14.13 1.79 13.57
N GLY A 88 -14.13 0.50 13.93
CA GLY A 88 -15.19 -0.08 14.78
C GLY A 88 -14.79 -0.01 16.25
N LYS A 89 -14.98 -1.15 16.90
CA LYS A 89 -14.57 -1.34 18.30
C LYS A 89 -13.19 -2.02 18.37
N THR A 90 -12.91 -2.85 17.37
CA THR A 90 -11.71 -3.67 17.26
C THR A 90 -11.40 -4.03 15.79
N ASP A 91 -11.76 -3.12 14.89
CA ASP A 91 -11.47 -3.21 13.43
C ASP A 91 -10.03 -3.70 13.23
N HIS A 92 -9.86 -4.43 12.13
CA HIS A 92 -8.53 -4.99 11.78
C HIS A 92 -8.41 -5.17 10.25
N TYR A 93 -8.51 -4.06 9.57
CA TYR A 93 -8.41 -4.07 8.10
C TYR A 93 -6.95 -3.86 7.68
N LEU A 94 -6.59 -4.45 6.54
CA LEU A 94 -5.29 -4.20 5.91
C LEU A 94 -5.25 -2.82 5.25
N LEU A 95 -4.45 -1.94 5.83
CA LEU A 95 -4.27 -0.56 5.33
C LEU A 95 -3.17 -0.52 4.25
N GLU A 96 -3.25 0.54 3.45
CA GLU A 96 -2.32 0.82 2.35
C GLU A 96 -1.88 2.29 2.34
N PHE A 97 -0.66 2.49 2.83
CA PHE A 97 -0.07 3.83 2.83
C PHE A 97 0.88 4.00 1.64
N PRO A 98 0.88 5.18 0.98
CA PRO A 98 1.77 5.51 -0.14
C PRO A 98 3.21 5.74 0.34
N THR A 99 3.93 4.64 0.40
CA THR A 99 5.34 4.66 0.84
C THR A 99 6.26 5.04 -0.32
N PHE A 100 6.98 6.12 -0.09
CA PHE A 100 7.91 6.68 -1.10
C PHE A 100 9.34 6.14 -0.96
N PRO A 101 10.12 6.06 -2.06
CA PRO A 101 11.48 5.51 -2.04
C PRO A 101 12.50 6.47 -1.42
N ASP A 102 12.35 7.77 -1.76
CA ASP A 102 13.13 8.88 -1.18
C ASP A 102 13.21 8.78 0.35
N GLY A 103 12.14 8.25 0.91
CA GLY A 103 12.04 8.01 2.34
C GLY A 103 11.39 9.16 3.10
N HIS A 104 10.70 9.96 2.33
CA HIS A 104 9.93 11.08 2.87
C HIS A 104 8.53 10.59 3.27
N ASP A 105 7.98 11.35 4.18
CA ASP A 105 6.63 11.12 4.69
C ASP A 105 5.68 12.07 3.97
N TYR A 106 5.32 11.66 2.75
CA TYR A 106 4.34 12.38 1.93
C TYR A 106 3.22 12.95 2.82
N LYS A 107 2.89 14.19 2.53
CA LYS A 107 1.80 14.90 3.23
C LYS A 107 0.44 14.23 2.95
N PHE A 108 0.29 13.09 3.62
CA PHE A 108 -0.94 12.29 3.54
C PHE A 108 -2.14 12.94 4.27
N ASP A 109 -1.78 13.97 5.01
CA ASP A 109 -2.70 14.78 5.83
C ASP A 109 -3.14 16.03 5.05
N SER A 110 -2.51 16.27 3.90
CA SER A 110 -2.81 17.43 3.05
C SER A 110 -3.89 17.08 2.04
N LYS A 111 -5.11 17.44 2.42
CA LYS A 111 -6.31 17.18 1.59
C LYS A 111 -6.22 17.90 0.23
N LYS A 112 -6.25 19.21 0.33
CA LYS A 112 -6.12 20.10 -0.84
C LYS A 112 -5.07 21.19 -0.58
N PRO A 113 -4.04 21.24 -1.43
CA PRO A 113 -3.82 20.28 -2.54
C PRO A 113 -3.25 18.96 -2.04
N LYS A 114 -3.01 18.06 -2.98
CA LYS A 114 -2.56 16.69 -2.69
C LYS A 114 -1.89 16.13 -3.95
N GLU A 115 -0.57 15.98 -3.82
CA GLU A 115 0.23 15.38 -4.90
C GLU A 115 -0.18 13.91 -5.07
N ASN A 116 -0.10 13.46 -6.33
CA ASN A 116 -0.38 12.07 -6.71
C ASN A 116 0.45 11.09 -5.88
N PRO A 117 -0.15 9.95 -5.47
CA PRO A 117 0.55 8.94 -4.66
C PRO A 117 1.59 8.18 -5.49
N GLY A 118 2.46 7.52 -4.77
CA GLY A 118 3.55 6.69 -5.33
C GLY A 118 3.03 5.35 -5.92
N PRO A 119 3.87 4.64 -6.67
CA PRO A 119 3.51 3.32 -7.23
C PRO A 119 3.53 2.24 -6.14
N ALA A 120 4.65 2.14 -5.44
CA ALA A 120 4.79 1.23 -4.28
C ALA A 120 4.17 1.82 -3.02
N ARG A 121 3.52 0.90 -2.32
CA ARG A 121 2.79 1.19 -1.09
C ARG A 121 3.01 0.13 -0.03
N VAL A 122 3.08 0.59 1.21
CA VAL A 122 3.27 -0.28 2.39
C VAL A 122 1.92 -0.87 2.81
N ILE A 123 2.00 -2.14 3.22
CA ILE A 123 0.83 -2.89 3.68
C ILE A 123 1.10 -3.46 5.07
N TYR A 124 0.07 -3.34 5.87
CA TYR A 124 0.10 -3.68 7.30
C TYR A 124 -1.29 -3.69 7.90
N THR A 125 -1.47 -4.60 8.85
CA THR A 125 -2.75 -4.83 9.55
C THR A 125 -3.00 -3.66 10.54
N TYR A 126 -3.92 -3.83 11.48
CA TYR A 126 -4.27 -2.80 12.47
C TYR A 126 -5.11 -3.38 13.64
N PRO A 127 -4.90 -2.90 14.88
CA PRO A 127 -3.81 -1.97 15.29
C PRO A 127 -2.44 -2.62 15.40
N ASN A 128 -2.40 -3.90 15.09
CA ASN A 128 -1.17 -4.71 15.02
C ASN A 128 -0.10 -3.99 14.20
N LYS A 129 -0.48 -3.57 12.99
CA LYS A 129 0.43 -2.89 12.05
C LYS A 129 1.66 -3.73 11.73
N VAL A 130 1.44 -5.05 11.81
CA VAL A 130 2.46 -6.07 11.53
C VAL A 130 2.81 -5.97 10.04
N PHE A 131 3.77 -5.07 9.81
CA PHE A 131 4.34 -4.77 8.49
C PHE A 131 4.54 -6.09 7.74
N CYS A 132 3.70 -6.27 6.73
CA CYS A 132 3.78 -7.49 5.93
C CYS A 132 4.85 -7.35 4.86
N GLY A 133 4.61 -6.35 4.02
CA GLY A 133 5.51 -5.99 2.94
C GLY A 133 5.16 -4.68 2.24
N ILE A 134 5.53 -4.67 0.98
CA ILE A 134 5.27 -3.54 0.07
C ILE A 134 4.78 -4.08 -1.27
N ILE A 135 3.70 -3.50 -1.73
CA ILE A 135 3.14 -3.80 -3.06
C ILE A 135 3.19 -2.57 -3.97
N ALA A 136 3.48 -2.83 -5.22
CA ALA A 136 3.59 -1.79 -6.25
C ALA A 136 2.94 -2.24 -7.55
N HIS A 137 2.68 -1.27 -8.41
CA HIS A 137 2.08 -1.56 -9.70
C HIS A 137 3.19 -1.82 -10.74
N THR A 138 3.17 -3.02 -11.29
CA THR A 138 4.15 -3.48 -12.28
C THR A 138 3.88 -2.95 -13.70
N LYS A 139 3.58 -1.65 -13.74
CA LYS A 139 3.22 -0.87 -14.94
C LYS A 139 2.96 0.59 -14.55
N GLU A 140 4.05 1.34 -14.36
CA GLU A 140 4.02 2.77 -13.98
C GLU A 140 3.41 2.99 -12.59
N ASN A 141 2.09 3.05 -12.55
CA ASN A 141 1.29 3.21 -11.33
C ASN A 141 -0.14 2.63 -11.48
N GLN A 142 -0.19 1.52 -12.20
CA GLN A 142 -1.44 0.84 -12.56
C GLN A 142 -1.22 -0.66 -12.84
N GLY A 143 -2.31 -1.39 -12.67
CA GLY A 143 -2.33 -2.85 -12.82
C GLY A 143 -2.13 -3.52 -11.46
N GLU A 144 -2.59 -4.77 -11.40
CA GLU A 144 -2.49 -5.65 -10.21
C GLU A 144 -1.16 -5.48 -9.47
N LEU A 145 -1.29 -4.83 -8.32
CA LEU A 145 -0.13 -4.51 -7.46
C LEU A 145 0.60 -5.81 -7.14
N LYS A 146 1.87 -5.85 -7.52
CA LYS A 146 2.70 -7.01 -7.24
C LYS A 146 3.47 -6.78 -5.92
N LEU A 147 3.44 -7.83 -5.12
CA LEU A 147 4.18 -7.89 -3.86
C LEU A 147 5.68 -7.82 -4.14
N CYS A 148 6.22 -6.64 -3.89
CA CYS A 148 7.66 -6.38 -3.99
C CYS A 148 8.40 -7.45 -3.17
N SER A 149 9.68 -7.56 -3.46
CA SER A 149 10.51 -8.61 -2.85
C SER A 149 11.83 -8.00 -2.40
N HIS A 150 12.34 -8.59 -1.35
CA HIS A 150 13.63 -8.17 -0.78
C HIS A 150 14.72 -9.26 -0.80
N ALA A 1 16.71 -2.07 8.66
CA ALA A 1 15.57 -2.84 8.15
C ALA A 1 15.85 -3.51 6.80
N VAL A 2 14.83 -4.15 6.24
CA VAL A 2 14.95 -4.91 4.99
C VAL A 2 14.82 -3.95 3.76
N THR A 3 15.27 -4.42 2.61
CA THR A 3 15.26 -3.65 1.34
C THR A 3 14.23 -4.23 0.36
N TRP A 4 13.00 -3.74 0.46
CA TRP A 4 11.92 -4.18 -0.42
C TRP A 4 11.99 -3.46 -1.76
N THR A 5 12.35 -4.23 -2.77
CA THR A 5 12.58 -3.66 -4.11
C THR A 5 11.48 -4.14 -5.07
N CYS A 6 11.03 -3.21 -5.88
CA CYS A 6 9.98 -3.44 -6.88
C CYS A 6 10.43 -3.03 -8.28
N LEU A 7 9.97 -3.82 -9.25
CA LEU A 7 10.32 -3.62 -10.67
C LEU A 7 9.12 -3.07 -11.45
N ASN A 8 8.96 -1.76 -11.32
CA ASN A 8 7.88 -1.00 -11.96
C ASN A 8 8.29 -0.60 -13.38
N ASP A 9 7.28 -0.44 -14.24
CA ASP A 9 7.51 -0.01 -15.62
C ASP A 9 7.38 1.52 -15.75
N GLN A 10 8.16 2.14 -16.61
CA GLN A 10 8.17 3.60 -16.85
C GLN A 10 8.23 3.95 -18.35
N LYS A 11 7.12 4.53 -18.82
CA LYS A 11 6.97 4.93 -20.23
C LYS A 11 7.62 6.30 -20.41
N ASN A 12 8.90 6.22 -20.70
CA ASN A 12 9.71 7.43 -20.92
C ASN A 12 9.19 8.11 -22.19
N PRO A 13 8.83 9.40 -22.15
CA PRO A 13 8.35 10.13 -23.34
C PRO A 13 9.47 10.44 -24.37
N LYS A 14 10.71 10.53 -23.88
CA LYS A 14 11.91 10.75 -24.72
C LYS A 14 12.07 9.62 -25.74
N THR A 15 11.99 8.39 -25.22
CA THR A 15 12.14 7.17 -26.03
C THR A 15 10.80 6.54 -26.43
N ASN A 16 9.70 7.11 -25.92
CA ASN A 16 8.31 6.61 -26.06
C ASN A 16 8.18 5.10 -25.79
N LYS A 17 9.07 4.64 -24.93
CA LYS A 17 9.22 3.23 -24.60
C LYS A 17 9.17 3.00 -23.09
N TYR A 18 8.72 1.80 -22.77
CA TYR A 18 8.53 1.35 -21.40
C TYR A 18 9.73 0.54 -20.90
N GLU A 19 10.22 0.96 -19.74
CA GLU A 19 11.42 0.38 -19.11
C GLU A 19 11.10 -0.09 -17.70
N THR A 20 11.81 -1.11 -17.24
CA THR A 20 11.56 -1.71 -15.92
C THR A 20 12.65 -1.27 -14.94
N LYS A 21 12.30 -0.23 -14.21
CA LYS A 21 13.17 0.40 -13.21
C LYS A 21 13.11 -0.37 -11.89
N ARG A 22 14.13 -0.19 -11.07
CA ARG A 22 14.24 -0.87 -9.76
C ARG A 22 14.03 0.11 -8.60
N LEU A 23 12.80 0.09 -8.11
CA LEU A 23 12.38 0.92 -6.98
C LEU A 23 12.64 0.22 -5.65
N LEU A 24 13.78 0.57 -5.08
CA LEU A 24 14.20 0.09 -3.76
C LEU A 24 13.60 0.98 -2.65
N TYR A 25 12.94 0.26 -1.74
CA TYR A 25 12.31 0.83 -0.55
C TYR A 25 12.93 0.26 0.71
N ASN A 26 13.10 1.14 1.68
CA ASN A 26 13.63 0.74 2.98
C ASN A 26 12.44 0.40 3.88
N GLN A 27 12.46 -0.83 4.37
CA GLN A 27 11.44 -1.34 5.31
C GLN A 27 11.33 -0.47 6.58
N ASN A 28 12.41 0.28 6.85
CA ASN A 28 12.52 1.21 7.97
C ASN A 28 11.55 2.38 7.80
N LYS A 29 11.80 3.18 6.75
CA LYS A 29 10.89 4.26 6.35
C LYS A 29 9.47 3.77 6.05
N ALA A 30 9.30 2.50 5.71
CA ALA A 30 7.97 1.88 5.51
C ALA A 30 7.25 1.59 6.86
N GLU A 31 7.83 0.71 7.68
CA GLU A 31 7.33 0.43 9.04
C GLU A 31 7.26 1.70 9.90
N SER A 32 8.07 2.71 9.59
CA SER A 32 8.10 3.99 10.32
C SER A 32 7.07 4.98 9.77
N ASN A 33 6.92 5.03 8.44
CA ASN A 33 5.88 5.85 7.76
C ASN A 33 4.48 5.45 8.19
N SER A 34 4.22 4.14 8.19
CA SER A 34 2.94 3.60 8.68
C SER A 34 2.68 3.97 10.14
N HIS A 35 3.76 4.01 10.93
CA HIS A 35 3.74 4.39 12.35
C HIS A 35 3.64 5.91 12.59
N HIS A 36 3.93 6.68 11.55
CA HIS A 36 3.79 8.16 11.52
C HIS A 36 2.41 8.59 10.97
N ALA A 37 1.77 7.68 10.24
CA ALA A 37 0.42 7.83 9.68
C ALA A 37 -0.66 7.38 10.70
N PRO A 38 -1.81 8.07 10.77
CA PRO A 38 -2.90 7.72 11.69
C PRO A 38 -3.56 6.43 11.21
N LEU A 39 -4.02 5.66 12.18
CA LEU A 39 -4.67 4.38 11.91
C LEU A 39 -6.19 4.52 11.68
N SER A 40 -6.50 4.87 10.45
CA SER A 40 -7.88 5.16 10.04
C SER A 40 -8.03 5.16 8.52
N ASP A 41 -8.89 4.25 8.06
CA ASP A 41 -9.20 4.14 6.62
C ASP A 41 -9.92 5.42 6.17
N GLY A 42 -9.45 5.96 5.04
CA GLY A 42 -10.03 7.15 4.38
C GLY A 42 -10.57 8.18 5.37
N LYS A 43 -9.63 8.73 6.14
CA LYS A 43 -9.92 9.71 7.19
C LYS A 43 -8.83 10.78 7.31
N THR A 44 -8.16 11.01 6.20
CA THR A 44 -7.02 11.92 6.13
C THR A 44 -7.09 12.65 4.80
N GLY A 45 -6.18 13.61 4.66
CA GLY A 45 -6.12 14.48 3.47
C GLY A 45 -6.07 13.70 2.15
N SER A 46 -4.93 13.10 1.89
CA SER A 46 -4.75 12.25 0.70
C SER A 46 -5.62 10.97 0.69
N SER A 47 -6.35 10.77 1.80
CA SER A 47 -7.26 9.64 2.10
C SER A 47 -6.50 8.41 2.63
N TYR A 48 -5.29 8.70 3.10
CA TYR A 48 -4.31 7.69 3.54
C TYR A 48 -4.00 7.76 5.04
N PRO A 49 -3.80 6.59 5.69
CA PRO A 49 -3.80 5.26 5.06
C PRO A 49 -5.21 4.74 4.80
N HIS A 50 -5.37 4.38 3.55
CA HIS A 50 -6.67 3.83 3.09
C HIS A 50 -6.61 2.31 3.24
N TRP A 51 -7.71 1.78 3.74
CA TRP A 51 -7.90 0.33 3.83
C TRP A 51 -7.65 -0.29 2.47
N PHE A 52 -6.67 -1.17 2.52
CA PHE A 52 -6.28 -1.99 1.38
C PHE A 52 -7.22 -3.19 1.36
N THR A 53 -8.29 -2.96 0.63
CA THR A 53 -9.27 -4.03 0.31
C THR A 53 -8.57 -5.35 -0.01
N ASN A 54 -7.39 -5.27 -0.65
CA ASN A 54 -6.57 -6.41 -1.07
C ASN A 54 -7.39 -7.40 -1.93
N GLY A 55 -8.42 -6.84 -2.55
CA GLY A 55 -9.41 -7.60 -3.33
C GLY A 55 -10.77 -7.74 -2.63
N TYR A 56 -10.72 -7.92 -1.32
CA TYR A 56 -11.91 -8.05 -0.45
C TYR A 56 -12.91 -6.89 -0.66
N ASP A 57 -14.15 -7.16 -0.28
CA ASP A 57 -15.22 -6.15 -0.39
C ASP A 57 -15.47 -5.36 0.91
N GLY A 58 -14.99 -5.94 2.00
CA GLY A 58 -15.18 -5.41 3.38
C GLY A 58 -15.76 -6.43 4.34
N ASP A 59 -15.32 -7.68 4.18
CA ASP A 59 -15.81 -8.81 4.98
C ASP A 59 -14.78 -9.96 5.01
N GLY A 60 -14.27 -10.30 3.83
CA GLY A 60 -13.32 -11.44 3.65
C GLY A 60 -13.52 -12.22 2.35
N LYS A 61 -14.66 -11.95 1.72
CA LYS A 61 -15.01 -12.51 0.41
C LYS A 61 -14.97 -11.44 -0.68
N LEU A 62 -14.35 -11.86 -1.79
CA LEU A 62 -14.07 -11.02 -2.95
C LEU A 62 -15.10 -11.34 -4.05
N PRO A 63 -15.41 -10.39 -4.96
CA PRO A 63 -16.34 -10.63 -6.07
C PRO A 63 -15.75 -11.57 -7.13
N LYS A 64 -16.40 -11.63 -8.29
CA LYS A 64 -15.96 -12.47 -9.42
C LYS A 64 -14.93 -11.73 -10.27
N GLY A 65 -13.69 -12.16 -10.09
CA GLY A 65 -12.52 -11.61 -10.82
C GLY A 65 -11.66 -10.76 -9.89
N ARG A 66 -11.06 -11.44 -8.93
CA ARG A 66 -10.13 -10.82 -7.95
C ARG A 66 -8.87 -11.64 -7.73
N THR A 67 -7.85 -10.95 -7.26
CA THR A 67 -6.54 -11.57 -6.97
C THR A 67 -5.83 -10.93 -5.76
N PRO A 68 -6.11 -11.45 -4.56
CA PRO A 68 -5.50 -10.94 -3.32
C PRO A 68 -4.03 -11.33 -3.27
N ILE A 69 -3.19 -10.33 -3.04
CA ILE A 69 -1.74 -10.56 -2.88
C ILE A 69 -1.50 -11.50 -1.72
N LYS A 70 -0.73 -12.53 -2.04
CA LYS A 70 -0.32 -13.54 -1.05
C LYS A 70 1.07 -13.17 -0.51
N PHE A 71 1.04 -12.20 0.41
CA PHE A 71 2.24 -11.73 1.13
C PHE A 71 3.12 -12.86 1.66
N GLY A 72 2.42 -13.92 2.06
CA GLY A 72 3.02 -15.16 2.63
C GLY A 72 2.78 -15.27 4.14
N LYS A 73 1.76 -14.56 4.59
CA LYS A 73 1.32 -14.58 6.00
C LYS A 73 -0.10 -15.17 6.12
N SER A 74 -0.45 -15.45 7.37
CA SER A 74 -1.79 -15.97 7.75
C SER A 74 -2.73 -14.89 8.29
N ASP A 75 -2.12 -13.83 8.83
CA ASP A 75 -2.86 -12.65 9.37
C ASP A 75 -3.13 -11.61 8.27
N CYS A 76 -2.13 -11.30 7.46
CA CYS A 76 -2.33 -10.37 6.34
C CYS A 76 -3.26 -10.96 5.27
N ASP A 77 -3.22 -12.29 5.16
CA ASP A 77 -4.10 -13.08 4.29
C ASP A 77 -5.48 -13.33 4.92
N ARG A 78 -5.61 -13.14 6.24
CA ARG A 78 -6.87 -13.35 6.97
C ARG A 78 -8.01 -12.48 6.37
N PRO A 79 -9.27 -12.79 6.69
CA PRO A 79 -10.40 -11.94 6.31
C PRO A 79 -10.41 -10.61 7.07
N PRO A 80 -10.22 -9.49 6.37
CA PRO A 80 -10.20 -8.15 6.95
C PRO A 80 -11.64 -7.70 7.24
N LYS A 81 -11.80 -7.21 8.47
CA LYS A 81 -13.12 -6.80 8.94
C LYS A 81 -13.27 -5.27 8.88
N HIS A 82 -13.50 -4.80 7.66
CA HIS A 82 -13.66 -3.35 7.41
C HIS A 82 -15.06 -2.89 7.87
N SER A 83 -15.10 -1.63 8.29
CA SER A 83 -16.34 -1.02 8.82
C SER A 83 -16.77 0.19 7.96
N LYS A 84 -17.41 1.21 8.53
CA LYS A 84 -17.77 2.44 7.79
C LYS A 84 -16.56 3.29 7.40
N ASP A 85 -15.75 3.56 8.40
CA ASP A 85 -14.49 4.34 8.29
C ASP A 85 -13.24 3.49 8.59
N GLY A 86 -13.42 2.17 8.43
CA GLY A 86 -12.42 1.13 8.73
C GLY A 86 -11.66 1.39 10.02
N ASN A 87 -12.45 1.41 11.09
CA ASN A 87 -11.99 1.67 12.48
C ASN A 87 -12.86 0.90 13.46
N GLY A 88 -14.17 1.14 13.36
CA GLY A 88 -15.21 0.53 14.23
C GLY A 88 -14.78 0.61 15.69
N LYS A 89 -14.54 -0.58 16.23
CA LYS A 89 -13.97 -0.74 17.58
C LYS A 89 -12.46 -1.07 17.54
N THR A 90 -12.14 -2.14 16.82
CA THR A 90 -10.77 -2.64 16.67
C THR A 90 -10.60 -3.44 15.38
N ASP A 91 -10.85 -2.74 14.26
CA ASP A 91 -10.71 -3.33 12.92
C ASP A 91 -9.34 -4.03 12.80
N HIS A 92 -9.32 -5.21 12.21
CA HIS A 92 -8.07 -5.96 12.01
C HIS A 92 -7.77 -6.23 10.52
N TYR A 93 -8.22 -5.29 9.72
CA TYR A 93 -8.04 -5.26 8.26
C TYR A 93 -6.58 -5.05 7.82
N LEU A 94 -6.41 -4.81 6.53
CA LEU A 94 -5.12 -4.40 5.96
C LEU A 94 -5.23 -2.99 5.39
N LEU A 95 -4.28 -2.14 5.78
CA LEU A 95 -4.22 -0.75 5.29
C LEU A 95 -3.04 -0.63 4.32
N GLU A 96 -3.22 0.32 3.40
CA GLU A 96 -2.25 0.67 2.37
C GLU A 96 -1.90 2.16 2.42
N PHE A 97 -0.62 2.38 2.65
CA PHE A 97 -0.04 3.72 2.69
C PHE A 97 1.00 3.89 1.56
N PRO A 98 1.01 5.06 0.87
CA PRO A 98 2.02 5.39 -0.15
C PRO A 98 3.40 5.65 0.44
N THR A 99 4.15 4.56 0.53
CA THR A 99 5.51 4.60 1.09
C THR A 99 6.50 5.01 -0.01
N PHE A 100 7.14 6.13 0.24
CA PHE A 100 8.11 6.72 -0.70
C PHE A 100 9.54 6.19 -0.48
N PRO A 101 10.36 6.05 -1.54
CA PRO A 101 11.73 5.51 -1.44
C PRO A 101 12.71 6.49 -0.82
N ASP A 102 12.60 7.78 -1.24
CA ASP A 102 13.32 8.92 -0.64
C ASP A 102 13.31 8.90 0.89
N GLY A 103 12.20 8.37 1.41
CA GLY A 103 11.97 8.25 2.86
C GLY A 103 11.27 9.48 3.45
N HIS A 104 10.73 10.30 2.55
CA HIS A 104 9.91 11.44 2.93
C HIS A 104 8.48 10.96 3.14
N ASP A 105 8.01 11.25 4.34
CA ASP A 105 6.61 11.02 4.72
C ASP A 105 5.71 11.98 3.93
N TYR A 106 5.45 11.57 2.69
CA TYR A 106 4.53 12.30 1.78
C TYR A 106 3.37 12.90 2.57
N LYS A 107 2.98 14.09 2.14
CA LYS A 107 1.85 14.83 2.70
C LYS A 107 0.51 14.06 2.49
N PHE A 108 0.40 12.98 3.25
CA PHE A 108 -0.77 12.10 3.25
C PHE A 108 -2.00 12.73 3.94
N ASP A 109 -1.73 13.88 4.54
CA ASP A 109 -2.71 14.72 5.21
C ASP A 109 -3.17 15.89 4.32
N SER A 110 -2.51 16.10 3.19
CA SER A 110 -2.84 17.23 2.29
C SER A 110 -3.89 16.78 1.26
N LYS A 111 -5.14 17.05 1.64
CA LYS A 111 -6.30 16.71 0.78
C LYS A 111 -6.25 17.42 -0.57
N LYS A 112 -6.38 18.73 -0.49
CA LYS A 112 -6.28 19.60 -1.67
C LYS A 112 -5.33 20.77 -1.39
N PRO A 113 -4.29 20.89 -2.23
CA PRO A 113 -3.97 19.95 -3.32
C PRO A 113 -3.30 18.67 -2.76
N LYS A 114 -3.02 17.77 -3.70
CA LYS A 114 -2.46 16.45 -3.40
C LYS A 114 -1.73 15.94 -4.63
N GLU A 115 -0.42 15.84 -4.49
CA GLU A 115 0.45 15.27 -5.54
C GLU A 115 0.09 13.79 -5.73
N ASN A 116 0.26 13.33 -6.96
CA ASN A 116 0.07 11.92 -7.34
C ASN A 116 0.75 10.97 -6.34
N PRO A 117 0.06 9.89 -5.93
CA PRO A 117 0.60 8.94 -4.97
C PRO A 117 1.78 8.14 -5.55
N GLY A 118 2.46 7.44 -4.65
CA GLY A 118 3.62 6.58 -4.98
C GLY A 118 3.16 5.25 -5.60
N PRO A 119 4.04 4.57 -6.36
CA PRO A 119 3.74 3.25 -6.93
C PRO A 119 3.77 2.16 -5.85
N ALA A 120 4.90 2.03 -5.15
CA ALA A 120 5.00 1.10 -4.02
C ALA A 120 4.44 1.66 -2.72
N ARG A 121 3.68 0.77 -2.12
CA ARG A 121 2.93 1.07 -0.89
C ARG A 121 3.15 -0.01 0.18
N VAL A 122 3.29 0.49 1.40
CA VAL A 122 3.47 -0.35 2.59
C VAL A 122 2.12 -0.90 3.06
N ILE A 123 2.12 -2.21 3.24
CA ILE A 123 0.95 -2.94 3.73
C ILE A 123 1.23 -3.43 5.14
N TYR A 124 0.16 -3.34 5.92
CA TYR A 124 0.17 -3.63 7.35
C TYR A 124 -1.24 -3.64 7.93
N THR A 125 -1.39 -4.46 8.94
CA THR A 125 -2.67 -4.63 9.66
C THR A 125 -2.92 -3.46 10.62
N TYR A 126 -3.84 -3.64 11.57
CA TYR A 126 -4.22 -2.59 12.55
C TYR A 126 -5.03 -3.18 13.72
N PRO A 127 -4.82 -2.68 14.96
CA PRO A 127 -3.76 -1.71 15.34
C PRO A 127 -2.35 -2.30 15.45
N ASN A 128 -2.31 -3.62 15.32
CA ASN A 128 -1.07 -4.42 15.27
C ASN A 128 -0.02 -3.79 14.34
N LYS A 129 -0.47 -3.37 13.16
CA LYS A 129 0.39 -2.75 12.12
C LYS A 129 1.53 -3.70 11.72
N VAL A 130 1.23 -5.00 11.81
CA VAL A 130 2.15 -6.09 11.47
C VAL A 130 2.48 -5.97 9.98
N PHE A 131 3.61 -5.29 9.80
CA PHE A 131 4.20 -5.02 8.49
C PHE A 131 4.40 -6.36 7.78
N CYS A 132 3.57 -6.53 6.76
CA CYS A 132 3.64 -7.75 5.95
C CYS A 132 4.70 -7.60 4.86
N GLY A 133 4.44 -6.62 4.02
CA GLY A 133 5.32 -6.25 2.91
C GLY A 133 4.96 -4.94 2.23
N ILE A 134 5.58 -4.79 1.08
CA ILE A 134 5.35 -3.65 0.19
C ILE A 134 4.93 -4.17 -1.18
N ILE A 135 3.93 -3.50 -1.71
CA ILE A 135 3.38 -3.83 -3.03
C ILE A 135 3.40 -2.60 -3.94
N ALA A 136 3.75 -2.82 -5.19
CA ALA A 136 3.84 -1.76 -6.20
C ALA A 136 3.18 -2.16 -7.50
N HIS A 137 2.87 -1.16 -8.31
CA HIS A 137 2.25 -1.39 -9.63
C HIS A 137 3.35 -1.59 -10.66
N THR A 138 3.33 -2.76 -11.29
CA THR A 138 4.30 -3.17 -12.33
C THR A 138 3.99 -2.57 -13.70
N LYS A 139 3.64 -1.28 -13.66
CA LYS A 139 3.25 -0.43 -14.80
C LYS A 139 2.94 0.99 -14.32
N GLU A 140 4.01 1.79 -14.21
CA GLU A 140 3.96 3.21 -13.80
C GLU A 140 3.44 3.37 -12.35
N ASN A 141 2.11 3.44 -12.26
CA ASN A 141 1.35 3.51 -11.01
C ASN A 141 -0.07 2.95 -11.19
N GLN A 142 -0.20 1.98 -12.09
CA GLN A 142 -1.50 1.35 -12.39
C GLN A 142 -1.32 -0.15 -12.72
N GLY A 143 -2.44 -0.83 -12.71
CA GLY A 143 -2.53 -2.28 -12.93
C GLY A 143 -2.28 -3.04 -11.62
N GLU A 144 -2.33 -4.35 -11.72
CA GLU A 144 -2.14 -5.26 -10.57
C GLU A 144 -0.86 -4.94 -9.80
N LEU A 145 -1.01 -4.84 -8.50
CA LEU A 145 0.10 -4.55 -7.59
C LEU A 145 0.88 -5.84 -7.33
N LYS A 146 2.13 -5.82 -7.75
CA LYS A 146 3.05 -6.93 -7.47
C LYS A 146 3.78 -6.67 -6.16
N LEU A 147 3.63 -7.67 -5.30
CA LEU A 147 4.33 -7.74 -4.01
C LEU A 147 5.84 -7.71 -4.25
N CYS A 148 6.41 -6.57 -3.87
CA CYS A 148 7.86 -6.35 -3.90
C CYS A 148 8.57 -7.50 -3.17
N SER A 149 9.84 -7.63 -3.47
CA SER A 149 10.66 -8.72 -2.91
C SER A 149 12.05 -8.20 -2.55
N HIS A 150 12.40 -8.52 -1.31
CA HIS A 150 13.71 -8.18 -0.77
C HIS A 150 14.77 -9.29 -0.92
N ALA A 1 14.73 -3.48 9.69
CA ALA A 1 14.48 -2.87 8.37
C ALA A 1 14.93 -3.86 7.27
N VAL A 2 14.59 -3.53 6.03
CA VAL A 2 14.85 -4.38 4.86
C VAL A 2 14.77 -3.51 3.59
N THR A 3 15.34 -4.02 2.50
CA THR A 3 15.30 -3.38 1.18
C THR A 3 14.26 -4.03 0.27
N TRP A 4 13.03 -3.54 0.34
CA TRP A 4 11.95 -4.03 -0.51
C TRP A 4 12.01 -3.33 -1.88
N THR A 5 12.34 -4.12 -2.88
CA THR A 5 12.52 -3.63 -4.25
C THR A 5 11.38 -4.15 -5.13
N CYS A 6 10.92 -3.27 -6.01
CA CYS A 6 9.83 -3.54 -6.95
C CYS A 6 10.23 -3.15 -8.36
N LEU A 7 9.62 -3.84 -9.32
CA LEU A 7 9.92 -3.62 -10.75
C LEU A 7 8.68 -3.04 -11.46
N ASN A 8 8.60 -1.71 -11.40
CA ASN A 8 7.49 -0.97 -11.97
C ASN A 8 7.86 -0.55 -13.40
N ASP A 9 6.83 -0.43 -14.22
CA ASP A 9 7.01 0.00 -15.60
C ASP A 9 6.76 1.51 -15.71
N GLN A 10 7.50 2.14 -16.62
CA GLN A 10 7.40 3.58 -16.89
C GLN A 10 7.62 3.90 -18.37
N LYS A 11 6.57 4.45 -18.97
CA LYS A 11 6.58 4.86 -20.39
C LYS A 11 7.39 6.15 -20.51
N ASN A 12 8.70 5.98 -20.35
CA ASN A 12 9.67 7.08 -20.44
C ASN A 12 9.35 7.94 -21.68
N PRO A 13 9.18 9.25 -21.53
CA PRO A 13 8.84 10.15 -22.64
C PRO A 13 10.00 10.35 -23.60
N LYS A 14 11.22 10.25 -23.07
CA LYS A 14 12.48 10.38 -23.86
C LYS A 14 12.56 9.25 -24.90
N THR A 15 12.34 8.04 -24.41
CA THR A 15 12.41 6.84 -25.27
C THR A 15 11.03 6.44 -25.79
N ASN A 16 9.98 7.16 -25.33
CA ASN A 16 8.55 6.88 -25.61
C ASN A 16 8.20 5.39 -25.45
N LYS A 17 8.92 4.76 -24.54
CA LYS A 17 8.82 3.30 -24.33
C LYS A 17 8.73 2.99 -22.84
N TYR A 18 8.21 1.79 -22.59
CA TYR A 18 8.00 1.27 -21.23
C TYR A 18 9.20 0.50 -20.72
N GLU A 19 9.77 1.00 -19.63
CA GLU A 19 10.97 0.39 -19.02
C GLU A 19 10.64 -0.10 -17.62
N THR A 20 11.29 -1.20 -17.25
CA THR A 20 11.03 -1.84 -15.95
C THR A 20 12.17 -1.53 -14.99
N LYS A 21 12.03 -0.36 -14.38
CA LYS A 21 13.01 0.16 -13.41
C LYS A 21 12.87 -0.61 -12.09
N ARG A 22 13.92 -0.50 -11.27
CA ARG A 22 13.98 -1.15 -9.95
C ARG A 22 13.78 -0.16 -8.82
N LEU A 23 12.56 -0.09 -8.35
CA LEU A 23 12.17 0.78 -7.22
C LEU A 23 12.52 0.11 -5.88
N LEU A 24 13.70 0.47 -5.40
CA LEU A 24 14.18 0.01 -4.10
C LEU A 24 13.64 0.94 -2.99
N TYR A 25 13.00 0.28 -2.04
CA TYR A 25 12.43 0.91 -0.84
C TYR A 25 13.11 0.39 0.43
N ASN A 26 12.88 1.12 1.50
CA ASN A 26 13.39 0.73 2.81
C ASN A 26 12.19 0.39 3.71
N GLN A 27 12.25 -0.81 4.25
CA GLN A 27 11.22 -1.32 5.16
C GLN A 27 11.08 -0.41 6.39
N ASN A 28 12.21 0.04 6.92
CA ASN A 28 12.24 0.99 8.05
C ASN A 28 11.38 2.22 7.75
N LYS A 29 11.59 2.75 6.55
CA LYS A 29 10.79 3.87 6.02
C LYS A 29 9.33 3.53 5.81
N ALA A 30 9.04 2.25 5.67
CA ALA A 30 7.67 1.74 5.57
C ALA A 30 7.02 1.55 6.95
N GLU A 31 7.57 0.65 7.77
CA GLU A 31 7.14 0.44 9.17
C GLU A 31 7.08 1.76 9.95
N SER A 32 7.92 2.71 9.60
CA SER A 32 7.95 4.04 10.22
C SER A 32 6.92 4.98 9.59
N ASN A 33 6.90 5.07 8.25
CA ASN A 33 5.87 5.87 7.53
C ASN A 33 4.45 5.49 7.93
N SER A 34 4.27 4.19 8.15
CA SER A 34 3.01 3.63 8.62
C SER A 34 2.73 3.97 10.10
N HIS A 35 3.79 4.03 10.89
CA HIS A 35 3.75 4.43 12.31
C HIS A 35 3.72 5.96 12.50
N HIS A 36 3.70 6.68 11.37
CA HIS A 36 3.58 8.14 11.34
C HIS A 36 2.23 8.59 10.75
N ALA A 37 1.58 7.64 10.05
CA ALA A 37 0.25 7.84 9.48
C ALA A 37 -0.86 7.37 10.45
N PRO A 38 -2.03 8.02 10.41
CA PRO A 38 -3.17 7.68 11.27
C PRO A 38 -3.82 6.41 10.75
N LEU A 39 -4.01 5.49 11.67
CA LEU A 39 -4.62 4.19 11.38
C LEU A 39 -6.13 4.34 11.16
N SER A 40 -6.47 4.68 9.93
CA SER A 40 -7.87 4.90 9.51
C SER A 40 -7.94 4.82 7.99
N ASP A 41 -9.10 4.39 7.51
CA ASP A 41 -9.40 4.34 6.06
C ASP A 41 -10.06 5.66 5.66
N GLY A 42 -9.55 6.23 4.57
CA GLY A 42 -10.10 7.46 3.96
C GLY A 42 -10.64 8.45 5.00
N LYS A 43 -9.69 9.00 5.75
CA LYS A 43 -10.02 9.95 6.83
C LYS A 43 -8.91 10.97 7.04
N THR A 44 -8.23 11.25 5.94
CA THR A 44 -7.09 12.17 5.96
C THR A 44 -7.13 13.00 4.68
N GLY A 45 -6.17 13.91 4.60
CA GLY A 45 -6.08 14.84 3.49
C GLY A 45 -5.98 14.14 2.13
N SER A 46 -4.85 13.51 1.91
CA SER A 46 -4.63 12.71 0.70
C SER A 46 -5.56 11.51 0.60
N SER A 47 -6.30 11.25 1.69
CA SER A 47 -7.26 10.12 1.89
C SER A 47 -6.54 8.86 2.38
N TYR A 48 -5.23 9.02 2.60
CA TYR A 48 -4.31 7.99 3.06
C TYR A 48 -4.11 8.04 4.58
N PRO A 49 -3.90 6.88 5.20
CA PRO A 49 -3.83 5.58 4.53
C PRO A 49 -5.21 5.01 4.20
N HIS A 50 -5.31 4.59 2.95
CA HIS A 50 -6.60 4.06 2.47
C HIS A 50 -6.59 2.55 2.66
N TRP A 51 -7.73 2.06 3.13
CA TRP A 51 -7.94 0.61 3.28
C TRP A 51 -7.63 -0.09 1.95
N PHE A 52 -6.85 -1.14 2.09
CA PHE A 52 -6.44 -1.95 0.96
C PHE A 52 -7.30 -3.21 0.97
N THR A 53 -8.35 -3.11 0.18
CA THR A 53 -9.28 -4.23 -0.09
C THR A 53 -8.53 -5.54 -0.29
N ASN A 54 -7.36 -5.43 -0.92
CA ASN A 54 -6.45 -6.54 -1.22
C ASN A 54 -7.18 -7.60 -2.08
N GLY A 55 -8.24 -7.11 -2.71
CA GLY A 55 -9.17 -7.93 -3.51
C GLY A 55 -10.47 -8.18 -2.75
N TYR A 56 -10.42 -8.30 -1.42
CA TYR A 56 -11.61 -8.49 -0.55
C TYR A 56 -12.67 -7.41 -0.82
N ASP A 57 -13.88 -7.71 -0.38
CA ASP A 57 -14.99 -6.74 -0.45
C ASP A 57 -14.96 -5.76 0.72
N GLY A 58 -14.25 -6.17 1.77
CA GLY A 58 -14.13 -5.45 3.05
C GLY A 58 -15.24 -5.76 4.04
N ASP A 59 -15.65 -7.00 3.94
CA ASP A 59 -16.66 -7.57 4.84
C ASP A 59 -16.51 -9.09 4.92
N GLY A 60 -16.36 -9.72 3.75
CA GLY A 60 -16.21 -11.17 3.64
C GLY A 60 -14.93 -11.55 2.89
N LYS A 61 -15.18 -12.13 1.72
CA LYS A 61 -14.11 -12.53 0.81
C LYS A 61 -14.07 -11.59 -0.39
N LEU A 62 -13.32 -12.01 -1.40
CA LEU A 62 -13.11 -11.22 -2.62
C LEU A 62 -14.23 -11.53 -3.63
N PRO A 63 -14.58 -10.58 -4.50
CA PRO A 63 -15.64 -10.76 -5.51
C PRO A 63 -15.17 -11.74 -6.59
N LYS A 64 -15.89 -11.73 -7.71
CA LYS A 64 -15.56 -12.57 -8.88
C LYS A 64 -14.13 -12.26 -9.39
N GLY A 65 -13.27 -13.22 -9.13
CA GLY A 65 -11.84 -13.15 -9.51
C GLY A 65 -11.01 -12.62 -8.35
N ARG A 66 -10.90 -13.47 -7.35
CA ARG A 66 -10.13 -13.21 -6.13
C ARG A 66 -8.64 -13.25 -6.45
N THR A 67 -7.99 -12.11 -6.21
CA THR A 67 -6.55 -11.99 -6.44
C THR A 67 -5.80 -11.30 -5.26
N PRO A 68 -5.88 -11.89 -4.06
CA PRO A 68 -5.28 -11.29 -2.87
C PRO A 68 -3.75 -11.48 -2.93
N ILE A 69 -3.06 -10.36 -2.73
CA ILE A 69 -1.59 -10.37 -2.71
C ILE A 69 -1.13 -11.28 -1.56
N LYS A 70 -0.44 -12.34 -1.97
CA LYS A 70 0.13 -13.31 -1.03
C LYS A 70 1.49 -12.81 -0.51
N PHE A 71 1.40 -12.17 0.63
CA PHE A 71 2.60 -11.60 1.31
C PHE A 71 3.51 -12.70 1.88
N GLY A 72 2.85 -13.79 2.27
CA GLY A 72 3.47 -14.97 2.87
C GLY A 72 3.09 -15.13 4.34
N LYS A 73 2.01 -14.46 4.73
CA LYS A 73 1.47 -14.55 6.10
C LYS A 73 0.00 -14.91 6.03
N SER A 74 -0.39 -15.78 6.96
CA SER A 74 -1.79 -16.25 7.08
C SER A 74 -2.67 -15.21 7.78
N ASP A 75 -2.02 -14.18 8.32
CA ASP A 75 -2.67 -13.05 9.01
C ASP A 75 -2.97 -11.93 8.02
N CYS A 76 -1.98 -11.53 7.23
CA CYS A 76 -2.20 -10.49 6.21
C CYS A 76 -3.13 -11.02 5.11
N ASP A 77 -3.08 -12.33 4.90
CA ASP A 77 -3.99 -13.04 3.97
C ASP A 77 -5.36 -13.30 4.60
N ARG A 78 -5.48 -13.05 5.91
CA ARG A 78 -6.75 -13.25 6.64
C ARG A 78 -7.87 -12.38 6.04
N PRO A 79 -9.13 -12.68 6.39
CA PRO A 79 -10.26 -11.85 5.97
C PRO A 79 -10.33 -10.54 6.80
N PRO A 80 -10.10 -9.40 6.13
CA PRO A 80 -10.14 -8.08 6.76
C PRO A 80 -11.60 -7.68 7.05
N LYS A 81 -11.78 -7.05 8.19
CA LYS A 81 -13.12 -6.62 8.62
C LYS A 81 -13.23 -5.10 8.67
N HIS A 82 -13.22 -4.53 7.47
CA HIS A 82 -13.31 -3.07 7.29
C HIS A 82 -14.75 -2.60 7.51
N SER A 83 -14.88 -1.57 8.35
CA SER A 83 -16.20 -0.99 8.69
C SER A 83 -16.53 0.20 7.77
N LYS A 84 -17.28 1.19 8.24
CA LYS A 84 -17.56 2.43 7.50
C LYS A 84 -16.29 3.26 7.23
N ASP A 85 -15.80 3.90 8.29
CA ASP A 85 -14.55 4.69 8.23
C ASP A 85 -13.31 3.77 8.15
N GLY A 86 -13.57 2.47 8.37
CA GLY A 86 -12.55 1.42 8.42
C GLY A 86 -11.57 1.62 9.57
N ASN A 87 -12.16 1.43 10.74
CA ASN A 87 -11.46 1.58 12.03
C ASN A 87 -12.10 0.68 13.09
N GLY A 88 -13.44 0.75 13.13
CA GLY A 88 -14.29 0.08 14.13
C GLY A 88 -13.73 0.31 15.54
N LYS A 89 -13.74 -0.78 16.28
CA LYS A 89 -13.18 -0.82 17.65
C LYS A 89 -11.78 -1.44 17.68
N THR A 90 -11.60 -2.45 16.83
CA THR A 90 -10.36 -3.23 16.70
C THR A 90 -10.26 -3.88 15.31
N ASP A 91 -10.88 -3.25 14.32
CA ASP A 91 -10.83 -3.73 12.92
C ASP A 91 -9.41 -4.21 12.59
N HIS A 92 -9.34 -5.38 11.99
CA HIS A 92 -8.06 -5.96 11.59
C HIS A 92 -7.90 -5.95 10.05
N TYR A 93 -8.34 -4.85 9.46
CA TYR A 93 -8.29 -4.62 8.01
C TYR A 93 -6.84 -4.43 7.56
N LEU A 94 -6.63 -4.73 6.29
CA LEU A 94 -5.32 -4.49 5.70
C LEU A 94 -5.29 -3.15 4.97
N LEU A 95 -4.62 -2.19 5.58
CA LEU A 95 -4.49 -0.88 4.95
C LEU A 95 -3.14 -0.79 4.22
N GLU A 96 -3.14 0.09 3.22
CA GLU A 96 -1.91 0.42 2.49
C GLU A 96 -1.66 1.93 2.43
N PHE A 97 -0.43 2.25 2.79
CA PHE A 97 0.02 3.65 2.77
C PHE A 97 0.99 3.88 1.59
N PRO A 98 0.92 5.04 0.93
CA PRO A 98 1.83 5.42 -0.16
C PRO A 98 3.23 5.76 0.37
N THR A 99 4.00 4.70 0.58
CA THR A 99 5.38 4.82 1.08
C THR A 99 6.32 5.29 -0.02
N PHE A 100 7.24 6.16 0.38
CA PHE A 100 8.21 6.78 -0.54
C PHE A 100 9.63 6.20 -0.34
N PRO A 101 10.46 6.19 -1.40
CA PRO A 101 11.84 5.66 -1.32
C PRO A 101 12.78 6.62 -0.61
N ASP A 102 12.65 7.91 -0.92
CA ASP A 102 13.40 9.01 -0.27
C ASP A 102 13.41 8.85 1.25
N GLY A 103 12.29 8.32 1.72
CA GLY A 103 12.10 8.00 3.14
C GLY A 103 11.42 9.14 3.88
N HIS A 104 10.80 9.99 3.08
CA HIS A 104 10.03 11.10 3.60
C HIS A 104 8.60 10.63 3.87
N ASP A 105 7.97 11.43 4.69
CA ASP A 105 6.57 11.21 5.09
C ASP A 105 5.68 12.13 4.27
N TYR A 106 5.43 11.70 3.04
CA TYR A 106 4.51 12.42 2.12
C TYR A 106 3.38 13.06 2.91
N LYS A 107 3.06 14.28 2.52
CA LYS A 107 1.93 15.03 3.08
C LYS A 107 0.59 14.33 2.72
N PHE A 108 0.42 13.18 3.34
CA PHE A 108 -0.78 12.35 3.20
C PHE A 108 -2.01 13.02 3.86
N ASP A 109 -1.70 14.03 4.64
CA ASP A 109 -2.70 14.84 5.35
C ASP A 109 -3.09 16.08 4.55
N SER A 110 -2.40 16.32 3.43
CA SER A 110 -2.66 17.49 2.57
C SER A 110 -3.68 17.12 1.49
N LYS A 111 -4.93 17.43 1.80
CA LYS A 111 -6.05 17.17 0.88
C LYS A 111 -5.88 17.86 -0.45
N LYS A 112 -6.00 19.17 -0.37
CA LYS A 112 -5.80 20.03 -1.54
C LYS A 112 -4.83 21.21 -1.21
N PRO A 113 -3.76 21.30 -2.01
CA PRO A 113 -3.45 20.37 -3.13
C PRO A 113 -2.89 19.05 -2.57
N LYS A 114 -2.52 18.18 -3.49
CA LYS A 114 -2.02 16.84 -3.16
C LYS A 114 -1.27 16.30 -4.38
N GLU A 115 0.03 16.17 -4.18
CA GLU A 115 0.91 15.60 -5.22
C GLU A 115 0.52 14.12 -5.43
N ASN A 116 0.59 13.72 -6.70
CA ASN A 116 0.32 12.33 -7.12
C ASN A 116 1.01 11.32 -6.17
N PRO A 117 0.30 10.25 -5.82
CA PRO A 117 0.86 9.25 -4.90
C PRO A 117 1.97 8.45 -5.59
N GLY A 118 2.56 7.55 -4.80
CA GLY A 118 3.65 6.66 -5.24
C GLY A 118 3.13 5.29 -5.67
N PRO A 119 3.93 4.53 -6.42
CA PRO A 119 3.55 3.17 -6.87
C PRO A 119 3.65 2.18 -5.71
N ALA A 120 4.83 2.08 -5.11
CA ALA A 120 5.01 1.23 -3.92
C ALA A 120 4.21 1.71 -2.73
N ARG A 121 3.71 0.72 -2.03
CA ARG A 121 2.77 0.91 -0.93
C ARG A 121 3.07 -0.10 0.18
N VAL A 122 3.15 0.45 1.37
CA VAL A 122 3.39 -0.35 2.58
C VAL A 122 2.08 -0.99 3.03
N ILE A 123 2.14 -2.29 3.22
CA ILE A 123 0.97 -3.05 3.67
C ILE A 123 1.25 -3.60 5.08
N TYR A 124 0.19 -3.61 5.86
CA TYR A 124 0.23 -3.95 7.28
C TYR A 124 -1.16 -3.88 7.90
N THR A 125 -1.39 -4.86 8.76
CA THR A 125 -2.68 -5.00 9.47
C THR A 125 -2.87 -3.79 10.40
N TYR A 126 -3.80 -3.90 11.34
CA TYR A 126 -4.13 -2.81 12.28
C TYR A 126 -5.00 -3.31 13.45
N PRO A 127 -4.81 -2.76 14.65
CA PRO A 127 -3.73 -1.81 15.00
C PRO A 127 -2.36 -2.43 15.14
N ASN A 128 -2.37 -3.75 14.99
CA ASN A 128 -1.17 -4.58 14.99
C ASN A 128 -0.06 -3.97 14.15
N LYS A 129 -0.42 -3.65 12.90
CA LYS A 129 0.52 -3.05 11.93
C LYS A 129 1.68 -3.99 11.66
N VAL A 130 1.38 -5.29 11.73
CA VAL A 130 2.35 -6.38 11.49
C VAL A 130 2.75 -6.32 10.01
N PHE A 131 3.70 -5.44 9.76
CA PHE A 131 4.29 -5.18 8.44
C PHE A 131 4.47 -6.53 7.71
N CYS A 132 3.68 -6.66 6.66
CA CYS A 132 3.76 -7.89 5.86
C CYS A 132 4.77 -7.73 4.73
N GLY A 133 4.69 -6.56 4.13
CA GLY A 133 5.53 -6.20 3.01
C GLY A 133 5.20 -4.86 2.38
N ILE A 134 5.63 -4.80 1.13
CA ILE A 134 5.34 -3.64 0.29
C ILE A 134 4.86 -4.14 -1.07
N ILE A 135 3.83 -3.49 -1.57
CA ILE A 135 3.29 -3.82 -2.89
C ILE A 135 3.35 -2.60 -3.79
N ALA A 136 3.73 -2.83 -5.03
CA ALA A 136 3.81 -1.75 -6.02
C ALA A 136 3.17 -2.17 -7.32
N HIS A 137 2.79 -1.17 -8.09
CA HIS A 137 2.16 -1.40 -9.39
C HIS A 137 3.22 -1.63 -10.45
N THR A 138 3.09 -2.74 -11.14
CA THR A 138 3.99 -3.14 -12.24
C THR A 138 3.63 -2.46 -13.56
N LYS A 139 2.75 -1.46 -13.47
CA LYS A 139 2.34 -0.66 -14.63
C LYS A 139 2.00 0.78 -14.17
N GLU A 140 3.06 1.58 -14.07
CA GLU A 140 3.00 2.97 -13.59
C GLU A 140 2.52 3.07 -12.14
N ASN A 141 1.21 3.28 -11.98
CA ASN A 141 0.55 3.38 -10.67
C ASN A 141 -0.85 2.77 -10.74
N GLN A 142 -1.58 3.02 -11.81
CA GLN A 142 -2.93 2.47 -11.98
C GLN A 142 -2.90 1.18 -12.81
N GLY A 143 -2.21 0.19 -12.25
CA GLY A 143 -2.03 -1.10 -12.92
C GLY A 143 -2.19 -2.28 -11.94
N GLU A 144 -1.48 -3.35 -12.27
CA GLU A 144 -1.42 -4.54 -11.40
C GLU A 144 -0.36 -4.37 -10.30
N LEU A 145 -0.76 -4.69 -9.08
CA LEU A 145 0.16 -4.66 -7.93
C LEU A 145 0.85 -6.01 -7.76
N LYS A 146 2.12 -5.93 -7.40
CA LYS A 146 2.94 -7.13 -7.16
C LYS A 146 3.76 -6.88 -5.89
N LEU A 147 3.52 -7.75 -4.93
CA LEU A 147 4.26 -7.77 -3.66
C LEU A 147 5.76 -7.72 -3.98
N CYS A 148 6.34 -6.56 -3.66
CA CYS A 148 7.78 -6.32 -3.81
C CYS A 148 8.56 -7.43 -3.11
N SER A 149 9.87 -7.36 -3.24
CA SER A 149 10.72 -8.40 -2.69
C SER A 149 12.01 -7.79 -2.16
N HIS A 150 12.62 -8.53 -1.27
CA HIS A 150 13.88 -8.08 -0.65
C HIS A 150 15.04 -9.11 -0.74
N ALA A 1 14.58 -1.77 8.27
CA ALA A 1 15.47 -2.23 7.19
C ALA A 1 14.63 -2.86 6.04
N VAL A 2 15.17 -3.87 5.36
CA VAL A 2 14.46 -4.73 4.40
C VAL A 2 14.21 -3.93 3.10
N THR A 3 15.09 -4.16 2.13
CA THR A 3 15.07 -3.48 0.80
C THR A 3 14.01 -4.10 -0.14
N TRP A 4 12.81 -3.55 -0.06
CA TRP A 4 11.68 -4.02 -0.90
C TRP A 4 11.76 -3.37 -2.27
N THR A 5 12.23 -4.17 -3.20
CA THR A 5 12.49 -3.69 -4.57
C THR A 5 11.37 -4.20 -5.48
N CYS A 6 10.76 -3.25 -6.16
CA CYS A 6 9.65 -3.52 -7.11
C CYS A 6 10.06 -3.14 -8.54
N LEU A 7 9.68 -4.01 -9.46
CA LEU A 7 9.99 -3.82 -10.90
C LEU A 7 8.79 -3.25 -11.65
N ASN A 8 8.70 -1.92 -11.58
CA ASN A 8 7.61 -1.15 -12.19
C ASN A 8 8.03 -0.72 -13.60
N ASP A 9 7.01 -0.52 -14.42
CA ASP A 9 7.24 -0.07 -15.80
C ASP A 9 7.04 1.45 -15.89
N GLN A 10 7.93 2.12 -16.61
CA GLN A 10 7.91 3.58 -16.82
C GLN A 10 8.13 3.95 -18.28
N LYS A 11 7.22 4.74 -18.81
CA LYS A 11 7.30 5.25 -20.19
C LYS A 11 8.30 6.42 -20.22
N ASN A 12 9.57 6.03 -20.17
CA ASN A 12 10.72 6.96 -20.20
C ASN A 12 10.48 8.00 -21.31
N PRO A 13 10.46 9.30 -20.99
CA PRO A 13 10.20 10.36 -21.96
C PRO A 13 11.36 10.54 -22.96
N LYS A 14 12.57 10.22 -22.52
CA LYS A 14 13.78 10.27 -23.37
C LYS A 14 13.68 9.27 -24.52
N THR A 15 13.37 8.03 -24.17
CA THR A 15 13.25 6.94 -25.14
C THR A 15 11.82 6.73 -25.64
N ASN A 16 10.87 7.54 -25.13
CA ASN A 16 9.41 7.46 -25.37
C ASN A 16 8.85 6.03 -25.29
N LYS A 17 9.50 5.23 -24.45
CA LYS A 17 9.25 3.79 -24.38
C LYS A 17 9.17 3.31 -22.93
N TYR A 18 8.50 2.17 -22.79
CA TYR A 18 8.28 1.52 -21.49
C TYR A 18 9.49 0.69 -21.03
N GLU A 19 9.93 0.99 -19.83
CA GLU A 19 11.11 0.33 -19.23
C GLU A 19 10.77 -0.16 -17.83
N THR A 20 11.33 -1.31 -17.49
CA THR A 20 11.08 -1.95 -16.17
C THR A 20 12.26 -1.68 -15.24
N LYS A 21 12.22 -0.48 -14.68
CA LYS A 21 13.22 -0.01 -13.70
C LYS A 21 13.05 -0.75 -12.36
N ARG A 22 14.04 -0.58 -11.50
CA ARG A 22 14.02 -1.19 -10.15
C ARG A 22 13.74 -0.14 -9.08
N LEU A 23 12.49 -0.16 -8.64
CA LEU A 23 12.01 0.71 -7.56
C LEU A 23 12.33 0.10 -6.19
N LEU A 24 13.53 0.45 -5.73
CA LEU A 24 14.02 0.07 -4.39
C LEU A 24 13.37 0.93 -3.31
N TYR A 25 12.85 0.23 -2.31
CA TYR A 25 12.18 0.84 -1.15
C TYR A 25 12.64 0.20 0.15
N ASN A 26 13.44 0.94 0.91
CA ASN A 26 13.88 0.43 2.21
C ASN A 26 12.72 0.56 3.20
N GLN A 27 12.03 -0.56 3.44
CA GLN A 27 10.94 -0.63 4.42
C GLN A 27 11.28 0.12 5.73
N ASN A 28 12.55 0.19 6.11
CA ASN A 28 13.00 1.04 7.23
C ASN A 28 12.27 2.38 7.32
N LYS A 29 11.96 2.92 6.14
CA LYS A 29 11.16 4.14 6.02
C LYS A 29 9.66 3.90 5.94
N ALA A 30 9.24 2.86 5.22
CA ALA A 30 7.83 2.41 5.17
C ALA A 30 7.24 2.02 6.54
N GLU A 31 8.05 1.31 7.32
CA GLU A 31 7.74 0.93 8.72
C GLU A 31 7.53 2.17 9.59
N SER A 32 8.29 3.23 9.33
CA SER A 32 8.22 4.48 10.09
C SER A 32 7.12 5.43 9.56
N ASN A 33 6.98 5.44 8.23
CA ASN A 33 5.91 6.16 7.49
C ASN A 33 4.52 5.75 8.00
N SER A 34 4.37 4.44 8.15
CA SER A 34 3.15 3.83 8.72
C SER A 34 2.98 4.07 10.22
N HIS A 35 4.11 4.06 10.95
CA HIS A 35 4.14 4.38 12.38
C HIS A 35 3.72 5.84 12.67
N HIS A 36 3.85 6.69 11.66
CA HIS A 36 3.43 8.10 11.71
C HIS A 36 1.96 8.26 11.27
N ALA A 37 1.67 7.81 10.05
CA ALA A 37 0.31 7.80 9.48
C ALA A 37 -0.73 7.22 10.45
N PRO A 38 -1.85 7.92 10.67
CA PRO A 38 -2.89 7.47 11.60
C PRO A 38 -3.59 6.26 11.01
N LEU A 39 -3.68 5.22 11.83
CA LEU A 39 -4.30 3.95 11.47
C LEU A 39 -5.83 4.07 11.34
N SER A 40 -6.22 4.46 10.14
CA SER A 40 -7.64 4.70 9.79
C SER A 40 -7.81 4.54 8.28
N ASP A 41 -9.06 4.30 7.88
CA ASP A 41 -9.40 4.17 6.45
C ASP A 41 -10.07 5.47 5.99
N GLY A 42 -9.46 6.05 4.96
CA GLY A 42 -9.95 7.27 4.30
C GLY A 42 -10.54 8.29 5.30
N LYS A 43 -9.63 8.83 6.10
CA LYS A 43 -9.99 9.80 7.16
C LYS A 43 -8.90 10.87 7.36
N THR A 44 -8.18 11.12 6.27
CA THR A 44 -7.06 12.07 6.29
C THR A 44 -7.17 12.92 5.02
N GLY A 45 -6.24 13.85 4.90
CA GLY A 45 -6.19 14.80 3.78
C GLY A 45 -6.16 14.13 2.42
N SER A 46 -5.05 13.50 2.12
CA SER A 46 -4.87 12.73 0.87
C SER A 46 -5.78 11.49 0.78
N SER A 47 -6.49 11.21 1.87
CA SER A 47 -7.40 10.06 2.10
C SER A 47 -6.63 8.79 2.51
N TYR A 48 -5.39 9.04 2.93
CA TYR A 48 -4.42 8.02 3.35
C TYR A 48 -4.13 8.04 4.86
N PRO A 49 -3.92 6.87 5.46
CA PRO A 49 -3.92 5.58 4.77
C PRO A 49 -5.33 5.04 4.50
N HIS A 50 -5.45 4.54 3.27
CA HIS A 50 -6.73 4.02 2.80
C HIS A 50 -6.74 2.50 3.02
N TRP A 51 -7.94 1.98 3.22
CA TRP A 51 -8.14 0.54 3.34
C TRP A 51 -7.78 -0.14 2.03
N PHE A 52 -6.99 -1.19 2.22
CA PHE A 52 -6.53 -1.99 1.12
C PHE A 52 -7.44 -3.21 1.07
N THR A 53 -8.47 -3.05 0.24
CA THR A 53 -9.40 -4.14 -0.10
C THR A 53 -8.67 -5.45 -0.27
N ASN A 54 -7.45 -5.42 -0.81
CA ASN A 54 -6.60 -6.60 -1.05
C ASN A 54 -7.39 -7.69 -1.81
N GLY A 55 -8.35 -7.22 -2.59
CA GLY A 55 -9.29 -8.10 -3.30
C GLY A 55 -10.62 -8.22 -2.56
N TYR A 56 -10.60 -8.26 -1.22
CA TYR A 56 -11.82 -8.34 -0.37
C TYR A 56 -12.84 -7.24 -0.71
N ASP A 57 -14.08 -7.47 -0.29
CA ASP A 57 -15.18 -6.48 -0.48
C ASP A 57 -15.31 -5.47 0.68
N GLY A 58 -14.75 -5.85 1.82
CA GLY A 58 -14.83 -5.08 3.07
C GLY A 58 -15.38 -5.86 4.26
N ASP A 59 -15.06 -7.14 4.27
CA ASP A 59 -15.53 -8.09 5.31
C ASP A 59 -14.60 -9.29 5.39
N GLY A 60 -14.28 -9.85 4.23
CA GLY A 60 -13.38 -11.02 4.12
C GLY A 60 -13.49 -11.78 2.80
N LYS A 61 -14.73 -11.90 2.31
CA LYS A 61 -14.97 -12.49 1.00
C LYS A 61 -14.41 -11.55 -0.09
N LEU A 62 -14.24 -12.13 -1.27
CA LEU A 62 -13.76 -11.40 -2.45
C LEU A 62 -14.81 -11.42 -3.56
N PRO A 63 -14.92 -10.36 -4.37
CA PRO A 63 -15.88 -10.26 -5.48
C PRO A 63 -15.47 -11.23 -6.61
N LYS A 64 -15.99 -10.97 -7.82
CA LYS A 64 -15.70 -11.78 -9.01
C LYS A 64 -14.29 -11.50 -9.59
N GLY A 65 -13.31 -11.84 -8.75
CA GLY A 65 -11.88 -11.67 -9.05
C GLY A 65 -11.02 -11.73 -7.79
N ARG A 66 -11.24 -12.81 -7.03
CA ARG A 66 -10.44 -13.13 -5.84
C ARG A 66 -8.95 -13.22 -6.23
N THR A 67 -8.23 -12.17 -5.83
CA THR A 67 -6.78 -12.11 -6.03
C THR A 67 -6.03 -11.34 -4.92
N PRO A 68 -6.13 -11.80 -3.67
CA PRO A 68 -5.49 -11.13 -2.54
C PRO A 68 -3.98 -11.39 -2.60
N ILE A 69 -3.23 -10.32 -2.63
CA ILE A 69 -1.76 -10.36 -2.59
C ILE A 69 -1.34 -11.27 -1.42
N LYS A 70 -0.74 -12.39 -1.84
CA LYS A 70 -0.20 -13.38 -0.90
C LYS A 70 1.19 -12.91 -0.46
N PHE A 71 1.16 -12.20 0.65
CA PHE A 71 2.39 -11.72 1.31
C PHE A 71 3.25 -12.86 1.86
N GLY A 72 2.56 -13.93 2.26
CA GLY A 72 3.17 -15.13 2.86
C GLY A 72 2.83 -15.27 4.35
N LYS A 73 1.80 -14.54 4.79
CA LYS A 73 1.30 -14.62 6.16
C LYS A 73 -0.20 -14.95 6.16
N SER A 74 -0.58 -15.64 7.22
CA SER A 74 -1.97 -16.07 7.44
C SER A 74 -2.83 -14.97 8.08
N ASP A 75 -2.14 -13.94 8.56
CA ASP A 75 -2.74 -12.74 9.17
C ASP A 75 -3.00 -11.65 8.15
N CYS A 76 -2.02 -11.39 7.29
CA CYS A 76 -2.22 -10.41 6.20
C CYS A 76 -3.22 -10.92 5.15
N ASP A 77 -3.28 -12.25 5.01
CA ASP A 77 -4.24 -12.96 4.16
C ASP A 77 -5.62 -13.13 4.85
N ARG A 78 -5.66 -12.93 6.17
CA ARG A 78 -6.89 -13.05 6.98
C ARG A 78 -8.00 -12.13 6.45
N PRO A 79 -9.25 -12.41 6.81
CA PRO A 79 -10.38 -11.52 6.49
C PRO A 79 -10.31 -10.21 7.30
N PRO A 80 -10.18 -9.08 6.61
CA PRO A 80 -10.09 -7.76 7.22
C PRO A 80 -11.49 -7.29 7.66
N LYS A 81 -11.57 -6.92 8.93
CA LYS A 81 -12.84 -6.47 9.51
C LYS A 81 -12.96 -4.94 9.47
N HIS A 82 -12.90 -4.44 8.24
CA HIS A 82 -13.06 -3.02 7.94
C HIS A 82 -14.55 -2.64 8.00
N SER A 83 -14.83 -1.74 8.93
CA SER A 83 -16.20 -1.22 9.12
C SER A 83 -16.57 -0.23 7.99
N LYS A 84 -17.39 0.78 8.23
CA LYS A 84 -17.78 1.75 7.19
C LYS A 84 -16.58 2.59 6.68
N ASP A 85 -16.00 3.36 7.59
CA ASP A 85 -14.74 4.13 7.33
C ASP A 85 -13.50 3.45 7.94
N GLY A 86 -13.54 2.12 7.98
CA GLY A 86 -12.50 1.28 8.62
C GLY A 86 -12.09 1.78 10.01
N ASN A 87 -13.12 1.90 10.83
CA ASN A 87 -13.05 2.37 12.23
C ASN A 87 -14.23 1.76 13.01
N GLY A 88 -13.99 0.52 13.42
CA GLY A 88 -14.96 -0.23 14.24
C GLY A 88 -14.36 -0.53 15.62
N LYS A 89 -14.94 -1.55 16.23
CA LYS A 89 -14.43 -2.08 17.52
C LYS A 89 -13.13 -2.87 17.31
N THR A 90 -13.03 -3.49 16.15
CA THR A 90 -11.90 -4.37 15.75
C THR A 90 -11.66 -4.26 14.25
N ASP A 91 -11.34 -3.04 13.87
CA ASP A 91 -10.96 -2.69 12.47
C ASP A 91 -9.56 -3.21 12.11
N HIS A 92 -9.37 -4.51 12.32
CA HIS A 92 -8.10 -5.22 12.06
C HIS A 92 -7.96 -5.56 10.57
N TYR A 93 -8.13 -4.52 9.78
CA TYR A 93 -8.03 -4.60 8.33
C TYR A 93 -6.65 -4.27 7.81
N LEU A 94 -6.32 -4.84 6.65
CA LEU A 94 -5.09 -4.50 5.95
C LEU A 94 -5.21 -3.15 5.27
N LEU A 95 -4.56 -2.17 5.88
CA LEU A 95 -4.55 -0.83 5.26
C LEU A 95 -3.32 -0.69 4.35
N GLU A 96 -3.49 0.24 3.42
CA GLU A 96 -2.45 0.63 2.47
C GLU A 96 -2.09 2.13 2.62
N PHE A 97 -0.79 2.35 2.56
CA PHE A 97 -0.23 3.71 2.60
C PHE A 97 0.78 3.93 1.45
N PRO A 98 0.78 5.13 0.83
CA PRO A 98 1.76 5.49 -0.22
C PRO A 98 3.16 5.74 0.37
N THR A 99 3.92 4.63 0.39
CA THR A 99 5.29 4.67 0.90
C THR A 99 6.29 5.06 -0.20
N PHE A 100 6.94 6.18 0.04
CA PHE A 100 7.93 6.74 -0.91
C PHE A 100 9.33 6.16 -0.74
N PRO A 101 10.16 6.13 -1.81
CA PRO A 101 11.51 5.52 -1.75
C PRO A 101 12.53 6.39 -1.02
N ASP A 102 12.44 7.70 -1.29
CA ASP A 102 13.22 8.75 -0.58
C ASP A 102 13.19 8.55 0.94
N GLY A 103 12.04 8.02 1.37
CA GLY A 103 11.75 7.68 2.76
C GLY A 103 11.14 8.81 3.55
N HIS A 104 10.71 9.81 2.78
CA HIS A 104 9.92 10.90 3.33
C HIS A 104 8.49 10.43 3.57
N ASP A 105 7.87 11.18 4.45
CA ASP A 105 6.47 10.98 4.83
C ASP A 105 5.61 11.99 4.08
N TYR A 106 5.33 11.63 2.82
CA TYR A 106 4.42 12.37 1.95
C TYR A 106 3.29 13.02 2.76
N LYS A 107 2.92 14.21 2.36
CA LYS A 107 1.81 14.95 2.97
C LYS A 107 0.46 14.24 2.73
N PHE A 108 0.32 13.11 3.40
CA PHE A 108 -0.88 12.27 3.36
C PHE A 108 -2.09 12.90 4.08
N ASP A 109 -1.78 13.99 4.77
CA ASP A 109 -2.75 14.81 5.50
C ASP A 109 -3.17 16.05 4.69
N SER A 110 -2.51 16.31 3.56
CA SER A 110 -2.82 17.48 2.71
C SER A 110 -3.89 17.11 1.68
N LYS A 111 -5.11 17.46 2.05
CA LYS A 111 -6.30 17.21 1.20
C LYS A 111 -6.21 17.91 -0.16
N LYS A 112 -6.31 19.23 -0.09
CA LYS A 112 -6.17 20.07 -1.28
C LYS A 112 -5.19 21.20 -1.00
N PRO A 113 -4.12 21.28 -1.82
CA PRO A 113 -3.82 20.33 -2.90
C PRO A 113 -3.21 19.02 -2.38
N LYS A 114 -2.98 18.11 -3.33
CA LYS A 114 -2.50 16.75 -3.03
C LYS A 114 -1.79 16.22 -4.28
N GLU A 115 -0.47 16.08 -4.14
CA GLU A 115 0.36 15.48 -5.21
C GLU A 115 -0.04 14.02 -5.39
N ASN A 116 0.11 13.57 -6.65
CA ASN A 116 -0.11 12.16 -7.02
C ASN A 116 0.66 11.20 -6.11
N PRO A 117 0.05 10.08 -5.70
CA PRO A 117 0.72 9.12 -4.81
C PRO A 117 1.85 8.38 -5.53
N GLY A 118 2.30 7.28 -4.92
CA GLY A 118 3.42 6.46 -5.43
C GLY A 118 2.92 5.06 -5.89
N PRO A 119 3.70 4.34 -6.69
CA PRO A 119 3.32 2.97 -7.13
C PRO A 119 3.49 1.97 -5.97
N ALA A 120 4.67 1.99 -5.37
CA ALA A 120 4.98 1.16 -4.18
C ALA A 120 4.35 1.73 -2.90
N ARG A 121 3.56 0.86 -2.31
CA ARG A 121 2.78 1.17 -1.12
C ARG A 121 3.02 0.13 -0.01
N VAL A 122 3.12 0.65 1.21
CA VAL A 122 3.34 -0.18 2.41
C VAL A 122 2.00 -0.78 2.86
N ILE A 123 2.12 -2.05 3.24
CA ILE A 123 0.97 -2.82 3.73
C ILE A 123 1.28 -3.37 5.11
N TYR A 124 0.25 -3.25 5.95
CA TYR A 124 0.33 -3.62 7.38
C TYR A 124 -1.05 -3.60 8.04
N THR A 125 -1.24 -4.63 8.86
CA THR A 125 -2.50 -4.81 9.62
C THR A 125 -2.65 -3.69 10.65
N TYR A 126 -3.52 -3.88 11.63
CA TYR A 126 -3.83 -2.90 12.69
C TYR A 126 -4.58 -3.56 13.86
N PRO A 127 -4.38 -3.07 15.11
CA PRO A 127 -3.35 -2.09 15.51
C PRO A 127 -1.94 -2.64 15.60
N ASN A 128 -1.87 -3.97 15.46
CA ASN A 128 -0.64 -4.76 15.41
C ASN A 128 0.39 -4.12 14.47
N LYS A 129 -0.09 -3.71 13.28
CA LYS A 129 0.73 -3.09 12.24
C LYS A 129 1.86 -4.03 11.80
N VAL A 130 1.51 -5.30 11.78
CA VAL A 130 2.42 -6.40 11.39
C VAL A 130 2.64 -6.27 9.88
N PHE A 131 3.59 -5.40 9.59
CA PHE A 131 4.06 -5.11 8.23
C PHE A 131 4.36 -6.42 7.51
N CYS A 132 3.53 -6.68 6.52
CA CYS A 132 3.69 -7.88 5.71
C CYS A 132 4.70 -7.68 4.58
N GLY A 133 4.46 -6.57 3.88
CA GLY A 133 5.26 -6.20 2.72
C GLY A 133 4.88 -4.87 2.08
N ILE A 134 5.51 -4.67 0.95
CA ILE A 134 5.21 -3.55 0.05
C ILE A 134 4.72 -4.11 -1.27
N ILE A 135 3.77 -3.37 -1.81
CA ILE A 135 3.15 -3.72 -3.09
C ILE A 135 3.14 -2.51 -4.02
N ALA A 136 3.46 -2.80 -5.27
CA ALA A 136 3.53 -1.77 -6.32
C ALA A 136 2.91 -2.26 -7.61
N HIS A 137 2.52 -1.29 -8.43
CA HIS A 137 1.95 -1.56 -9.74
C HIS A 137 3.06 -1.76 -10.77
N THR A 138 3.01 -2.90 -11.45
CA THR A 138 4.00 -3.27 -12.48
C THR A 138 3.73 -2.64 -13.86
N LYS A 139 3.28 -1.39 -13.80
CA LYS A 139 2.95 -0.56 -14.97
C LYS A 139 2.51 0.84 -14.50
N GLU A 140 3.53 1.68 -14.28
CA GLU A 140 3.41 3.05 -13.79
C GLU A 140 2.82 3.10 -12.38
N ASN A 141 1.49 3.19 -12.31
CA ASN A 141 0.69 3.30 -11.08
C ASN A 141 -0.73 2.71 -11.28
N GLN A 142 -0.79 1.68 -12.10
CA GLN A 142 -2.05 0.97 -12.44
C GLN A 142 -1.92 -0.55 -12.59
N GLY A 143 -0.87 -0.98 -13.29
CA GLY A 143 -0.56 -2.41 -13.52
C GLY A 143 -0.73 -3.23 -12.24
N GLU A 144 -1.01 -4.52 -12.42
CA GLU A 144 -1.25 -5.43 -11.27
C GLU A 144 -0.25 -5.20 -10.11
N LEU A 145 -0.83 -4.98 -8.95
CA LEU A 145 -0.05 -4.76 -7.70
C LEU A 145 0.74 -6.03 -7.38
N LYS A 146 2.03 -5.96 -7.69
CA LYS A 146 2.94 -7.06 -7.40
C LYS A 146 3.62 -6.75 -6.07
N LEU A 147 3.48 -7.75 -5.20
CA LEU A 147 4.16 -7.78 -3.90
C LEU A 147 5.68 -7.75 -4.13
N CYS A 148 6.23 -6.57 -3.87
CA CYS A 148 7.68 -6.33 -3.92
C CYS A 148 8.39 -7.40 -3.08
N SER A 149 9.68 -7.54 -3.34
CA SER A 149 10.49 -8.55 -2.67
C SER A 149 11.83 -7.96 -2.23
N HIS A 150 12.22 -8.41 -1.05
CA HIS A 150 13.49 -7.99 -0.42
C HIS A 150 14.56 -9.10 -0.40
N ALA A 1 17.49 -2.38 6.73
CA ALA A 1 16.23 -2.93 7.26
C ALA A 1 15.35 -3.45 6.12
N VAL A 2 15.92 -4.46 5.45
CA VAL A 2 15.28 -5.14 4.31
C VAL A 2 15.12 -4.14 3.14
N THR A 3 15.32 -4.66 1.93
CA THR A 3 15.23 -3.84 0.70
C THR A 3 14.15 -4.37 -0.24
N TRP A 4 12.95 -3.80 -0.09
CA TRP A 4 11.79 -4.16 -0.93
C TRP A 4 11.88 -3.45 -2.27
N THR A 5 12.27 -4.22 -3.28
CA THR A 5 12.51 -3.65 -4.61
C THR A 5 11.41 -4.12 -5.56
N CYS A 6 10.81 -3.16 -6.23
CA CYS A 6 9.72 -3.41 -7.19
C CYS A 6 10.12 -2.96 -8.60
N LEU A 7 9.77 -3.82 -9.56
CA LEU A 7 10.11 -3.58 -10.97
C LEU A 7 8.88 -3.06 -11.72
N ASN A 8 8.74 -1.74 -11.66
CA ASN A 8 7.60 -1.01 -12.27
C ASN A 8 8.01 -0.58 -13.68
N ASP A 9 7.02 -0.34 -14.49
CA ASP A 9 7.27 0.10 -15.88
C ASP A 9 7.16 1.63 -15.98
N GLN A 10 8.18 2.29 -16.48
CA GLN A 10 8.21 3.76 -16.62
C GLN A 10 8.35 4.17 -18.08
N LYS A 11 7.44 5.04 -18.50
CA LYS A 11 7.47 5.55 -19.89
C LYS A 11 8.44 6.73 -19.96
N ASN A 12 9.72 6.37 -20.01
CA ASN A 12 10.82 7.33 -20.11
C ASN A 12 10.49 8.35 -21.21
N PRO A 13 10.46 9.65 -20.90
CA PRO A 13 10.13 10.71 -21.89
C PRO A 13 11.26 10.95 -22.90
N LYS A 14 12.49 10.71 -22.45
CA LYS A 14 13.70 10.85 -23.31
C LYS A 14 13.63 9.85 -24.47
N THR A 15 13.33 8.60 -24.12
CA THR A 15 13.26 7.51 -25.12
C THR A 15 11.81 7.30 -25.60
N ASN A 16 10.86 8.02 -24.99
CA ASN A 16 9.41 7.90 -25.20
C ASN A 16 8.94 6.43 -25.17
N LYS A 17 9.65 5.63 -24.38
CA LYS A 17 9.46 4.17 -24.31
C LYS A 17 9.33 3.74 -22.85
N TYR A 18 8.68 2.60 -22.70
CA TYR A 18 8.49 1.92 -21.42
C TYR A 18 9.70 1.08 -21.01
N GLU A 19 10.08 1.27 -19.74
CA GLU A 19 11.26 0.61 -19.17
C GLU A 19 10.91 0.06 -17.79
N THR A 20 11.56 -1.02 -17.42
CA THR A 20 11.28 -1.67 -16.13
C THR A 20 12.39 -1.33 -15.13
N LYS A 21 12.23 -0.15 -14.55
CA LYS A 21 13.16 0.38 -13.53
C LYS A 21 13.05 -0.45 -12.25
N ARG A 22 13.97 -0.20 -11.33
CA ARG A 22 14.03 -0.89 -10.03
C ARG A 22 13.74 0.07 -8.86
N LEU A 23 12.50 0.06 -8.44
CA LEU A 23 12.05 0.90 -7.32
C LEU A 23 12.39 0.22 -5.98
N LEU A 24 13.58 0.53 -5.50
CA LEU A 24 14.05 0.06 -4.20
C LEU A 24 13.45 0.91 -3.07
N TYR A 25 12.83 0.18 -2.15
CA TYR A 25 12.19 0.72 -0.95
C TYR A 25 12.77 0.07 0.31
N ASN A 26 13.05 0.92 1.27
CA ASN A 26 13.56 0.43 2.56
C ASN A 26 12.36 0.28 3.50
N GLN A 27 12.15 -0.95 3.96
CA GLN A 27 11.09 -1.24 4.94
C GLN A 27 11.14 -0.25 6.13
N ASN A 28 12.34 0.09 6.56
CA ASN A 28 12.53 1.06 7.66
C ASN A 28 11.78 2.37 7.41
N LYS A 29 11.84 2.81 6.17
CA LYS A 29 11.08 3.98 5.68
C LYS A 29 9.58 3.73 5.57
N ALA A 30 9.20 2.49 5.33
CA ALA A 30 7.80 2.05 5.28
C ALA A 30 7.21 1.85 6.69
N GLU A 31 7.77 0.95 7.50
CA GLU A 31 7.40 0.73 8.91
C GLU A 31 7.38 2.06 9.71
N SER A 32 8.25 2.99 9.34
CA SER A 32 8.28 4.35 9.94
C SER A 32 7.21 5.27 9.35
N ASN A 33 7.01 5.22 8.04
CA ASN A 33 5.96 5.97 7.33
C ASN A 33 4.56 5.54 7.78
N SER A 34 4.43 4.24 8.02
CA SER A 34 3.20 3.62 8.54
C SER A 34 3.04 3.89 10.04
N HIS A 35 4.13 4.20 10.72
CA HIS A 35 4.12 4.56 12.16
C HIS A 35 4.07 6.08 12.41
N HIS A 36 4.08 6.83 11.31
CA HIS A 36 3.95 8.30 11.31
C HIS A 36 2.57 8.75 10.82
N ALA A 37 1.84 7.80 10.21
CA ALA A 37 0.48 7.99 9.73
C ALA A 37 -0.56 7.48 10.74
N PRO A 38 -1.73 8.13 10.83
CA PRO A 38 -2.81 7.74 11.74
C PRO A 38 -3.46 6.45 11.22
N LEU A 39 -3.85 5.64 12.18
CA LEU A 39 -4.49 4.34 11.90
C LEU A 39 -6.01 4.52 11.71
N SER A 40 -6.35 4.85 10.48
CA SER A 40 -7.76 5.14 10.11
C SER A 40 -7.96 5.05 8.59
N ASP A 41 -8.95 4.26 8.21
CA ASP A 41 -9.27 4.06 6.79
C ASP A 41 -10.03 5.29 6.30
N GLY A 42 -9.43 5.92 5.28
CA GLY A 42 -10.04 7.10 4.61
C GLY A 42 -10.56 8.10 5.66
N LYS A 43 -9.60 8.72 6.33
CA LYS A 43 -9.89 9.73 7.38
C LYS A 43 -8.80 10.78 7.48
N THR A 44 -8.16 11.00 6.34
CA THR A 44 -7.02 11.91 6.26
C THR A 44 -7.16 12.69 4.96
N GLY A 45 -6.31 13.70 4.85
CA GLY A 45 -6.30 14.61 3.71
C GLY A 45 -6.25 13.88 2.37
N SER A 46 -5.09 13.28 2.12
CA SER A 46 -4.89 12.46 0.92
C SER A 46 -5.74 11.17 0.90
N SER A 47 -6.44 10.92 2.02
CA SER A 47 -7.29 9.73 2.32
C SER A 47 -6.45 8.55 2.84
N TYR A 48 -5.14 8.79 2.87
CA TYR A 48 -4.14 7.81 3.28
C TYR A 48 -3.78 7.93 4.78
N PRO A 49 -3.57 6.77 5.43
CA PRO A 49 -3.65 5.43 4.83
C PRO A 49 -5.10 4.98 4.63
N HIS A 50 -5.34 4.47 3.45
CA HIS A 50 -6.69 3.96 3.11
C HIS A 50 -6.78 2.48 3.44
N TRP A 51 -7.94 1.92 3.16
CA TRP A 51 -8.19 0.48 3.31
C TRP A 51 -7.84 -0.21 1.98
N PHE A 52 -7.00 -1.20 2.17
CA PHE A 52 -6.53 -2.06 1.10
C PHE A 52 -7.39 -3.30 1.13
N THR A 53 -8.45 -3.21 0.34
CA THR A 53 -9.37 -4.34 0.05
C THR A 53 -8.61 -5.68 -0.02
N ASN A 54 -7.42 -5.61 -0.63
CA ASN A 54 -6.49 -6.75 -0.79
C ASN A 54 -7.23 -7.93 -1.41
N GLY A 55 -8.16 -7.57 -2.29
CA GLY A 55 -9.10 -8.52 -2.89
C GLY A 55 -10.38 -8.69 -2.07
N TYR A 56 -10.25 -8.63 -0.75
CA TYR A 56 -11.35 -8.82 0.21
C TYR A 56 -12.17 -7.52 0.31
N ASP A 57 -13.45 -7.70 0.57
CA ASP A 57 -14.40 -6.58 0.73
C ASP A 57 -14.32 -6.05 2.17
N GLY A 58 -15.23 -5.14 2.50
CA GLY A 58 -15.38 -4.57 3.85
C GLY A 58 -15.40 -5.65 4.95
N ASP A 59 -15.81 -6.85 4.53
CA ASP A 59 -15.85 -8.05 5.37
C ASP A 59 -14.59 -8.93 5.16
N GLY A 60 -14.66 -9.79 4.16
CA GLY A 60 -13.55 -10.72 3.82
C GLY A 60 -13.90 -11.61 2.62
N LYS A 61 -14.67 -11.03 1.72
CA LYS A 61 -15.11 -11.70 0.48
C LYS A 61 -14.62 -10.94 -0.73
N LEU A 62 -14.30 -11.68 -1.76
CA LEU A 62 -13.74 -11.12 -3.00
C LEU A 62 -14.79 -11.18 -4.12
N PRO A 63 -14.78 -10.22 -5.05
CA PRO A 63 -15.73 -10.23 -6.19
C PRO A 63 -15.37 -11.33 -7.19
N LYS A 64 -15.94 -11.23 -8.38
CA LYS A 64 -15.70 -12.20 -9.46
C LYS A 64 -14.44 -11.84 -10.23
N GLY A 65 -13.38 -12.55 -9.89
CA GLY A 65 -12.05 -12.40 -10.51
C GLY A 65 -11.17 -11.49 -9.67
N ARG A 66 -10.86 -12.00 -8.48
CA ARG A 66 -10.00 -11.30 -7.54
C ARG A 66 -8.77 -12.14 -7.19
N THR A 67 -7.77 -11.45 -6.66
CA THR A 67 -6.49 -12.07 -6.28
C THR A 67 -5.84 -11.42 -5.05
N PRO A 68 -6.13 -11.94 -3.86
CA PRO A 68 -5.60 -11.37 -2.61
C PRO A 68 -4.11 -11.73 -2.50
N ILE A 69 -3.26 -10.74 -2.73
CA ILE A 69 -1.79 -10.89 -2.64
C ILE A 69 -1.45 -11.78 -1.45
N LYS A 70 -0.98 -12.98 -1.76
CA LYS A 70 -0.62 -13.96 -0.73
C LYS A 70 0.82 -13.68 -0.32
N PHE A 71 0.90 -12.89 0.74
CA PHE A 71 2.17 -12.49 1.33
C PHE A 71 2.91 -13.70 1.94
N GLY A 72 2.11 -14.52 2.61
CA GLY A 72 2.58 -15.75 3.29
C GLY A 72 2.56 -15.62 4.82
N LYS A 73 1.64 -14.78 5.30
CA LYS A 73 1.42 -14.59 6.74
C LYS A 73 0.07 -15.22 7.15
N SER A 74 -0.35 -14.90 8.37
CA SER A 74 -1.59 -15.44 8.95
C SER A 74 -2.60 -14.33 9.21
N ASP A 75 -2.13 -13.31 9.93
CA ASP A 75 -2.93 -12.11 10.26
C ASP A 75 -3.00 -11.14 9.08
N CYS A 76 -1.94 -11.15 8.28
CA CYS A 76 -1.91 -10.35 7.04
C CYS A 76 -2.73 -11.02 5.93
N ASP A 77 -2.87 -12.34 6.02
CA ASP A 77 -3.70 -13.11 5.09
C ASP A 77 -5.17 -13.21 5.59
N ARG A 78 -5.36 -12.93 6.87
CA ARG A 78 -6.67 -13.00 7.55
C ARG A 78 -7.69 -12.09 6.84
N PRO A 79 -8.98 -12.31 7.08
CA PRO A 79 -10.04 -11.43 6.55
C PRO A 79 -10.08 -10.08 7.28
N PRO A 80 -9.84 -8.99 6.54
CA PRO A 80 -9.83 -7.63 7.09
C PRO A 80 -11.25 -7.16 7.40
N LYS A 81 -11.55 -7.06 8.69
CA LYS A 81 -12.91 -6.64 9.12
C LYS A 81 -12.98 -5.11 9.20
N HIS A 82 -13.04 -4.54 8.00
CA HIS A 82 -13.18 -3.08 7.82
C HIS A 82 -14.66 -2.68 7.99
N SER A 83 -14.85 -1.73 8.90
CA SER A 83 -16.19 -1.20 9.19
C SER A 83 -16.62 -0.20 8.09
N LYS A 84 -17.43 0.80 8.41
CA LYS A 84 -17.85 1.83 7.44
C LYS A 84 -16.69 2.72 6.96
N ASP A 85 -15.96 3.22 7.94
CA ASP A 85 -14.76 4.06 7.80
C ASP A 85 -13.48 3.36 8.31
N GLY A 86 -13.63 2.06 8.55
CA GLY A 86 -12.57 1.21 9.12
C GLY A 86 -12.01 1.80 10.41
N ASN A 87 -12.95 2.06 11.33
CA ASN A 87 -12.65 2.63 12.66
C ASN A 87 -13.67 2.16 13.72
N GLY A 88 -14.16 0.93 13.52
CA GLY A 88 -15.15 0.31 14.42
C GLY A 88 -14.53 -0.06 15.77
N LYS A 89 -15.22 -0.98 16.42
CA LYS A 89 -14.71 -1.59 17.67
C LYS A 89 -13.47 -2.46 17.42
N THR A 90 -13.44 -3.05 16.23
CA THR A 90 -12.40 -4.01 15.81
C THR A 90 -12.26 -4.01 14.28
N ASP A 91 -11.77 -2.87 13.82
CA ASP A 91 -11.51 -2.62 12.39
C ASP A 91 -10.12 -3.11 11.99
N HIS A 92 -9.92 -4.42 12.13
CA HIS A 92 -8.62 -5.06 11.82
C HIS A 92 -8.48 -5.31 10.31
N TYR A 93 -8.45 -4.18 9.62
CA TYR A 93 -8.32 -4.17 8.15
C TYR A 93 -6.87 -3.98 7.72
N LEU A 94 -6.59 -4.45 6.50
CA LEU A 94 -5.28 -4.24 5.87
C LEU A 94 -5.22 -2.88 5.17
N LEU A 95 -4.42 -1.99 5.74
CA LEU A 95 -4.22 -0.63 5.21
C LEU A 95 -3.13 -0.65 4.13
N GLU A 96 -3.20 0.37 3.27
CA GLU A 96 -2.24 0.56 2.19
C GLU A 96 -1.80 2.03 2.07
N PHE A 97 -0.69 2.29 2.75
CA PHE A 97 -0.08 3.62 2.72
C PHE A 97 0.86 3.76 1.51
N PRO A 98 0.80 4.88 0.78
CA PRO A 98 1.67 5.16 -0.38
C PRO A 98 3.06 5.54 0.10
N THR A 99 3.86 4.50 0.29
CA THR A 99 5.27 4.63 0.74
C THR A 99 6.14 5.15 -0.40
N PHE A 100 7.18 5.88 -0.01
CA PHE A 100 8.11 6.53 -0.94
C PHE A 100 9.54 5.99 -0.77
N PRO A 101 10.34 5.96 -1.85
CA PRO A 101 11.73 5.47 -1.81
C PRO A 101 12.68 6.49 -1.16
N ASP A 102 12.51 7.77 -1.50
CA ASP A 102 13.24 8.91 -0.88
C ASP A 102 13.30 8.78 0.64
N GLY A 103 12.22 8.22 1.16
CA GLY A 103 12.07 7.94 2.59
C GLY A 103 11.35 9.05 3.34
N HIS A 104 10.85 9.96 2.54
CA HIS A 104 10.03 11.06 3.05
C HIS A 104 8.61 10.54 3.34
N ASP A 105 7.96 11.31 4.18
CA ASP A 105 6.58 11.04 4.59
C ASP A 105 5.66 11.93 3.79
N TYR A 106 5.37 11.46 2.57
CA TYR A 106 4.41 12.13 1.66
C TYR A 106 3.29 12.78 2.46
N LYS A 107 2.87 13.94 2.00
CA LYS A 107 1.74 14.66 2.58
C LYS A 107 0.42 13.89 2.36
N PHE A 108 0.34 12.78 3.09
CA PHE A 108 -0.84 11.89 3.10
C PHE A 108 -2.06 12.53 3.79
N ASP A 109 -1.76 13.64 4.45
CA ASP A 109 -2.75 14.46 5.15
C ASP A 109 -3.13 15.71 4.35
N SER A 110 -2.53 15.87 3.17
CA SER A 110 -2.84 17.03 2.29
C SER A 110 -4.03 16.72 1.40
N LYS A 111 -5.18 17.12 1.89
CA LYS A 111 -6.46 16.92 1.17
C LYS A 111 -6.46 17.65 -0.17
N LYS A 112 -6.41 18.96 -0.05
CA LYS A 112 -6.36 19.83 -1.22
C LYS A 112 -5.24 20.89 -1.05
N PRO A 113 -4.26 20.85 -1.97
CA PRO A 113 -4.19 19.89 -3.09
C PRO A 113 -3.69 18.52 -2.61
N LYS A 114 -3.62 17.60 -3.56
CA LYS A 114 -3.20 16.22 -3.30
C LYS A 114 -2.49 15.68 -4.55
N GLU A 115 -1.17 15.67 -4.44
CA GLU A 115 -0.32 15.10 -5.51
C GLU A 115 -0.59 13.59 -5.59
N ASN A 116 -0.56 13.11 -6.83
CA ASN A 116 -0.71 11.68 -7.15
C ASN A 116 0.16 10.81 -6.24
N PRO A 117 -0.39 9.69 -5.74
CA PRO A 117 0.36 8.80 -4.85
C PRO A 117 1.48 8.08 -5.61
N GLY A 118 2.20 7.26 -4.85
CA GLY A 118 3.33 6.45 -5.34
C GLY A 118 2.86 5.09 -5.90
N PRO A 119 3.70 4.42 -6.69
CA PRO A 119 3.38 3.08 -7.23
C PRO A 119 3.50 2.02 -6.13
N ALA A 120 4.64 2.03 -5.44
CA ALA A 120 4.90 1.16 -4.30
C ALA A 120 4.27 1.66 -3.02
N ARG A 121 3.56 0.73 -2.40
CA ARG A 121 2.78 1.00 -1.18
C ARG A 121 3.09 -0.03 -0.10
N VAL A 122 3.04 0.42 1.13
CA VAL A 122 3.29 -0.44 2.29
C VAL A 122 1.96 -1.08 2.75
N ILE A 123 2.05 -2.37 3.01
CA ILE A 123 0.91 -3.16 3.48
C ILE A 123 1.15 -3.60 4.92
N TYR A 124 0.08 -3.50 5.70
CA TYR A 124 0.12 -3.75 7.14
C TYR A 124 -1.28 -3.69 7.75
N THR A 125 -1.46 -4.53 8.77
CA THR A 125 -2.75 -4.65 9.47
C THR A 125 -2.88 -3.50 10.49
N TYR A 126 -3.73 -3.69 11.51
CA TYR A 126 -4.02 -2.68 12.53
C TYR A 126 -4.88 -3.25 13.68
N PRO A 127 -4.70 -2.73 14.92
CA PRO A 127 -3.63 -1.76 15.29
C PRO A 127 -2.24 -2.37 15.44
N ASN A 128 -2.21 -3.67 15.18
CA ASN A 128 -0.99 -4.49 15.18
C ASN A 128 0.05 -3.86 14.25
N LYS A 129 -0.41 -3.49 13.05
CA LYS A 129 0.45 -2.89 12.01
C LYS A 129 1.58 -3.84 11.63
N VAL A 130 1.20 -5.12 11.57
CA VAL A 130 2.12 -6.23 11.23
C VAL A 130 2.50 -6.06 9.76
N PHE A 131 3.51 -5.23 9.56
CA PHE A 131 4.08 -4.93 8.22
C PHE A 131 4.28 -6.24 7.48
N CYS A 132 3.51 -6.37 6.42
CA CYS A 132 3.58 -7.57 5.60
C CYS A 132 4.69 -7.40 4.55
N GLY A 133 4.49 -6.38 3.75
CA GLY A 133 5.44 -6.03 2.69
C GLY A 133 5.13 -4.71 1.99
N ILE A 134 5.61 -4.68 0.76
CA ILE A 134 5.40 -3.53 -0.13
C ILE A 134 4.96 -4.05 -1.49
N ILE A 135 3.83 -3.54 -1.92
CA ILE A 135 3.30 -3.88 -3.26
C ILE A 135 3.25 -2.64 -4.14
N ALA A 136 3.57 -2.86 -5.41
CA ALA A 136 3.61 -1.79 -6.40
C ALA A 136 3.00 -2.23 -7.72
N HIS A 137 2.66 -1.25 -8.54
CA HIS A 137 2.07 -1.55 -9.85
C HIS A 137 3.20 -1.76 -10.86
N THR A 138 3.17 -2.91 -11.50
CA THR A 138 4.16 -3.29 -12.52
C THR A 138 3.88 -2.70 -13.90
N LYS A 139 3.55 -1.41 -13.86
CA LYS A 139 3.16 -0.60 -15.04
C LYS A 139 2.85 0.84 -14.61
N GLU A 140 3.92 1.58 -14.32
CA GLU A 140 3.88 3.00 -13.92
C GLU A 140 3.26 3.15 -12.53
N ASN A 141 1.94 3.19 -12.54
CA ASN A 141 1.09 3.33 -11.34
C ASN A 141 -0.30 2.71 -11.55
N GLN A 142 -0.35 1.66 -12.37
CA GLN A 142 -1.60 0.96 -12.71
C GLN A 142 -1.34 -0.52 -13.02
N GLY A 143 -2.44 -1.27 -12.93
CA GLY A 143 -2.44 -2.73 -13.14
C GLY A 143 -2.17 -3.45 -11.83
N GLU A 144 -2.44 -4.76 -11.84
CA GLU A 144 -2.23 -5.63 -10.66
C GLU A 144 -0.94 -5.31 -9.92
N LEU A 145 -1.14 -5.00 -8.64
CA LEU A 145 -0.03 -4.64 -7.75
C LEU A 145 0.79 -5.88 -7.43
N LYS A 146 2.01 -5.90 -7.93
CA LYS A 146 2.95 -6.99 -7.66
C LYS A 146 3.62 -6.74 -6.31
N LEU A 147 3.58 -7.79 -5.51
CA LEU A 147 4.25 -7.85 -4.20
C LEU A 147 5.77 -7.81 -4.42
N CYS A 148 6.34 -6.65 -4.11
CA CYS A 148 7.80 -6.44 -4.17
C CYS A 148 8.49 -7.57 -3.40
N SER A 149 9.77 -7.66 -3.63
CA SER A 149 10.57 -8.76 -3.04
C SER A 149 11.87 -8.19 -2.50
N HIS A 150 12.18 -8.64 -1.30
CA HIS A 150 13.41 -8.23 -0.62
C HIS A 150 14.48 -9.36 -0.56
N ALA A 1 17.92 -3.02 6.75
CA ALA A 1 16.65 -2.27 6.79
C ALA A 1 15.63 -2.77 5.76
N VAL A 2 15.94 -3.97 5.25
CA VAL A 2 15.09 -4.72 4.31
C VAL A 2 14.79 -3.85 3.08
N THR A 3 15.62 -4.01 2.06
CA THR A 3 15.50 -3.24 0.81
C THR A 3 14.40 -3.80 -0.08
N TRP A 4 13.21 -3.25 0.07
CA TRP A 4 12.04 -3.66 -0.73
C TRP A 4 12.08 -2.96 -2.09
N THR A 5 12.46 -3.74 -3.09
CA THR A 5 12.67 -3.20 -4.43
C THR A 5 11.52 -3.64 -5.34
N CYS A 6 10.74 -2.66 -5.75
CA CYS A 6 9.55 -2.86 -6.57
C CYS A 6 9.90 -2.58 -8.04
N LEU A 7 9.43 -3.44 -8.90
CA LEU A 7 9.72 -3.31 -10.34
C LEU A 7 8.49 -2.77 -11.09
N ASN A 8 8.39 -1.46 -11.08
CA ASN A 8 7.26 -0.74 -11.70
C ASN A 8 7.58 -0.51 -13.18
N ASP A 9 6.52 -0.45 -13.97
CA ASP A 9 6.68 -0.18 -15.42
C ASP A 9 6.58 1.33 -15.67
N GLN A 10 7.29 1.80 -16.67
CA GLN A 10 7.34 3.22 -17.08
C GLN A 10 7.48 3.40 -18.58
N LYS A 11 6.52 4.10 -19.15
CA LYS A 11 6.50 4.38 -20.61
C LYS A 11 7.43 5.56 -20.91
N ASN A 12 8.64 5.21 -21.33
CA ASN A 12 9.64 6.22 -21.68
C ASN A 12 9.24 6.89 -22.99
N PRO A 13 9.31 8.23 -23.08
CA PRO A 13 8.98 8.97 -24.32
C PRO A 13 10.07 8.83 -25.38
N LYS A 14 11.30 8.60 -24.94
CA LYS A 14 12.45 8.41 -25.85
C LYS A 14 12.25 7.14 -26.67
N THR A 15 12.12 6.03 -25.95
CA THR A 15 11.94 4.70 -26.56
C THR A 15 10.49 4.46 -26.97
N ASN A 16 9.58 5.27 -26.39
CA ASN A 16 8.11 5.16 -26.59
C ASN A 16 7.57 3.80 -26.11
N LYS A 17 8.40 3.11 -25.34
CA LYS A 17 8.12 1.77 -24.83
C LYS A 17 8.15 1.79 -23.29
N TYR A 18 7.50 0.78 -22.74
CA TYR A 18 7.44 0.51 -21.30
C TYR A 18 8.67 -0.24 -20.81
N GLU A 19 9.21 0.26 -19.72
CA GLU A 19 10.42 -0.30 -19.10
C GLU A 19 10.13 -0.60 -17.64
N THR A 20 10.82 -1.61 -17.13
CA THR A 20 10.61 -2.07 -15.76
C THR A 20 11.76 -1.57 -14.87
N LYS A 21 11.52 -0.38 -14.33
CA LYS A 21 12.48 0.28 -13.42
C LYS A 21 12.54 -0.46 -12.08
N ARG A 22 13.54 -0.11 -11.28
CA ARG A 22 13.76 -0.72 -9.95
C ARG A 22 13.56 0.31 -8.84
N LEU A 23 12.37 0.32 -8.29
CA LEU A 23 12.00 1.22 -7.18
C LEU A 23 12.40 0.61 -5.84
N LEU A 24 13.61 0.95 -5.45
CA LEU A 24 14.16 0.55 -4.14
C LEU A 24 13.55 1.39 -3.02
N TYR A 25 12.94 0.68 -2.09
CA TYR A 25 12.32 1.24 -0.89
C TYR A 25 12.93 0.65 0.38
N ASN A 26 13.23 1.53 1.31
CA ASN A 26 13.77 1.10 2.60
C ASN A 26 12.60 0.88 3.58
N GLN A 27 12.47 -0.36 4.03
CA GLN A 27 11.44 -0.72 5.02
C GLN A 27 11.58 0.12 6.29
N ASN A 28 12.82 0.45 6.67
CA ASN A 28 13.06 1.32 7.84
C ASN A 28 12.21 2.60 7.81
N LYS A 29 11.86 2.98 6.58
CA LYS A 29 10.99 4.12 6.31
C LYS A 29 9.54 3.71 6.22
N ALA A 30 9.24 2.55 5.68
CA ALA A 30 7.87 1.98 5.64
C ALA A 30 7.35 1.59 7.03
N GLU A 31 8.17 0.87 7.81
CA GLU A 31 7.89 0.49 9.20
C GLU A 31 7.62 1.74 10.05
N SER A 32 8.30 2.84 9.75
CA SER A 32 8.13 4.10 10.49
C SER A 32 7.01 4.96 9.91
N ASN A 33 6.97 5.03 8.59
CA ASN A 33 5.92 5.73 7.80
C ASN A 33 4.54 5.21 8.19
N SER A 34 4.50 3.91 8.48
CA SER A 34 3.29 3.23 8.93
C SER A 34 3.00 3.50 10.40
N HIS A 35 4.05 3.36 11.24
CA HIS A 35 3.96 3.63 12.69
C HIS A 35 3.70 5.12 13.01
N HIS A 36 3.84 5.95 11.97
CA HIS A 36 3.61 7.40 12.03
C HIS A 36 2.17 7.70 11.60
N ALA A 37 1.87 7.46 10.33
CA ALA A 37 0.50 7.62 9.77
C ALA A 37 -0.59 7.07 10.72
N PRO A 38 -1.74 7.75 10.81
CA PRO A 38 -2.82 7.38 11.72
C PRO A 38 -3.45 6.09 11.22
N LEU A 39 -3.71 5.22 12.17
CA LEU A 39 -4.33 3.92 11.88
C LEU A 39 -5.85 4.05 11.66
N SER A 40 -6.19 4.41 10.44
CA SER A 40 -7.60 4.63 10.05
C SER A 40 -7.70 4.65 8.52
N ASP A 41 -8.92 4.44 8.05
CA ASP A 41 -9.23 4.44 6.61
C ASP A 41 -9.95 5.73 6.25
N GLY A 42 -9.51 6.32 5.13
CA GLY A 42 -10.09 7.56 4.58
C GLY A 42 -10.50 8.54 5.69
N LYS A 43 -9.52 8.82 6.53
CA LYS A 43 -9.75 9.73 7.68
C LYS A 43 -8.60 10.72 7.84
N THR A 44 -8.08 11.10 6.68
CA THR A 44 -6.92 11.99 6.64
C THR A 44 -7.01 12.82 5.38
N GLY A 45 -6.13 13.81 5.31
CA GLY A 45 -6.10 14.76 4.19
C GLY A 45 -6.04 14.09 2.82
N SER A 46 -4.90 13.48 2.58
CA SER A 46 -4.69 12.69 1.36
C SER A 46 -5.62 11.48 1.21
N SER A 47 -6.31 11.18 2.32
CA SER A 47 -7.28 10.06 2.51
C SER A 47 -6.53 8.78 2.86
N TYR A 48 -5.31 8.98 3.36
CA TYR A 48 -4.36 7.92 3.72
C TYR A 48 -4.10 7.88 5.23
N PRO A 49 -3.88 6.68 5.77
CA PRO A 49 -3.86 5.43 5.00
C PRO A 49 -5.25 4.90 4.72
N HIS A 50 -5.37 4.45 3.49
CA HIS A 50 -6.66 3.93 3.04
C HIS A 50 -6.70 2.41 3.19
N TRP A 51 -7.91 1.91 3.31
CA TRP A 51 -8.16 0.47 3.43
C TRP A 51 -7.84 -0.18 2.10
N PHE A 52 -7.01 -1.18 2.26
CA PHE A 52 -6.55 -1.97 1.13
C PHE A 52 -7.39 -3.24 1.11
N THR A 53 -8.46 -3.13 0.31
CA THR A 53 -9.38 -4.24 0.01
C THR A 53 -8.58 -5.53 -0.21
N ASN A 54 -7.38 -5.41 -0.78
CA ASN A 54 -6.48 -6.55 -1.05
C ASN A 54 -7.18 -7.58 -1.95
N GLY A 55 -8.06 -7.04 -2.79
CA GLY A 55 -8.90 -7.82 -3.69
C GLY A 55 -10.30 -8.06 -3.10
N TYR A 56 -10.38 -8.19 -1.77
CA TYR A 56 -11.67 -8.35 -1.05
C TYR A 56 -12.66 -7.24 -1.44
N ASP A 57 -13.90 -7.43 -1.04
CA ASP A 57 -15.00 -6.49 -1.29
C ASP A 57 -15.36 -5.73 -0.03
N GLY A 58 -14.97 -6.30 1.11
CA GLY A 58 -15.22 -5.70 2.44
C GLY A 58 -14.93 -6.69 3.56
N ASP A 59 -15.45 -7.90 3.37
CA ASP A 59 -15.29 -9.00 4.33
C ASP A 59 -14.14 -9.95 3.96
N GLY A 60 -14.48 -10.91 3.11
CA GLY A 60 -13.51 -11.92 2.59
C GLY A 60 -13.92 -12.47 1.24
N LYS A 61 -14.67 -11.64 0.50
CA LYS A 61 -15.14 -12.03 -0.84
C LYS A 61 -14.48 -11.14 -1.89
N LEU A 62 -14.06 -11.76 -2.97
CA LEU A 62 -13.36 -11.03 -4.04
C LEU A 62 -14.23 -11.00 -5.31
N PRO A 63 -14.04 -9.99 -6.18
CA PRO A 63 -14.86 -9.85 -7.41
C PRO A 63 -14.46 -10.94 -8.42
N LYS A 64 -14.82 -10.71 -9.68
CA LYS A 64 -14.49 -11.64 -10.79
C LYS A 64 -13.00 -11.53 -11.19
N GLY A 65 -12.16 -11.89 -10.23
CA GLY A 65 -10.69 -11.84 -10.38
C GLY A 65 -10.00 -11.76 -9.02
N ARG A 66 -10.18 -12.82 -8.26
CA ARG A 66 -9.57 -12.98 -6.92
C ARG A 66 -8.05 -13.07 -7.06
N THR A 67 -7.39 -12.00 -6.63
CA THR A 67 -5.92 -11.93 -6.66
C THR A 67 -5.32 -11.20 -5.43
N PRO A 68 -5.62 -11.71 -4.22
CA PRO A 68 -5.15 -11.04 -2.99
C PRO A 68 -3.66 -11.28 -2.82
N ILE A 69 -2.89 -10.21 -2.99
CA ILE A 69 -1.42 -10.26 -2.83
C ILE A 69 -1.07 -11.17 -1.64
N LYS A 70 -0.41 -12.26 -1.98
CA LYS A 70 -0.01 -13.24 -0.98
C LYS A 70 1.32 -12.81 -0.38
N PHE A 71 1.23 -12.44 0.90
CA PHE A 71 2.39 -12.00 1.69
C PHE A 71 3.14 -13.17 2.35
N GLY A 72 2.41 -14.29 2.46
CA GLY A 72 2.87 -15.51 3.13
C GLY A 72 2.63 -15.47 4.63
N LYS A 73 1.61 -14.71 5.01
CA LYS A 73 1.17 -14.61 6.41
C LYS A 73 -0.15 -15.39 6.59
N SER A 74 -0.77 -15.14 7.74
CA SER A 74 -2.04 -15.79 8.09
C SER A 74 -3.16 -14.78 8.39
N ASP A 75 -2.75 -13.70 9.06
CA ASP A 75 -3.63 -12.55 9.34
C ASP A 75 -3.65 -11.55 8.16
N CYS A 76 -2.55 -11.47 7.45
CA CYS A 76 -2.50 -10.64 6.24
C CYS A 76 -3.37 -11.18 5.11
N ASP A 77 -3.42 -12.51 5.03
CA ASP A 77 -4.29 -13.21 4.05
C ASP A 77 -5.72 -13.35 4.58
N ARG A 78 -5.87 -13.38 5.90
CA ARG A 78 -7.17 -13.52 6.56
C ARG A 78 -8.18 -12.49 6.00
N PRO A 79 -9.48 -12.72 6.20
CA PRO A 79 -10.52 -11.76 5.78
C PRO A 79 -10.57 -10.54 6.72
N PRO A 80 -10.18 -9.36 6.21
CA PRO A 80 -10.17 -8.12 6.96
C PRO A 80 -11.60 -7.62 7.14
N LYS A 81 -11.78 -7.02 8.31
CA LYS A 81 -13.10 -6.51 8.68
C LYS A 81 -13.12 -4.98 8.53
N HIS A 82 -13.38 -4.57 7.29
CA HIS A 82 -13.50 -3.15 6.97
C HIS A 82 -14.89 -2.63 7.37
N SER A 83 -14.88 -1.38 7.78
CA SER A 83 -16.12 -0.68 8.19
C SER A 83 -16.31 0.61 7.38
N LYS A 84 -17.31 1.41 7.75
CA LYS A 84 -17.62 2.69 7.05
C LYS A 84 -16.36 3.54 6.77
N ASP A 85 -15.83 4.14 7.83
CA ASP A 85 -14.55 4.89 7.78
C ASP A 85 -13.35 4.02 8.18
N GLY A 86 -13.52 2.69 8.00
CA GLY A 86 -12.53 1.68 8.40
C GLY A 86 -11.88 2.01 9.75
N ASN A 87 -12.70 1.89 10.77
CA ASN A 87 -12.31 2.16 12.17
C ASN A 87 -13.07 1.26 13.14
N GLY A 88 -14.39 1.23 12.93
CA GLY A 88 -15.32 0.47 13.78
C GLY A 88 -14.99 0.65 15.25
N LYS A 89 -15.11 -0.45 15.97
CA LYS A 89 -14.74 -0.48 17.41
C LYS A 89 -13.39 -1.14 17.66
N THR A 90 -13.05 -2.03 16.74
CA THR A 90 -11.79 -2.82 16.78
C THR A 90 -11.39 -3.27 15.37
N ASP A 91 -11.57 -2.37 14.40
CA ASP A 91 -11.16 -2.67 13.01
C ASP A 91 -9.80 -3.39 12.97
N HIS A 92 -9.67 -4.20 11.96
CA HIS A 92 -8.43 -5.01 11.79
C HIS A 92 -8.23 -5.41 10.33
N TYR A 93 -8.34 -4.39 9.50
CA TYR A 93 -8.18 -4.56 8.06
C TYR A 93 -6.75 -4.31 7.61
N LEU A 94 -6.43 -4.83 6.43
CA LEU A 94 -5.13 -4.56 5.80
C LEU A 94 -5.12 -3.17 5.16
N LEU A 95 -4.46 -2.25 5.85
CA LEU A 95 -4.36 -0.90 5.30
C LEU A 95 -3.07 -0.79 4.47
N GLU A 96 -3.17 0.08 3.49
CA GLU A 96 -1.99 0.44 2.68
C GLU A 96 -1.73 1.96 2.66
N PHE A 97 -0.47 2.28 2.92
CA PHE A 97 -0.05 3.68 2.90
C PHE A 97 0.90 3.94 1.71
N PRO A 98 0.83 5.13 1.09
CA PRO A 98 1.75 5.52 0.00
C PRO A 98 3.14 5.85 0.53
N THR A 99 3.92 4.78 0.72
CA THR A 99 5.29 4.87 1.22
C THR A 99 6.22 5.43 0.12
N PHE A 100 7.05 6.37 0.54
CA PHE A 100 7.99 7.06 -0.36
C PHE A 100 9.42 6.50 -0.22
N PRO A 101 10.21 6.52 -1.31
CA PRO A 101 11.59 5.98 -1.30
C PRO A 101 12.56 6.94 -0.64
N ASP A 102 12.41 8.24 -0.94
CA ASP A 102 13.17 9.34 -0.30
C ASP A 102 13.25 9.15 1.22
N GLY A 103 12.17 8.56 1.74
CA GLY A 103 12.04 8.24 3.15
C GLY A 103 11.36 9.36 3.93
N HIS A 104 10.76 10.26 3.16
CA HIS A 104 9.99 11.36 3.71
C HIS A 104 8.55 10.88 3.91
N ASP A 105 7.99 11.41 5.00
CA ASP A 105 6.58 11.17 5.35
C ASP A 105 5.70 12.11 4.54
N TYR A 106 5.42 11.69 3.31
CA TYR A 106 4.51 12.44 2.42
C TYR A 106 3.37 13.05 3.23
N LYS A 107 3.03 14.27 2.85
CA LYS A 107 1.91 15.00 3.47
C LYS A 107 0.58 14.31 3.16
N PHE A 108 0.40 13.20 3.86
CA PHE A 108 -0.80 12.37 3.74
C PHE A 108 -2.03 12.97 4.42
N ASP A 109 -1.74 14.00 5.16
CA ASP A 109 -2.68 14.79 5.94
C ASP A 109 -3.13 16.05 5.19
N SER A 110 -2.43 16.35 4.09
CA SER A 110 -2.74 17.53 3.26
C SER A 110 -3.82 17.19 2.23
N LYS A 111 -5.06 17.46 2.62
CA LYS A 111 -6.24 17.20 1.76
C LYS A 111 -6.15 17.96 0.46
N LYS A 112 -6.20 19.27 0.62
CA LYS A 112 -6.08 20.20 -0.52
C LYS A 112 -5.07 21.32 -0.19
N PRO A 113 -4.05 21.47 -1.05
CA PRO A 113 -3.81 20.58 -2.21
C PRO A 113 -3.21 19.25 -1.74
N LYS A 114 -2.91 18.40 -2.72
CA LYS A 114 -2.40 17.07 -2.47
C LYS A 114 -1.71 16.55 -3.72
N GLU A 115 -0.41 16.41 -3.61
CA GLU A 115 0.40 15.87 -4.72
C GLU A 115 0.03 14.39 -4.96
N ASN A 116 0.28 13.97 -6.20
CA ASN A 116 0.07 12.59 -6.63
C ASN A 116 0.77 11.61 -5.67
N PRO A 117 0.11 10.48 -5.38
CA PRO A 117 0.67 9.46 -4.48
C PRO A 117 1.85 8.74 -5.14
N GLY A 118 2.21 7.61 -4.54
CA GLY A 118 3.35 6.78 -4.98
C GLY A 118 2.89 5.42 -5.50
N PRO A 119 3.69 4.72 -6.32
CA PRO A 119 3.32 3.38 -6.83
C PRO A 119 3.47 2.32 -5.74
N ALA A 120 4.60 2.35 -5.06
CA ALA A 120 4.87 1.49 -3.90
C ALA A 120 4.20 1.98 -2.63
N ARG A 121 3.58 1.03 -1.97
CA ARG A 121 2.80 1.25 -0.77
C ARG A 121 3.12 0.19 0.29
N VAL A 122 3.18 0.65 1.52
CA VAL A 122 3.42 -0.21 2.69
C VAL A 122 2.10 -0.90 3.09
N ILE A 123 2.21 -2.21 3.27
CA ILE A 123 1.04 -3.02 3.66
C ILE A 123 1.30 -3.60 5.04
N TYR A 124 0.25 -3.55 5.85
CA TYR A 124 0.31 -3.96 7.26
C TYR A 124 -1.08 -3.89 7.90
N THR A 125 -1.34 -4.91 8.70
CA THR A 125 -2.62 -5.05 9.41
C THR A 125 -2.77 -3.90 10.43
N TYR A 126 -3.69 -4.06 11.37
CA TYR A 126 -3.97 -3.03 12.39
C TYR A 126 -4.85 -3.58 13.53
N PRO A 127 -4.63 -3.12 14.77
CA PRO A 127 -3.54 -2.20 15.16
C PRO A 127 -2.17 -2.85 15.25
N ASN A 128 -2.19 -4.16 15.03
CA ASN A 128 -0.99 -5.01 15.00
C ASN A 128 0.10 -4.33 14.17
N LYS A 129 -0.29 -3.87 12.98
CA LYS A 129 0.63 -3.19 12.04
C LYS A 129 1.79 -4.11 11.66
N VAL A 130 1.45 -5.41 11.64
CA VAL A 130 2.42 -6.49 11.31
C VAL A 130 2.82 -6.30 9.86
N PHE A 131 3.88 -5.52 9.70
CA PHE A 131 4.46 -5.18 8.40
C PHE A 131 4.65 -6.45 7.57
N CYS A 132 3.75 -6.57 6.59
CA CYS A 132 3.79 -7.73 5.69
C CYS A 132 4.82 -7.51 4.58
N GLY A 133 4.92 -6.26 4.19
CA GLY A 133 5.83 -5.83 3.14
C GLY A 133 5.41 -4.54 2.46
N ILE A 134 5.93 -4.43 1.25
CA ILE A 134 5.58 -3.29 0.39
C ILE A 134 5.11 -3.84 -0.95
N ILE A 135 4.09 -3.20 -1.46
CA ILE A 135 3.53 -3.57 -2.77
C ILE A 135 3.51 -2.36 -3.67
N ALA A 136 3.80 -2.60 -4.94
CA ALA A 136 3.81 -1.53 -5.95
C ALA A 136 3.24 -2.03 -7.25
N HIS A 137 2.55 -1.12 -7.92
CA HIS A 137 1.96 -1.42 -9.23
C HIS A 137 3.07 -1.70 -10.25
N THR A 138 2.84 -2.67 -11.11
CA THR A 138 3.82 -3.05 -12.13
C THR A 138 3.48 -2.43 -13.50
N LYS A 139 2.94 -1.21 -13.42
CA LYS A 139 2.54 -0.44 -14.61
C LYS A 139 2.19 1.00 -14.22
N GLU A 140 3.26 1.78 -14.05
CA GLU A 140 3.19 3.19 -13.64
C GLU A 140 2.68 3.32 -12.19
N ASN A 141 1.36 3.38 -12.06
CA ASN A 141 0.66 3.52 -10.77
C ASN A 141 -0.76 2.95 -10.83
N GLN A 142 -0.89 1.88 -11.60
CA GLN A 142 -2.20 1.21 -11.82
C GLN A 142 -2.09 -0.29 -12.01
N GLY A 143 -1.09 -0.71 -12.78
CA GLY A 143 -0.84 -2.14 -13.07
C GLY A 143 -0.88 -2.98 -11.81
N GLU A 144 -1.21 -4.25 -11.97
CA GLU A 144 -1.35 -5.17 -10.82
C GLU A 144 -0.30 -4.94 -9.74
N LEU A 145 -0.80 -4.71 -8.53
CA LEU A 145 0.06 -4.45 -7.37
C LEU A 145 0.94 -5.68 -7.11
N LYS A 146 2.21 -5.57 -7.47
CA LYS A 146 3.15 -6.67 -7.23
C LYS A 146 3.84 -6.47 -5.89
N LEU A 147 3.76 -7.53 -5.10
CA LEU A 147 4.40 -7.58 -3.78
C LEU A 147 5.91 -7.51 -3.94
N CYS A 148 6.44 -6.32 -3.68
CA CYS A 148 7.89 -6.05 -3.73
C CYS A 148 8.61 -7.10 -2.87
N SER A 149 9.88 -7.23 -3.14
CA SER A 149 10.71 -8.26 -2.48
C SER A 149 12.04 -7.64 -2.10
N HIS A 150 12.55 -8.13 -0.97
CA HIS A 150 13.86 -7.70 -0.47
C HIS A 150 14.93 -8.79 -0.55
N ALA A 1 18.11 -2.80 7.39
CA ALA A 1 16.71 -2.55 7.04
C ALA A 1 16.37 -3.20 5.70
N VAL A 2 15.42 -4.13 5.77
CA VAL A 2 14.96 -4.92 4.62
C VAL A 2 14.74 -3.99 3.38
N THR A 3 15.09 -4.53 2.22
CA THR A 3 15.07 -3.78 0.95
C THR A 3 14.00 -4.35 0.00
N TRP A 4 12.81 -3.79 0.10
CA TRP A 4 11.67 -4.19 -0.75
C TRP A 4 11.75 -3.49 -2.10
N THR A 5 12.09 -4.26 -3.11
CA THR A 5 12.30 -3.74 -4.47
C THR A 5 11.18 -4.25 -5.38
N CYS A 6 10.66 -3.32 -6.17
CA CYS A 6 9.60 -3.56 -7.14
C CYS A 6 10.03 -3.17 -8.56
N LEU A 7 9.37 -3.77 -9.54
CA LEU A 7 9.69 -3.57 -10.95
C LEU A 7 8.49 -2.99 -11.71
N ASN A 8 8.42 -1.66 -11.68
CA ASN A 8 7.31 -0.90 -12.27
C ASN A 8 7.70 -0.43 -13.67
N ASP A 9 6.75 -0.54 -14.58
CA ASP A 9 6.99 -0.12 -15.97
C ASP A 9 6.96 1.42 -16.09
N GLN A 10 7.81 2.00 -16.92
CA GLN A 10 7.93 3.47 -17.09
C GLN A 10 8.07 3.86 -18.56
N LYS A 11 7.03 4.54 -19.05
CA LYS A 11 6.98 5.00 -20.45
C LYS A 11 7.78 6.32 -20.55
N ASN A 12 9.06 6.12 -20.80
CA ASN A 12 9.99 7.25 -20.93
C ASN A 12 9.55 8.11 -22.11
N PRO A 13 9.33 9.43 -21.92
CA PRO A 13 8.91 10.32 -23.03
C PRO A 13 10.02 10.60 -24.05
N LYS A 14 11.28 10.51 -23.60
CA LYS A 14 12.48 10.68 -24.45
C LYS A 14 12.51 9.60 -25.55
N THR A 15 12.46 8.34 -25.08
CA THR A 15 12.52 7.16 -25.96
C THR A 15 11.15 6.80 -26.56
N ASN A 16 10.08 7.12 -25.81
CA ASN A 16 8.66 6.81 -26.07
C ASN A 16 8.31 5.33 -25.90
N LYS A 17 9.18 4.66 -25.15
CA LYS A 17 9.04 3.23 -24.83
C LYS A 17 8.91 3.00 -23.33
N TYR A 18 8.48 1.78 -23.02
CA TYR A 18 8.27 1.32 -21.64
C TYR A 18 9.43 0.47 -21.13
N GLU A 19 9.85 0.80 -19.92
CA GLU A 19 11.01 0.13 -19.28
C GLU A 19 10.63 -0.33 -17.87
N THR A 20 11.25 -1.40 -17.42
CA THR A 20 10.93 -1.97 -16.11
C THR A 20 12.01 -1.59 -15.09
N LYS A 21 11.81 -0.40 -14.55
CA LYS A 21 12.70 0.21 -13.54
C LYS A 21 12.64 -0.60 -12.23
N ARG A 22 13.55 -0.28 -11.31
CA ARG A 22 13.68 -1.01 -10.03
C ARG A 22 13.50 -0.06 -8.84
N LEU A 23 12.27 -0.01 -8.37
CA LEU A 23 11.90 0.82 -7.22
C LEU A 23 12.22 0.14 -5.91
N LEU A 24 13.43 0.46 -5.41
CA LEU A 24 13.91 -0.02 -4.12
C LEU A 24 13.37 0.86 -2.97
N TYR A 25 12.74 0.16 -2.05
CA TYR A 25 12.16 0.71 -0.82
C TYR A 25 12.87 0.13 0.39
N ASN A 26 12.97 0.99 1.40
CA ASN A 26 13.55 0.57 2.68
C ASN A 26 12.41 0.26 3.64
N GLN A 27 12.32 -1.01 4.02
CA GLN A 27 11.32 -1.46 5.01
C GLN A 27 11.37 -0.62 6.29
N ASN A 28 12.55 -0.12 6.64
CA ASN A 28 12.71 0.79 7.79
C ASN A 28 11.79 2.01 7.64
N LYS A 29 11.89 2.65 6.49
CA LYS A 29 11.01 3.76 6.13
C LYS A 29 9.57 3.31 5.90
N ALA A 30 9.33 2.07 5.47
CA ALA A 30 7.97 1.52 5.30
C ALA A 30 7.26 1.27 6.64
N GLU A 31 7.88 0.46 7.50
CA GLU A 31 7.43 0.19 8.87
C GLU A 31 7.37 1.49 9.70
N SER A 32 8.19 2.47 9.37
CA SER A 32 8.20 3.79 10.03
C SER A 32 7.12 4.74 9.48
N ASN A 33 6.99 4.81 8.16
CA ASN A 33 5.98 5.60 7.42
C ASN A 33 4.57 5.21 7.88
N SER A 34 4.33 3.89 7.94
CA SER A 34 3.09 3.34 8.46
C SER A 34 2.85 3.75 9.93
N HIS A 35 3.91 3.71 10.72
CA HIS A 35 3.90 4.12 12.15
C HIS A 35 3.82 5.64 12.37
N HIS A 36 4.08 6.39 11.30
CA HIS A 36 3.97 7.87 11.24
C HIS A 36 2.63 8.33 10.61
N ALA A 37 1.90 7.35 10.07
CA ALA A 37 0.57 7.52 9.46
C ALA A 37 -0.51 7.13 10.49
N PRO A 38 -1.67 7.81 10.45
CA PRO A 38 -2.80 7.55 11.36
C PRO A 38 -3.50 6.27 10.90
N LEU A 39 -3.94 5.55 11.92
CA LEU A 39 -4.60 4.26 11.73
C LEU A 39 -6.11 4.41 11.50
N SER A 40 -6.41 4.84 10.28
CA SER A 40 -7.79 5.17 9.88
C SER A 40 -7.90 5.51 8.39
N ASP A 41 -8.86 4.83 7.77
CA ASP A 41 -9.16 5.01 6.33
C ASP A 41 -9.99 6.24 6.11
N GLY A 42 -9.68 6.94 5.02
CA GLY A 42 -10.34 8.19 4.62
C GLY A 42 -10.55 9.16 5.80
N LYS A 43 -9.60 9.12 6.75
CA LYS A 43 -9.69 9.91 7.99
C LYS A 43 -8.44 10.77 8.17
N THR A 44 -7.98 11.24 7.02
CA THR A 44 -6.76 12.05 6.90
C THR A 44 -6.91 12.98 5.71
N GLY A 45 -5.93 13.86 5.57
CA GLY A 45 -5.89 14.87 4.53
C GLY A 45 -6.02 14.27 3.11
N SER A 46 -4.95 13.62 2.68
CA SER A 46 -4.93 12.92 1.38
C SER A 46 -5.88 11.72 1.31
N SER A 47 -6.51 11.42 2.45
CA SER A 47 -7.42 10.28 2.70
C SER A 47 -6.65 8.98 3.06
N TYR A 48 -5.32 9.10 3.01
CA TYR A 48 -4.36 8.03 3.32
C TYR A 48 -3.98 7.90 4.81
N PRO A 49 -3.75 6.68 5.29
CA PRO A 49 -3.82 5.42 4.54
C PRO A 49 -5.26 4.98 4.29
N HIS A 50 -5.47 4.62 3.02
CA HIS A 50 -6.80 4.16 2.60
C HIS A 50 -6.89 2.64 2.79
N TRP A 51 -8.11 2.16 2.71
CA TRP A 51 -8.37 0.72 2.84
C TRP A 51 -7.84 0.00 1.60
N PHE A 52 -7.23 -1.12 1.92
CA PHE A 52 -6.70 -2.02 0.90
C PHE A 52 -7.51 -3.31 0.95
N THR A 53 -8.52 -3.30 0.08
CA THR A 53 -9.36 -4.48 -0.22
C THR A 53 -8.53 -5.78 -0.21
N ASN A 54 -7.37 -5.69 -0.84
CA ASN A 54 -6.39 -6.78 -1.00
C ASN A 54 -7.08 -8.00 -1.64
N GLY A 55 -8.00 -7.68 -2.54
CA GLY A 55 -8.88 -8.68 -3.16
C GLY A 55 -10.16 -8.95 -2.36
N TYR A 56 -10.03 -8.84 -1.04
CA TYR A 56 -11.13 -9.10 -0.09
C TYR A 56 -12.05 -7.86 0.02
N ASP A 57 -13.30 -8.15 0.32
CA ASP A 57 -14.33 -7.10 0.46
C ASP A 57 -14.27 -6.49 1.87
N GLY A 58 -15.38 -5.87 2.32
CA GLY A 58 -15.49 -5.29 3.66
C GLY A 58 -15.81 -6.34 4.74
N ASP A 59 -15.29 -7.55 4.54
CA ASP A 59 -15.54 -8.70 5.44
C ASP A 59 -14.41 -9.74 5.33
N GLY A 60 -14.20 -10.19 4.10
CA GLY A 60 -13.13 -11.13 3.73
C GLY A 60 -13.55 -12.16 2.67
N LYS A 61 -14.17 -11.61 1.64
CA LYS A 61 -14.62 -12.36 0.45
C LYS A 61 -14.14 -11.67 -0.81
N LEU A 62 -13.83 -12.47 -1.81
CA LEU A 62 -13.28 -11.98 -3.08
C LEU A 62 -14.25 -12.27 -4.22
N PRO A 63 -14.32 -11.42 -5.25
CA PRO A 63 -15.17 -11.68 -6.43
C PRO A 63 -14.61 -12.82 -7.30
N LYS A 64 -15.14 -12.92 -8.51
CA LYS A 64 -14.75 -13.97 -9.47
C LYS A 64 -13.50 -13.53 -10.25
N GLY A 65 -12.37 -14.03 -9.76
CA GLY A 65 -11.05 -13.78 -10.37
C GLY A 65 -10.29 -12.70 -9.60
N ARG A 66 -10.00 -13.03 -8.35
CA ARG A 66 -9.24 -12.15 -7.47
C ARG A 66 -7.94 -12.79 -6.98
N THR A 67 -7.06 -11.93 -6.48
CA THR A 67 -5.75 -12.35 -5.99
C THR A 67 -5.29 -11.54 -4.78
N PRO A 68 -5.55 -12.05 -3.58
CA PRO A 68 -5.16 -11.36 -2.34
C PRO A 68 -3.67 -11.51 -2.12
N ILE A 69 -2.97 -10.41 -2.36
CA ILE A 69 -1.50 -10.34 -2.18
C ILE A 69 -1.15 -10.94 -0.81
N LYS A 70 -0.62 -12.15 -0.88
CA LYS A 70 -0.23 -12.89 0.31
C LYS A 70 1.23 -12.55 0.65
N PHE A 71 1.47 -12.55 1.96
CA PHE A 71 2.77 -12.16 2.54
C PHE A 71 3.39 -13.32 3.34
N GLY A 72 2.81 -14.52 3.19
CA GLY A 72 3.17 -15.74 3.93
C GLY A 72 2.65 -15.72 5.39
N LYS A 73 1.92 -14.66 5.72
CA LYS A 73 1.33 -14.48 7.06
C LYS A 73 -0.18 -14.75 6.94
N SER A 74 -0.61 -15.76 7.69
CA SER A 74 -2.04 -16.15 7.76
C SER A 74 -2.92 -15.02 8.35
N ASP A 75 -2.26 -14.03 8.95
CA ASP A 75 -2.87 -12.79 9.47
C ASP A 75 -2.98 -11.70 8.39
N CYS A 76 -1.89 -11.37 7.72
CA CYS A 76 -1.95 -10.41 6.59
C CYS A 76 -2.79 -10.94 5.41
N ASP A 77 -2.88 -12.26 5.28
CA ASP A 77 -3.75 -12.96 4.33
C ASP A 77 -5.18 -13.15 4.83
N ARG A 78 -5.35 -13.11 6.16
CA ARG A 78 -6.67 -13.31 6.83
C ARG A 78 -7.73 -12.41 6.18
N PRO A 79 -9.03 -12.71 6.43
CA PRO A 79 -10.12 -11.84 5.99
C PRO A 79 -10.13 -10.50 6.77
N PRO A 80 -9.83 -9.38 6.08
CA PRO A 80 -9.83 -8.04 6.69
C PRO A 80 -11.28 -7.58 6.94
N LYS A 81 -11.47 -7.04 8.14
CA LYS A 81 -12.80 -6.56 8.55
C LYS A 81 -12.83 -5.05 8.39
N HIS A 82 -13.10 -4.63 7.16
CA HIS A 82 -13.26 -3.21 6.82
C HIS A 82 -14.70 -2.74 7.10
N SER A 83 -14.77 -1.67 7.88
CA SER A 83 -16.05 -1.06 8.26
C SER A 83 -16.43 0.04 7.27
N LYS A 84 -17.42 0.86 7.63
CA LYS A 84 -17.86 1.97 6.78
C LYS A 84 -16.71 2.95 6.42
N ASP A 85 -16.24 3.68 7.42
CA ASP A 85 -15.10 4.61 7.28
C ASP A 85 -13.83 3.84 6.89
N GLY A 86 -13.76 2.63 7.41
CA GLY A 86 -12.63 1.72 7.22
C GLY A 86 -12.14 1.05 8.49
N ASN A 87 -12.64 1.52 9.61
CA ASN A 87 -12.20 1.15 10.97
C ASN A 87 -13.40 1.02 11.95
N GLY A 88 -13.82 2.14 12.50
CA GLY A 88 -14.97 2.21 13.42
C GLY A 88 -14.50 2.05 14.87
N LYS A 89 -14.61 0.83 15.38
CA LYS A 89 -14.20 0.51 16.77
C LYS A 89 -12.83 -0.20 16.78
N THR A 90 -12.86 -1.52 16.59
CA THR A 90 -11.65 -2.37 16.59
C THR A 90 -11.62 -3.33 15.40
N ASP A 91 -11.71 -2.71 14.22
CA ASP A 91 -11.65 -3.48 12.95
C ASP A 91 -10.23 -3.91 12.63
N HIS A 92 -10.10 -5.07 12.01
CA HIS A 92 -8.77 -5.56 11.62
C HIS A 92 -8.65 -5.65 10.09
N TYR A 93 -8.68 -4.48 9.49
CA TYR A 93 -8.62 -4.35 8.03
C TYR A 93 -7.18 -4.12 7.57
N LEU A 94 -6.91 -4.63 6.37
CA LEU A 94 -5.62 -4.38 5.71
C LEU A 94 -5.67 -3.09 4.92
N LEU A 95 -4.82 -2.16 5.33
CA LEU A 95 -4.66 -0.86 4.66
C LEU A 95 -3.30 -0.75 3.95
N GLU A 96 -3.28 0.18 2.99
CA GLU A 96 -2.08 0.43 2.18
C GLU A 96 -1.71 1.92 2.12
N PHE A 97 -0.63 2.23 2.82
CA PHE A 97 -0.11 3.60 2.87
C PHE A 97 0.79 3.86 1.64
N PRO A 98 0.71 5.04 1.01
CA PRO A 98 1.60 5.44 -0.10
C PRO A 98 3.02 5.70 0.42
N THR A 99 3.76 4.61 0.52
CA THR A 99 5.16 4.65 0.97
C THR A 99 6.10 5.11 -0.15
N PHE A 100 7.03 5.97 0.23
CA PHE A 100 7.98 6.59 -0.72
C PHE A 100 9.41 6.06 -0.54
N PRO A 101 10.19 5.94 -1.63
CA PRO A 101 11.57 5.42 -1.54
C PRO A 101 12.54 6.43 -0.93
N ASP A 102 12.37 7.71 -1.28
CA ASP A 102 13.13 8.85 -0.70
C ASP A 102 13.16 8.79 0.83
N GLY A 103 12.08 8.22 1.38
CA GLY A 103 11.90 8.02 2.83
C GLY A 103 11.24 9.23 3.50
N HIS A 104 10.74 10.12 2.65
CA HIS A 104 9.98 11.28 3.10
C HIS A 104 8.52 10.84 3.32
N ASP A 105 8.02 11.26 4.46
CA ASP A 105 6.61 11.09 4.78
C ASP A 105 5.82 12.06 3.88
N TYR A 106 5.46 11.55 2.72
CA TYR A 106 4.55 12.24 1.78
C TYR A 106 3.43 12.97 2.54
N LYS A 107 3.02 14.09 1.95
CA LYS A 107 1.90 14.88 2.44
C LYS A 107 0.56 14.12 2.32
N PHE A 108 0.45 13.12 3.19
CA PHE A 108 -0.74 12.27 3.31
C PHE A 108 -1.85 12.91 4.14
N ASP A 109 -1.41 13.76 5.05
CA ASP A 109 -2.29 14.54 5.93
C ASP A 109 -2.74 15.87 5.29
N SER A 110 -2.21 16.15 4.09
CA SER A 110 -2.49 17.41 3.39
C SER A 110 -3.60 17.16 2.37
N LYS A 111 -4.81 17.51 2.79
CA LYS A 111 -6.02 17.36 1.96
C LYS A 111 -5.93 18.16 0.67
N LYS A 112 -5.88 19.47 0.86
CA LYS A 112 -5.72 20.41 -0.25
C LYS A 112 -4.64 21.46 0.09
N PRO A 113 -3.58 21.51 -0.73
CA PRO A 113 -3.37 20.61 -1.88
C PRO A 113 -2.86 19.23 -1.46
N LYS A 114 -2.69 18.35 -2.44
CA LYS A 114 -2.28 16.97 -2.22
C LYS A 114 -1.59 16.47 -3.49
N GLU A 115 -0.27 16.37 -3.38
CA GLU A 115 0.57 15.83 -4.45
C GLU A 115 0.18 14.36 -4.72
N ASN A 116 0.36 13.94 -5.96
CA ASN A 116 0.14 12.54 -6.37
C ASN A 116 0.91 11.57 -5.45
N PRO A 117 0.28 10.45 -5.05
CA PRO A 117 0.93 9.46 -4.19
C PRO A 117 2.05 8.69 -4.91
N GLY A 118 2.47 7.59 -4.30
CA GLY A 118 3.55 6.72 -4.79
C GLY A 118 3.00 5.43 -5.44
N PRO A 119 3.78 4.77 -6.31
CA PRO A 119 3.38 3.49 -6.90
C PRO A 119 3.42 2.35 -5.88
N ALA A 120 4.47 2.34 -5.06
CA ALA A 120 4.60 1.37 -3.98
C ALA A 120 3.96 1.87 -2.68
N ARG A 121 3.31 0.89 -2.09
CA ARG A 121 2.50 1.07 -0.88
C ARG A 121 2.85 0.00 0.16
N VAL A 122 3.07 0.49 1.39
CA VAL A 122 3.34 -0.38 2.55
C VAL A 122 2.02 -0.91 3.12
N ILE A 123 1.97 -2.23 3.17
CA ILE A 123 0.78 -2.96 3.66
C ILE A 123 1.10 -3.51 5.05
N TYR A 124 0.06 -3.42 5.88
CA TYR A 124 0.14 -3.71 7.31
C TYR A 124 -1.25 -3.71 7.94
N THR A 125 -1.46 -4.71 8.79
CA THR A 125 -2.72 -4.88 9.53
C THR A 125 -2.98 -3.67 10.44
N TYR A 126 -3.96 -3.77 11.33
CA TYR A 126 -4.36 -2.66 12.23
C TYR A 126 -5.21 -3.17 13.40
N PRO A 127 -5.02 -2.59 14.61
CA PRO A 127 -3.97 -1.62 14.96
C PRO A 127 -2.57 -2.22 15.14
N ASN A 128 -2.53 -3.55 15.00
CA ASN A 128 -1.33 -4.39 15.03
C ASN A 128 -0.21 -3.75 14.19
N LYS A 129 -0.57 -3.32 12.97
CA LYS A 129 0.37 -2.72 12.01
C LYS A 129 1.53 -3.67 11.68
N VAL A 130 1.20 -4.97 11.72
CA VAL A 130 2.14 -6.07 11.46
C VAL A 130 2.51 -5.98 9.99
N PHE A 131 3.58 -5.21 9.77
CA PHE A 131 4.22 -4.96 8.47
C PHE A 131 4.18 -6.23 7.63
N CYS A 132 3.28 -6.19 6.67
CA CYS A 132 3.05 -7.35 5.77
C CYS A 132 4.12 -7.34 4.67
N GLY A 133 4.16 -6.21 3.98
CA GLY A 133 5.12 -5.98 2.89
C GLY A 133 4.92 -4.63 2.19
N ILE A 134 5.38 -4.62 0.95
CA ILE A 134 5.25 -3.48 0.03
C ILE A 134 4.81 -4.01 -1.33
N ILE A 135 3.74 -3.40 -1.80
CA ILE A 135 3.17 -3.71 -3.13
C ILE A 135 3.07 -2.43 -3.97
N ALA A 136 3.45 -2.60 -5.22
CA ALA A 136 3.47 -1.50 -6.21
C ALA A 136 2.78 -1.90 -7.51
N HIS A 137 2.44 -0.90 -8.28
CA HIS A 137 1.83 -1.10 -9.61
C HIS A 137 2.92 -1.40 -10.64
N THR A 138 2.77 -2.53 -11.31
CA THR A 138 3.72 -3.02 -12.32
C THR A 138 3.51 -2.36 -13.68
N LYS A 139 3.26 -1.06 -13.63
CA LYS A 139 2.98 -0.19 -14.80
C LYS A 139 2.83 1.27 -14.35
N GLU A 140 3.97 1.86 -14.00
CA GLU A 140 4.13 3.26 -13.56
C GLU A 140 3.48 3.48 -12.19
N ASN A 141 2.16 3.62 -12.23
CA ASN A 141 1.28 3.85 -11.07
C ASN A 141 -0.14 3.30 -11.33
N GLN A 142 -0.22 2.28 -12.19
CA GLN A 142 -1.49 1.63 -12.57
C GLN A 142 -1.30 0.14 -12.87
N GLY A 143 -2.43 -0.56 -12.83
CA GLY A 143 -2.51 -2.01 -13.05
C GLY A 143 -2.30 -2.74 -11.71
N GLU A 144 -2.70 -4.00 -11.71
CA GLU A 144 -2.60 -4.89 -10.54
C GLU A 144 -1.24 -4.75 -9.84
N LEU A 145 -1.35 -4.59 -8.52
CA LEU A 145 -0.17 -4.38 -7.67
C LEU A 145 0.52 -5.71 -7.42
N LYS A 146 1.81 -5.71 -7.65
CA LYS A 146 2.63 -6.91 -7.39
C LYS A 146 3.39 -6.75 -6.07
N LEU A 147 3.35 -7.84 -5.31
CA LEU A 147 4.10 -7.99 -4.07
C LEU A 147 5.60 -7.90 -4.35
N CYS A 148 6.15 -6.73 -3.98
CA CYS A 148 7.60 -6.49 -4.08
C CYS A 148 8.34 -7.58 -3.30
N SER A 149 9.65 -7.61 -3.47
CA SER A 149 10.49 -8.63 -2.82
C SER A 149 11.70 -8.00 -2.15
N HIS A 150 12.20 -8.71 -1.15
CA HIS A 150 13.38 -8.27 -0.41
C HIS A 150 14.50 -9.32 -0.29
N ALA A 1 18.56 -4.77 6.87
CA ALA A 1 17.16 -4.41 7.05
C ALA A 1 16.31 -5.21 6.05
N VAL A 2 15.53 -4.54 5.21
CA VAL A 2 14.62 -5.20 4.26
C VAL A 2 14.41 -4.24 3.06
N THR A 3 15.23 -4.44 2.04
CA THR A 3 15.18 -3.63 0.81
C THR A 3 14.09 -4.16 -0.14
N TRP A 4 12.93 -3.54 -0.07
CA TRP A 4 11.80 -3.92 -0.94
C TRP A 4 11.95 -3.29 -2.32
N THR A 5 12.32 -4.11 -3.27
CA THR A 5 12.62 -3.61 -4.64
C THR A 5 11.50 -4.07 -5.59
N CYS A 6 10.84 -3.07 -6.15
CA CYS A 6 9.68 -3.28 -7.02
C CYS A 6 10.09 -2.94 -8.46
N LEU A 7 9.79 -3.84 -9.37
CA LEU A 7 10.16 -3.65 -10.79
C LEU A 7 8.96 -3.11 -11.59
N ASN A 8 8.85 -1.79 -11.55
CA ASN A 8 7.74 -1.08 -12.22
C ASN A 8 8.20 -0.64 -13.61
N ASP A 9 7.23 -0.47 -14.49
CA ASP A 9 7.52 -0.04 -15.85
C ASP A 9 7.39 1.49 -15.96
N GLN A 10 8.37 2.16 -16.52
CA GLN A 10 8.36 3.63 -16.68
C GLN A 10 8.45 4.03 -18.14
N LYS A 11 7.45 4.81 -18.58
CA LYS A 11 7.38 5.30 -19.96
C LYS A 11 8.15 6.61 -20.05
N ASN A 12 9.44 6.47 -20.29
CA ASN A 12 10.35 7.63 -20.44
C ASN A 12 9.83 8.49 -21.60
N PRO A 13 9.60 9.80 -21.40
CA PRO A 13 9.13 10.70 -22.46
C PRO A 13 10.24 11.06 -23.47
N LYS A 14 11.49 11.03 -23.01
CA LYS A 14 12.68 11.30 -23.84
C LYS A 14 12.76 10.28 -24.98
N THR A 15 12.60 9.02 -24.62
CA THR A 15 12.67 7.91 -25.57
C THR A 15 11.27 7.41 -25.97
N ASN A 16 10.24 8.02 -25.37
CA ASN A 16 8.82 7.62 -25.51
C ASN A 16 8.61 6.11 -25.39
N LYS A 17 9.52 5.48 -24.66
CA LYS A 17 9.59 4.02 -24.52
C LYS A 17 9.44 3.63 -23.05
N TYR A 18 9.06 2.38 -22.89
CA TYR A 18 8.81 1.79 -21.56
C TYR A 18 10.01 0.96 -21.08
N GLU A 19 10.32 1.13 -19.80
CA GLU A 19 11.49 0.47 -19.18
C GLU A 19 11.12 -0.05 -17.80
N THR A 20 11.73 -1.15 -17.41
CA THR A 20 11.43 -1.78 -16.12
C THR A 20 12.53 -1.45 -15.11
N LYS A 21 12.38 -0.25 -14.55
CA LYS A 21 13.33 0.26 -13.55
C LYS A 21 13.13 -0.48 -12.22
N ARG A 22 14.14 -0.37 -11.37
CA ARG A 22 14.14 -1.04 -10.05
C ARG A 22 13.83 -0.03 -8.94
N LEU A 23 12.59 -0.05 -8.51
CA LEU A 23 12.10 0.83 -7.43
C LEU A 23 12.43 0.20 -6.06
N LEU A 24 13.64 0.51 -5.63
CA LEU A 24 14.13 0.10 -4.30
C LEU A 24 13.49 0.97 -3.22
N TYR A 25 12.99 0.29 -2.22
CA TYR A 25 12.33 0.90 -1.05
C TYR A 25 12.96 0.35 0.24
N ASN A 26 13.35 1.27 1.09
CA ASN A 26 13.91 0.90 2.39
C ASN A 26 12.74 0.62 3.35
N GLN A 27 12.65 -0.63 3.81
CA GLN A 27 11.61 -1.01 4.78
C GLN A 27 11.64 -0.12 6.02
N ASN A 28 12.83 0.29 6.44
CA ASN A 28 12.98 1.24 7.55
C ASN A 28 12.13 2.51 7.35
N LYS A 29 11.86 2.82 6.09
CA LYS A 29 10.98 3.91 5.69
C LYS A 29 9.52 3.46 5.55
N ALA A 30 9.28 2.21 5.19
CA ALA A 30 7.92 1.63 5.10
C ALA A 30 7.32 1.28 6.49
N GLU A 31 8.11 0.57 7.29
CA GLU A 31 7.77 0.24 8.69
C GLU A 31 7.58 1.52 9.52
N SER A 32 8.36 2.55 9.21
CA SER A 32 8.24 3.85 9.90
C SER A 32 7.07 4.68 9.36
N ASN A 33 6.96 4.76 8.03
CA ASN A 33 5.83 5.46 7.35
C ASN A 33 4.48 4.99 7.85
N SER A 34 4.35 3.67 7.95
CA SER A 34 3.15 3.02 8.49
C SER A 34 2.95 3.33 9.99
N HIS A 35 4.06 3.44 10.71
CA HIS A 35 4.07 3.80 12.14
C HIS A 35 3.99 5.33 12.35
N HIS A 36 3.81 6.06 11.24
CA HIS A 36 3.70 7.53 11.25
C HIS A 36 2.23 7.92 10.96
N ALA A 37 1.71 7.44 9.83
CA ALA A 37 0.30 7.63 9.48
C ALA A 37 -0.66 7.05 10.53
N PRO A 38 -1.82 7.70 10.74
CA PRO A 38 -2.81 7.25 11.70
C PRO A 38 -3.50 5.98 11.18
N LEU A 39 -4.06 5.26 12.12
CA LEU A 39 -4.77 4.02 11.82
C LEU A 39 -6.27 4.25 11.62
N SER A 40 -6.59 4.67 10.41
CA SER A 40 -7.96 5.03 10.04
C SER A 40 -8.12 5.08 8.51
N ASP A 41 -9.06 4.26 8.04
CA ASP A 41 -9.36 4.18 6.61
C ASP A 41 -10.12 5.45 6.20
N GLY A 42 -9.61 6.08 5.15
CA GLY A 42 -10.22 7.29 4.55
C GLY A 42 -10.70 8.27 5.64
N LYS A 43 -9.71 8.82 6.32
CA LYS A 43 -9.98 9.77 7.44
C LYS A 43 -8.85 10.81 7.57
N THR A 44 -8.24 11.07 6.43
CA THR A 44 -7.09 12.00 6.40
C THR A 44 -7.18 12.80 5.11
N GLY A 45 -6.31 13.79 5.03
CA GLY A 45 -6.28 14.72 3.89
C GLY A 45 -6.22 14.01 2.53
N SER A 46 -5.09 13.37 2.28
CA SER A 46 -4.91 12.56 1.07
C SER A 46 -5.85 11.36 1.02
N SER A 47 -6.56 11.09 2.13
CA SER A 47 -7.51 9.98 2.34
C SER A 47 -6.79 8.73 2.86
N TYR A 48 -5.46 8.85 2.92
CA TYR A 48 -4.54 7.80 3.35
C TYR A 48 -4.32 7.83 4.88
N PRO A 49 -4.08 6.66 5.50
CA PRO A 49 -4.04 5.35 4.83
C PRO A 49 -5.43 4.83 4.53
N HIS A 50 -5.59 4.48 3.27
CA HIS A 50 -6.87 3.95 2.81
C HIS A 50 -6.82 2.43 2.88
N TRP A 51 -7.94 1.87 3.33
CA TRP A 51 -8.13 0.42 3.42
C TRP A 51 -7.78 -0.20 2.07
N PHE A 52 -6.99 -1.24 2.21
CA PHE A 52 -6.49 -2.02 1.11
C PHE A 52 -7.33 -3.28 1.02
N THR A 53 -8.38 -3.12 0.21
CA THR A 53 -9.27 -4.24 -0.17
C THR A 53 -8.48 -5.51 -0.42
N ASN A 54 -7.34 -5.34 -1.11
CA ASN A 54 -6.42 -6.44 -1.46
C ASN A 54 -7.17 -7.56 -2.19
N GLY A 55 -8.29 -7.18 -2.77
CA GLY A 55 -9.24 -8.10 -3.41
C GLY A 55 -10.54 -8.16 -2.62
N TYR A 56 -10.50 -8.24 -1.29
CA TYR A 56 -11.71 -8.27 -0.42
C TYR A 56 -12.76 -7.24 -0.85
N ASP A 57 -14.02 -7.60 -0.59
CA ASP A 57 -15.14 -6.69 -0.92
C ASP A 57 -15.32 -5.59 0.14
N GLY A 58 -15.33 -6.06 1.38
CA GLY A 58 -15.53 -5.21 2.59
C GLY A 58 -16.15 -6.00 3.75
N ASP A 59 -15.79 -7.27 3.84
CA ASP A 59 -16.26 -8.16 4.92
C ASP A 59 -15.29 -9.32 5.13
N GLY A 60 -14.86 -9.92 4.02
CA GLY A 60 -14.00 -11.12 4.08
C GLY A 60 -14.02 -11.92 2.77
N LYS A 61 -15.15 -11.80 2.08
CA LYS A 61 -15.30 -12.45 0.78
C LYS A 61 -14.79 -11.57 -0.36
N LEU A 62 -14.14 -12.23 -1.29
CA LEU A 62 -13.59 -11.55 -2.47
C LEU A 62 -14.59 -11.62 -3.65
N PRO A 63 -14.66 -10.56 -4.48
CA PRO A 63 -15.56 -10.49 -5.63
C PRO A 63 -15.08 -11.47 -6.72
N LYS A 64 -15.56 -11.25 -7.94
CA LYS A 64 -15.18 -12.06 -9.12
C LYS A 64 -13.74 -11.75 -9.58
N GLY A 65 -12.81 -12.05 -8.67
CA GLY A 65 -11.37 -11.81 -8.90
C GLY A 65 -10.58 -11.95 -7.60
N ARG A 66 -10.80 -13.08 -6.92
CA ARG A 66 -10.07 -13.41 -5.69
C ARG A 66 -8.58 -13.58 -5.99
N THR A 67 -7.85 -12.51 -5.70
CA THR A 67 -6.39 -12.49 -5.87
C THR A 67 -5.67 -11.64 -4.81
N PRO A 68 -5.84 -11.99 -3.53
CA PRO A 68 -5.24 -11.22 -2.44
C PRO A 68 -3.74 -11.48 -2.39
N ILE A 69 -2.98 -10.40 -2.47
CA ILE A 69 -1.52 -10.50 -2.38
C ILE A 69 -1.14 -11.31 -1.13
N LYS A 70 -0.54 -12.45 -1.39
CA LYS A 70 -0.07 -13.33 -0.31
C LYS A 70 1.33 -12.87 0.13
N PHE A 71 1.42 -12.66 1.43
CA PHE A 71 2.66 -12.19 2.08
C PHE A 71 3.34 -13.32 2.85
N GLY A 72 2.50 -14.16 3.46
CA GLY A 72 2.92 -15.30 4.30
C GLY A 72 2.60 -15.10 5.78
N LYS A 73 1.73 -14.12 6.02
CA LYS A 73 1.23 -13.85 7.38
C LYS A 73 -0.19 -14.38 7.55
N SER A 74 -0.53 -14.61 8.81
CA SER A 74 -1.85 -15.13 9.18
C SER A 74 -2.85 -13.99 9.43
N ASP A 75 -2.31 -12.83 9.79
CA ASP A 75 -3.10 -11.59 10.01
C ASP A 75 -3.28 -10.81 8.69
N CYS A 76 -2.24 -10.82 7.87
CA CYS A 76 -2.28 -10.17 6.53
C CYS A 76 -3.19 -10.94 5.57
N ASP A 77 -3.24 -12.25 5.78
CA ASP A 77 -4.15 -13.15 5.02
C ASP A 77 -5.55 -13.20 5.67
N ARG A 78 -5.64 -12.78 6.92
CA ARG A 78 -6.90 -12.75 7.68
C ARG A 78 -7.96 -11.86 6.99
N PRO A 79 -9.25 -12.08 7.29
CA PRO A 79 -10.33 -11.26 6.73
C PRO A 79 -10.34 -9.86 7.32
N PRO A 80 -10.08 -8.84 6.49
CA PRO A 80 -10.05 -7.44 6.88
C PRO A 80 -11.48 -6.95 7.11
N LYS A 81 -11.86 -7.01 8.37
CA LYS A 81 -13.20 -6.59 8.80
C LYS A 81 -13.31 -5.05 8.76
N HIS A 82 -13.40 -4.57 7.53
CA HIS A 82 -13.49 -3.14 7.21
C HIS A 82 -14.95 -2.69 7.38
N SER A 83 -15.09 -1.67 8.20
CA SER A 83 -16.44 -1.12 8.51
C SER A 83 -16.79 0.00 7.51
N LYS A 84 -17.56 1.01 7.91
CA LYS A 84 -17.90 2.14 7.04
C LYS A 84 -16.69 3.02 6.70
N ASP A 85 -16.08 3.50 7.77
CA ASP A 85 -14.88 4.35 7.70
C ASP A 85 -13.61 3.58 8.05
N GLY A 86 -13.73 2.24 8.04
CA GLY A 86 -12.68 1.30 8.43
C GLY A 86 -11.95 1.74 9.70
N ASN A 87 -12.71 1.66 10.78
CA ASN A 87 -12.24 2.02 12.14
C ASN A 87 -12.89 1.12 13.20
N GLY A 88 -14.21 0.95 13.05
CA GLY A 88 -15.07 0.23 14.02
C GLY A 88 -14.61 0.46 15.46
N LYS A 89 -14.76 -0.59 16.25
CA LYS A 89 -14.25 -0.58 17.63
C LYS A 89 -12.90 -1.34 17.71
N THR A 90 -12.83 -2.42 16.93
CA THR A 90 -11.67 -3.33 16.97
C THR A 90 -11.32 -3.75 15.53
N ASP A 91 -11.67 -2.90 14.56
CA ASP A 91 -11.37 -3.15 13.14
C ASP A 91 -9.96 -3.73 12.96
N HIS A 92 -9.86 -4.62 12.00
CA HIS A 92 -8.59 -5.30 11.74
C HIS A 92 -8.39 -5.57 10.24
N TYR A 93 -8.44 -4.46 9.53
CA TYR A 93 -8.29 -4.48 8.08
C TYR A 93 -6.85 -4.29 7.61
N LEU A 94 -6.63 -4.59 6.34
CA LEU A 94 -5.32 -4.37 5.71
C LEU A 94 -5.29 -2.99 5.04
N LEU A 95 -4.42 -2.14 5.55
CA LEU A 95 -4.28 -0.75 5.03
C LEU A 95 -3.06 -0.67 4.10
N GLU A 96 -3.08 0.34 3.25
CA GLU A 96 -2.00 0.60 2.28
C GLU A 96 -1.62 2.07 2.18
N PHE A 97 -0.44 2.34 2.70
CA PHE A 97 0.08 3.71 2.69
C PHE A 97 0.96 3.95 1.45
N PRO A 98 0.90 5.15 0.84
CA PRO A 98 1.72 5.51 -0.32
C PRO A 98 3.18 5.74 0.10
N THR A 99 3.88 4.62 0.25
CA THR A 99 5.30 4.66 0.66
C THR A 99 6.16 5.12 -0.51
N PHE A 100 7.08 6.04 -0.18
CA PHE A 100 7.99 6.66 -1.16
C PHE A 100 9.42 6.12 -1.03
N PRO A 101 10.20 6.12 -2.13
CA PRO A 101 11.59 5.63 -2.12
C PRO A 101 12.54 6.60 -1.44
N ASP A 102 12.35 7.90 -1.71
CA ASP A 102 13.12 9.01 -1.07
C ASP A 102 13.19 8.83 0.44
N GLY A 103 12.12 8.21 0.95
CA GLY A 103 11.97 7.86 2.36
C GLY A 103 11.35 9.00 3.16
N HIS A 104 10.67 9.84 2.41
CA HIS A 104 9.90 10.95 2.98
C HIS A 104 8.50 10.45 3.34
N ASP A 105 7.90 11.22 4.24
CA ASP A 105 6.54 10.96 4.69
C ASP A 105 5.59 11.90 3.96
N TYR A 106 5.28 11.52 2.73
CA TYR A 106 4.30 12.26 1.89
C TYR A 106 3.19 12.82 2.74
N LYS A 107 2.87 14.08 2.45
CA LYS A 107 1.77 14.78 3.14
C LYS A 107 0.42 14.12 2.81
N PHE A 108 0.18 13.06 3.56
CA PHE A 108 -1.05 12.27 3.45
C PHE A 108 -2.23 12.93 4.16
N ASP A 109 -1.88 13.92 4.97
CA ASP A 109 -2.85 14.75 5.68
C ASP A 109 -3.30 15.96 4.83
N SER A 110 -2.57 16.22 3.76
CA SER A 110 -2.87 17.39 2.92
C SER A 110 -3.94 17.04 1.88
N LYS A 111 -5.18 17.33 2.26
CA LYS A 111 -6.35 17.07 1.40
C LYS A 111 -6.24 17.79 0.07
N LYS A 112 -6.25 19.11 0.21
CA LYS A 112 -6.15 20.02 -0.92
C LYS A 112 -5.17 21.17 -0.62
N PRO A 113 -4.13 21.26 -1.46
CA PRO A 113 -3.86 20.36 -2.59
C PRO A 113 -3.29 19.03 -2.09
N LYS A 114 -2.99 18.17 -3.05
CA LYS A 114 -2.49 16.82 -2.78
C LYS A 114 -1.80 16.29 -4.03
N GLU A 115 -0.49 16.17 -3.90
CA GLU A 115 0.34 15.61 -4.98
C GLU A 115 -0.04 14.13 -5.21
N ASN A 116 0.13 13.71 -6.46
CA ASN A 116 -0.06 12.32 -6.88
C ASN A 116 0.69 11.35 -5.96
N PRO A 117 0.07 10.21 -5.61
CA PRO A 117 0.70 9.21 -4.73
C PRO A 117 1.85 8.51 -5.47
N GLY A 118 2.29 7.41 -4.86
CA GLY A 118 3.38 6.58 -5.37
C GLY A 118 2.86 5.25 -5.95
N PRO A 119 3.68 4.59 -6.80
CA PRO A 119 3.34 3.27 -7.36
C PRO A 119 3.45 2.18 -6.31
N ALA A 120 4.48 2.27 -5.49
CA ALA A 120 4.71 1.36 -4.36
C ALA A 120 4.07 1.88 -3.08
N ARG A 121 3.42 0.92 -2.42
CA ARG A 121 2.67 1.17 -1.19
C ARG A 121 2.97 0.09 -0.15
N VAL A 122 3.10 0.55 1.09
CA VAL A 122 3.33 -0.34 2.24
C VAL A 122 2.01 -0.91 2.74
N ILE A 123 2.01 -2.20 2.97
CA ILE A 123 0.83 -2.95 3.46
C ILE A 123 1.13 -3.45 4.87
N TYR A 124 0.06 -3.48 5.64
CA TYR A 124 0.12 -3.79 7.08
C TYR A 124 -1.27 -3.82 7.69
N THR A 125 -1.42 -4.75 8.64
CA THR A 125 -2.71 -4.95 9.32
C THR A 125 -2.95 -3.81 10.32
N TYR A 126 -3.81 -4.03 11.30
CA TYR A 126 -4.19 -3.00 12.29
C TYR A 126 -5.06 -3.58 13.42
N PRO A 127 -4.88 -3.08 14.65
CA PRO A 127 -3.84 -2.11 15.06
C PRO A 127 -2.43 -2.70 15.17
N ASN A 128 -2.40 -4.03 15.03
CA ASN A 128 -1.16 -4.81 15.01
C ASN A 128 -0.11 -4.16 14.12
N LYS A 129 -0.55 -3.74 12.94
CA LYS A 129 0.31 -3.09 11.93
C LYS A 129 1.48 -4.01 11.57
N VAL A 130 1.18 -5.30 11.57
CA VAL A 130 2.14 -6.36 11.24
C VAL A 130 2.52 -6.17 9.77
N PHE A 131 3.55 -5.36 9.60
CA PHE A 131 4.14 -5.03 8.30
C PHE A 131 4.19 -6.26 7.41
N CYS A 132 3.31 -6.23 6.42
CA CYS A 132 3.18 -7.40 5.51
C CYS A 132 4.27 -7.28 4.44
N GLY A 133 4.21 -6.17 3.72
CA GLY A 133 5.16 -5.86 2.66
C GLY A 133 4.82 -4.62 1.85
N ILE A 134 5.67 -4.35 0.87
CA ILE A 134 5.44 -3.22 -0.04
C ILE A 134 4.98 -3.78 -1.38
N ILE A 135 3.87 -3.27 -1.84
CA ILE A 135 3.30 -3.67 -3.13
C ILE A 135 3.31 -2.47 -4.08
N ALA A 136 3.64 -2.76 -5.32
CA ALA A 136 3.72 -1.72 -6.36
C ALA A 136 3.12 -2.22 -7.66
N HIS A 137 2.84 -1.29 -8.56
CA HIS A 137 2.28 -1.66 -9.86
C HIS A 137 3.40 -1.90 -10.85
N THR A 138 3.35 -3.05 -11.51
CA THR A 138 4.36 -3.46 -12.50
C THR A 138 4.10 -2.86 -13.89
N LYS A 139 3.72 -1.60 -13.88
CA LYS A 139 3.37 -0.82 -15.08
C LYS A 139 3.05 0.63 -14.70
N GLU A 140 4.11 1.36 -14.36
CA GLU A 140 4.07 2.80 -13.99
C GLU A 140 3.43 2.95 -12.62
N ASN A 141 2.10 3.00 -12.64
CA ASN A 141 1.24 3.17 -11.45
C ASN A 141 -0.15 2.56 -11.69
N GLN A 142 -0.17 1.49 -12.48
CA GLN A 142 -1.42 0.79 -12.81
C GLN A 142 -1.17 -0.70 -13.08
N GLY A 143 -2.27 -1.44 -13.00
CA GLY A 143 -2.26 -2.91 -13.19
C GLY A 143 -1.97 -3.60 -11.85
N GLU A 144 -2.29 -4.89 -11.83
CA GLU A 144 -2.09 -5.74 -10.63
C GLU A 144 -0.76 -5.42 -9.91
N LEU A 145 -0.94 -5.08 -8.64
CA LEU A 145 0.21 -4.71 -7.79
C LEU A 145 1.02 -5.97 -7.48
N LYS A 146 2.28 -5.93 -7.87
CA LYS A 146 3.20 -7.03 -7.61
C LYS A 146 3.89 -6.77 -6.27
N LEU A 147 3.61 -7.68 -5.34
CA LEU A 147 4.21 -7.72 -3.99
C LEU A 147 5.74 -7.70 -4.15
N CYS A 148 6.29 -6.51 -3.96
CA CYS A 148 7.75 -6.29 -4.02
C CYS A 148 8.43 -7.35 -3.15
N SER A 149 9.69 -7.56 -3.46
CA SER A 149 10.47 -8.60 -2.79
C SER A 149 11.76 -8.00 -2.27
N HIS A 150 12.14 -8.47 -1.10
CA HIS A 150 13.39 -8.04 -0.46
C HIS A 150 14.44 -9.17 -0.39
N ALA A 1 16.12 -4.06 8.39
CA ALA A 1 14.93 -3.42 7.80
C ALA A 1 14.49 -4.09 6.50
N VAL A 2 15.49 -4.44 5.70
CA VAL A 2 15.40 -5.15 4.39
C VAL A 2 15.13 -4.13 3.26
N THR A 3 15.45 -4.54 2.02
CA THR A 3 15.32 -3.72 0.80
C THR A 3 14.26 -4.28 -0.14
N TRP A 4 13.04 -3.81 0.02
CA TRP A 4 11.91 -4.23 -0.82
C TRP A 4 11.95 -3.48 -2.15
N THR A 5 12.31 -4.22 -3.19
CA THR A 5 12.49 -3.63 -4.52
C THR A 5 11.38 -4.14 -5.46
N CYS A 6 10.91 -3.21 -6.29
CA CYS A 6 9.85 -3.48 -7.27
C CYS A 6 10.28 -3.03 -8.67
N LEU A 7 9.80 -3.80 -9.65
CA LEU A 7 10.13 -3.58 -11.07
C LEU A 7 8.91 -3.01 -11.81
N ASN A 8 8.79 -1.69 -11.70
CA ASN A 8 7.67 -0.93 -12.29
C ASN A 8 8.08 -0.48 -13.71
N ASP A 9 7.07 -0.18 -14.50
CA ASP A 9 7.31 0.30 -15.87
C ASP A 9 7.24 1.84 -15.91
N GLN A 10 8.06 2.46 -16.75
CA GLN A 10 8.15 3.93 -16.90
C GLN A 10 8.28 4.36 -18.36
N LYS A 11 7.21 5.00 -18.84
CA LYS A 11 7.13 5.49 -20.23
C LYS A 11 7.89 6.81 -20.32
N ASN A 12 9.20 6.63 -20.35
CA ASN A 12 10.14 7.76 -20.42
C ASN A 12 9.73 8.65 -21.61
N PRO A 13 9.42 9.93 -21.41
CA PRO A 13 9.01 10.83 -22.49
C PRO A 13 10.13 11.20 -23.45
N LYS A 14 11.37 11.16 -22.94
CA LYS A 14 12.60 11.42 -23.72
C LYS A 14 12.75 10.39 -24.86
N THR A 15 12.57 9.12 -24.48
CA THR A 15 12.71 8.00 -25.43
C THR A 15 11.35 7.50 -25.94
N ASN A 16 10.27 8.08 -25.40
CA ASN A 16 8.85 7.69 -25.62
C ASN A 16 8.63 6.17 -25.53
N LYS A 17 9.43 5.56 -24.66
CA LYS A 17 9.48 4.11 -24.50
C LYS A 17 9.36 3.71 -23.02
N TYR A 18 8.79 2.53 -22.85
CA TYR A 18 8.53 1.92 -21.53
C TYR A 18 9.70 1.05 -21.08
N GLU A 19 10.15 1.34 -19.86
CA GLU A 19 11.29 0.62 -19.25
C GLU A 19 10.92 0.10 -17.86
N THR A 20 11.54 -1.00 -17.49
CA THR A 20 11.26 -1.66 -16.18
C THR A 20 12.37 -1.31 -15.19
N LYS A 21 12.23 -0.14 -14.62
CA LYS A 21 13.17 0.41 -13.62
C LYS A 21 13.04 -0.39 -12.31
N ARG A 22 14.07 -0.29 -11.48
CA ARG A 22 14.12 -0.98 -10.17
C ARG A 22 13.91 0.01 -9.02
N LEU A 23 12.66 0.06 -8.59
CA LEU A 23 12.25 0.91 -7.47
C LEU A 23 12.51 0.24 -6.13
N LEU A 24 13.64 0.61 -5.54
CA LEU A 24 14.05 0.13 -4.21
C LEU A 24 13.41 0.97 -3.10
N TYR A 25 12.81 0.23 -2.19
CA TYR A 25 12.14 0.78 -0.98
C TYR A 25 12.72 0.13 0.27
N ASN A 26 12.97 0.95 1.26
CA ASN A 26 13.46 0.44 2.54
C ASN A 26 12.23 0.15 3.40
N GLN A 27 12.18 -1.10 3.84
CA GLN A 27 11.07 -1.58 4.69
C GLN A 27 10.92 -0.75 5.96
N ASN A 28 12.05 -0.26 6.49
CA ASN A 28 12.07 0.65 7.65
C ASN A 28 11.24 1.91 7.37
N LYS A 29 11.55 2.57 6.25
CA LYS A 29 10.77 3.72 5.79
C LYS A 29 9.29 3.39 5.53
N ALA A 30 8.98 2.13 5.28
CA ALA A 30 7.61 1.65 5.10
C ALA A 30 6.92 1.34 6.45
N GLU A 31 7.46 0.43 7.24
CA GLU A 31 7.01 0.11 8.61
C GLU A 31 6.97 1.35 9.51
N SER A 32 7.84 2.32 9.24
CA SER A 32 7.90 3.61 9.96
C SER A 32 6.86 4.60 9.41
N ASN A 33 6.80 4.79 8.10
CA ASN A 33 5.76 5.64 7.46
C ASN A 33 4.35 5.25 7.88
N SER A 34 4.14 3.94 7.91
CA SER A 34 2.89 3.32 8.37
C SER A 34 2.62 3.57 9.85
N HIS A 35 3.67 3.39 10.66
CA HIS A 35 3.66 3.67 12.12
C HIS A 35 3.52 5.17 12.46
N HIS A 36 3.71 6.01 11.46
CA HIS A 36 3.57 7.47 11.55
C HIS A 36 2.16 7.91 11.16
N ALA A 37 1.68 7.38 10.02
CA ALA A 37 0.31 7.59 9.54
C ALA A 37 -0.74 7.07 10.55
N PRO A 38 -1.88 7.76 10.71
CA PRO A 38 -2.95 7.36 11.63
C PRO A 38 -3.65 6.12 11.09
N LEU A 39 -4.11 5.33 12.01
CA LEU A 39 -4.79 4.06 11.70
C LEU A 39 -6.30 4.29 11.56
N SER A 40 -6.64 4.78 10.37
CA SER A 40 -8.03 5.11 10.00
C SER A 40 -8.20 5.23 8.49
N ASP A 41 -8.92 4.26 7.93
CA ASP A 41 -9.25 4.28 6.49
C ASP A 41 -10.05 5.55 6.19
N GLY A 42 -9.67 6.18 5.08
CA GLY A 42 -10.36 7.36 4.51
C GLY A 42 -10.83 8.32 5.60
N LYS A 43 -9.85 8.84 6.33
CA LYS A 43 -10.10 9.74 7.47
C LYS A 43 -8.95 10.75 7.64
N THR A 44 -8.35 11.08 6.51
CA THR A 44 -7.19 12.00 6.47
C THR A 44 -7.32 12.88 5.22
N GLY A 45 -6.39 13.81 5.10
CA GLY A 45 -6.35 14.79 4.00
C GLY A 45 -6.34 14.13 2.62
N SER A 46 -5.24 13.46 2.33
CA SER A 46 -5.07 12.69 1.07
C SER A 46 -5.85 11.37 1.08
N SER A 47 -6.61 11.14 2.17
CA SER A 47 -7.45 9.94 2.46
C SER A 47 -6.63 8.80 3.09
N TYR A 48 -5.36 8.77 2.70
CA TYR A 48 -4.33 7.84 3.18
C TYR A 48 -4.02 7.98 4.68
N PRO A 49 -3.77 6.86 5.37
CA PRO A 49 -3.77 5.49 4.81
C PRO A 49 -5.20 4.96 4.62
N HIS A 50 -5.43 4.59 3.37
CA HIS A 50 -6.73 4.05 2.98
C HIS A 50 -6.72 2.53 3.20
N TRP A 51 -7.91 1.99 3.36
CA TRP A 51 -8.11 0.55 3.47
C TRP A 51 -7.73 -0.09 2.16
N PHE A 52 -6.95 -1.12 2.37
CA PHE A 52 -6.48 -1.98 1.32
C PHE A 52 -7.41 -3.19 1.32
N THR A 53 -8.43 -3.02 0.48
CA THR A 53 -9.36 -4.09 0.12
C THR A 53 -8.63 -5.41 -0.08
N ASN A 54 -7.43 -5.35 -0.65
CA ASN A 54 -6.57 -6.52 -0.94
C ASN A 54 -7.38 -7.59 -1.72
N GLY A 55 -8.39 -7.10 -2.44
CA GLY A 55 -9.37 -7.95 -3.16
C GLY A 55 -10.70 -8.10 -2.42
N TYR A 56 -10.64 -8.14 -1.08
CA TYR A 56 -11.83 -8.21 -0.19
C TYR A 56 -12.84 -7.10 -0.52
N ASP A 57 -14.08 -7.34 -0.10
CA ASP A 57 -15.17 -6.38 -0.30
C ASP A 57 -15.44 -5.49 0.94
N GLY A 58 -15.07 -6.01 2.09
CA GLY A 58 -15.30 -5.34 3.40
C GLY A 58 -14.82 -6.19 4.57
N ASP A 59 -15.32 -7.43 4.59
CA ASP A 59 -15.00 -8.44 5.62
C ASP A 59 -13.72 -9.22 5.28
N GLY A 60 -13.89 -10.29 4.51
CA GLY A 60 -12.81 -11.21 4.10
C GLY A 60 -13.20 -12.09 2.92
N LYS A 61 -14.17 -11.60 2.15
CA LYS A 61 -14.69 -12.28 0.98
C LYS A 61 -14.49 -11.43 -0.25
N LEU A 62 -14.22 -12.12 -1.34
CA LEU A 62 -13.88 -11.46 -2.59
C LEU A 62 -14.78 -12.01 -3.73
N PRO A 63 -15.07 -11.21 -4.76
CA PRO A 63 -15.98 -11.59 -5.85
C PRO A 63 -15.34 -12.63 -6.79
N LYS A 64 -15.95 -12.83 -7.95
CA LYS A 64 -15.46 -13.79 -8.96
C LYS A 64 -14.18 -13.24 -9.64
N GLY A 65 -13.08 -13.93 -9.33
CA GLY A 65 -11.76 -13.60 -9.88
C GLY A 65 -11.02 -12.62 -8.96
N ARG A 66 -10.64 -13.16 -7.82
CA ARG A 66 -9.90 -12.42 -6.80
C ARG A 66 -8.45 -12.87 -6.68
N THR A 67 -7.63 -11.93 -6.23
CA THR A 67 -6.21 -12.20 -6.02
C THR A 67 -5.62 -11.41 -4.84
N PRO A 68 -5.92 -11.85 -3.61
CA PRO A 68 -5.42 -11.17 -2.40
C PRO A 68 -3.93 -11.42 -2.23
N ILE A 69 -3.11 -10.43 -2.58
CA ILE A 69 -1.65 -10.48 -2.44
C ILE A 69 -1.29 -11.13 -1.09
N LYS A 70 -0.80 -12.36 -1.22
CA LYS A 70 -0.40 -13.15 -0.06
C LYS A 70 1.03 -12.77 0.30
N PHE A 71 1.18 -12.49 1.59
CA PHE A 71 2.46 -12.10 2.20
C PHE A 71 3.17 -13.29 2.88
N GLY A 72 2.44 -14.40 2.98
CA GLY A 72 2.87 -15.63 3.67
C GLY A 72 2.65 -15.58 5.19
N LYS A 73 1.83 -14.63 5.60
CA LYS A 73 1.44 -14.45 7.00
C LYS A 73 -0.08 -14.57 7.10
N SER A 74 -0.52 -15.67 7.73
CA SER A 74 -1.96 -15.92 8.02
C SER A 74 -2.67 -14.71 8.66
N ASP A 75 -1.87 -13.88 9.32
CA ASP A 75 -2.25 -12.59 9.93
C ASP A 75 -2.53 -11.54 8.85
N CYS A 76 -1.57 -11.22 8.02
CA CYS A 76 -1.77 -10.31 6.87
C CYS A 76 -2.79 -10.84 5.85
N ASP A 77 -2.98 -12.16 5.86
CA ASP A 77 -4.00 -12.86 5.06
C ASP A 77 -5.38 -12.88 5.75
N ARG A 78 -5.41 -12.61 7.06
CA ARG A 78 -6.65 -12.62 7.85
C ARG A 78 -7.74 -11.76 7.18
N PRO A 79 -9.02 -11.98 7.52
CA PRO A 79 -10.11 -11.15 7.01
C PRO A 79 -10.04 -9.73 7.60
N PRO A 80 -9.79 -8.71 6.78
CA PRO A 80 -9.72 -7.32 7.24
C PRO A 80 -11.12 -6.79 7.56
N LYS A 81 -11.35 -6.57 8.84
CA LYS A 81 -12.67 -6.10 9.29
C LYS A 81 -12.66 -4.56 9.24
N HIS A 82 -13.00 -4.04 8.07
CA HIS A 82 -13.12 -2.59 7.88
C HIS A 82 -14.57 -2.23 7.57
N SER A 83 -15.03 -1.16 8.22
CA SER A 83 -16.41 -0.66 8.08
C SER A 83 -16.63 -0.12 6.65
N LYS A 84 -17.44 0.92 6.46
CA LYS A 84 -17.65 1.50 5.11
C LYS A 84 -16.37 2.01 4.44
N ASP A 85 -15.93 3.18 4.90
CA ASP A 85 -14.66 3.78 4.50
C ASP A 85 -13.77 4.11 5.71
N GLY A 86 -13.99 3.34 6.77
CA GLY A 86 -13.26 3.52 8.03
C GLY A 86 -12.84 2.18 8.60
N ASN A 87 -13.20 2.06 9.87
CA ASN A 87 -12.85 0.91 10.68
C ASN A 87 -13.77 0.83 11.89
N GLY A 88 -13.26 1.27 13.04
CA GLY A 88 -13.98 1.24 14.32
C GLY A 88 -12.99 1.12 15.46
N LYS A 89 -13.47 0.49 16.53
CA LYS A 89 -12.66 0.29 17.74
C LYS A 89 -12.00 -1.09 17.80
N THR A 90 -12.47 -1.99 16.92
CA THR A 90 -12.07 -3.41 16.86
C THR A 90 -12.07 -3.94 15.41
N ASP A 91 -11.91 -3.00 14.50
CA ASP A 91 -11.91 -3.30 13.08
C ASP A 91 -10.50 -3.51 12.54
N HIS A 92 -10.12 -4.78 12.51
CA HIS A 92 -8.75 -5.19 12.12
C HIS A 92 -8.61 -5.31 10.60
N TYR A 93 -8.49 -4.14 10.00
CA TYR A 93 -8.34 -4.05 8.54
C TYR A 93 -6.91 -3.94 8.05
N LEU A 94 -6.74 -4.25 6.77
CA LEU A 94 -5.45 -4.10 6.10
C LEU A 94 -5.40 -2.75 5.40
N LEU A 95 -4.54 -1.88 5.93
CA LEU A 95 -4.33 -0.53 5.37
C LEU A 95 -3.22 -0.57 4.31
N GLU A 96 -3.26 0.43 3.41
CA GLU A 96 -2.31 0.61 2.32
C GLU A 96 -1.85 2.06 2.23
N PHE A 97 -0.68 2.30 2.77
CA PHE A 97 -0.06 3.64 2.68
C PHE A 97 0.85 3.70 1.45
N PRO A 98 0.79 4.79 0.66
CA PRO A 98 1.66 4.99 -0.49
C PRO A 98 3.08 5.35 -0.05
N THR A 99 3.83 4.31 0.25
CA THR A 99 5.23 4.46 0.68
C THR A 99 6.13 5.02 -0.43
N PHE A 100 7.05 5.88 -0.03
CA PHE A 100 7.96 6.58 -0.95
C PHE A 100 9.40 6.03 -0.89
N PRO A 101 10.14 6.02 -2.01
CA PRO A 101 11.51 5.48 -2.07
C PRO A 101 12.54 6.42 -1.40
N ASP A 102 12.38 7.72 -1.65
CA ASP A 102 13.15 8.79 -0.99
C ASP A 102 13.24 8.59 0.53
N GLY A 103 12.17 8.01 1.06
CA GLY A 103 12.02 7.68 2.47
C GLY A 103 11.42 8.81 3.30
N HIS A 104 10.79 9.71 2.57
CA HIS A 104 10.03 10.81 3.17
C HIS A 104 8.60 10.31 3.45
N ASP A 105 8.00 11.05 4.37
CA ASP A 105 6.61 10.83 4.77
C ASP A 105 5.71 11.82 4.05
N TYR A 106 5.39 11.44 2.81
CA TYR A 106 4.45 12.19 1.97
C TYR A 106 3.31 12.77 2.81
N LYS A 107 2.96 14.01 2.46
CA LYS A 107 1.86 14.73 3.11
C LYS A 107 0.50 14.08 2.78
N PHE A 108 0.23 13.01 3.53
CA PHE A 108 -1.01 12.24 3.41
C PHE A 108 -2.21 12.91 4.10
N ASP A 109 -1.85 13.84 4.97
CA ASP A 109 -2.82 14.67 5.69
C ASP A 109 -3.21 15.92 4.91
N SER A 110 -2.51 16.18 3.80
CA SER A 110 -2.76 17.35 2.94
C SER A 110 -3.83 17.02 1.91
N LYS A 111 -5.05 17.41 2.26
CA LYS A 111 -6.21 17.25 1.36
C LYS A 111 -5.98 17.94 0.01
N LYS A 112 -6.03 19.27 0.07
CA LYS A 112 -5.82 20.12 -1.10
C LYS A 112 -4.75 21.18 -0.81
N PRO A 113 -3.70 21.18 -1.64
CA PRO A 113 -3.47 20.21 -2.74
C PRO A 113 -2.97 18.87 -2.18
N LYS A 114 -2.77 17.95 -3.11
CA LYS A 114 -2.38 16.56 -2.80
C LYS A 114 -1.70 15.96 -4.03
N GLU A 115 -0.39 15.83 -3.94
CA GLU A 115 0.42 15.20 -5.00
C GLU A 115 0.05 13.72 -5.12
N ASN A 116 0.13 13.22 -6.35
CA ASN A 116 -0.10 11.81 -6.66
C ASN A 116 0.82 10.90 -5.82
N PRO A 117 0.27 9.79 -5.31
CA PRO A 117 1.05 8.84 -4.51
C PRO A 117 2.06 8.04 -5.36
N GLY A 118 2.91 7.29 -4.66
CA GLY A 118 3.96 6.46 -5.26
C GLY A 118 3.41 5.11 -5.76
N PRO A 119 4.14 4.36 -6.59
CA PRO A 119 3.67 3.04 -7.07
C PRO A 119 3.75 1.99 -5.97
N ALA A 120 4.89 1.94 -5.27
CA ALA A 120 5.07 1.06 -4.12
C ALA A 120 4.39 1.58 -2.86
N ARG A 121 3.59 0.67 -2.34
CA ARG A 121 2.74 0.95 -1.18
C ARG A 121 2.94 -0.13 -0.11
N VAL A 122 3.06 0.37 1.13
CA VAL A 122 3.23 -0.49 2.32
C VAL A 122 1.87 -1.03 2.76
N ILE A 123 1.91 -2.27 3.22
CA ILE A 123 0.71 -2.99 3.70
C ILE A 123 1.01 -3.53 5.10
N TYR A 124 -0.01 -3.41 5.95
CA TYR A 124 0.11 -3.73 7.38
C TYR A 124 -1.26 -3.72 8.06
N THR A 125 -1.41 -4.65 9.00
CA THR A 125 -2.68 -4.86 9.73
C THR A 125 -2.92 -3.69 10.71
N TYR A 126 -3.82 -3.87 11.68
CA TYR A 126 -4.17 -2.83 12.68
C TYR A 126 -4.92 -3.45 13.88
N PRO A 127 -4.68 -2.94 15.10
CA PRO A 127 -3.64 -1.94 15.45
C PRO A 127 -2.22 -2.50 15.50
N ASN A 128 -2.14 -3.83 15.34
CA ASN A 128 -0.90 -4.59 15.26
C ASN A 128 0.12 -3.90 14.36
N LYS A 129 -0.32 -3.56 13.14
CA LYS A 129 0.52 -2.90 12.13
C LYS A 129 1.71 -3.79 11.72
N VAL A 130 1.45 -5.10 11.83
CA VAL A 130 2.41 -6.16 11.47
C VAL A 130 2.65 -6.05 9.96
N PHE A 131 3.72 -5.31 9.69
CA PHE A 131 4.21 -5.06 8.34
C PHE A 131 4.09 -6.33 7.50
N CYS A 132 3.29 -6.20 6.46
CA CYS A 132 3.01 -7.32 5.55
C CYS A 132 4.04 -7.33 4.42
N GLY A 133 4.09 -6.21 3.71
CA GLY A 133 4.93 -6.07 2.52
C GLY A 133 4.81 -4.67 1.92
N ILE A 134 5.43 -4.57 0.74
CA ILE A 134 5.33 -3.40 -0.12
C ILE A 134 4.95 -3.91 -1.51
N ILE A 135 3.81 -3.44 -1.97
CA ILE A 135 3.29 -3.82 -3.30
C ILE A 135 3.31 -2.61 -4.23
N ALA A 136 3.76 -2.83 -5.45
CA ALA A 136 3.86 -1.75 -6.45
C ALA A 136 3.27 -2.20 -7.79
N HIS A 137 2.75 -1.22 -8.51
CA HIS A 137 2.15 -1.47 -9.82
C HIS A 137 3.26 -1.66 -10.87
N THR A 138 3.20 -2.79 -11.54
CA THR A 138 4.18 -3.17 -12.58
C THR A 138 3.91 -2.51 -13.94
N LYS A 139 3.55 -1.24 -13.85
CA LYS A 139 3.18 -0.37 -14.99
C LYS A 139 2.89 1.05 -14.49
N GLU A 140 3.96 1.80 -14.25
CA GLU A 140 3.92 3.20 -13.79
C GLU A 140 3.35 3.29 -12.36
N ASN A 141 2.02 3.33 -12.31
CA ASN A 141 1.20 3.40 -11.09
C ASN A 141 -0.18 2.75 -11.29
N GLN A 142 -0.28 1.84 -12.27
CA GLN A 142 -1.51 1.14 -12.61
C GLN A 142 -1.24 -0.35 -12.94
N GLY A 143 -2.32 -1.11 -12.83
CA GLY A 143 -2.30 -2.57 -13.05
C GLY A 143 -2.02 -3.31 -11.73
N GLU A 144 -2.33 -4.61 -11.71
CA GLU A 144 -2.12 -5.47 -10.52
C GLU A 144 -0.79 -5.19 -9.82
N LEU A 145 -0.91 -4.85 -8.55
CA LEU A 145 0.24 -4.52 -7.71
C LEU A 145 1.04 -5.80 -7.48
N LYS A 146 2.31 -5.74 -7.85
CA LYS A 146 3.22 -6.86 -7.67
C LYS A 146 3.93 -6.67 -6.32
N LEU A 147 3.66 -7.64 -5.45
CA LEU A 147 4.27 -7.76 -4.13
C LEU A 147 5.80 -7.75 -4.28
N CYS A 148 6.34 -6.54 -4.10
CA CYS A 148 7.79 -6.28 -4.15
C CYS A 148 8.50 -7.33 -3.29
N SER A 149 9.71 -7.62 -3.71
CA SER A 149 10.48 -8.70 -3.08
C SER A 149 11.91 -8.22 -2.89
N HIS A 150 12.41 -8.53 -1.71
CA HIS A 150 13.78 -8.20 -1.33
C HIS A 150 14.81 -9.30 -1.68
N ALA A 1 15.29 -1.38 7.01
CA ALA A 1 16.03 -2.59 7.40
C ALA A 1 16.15 -3.59 6.25
N VAL A 2 15.00 -3.84 5.63
CA VAL A 2 14.87 -4.74 4.48
C VAL A 2 14.62 -3.91 3.22
N THR A 3 15.38 -4.22 2.19
CA THR A 3 15.31 -3.56 0.87
C THR A 3 14.22 -4.15 -0.01
N TRP A 4 13.06 -3.50 0.00
CA TRP A 4 11.90 -3.95 -0.81
C TRP A 4 11.93 -3.29 -2.19
N THR A 5 12.49 -4.05 -3.12
CA THR A 5 12.70 -3.56 -4.50
C THR A 5 11.52 -4.02 -5.39
N CYS A 6 10.98 -3.04 -6.08
CA CYS A 6 9.78 -3.17 -6.90
C CYS A 6 10.11 -2.76 -8.35
N LEU A 7 9.83 -3.66 -9.29
CA LEU A 7 10.11 -3.40 -10.71
C LEU A 7 8.89 -2.76 -11.39
N ASN A 8 8.84 -1.42 -11.31
CA ASN A 8 7.73 -0.65 -11.89
C ASN A 8 8.09 -0.21 -13.30
N ASP A 9 7.05 -0.03 -14.10
CA ASP A 9 7.24 0.39 -15.50
C ASP A 9 7.01 1.90 -15.63
N GLN A 10 7.78 2.55 -16.47
CA GLN A 10 7.73 4.03 -16.72
C GLN A 10 7.80 4.37 -18.21
N LYS A 11 6.68 4.93 -18.70
CA LYS A 11 6.55 5.35 -20.10
C LYS A 11 7.23 6.71 -20.28
N ASN A 12 8.54 6.61 -20.41
CA ASN A 12 9.40 7.80 -20.56
C ASN A 12 8.94 8.57 -21.81
N PRO A 13 8.59 9.86 -21.70
CA PRO A 13 8.12 10.66 -22.85
C PRO A 13 9.24 10.96 -23.86
N LYS A 14 10.48 10.99 -23.38
CA LYS A 14 11.69 11.21 -24.23
C LYS A 14 11.83 10.11 -25.28
N THR A 15 11.69 8.87 -24.82
CA THR A 15 11.81 7.68 -25.70
C THR A 15 10.43 7.13 -26.12
N ASN A 16 9.36 7.71 -25.58
CA ASN A 16 7.96 7.26 -25.70
C ASN A 16 7.78 5.75 -25.49
N LYS A 17 8.67 5.21 -24.65
CA LYS A 17 8.76 3.78 -24.37
C LYS A 17 8.73 3.49 -22.87
N TYR A 18 8.24 2.29 -22.61
CA TYR A 18 8.09 1.77 -21.24
C TYR A 18 9.31 0.98 -20.78
N GLU A 19 9.84 1.43 -19.64
CA GLU A 19 11.06 0.83 -19.06
C GLU A 19 10.74 0.31 -17.65
N THR A 20 11.42 -0.77 -17.28
CA THR A 20 11.20 -1.43 -15.98
C THR A 20 12.32 -1.05 -15.00
N LYS A 21 12.05 0.08 -14.35
CA LYS A 21 12.95 0.69 -13.36
C LYS A 21 12.91 -0.11 -12.06
N ARG A 22 14.01 -0.04 -11.30
CA ARG A 22 14.13 -0.73 -10.01
C ARG A 22 13.84 0.22 -8.84
N LEU A 23 12.62 0.16 -8.36
CA LEU A 23 12.16 0.97 -7.23
C LEU A 23 12.52 0.32 -5.90
N LEU A 24 13.75 0.61 -5.49
CA LEU A 24 14.30 0.15 -4.20
C LEU A 24 13.78 1.02 -3.07
N TYR A 25 13.15 0.31 -2.13
CA TYR A 25 12.59 0.90 -0.89
C TYR A 25 13.28 0.33 0.34
N ASN A 26 13.06 1.00 1.45
CA ASN A 26 13.57 0.52 2.73
C ASN A 26 12.41 0.29 3.70
N GLN A 27 12.36 -0.92 4.26
CA GLN A 27 11.33 -1.28 5.24
C GLN A 27 11.32 -0.33 6.43
N ASN A 28 12.48 0.02 6.96
CA ASN A 28 12.61 1.06 8.02
C ASN A 28 11.75 2.29 7.74
N LYS A 29 11.65 2.64 6.47
CA LYS A 29 10.86 3.79 6.01
C LYS A 29 9.38 3.44 5.86
N ALA A 30 9.09 2.28 5.29
CA ALA A 30 7.71 1.74 5.21
C ALA A 30 7.08 1.53 6.59
N GLU A 31 7.82 0.90 7.50
CA GLU A 31 7.42 0.70 8.91
C GLU A 31 7.30 2.03 9.66
N SER A 32 8.24 2.96 9.42
CA SER A 32 8.22 4.30 10.07
C SER A 32 7.08 5.17 9.55
N ASN A 33 6.93 5.21 8.22
CA ASN A 33 5.82 5.89 7.51
C ASN A 33 4.46 5.42 8.01
N SER A 34 4.30 4.09 8.09
CA SER A 34 3.09 3.47 8.64
C SER A 34 2.87 3.85 10.12
N HIS A 35 3.95 3.84 10.89
CA HIS A 35 3.97 4.28 12.30
C HIS A 35 3.72 5.79 12.50
N HIS A 36 3.75 6.52 11.39
CA HIS A 36 3.43 7.97 11.32
C HIS A 36 2.01 8.23 10.80
N ALA A 37 1.57 7.38 9.89
CA ALA A 37 0.21 7.37 9.33
C ALA A 37 -0.82 6.92 10.39
N PRO A 38 -1.92 7.65 10.55
CA PRO A 38 -3.00 7.32 11.51
C PRO A 38 -3.74 6.12 10.96
N LEU A 39 -3.82 5.11 11.83
CA LEU A 39 -4.51 3.85 11.56
C LEU A 39 -6.02 4.05 11.34
N SER A 40 -6.29 4.44 10.10
CA SER A 40 -7.66 4.75 9.62
C SER A 40 -7.68 4.71 8.10
N ASP A 41 -8.86 4.41 7.57
CA ASP A 41 -9.09 4.45 6.11
C ASP A 41 -9.96 5.64 5.77
N GLY A 42 -9.48 6.43 4.81
CA GLY A 42 -10.22 7.58 4.26
C GLY A 42 -10.69 8.53 5.38
N LYS A 43 -9.71 9.01 6.14
CA LYS A 43 -9.96 9.92 7.27
C LYS A 43 -8.81 10.94 7.48
N THR A 44 -8.15 11.21 6.37
CA THR A 44 -6.97 12.10 6.35
C THR A 44 -7.04 12.93 5.07
N GLY A 45 -6.16 13.91 5.00
CA GLY A 45 -6.08 14.85 3.88
C GLY A 45 -6.01 14.16 2.52
N SER A 46 -4.90 13.49 2.25
CA SER A 46 -4.75 12.72 0.98
C SER A 46 -5.61 11.44 0.98
N SER A 47 -6.41 11.24 2.04
CA SER A 47 -7.32 10.10 2.29
C SER A 47 -6.59 8.91 2.94
N TYR A 48 -5.33 8.80 2.56
CA TYR A 48 -4.34 7.82 3.04
C TYR A 48 -4.12 7.89 4.57
N PRO A 49 -3.92 6.73 5.21
CA PRO A 49 -3.87 5.40 4.57
C PRO A 49 -5.26 4.86 4.23
N HIS A 50 -5.31 4.31 3.02
CA HIS A 50 -6.59 3.75 2.54
C HIS A 50 -6.66 2.25 2.87
N TRP A 51 -7.88 1.73 2.88
CA TRP A 51 -8.10 0.29 3.08
C TRP A 51 -7.74 -0.44 1.80
N PHE A 52 -6.89 -1.44 2.03
CA PHE A 52 -6.44 -2.31 0.96
C PHE A 52 -7.33 -3.55 1.02
N THR A 53 -8.41 -3.45 0.26
CA THR A 53 -9.37 -4.55 0.02
C THR A 53 -8.62 -5.88 -0.13
N ASN A 54 -7.45 -5.83 -0.76
CA ASN A 54 -6.58 -6.98 -1.07
C ASN A 54 -7.40 -8.04 -1.85
N GLY A 55 -8.42 -7.58 -2.55
CA GLY A 55 -9.36 -8.46 -3.26
C GLY A 55 -10.69 -8.58 -2.51
N TYR A 56 -10.66 -8.63 -1.18
CA TYR A 56 -11.85 -8.73 -0.33
C TYR A 56 -12.89 -7.64 -0.67
N ASP A 57 -14.14 -7.94 -0.30
CA ASP A 57 -15.26 -6.99 -0.53
C ASP A 57 -15.48 -6.00 0.64
N GLY A 58 -14.92 -6.36 1.79
CA GLY A 58 -15.07 -5.61 3.05
C GLY A 58 -15.66 -6.44 4.20
N ASP A 59 -15.31 -7.72 4.21
CA ASP A 59 -15.80 -8.69 5.20
C ASP A 59 -14.83 -9.85 5.39
N GLY A 60 -14.37 -10.40 4.25
CA GLY A 60 -13.46 -11.56 4.23
C GLY A 60 -13.61 -12.43 2.97
N LYS A 61 -14.77 -12.30 2.34
CA LYS A 61 -15.04 -12.91 1.04
C LYS A 61 -14.61 -12.00 -0.10
N LEU A 62 -14.19 -12.63 -1.16
CA LEU A 62 -13.70 -11.93 -2.35
C LEU A 62 -14.69 -12.13 -3.53
N PRO A 63 -14.82 -11.13 -4.42
CA PRO A 63 -15.77 -11.15 -5.55
C PRO A 63 -15.34 -12.15 -6.64
N LYS A 64 -15.92 -12.03 -7.82
CA LYS A 64 -15.59 -12.92 -8.95
C LYS A 64 -14.30 -12.44 -9.64
N GLY A 65 -13.31 -13.33 -9.64
CA GLY A 65 -11.99 -13.09 -10.26
C GLY A 65 -11.17 -12.10 -9.40
N ARG A 66 -10.76 -12.61 -8.25
CA ARG A 66 -9.95 -11.87 -7.27
C ARG A 66 -8.51 -12.42 -7.22
N THR A 67 -7.65 -11.64 -6.58
CA THR A 67 -6.27 -12.05 -6.35
C THR A 67 -5.64 -11.40 -5.08
N PRO A 68 -5.92 -11.99 -3.91
CA PRO A 68 -5.39 -11.49 -2.63
C PRO A 68 -3.89 -11.75 -2.53
N ILE A 69 -3.12 -10.67 -2.56
CA ILE A 69 -1.64 -10.77 -2.40
C ILE A 69 -1.33 -11.58 -1.14
N LYS A 70 -0.88 -12.81 -1.39
CA LYS A 70 -0.52 -13.75 -0.32
C LYS A 70 0.93 -13.50 0.05
N PHE A 71 1.05 -12.90 1.22
CA PHE A 71 2.35 -12.54 1.82
C PHE A 71 3.05 -13.76 2.43
N GLY A 72 2.23 -14.68 2.95
CA GLY A 72 2.66 -15.91 3.61
C GLY A 72 2.40 -15.91 5.12
N LYS A 73 1.57 -14.98 5.57
CA LYS A 73 1.14 -14.87 6.96
C LYS A 73 -0.39 -14.89 6.97
N SER A 74 -0.93 -15.96 7.57
CA SER A 74 -2.38 -16.10 7.81
C SER A 74 -3.01 -14.86 8.47
N ASP A 75 -2.17 -14.08 9.15
CA ASP A 75 -2.52 -12.76 9.72
C ASP A 75 -2.86 -11.75 8.63
N CYS A 76 -1.96 -11.50 7.68
CA CYS A 76 -2.26 -10.60 6.56
C CYS A 76 -3.31 -11.17 5.60
N ASP A 77 -3.43 -12.50 5.61
CA ASP A 77 -4.47 -13.24 4.87
C ASP A 77 -5.80 -13.33 5.66
N ARG A 78 -5.84 -12.85 6.91
CA ARG A 78 -7.02 -12.89 7.77
C ARG A 78 -8.20 -12.16 7.09
N PRO A 79 -9.44 -12.47 7.51
CA PRO A 79 -10.61 -11.73 7.01
C PRO A 79 -10.64 -10.31 7.57
N PRO A 80 -10.47 -9.33 6.68
CA PRO A 80 -10.43 -7.91 7.03
C PRO A 80 -11.86 -7.39 7.29
N LYS A 81 -11.99 -6.64 8.38
CA LYS A 81 -13.31 -6.11 8.76
C LYS A 81 -13.35 -4.59 8.52
N HIS A 82 -13.61 -4.28 7.24
CA HIS A 82 -13.76 -2.88 6.82
C HIS A 82 -15.17 -2.36 7.13
N SER A 83 -15.17 -1.25 7.86
CA SER A 83 -16.42 -0.59 8.27
C SER A 83 -17.04 0.15 7.06
N LYS A 84 -17.68 1.31 7.28
CA LYS A 84 -18.24 2.12 6.19
C LYS A 84 -17.16 2.80 5.32
N ASP A 85 -16.20 3.39 6.03
CA ASP A 85 -15.00 4.00 5.42
C ASP A 85 -13.70 3.47 5.99
N GLY A 86 -13.79 2.45 6.84
CA GLY A 86 -12.64 1.87 7.56
C GLY A 86 -11.98 2.90 8.46
N ASN A 87 -11.82 2.50 9.70
CA ASN A 87 -11.31 3.43 10.72
C ASN A 87 -10.29 2.75 11.60
N GLY A 88 -10.82 2.13 12.64
CA GLY A 88 -9.97 1.53 13.65
C GLY A 88 -10.71 1.08 14.90
N LYS A 89 -11.65 1.92 15.31
CA LYS A 89 -12.51 1.71 16.49
C LYS A 89 -12.87 0.24 16.75
N THR A 90 -13.16 -0.45 15.64
CA THR A 90 -13.49 -1.88 15.57
C THR A 90 -13.02 -2.55 14.25
N ASP A 91 -12.06 -1.91 13.58
CA ASP A 91 -11.44 -2.43 12.34
C ASP A 91 -10.28 -3.38 12.74
N HIS A 92 -9.90 -4.24 11.81
CA HIS A 92 -8.69 -5.09 11.92
C HIS A 92 -8.28 -5.67 10.56
N TYR A 93 -8.36 -4.80 9.56
CA TYR A 93 -8.08 -5.14 8.16
C TYR A 93 -6.64 -4.89 7.71
N LEU A 94 -6.39 -5.16 6.43
CA LEU A 94 -5.14 -4.77 5.78
C LEU A 94 -5.28 -3.42 5.11
N LEU A 95 -4.69 -2.42 5.73
CA LEU A 95 -4.67 -1.08 5.12
C LEU A 95 -3.40 -0.92 4.28
N GLU A 96 -3.51 -0.04 3.31
CA GLU A 96 -2.40 0.35 2.44
C GLU A 96 -2.06 1.85 2.58
N PHE A 97 -0.79 2.12 2.43
CA PHE A 97 -0.23 3.48 2.50
C PHE A 97 0.84 3.73 1.41
N PRO A 98 0.81 4.89 0.73
CA PRO A 98 1.80 5.27 -0.29
C PRO A 98 3.16 5.60 0.34
N THR A 99 3.96 4.54 0.41
CA THR A 99 5.32 4.64 0.96
C THR A 99 6.30 5.13 -0.11
N PHE A 100 7.13 6.07 0.32
CA PHE A 100 8.13 6.74 -0.53
C PHE A 100 9.54 6.16 -0.35
N PRO A 101 10.36 6.12 -1.41
CA PRO A 101 11.71 5.53 -1.36
C PRO A 101 12.73 6.43 -0.64
N ASP A 102 12.62 7.76 -0.89
CA ASP A 102 13.39 8.81 -0.19
C ASP A 102 13.40 8.59 1.33
N GLY A 103 12.28 8.06 1.80
CA GLY A 103 12.08 7.75 3.21
C GLY A 103 11.42 8.84 4.02
N HIS A 104 10.82 9.75 3.27
CA HIS A 104 10.04 10.83 3.84
C HIS A 104 8.59 10.33 4.03
N ASP A 105 7.96 11.08 4.91
CA ASP A 105 6.56 10.88 5.26
C ASP A 105 5.72 11.90 4.51
N TYR A 106 5.45 11.53 3.24
CA TYR A 106 4.57 12.29 2.34
C TYR A 106 3.43 12.93 3.15
N LYS A 107 3.13 14.18 2.81
CA LYS A 107 2.01 14.93 3.38
C LYS A 107 0.66 14.30 2.99
N PHE A 108 0.45 13.13 3.57
CA PHE A 108 -0.78 12.33 3.43
C PHE A 108 -1.99 12.97 4.17
N ASP A 109 -1.67 14.00 4.92
CA ASP A 109 -2.66 14.81 5.65
C ASP A 109 -3.11 16.05 4.85
N SER A 110 -2.44 16.31 3.72
CA SER A 110 -2.70 17.51 2.89
C SER A 110 -3.72 17.17 1.81
N LYS A 111 -4.97 17.48 2.14
CA LYS A 111 -6.12 17.22 1.25
C LYS A 111 -5.98 17.96 -0.08
N LYS A 112 -5.99 19.27 0.05
CA LYS A 112 -5.80 20.17 -1.09
C LYS A 112 -4.78 21.30 -0.76
N PRO A 113 -3.71 21.36 -1.55
CA PRO A 113 -3.41 20.43 -2.66
C PRO A 113 -2.85 19.09 -2.12
N LYS A 114 -2.58 18.20 -3.06
CA LYS A 114 -2.14 16.83 -2.77
C LYS A 114 -1.35 16.32 -3.99
N GLU A 115 -0.05 16.15 -3.76
CA GLU A 115 0.85 15.56 -4.79
C GLU A 115 0.40 14.12 -5.07
N ASN A 116 0.62 13.71 -6.32
CA ASN A 116 0.35 12.34 -6.81
C ASN A 116 1.06 11.32 -5.90
N PRO A 117 0.38 10.21 -5.57
CA PRO A 117 0.97 9.16 -4.71
C PRO A 117 2.09 8.40 -5.43
N GLY A 118 2.46 7.26 -4.85
CA GLY A 118 3.54 6.39 -5.33
C GLY A 118 3.02 5.00 -5.73
N PRO A 119 3.77 4.23 -6.54
CA PRO A 119 3.39 2.85 -6.91
C PRO A 119 3.55 1.89 -5.74
N ALA A 120 4.78 1.78 -5.23
CA ALA A 120 5.09 0.98 -4.04
C ALA A 120 4.47 1.55 -2.77
N ARG A 121 3.72 0.66 -2.16
CA ARG A 121 2.91 0.95 -0.97
C ARG A 121 3.11 -0.08 0.13
N VAL A 122 3.19 0.42 1.35
CA VAL A 122 3.36 -0.42 2.55
C VAL A 122 2.01 -1.04 2.95
N ILE A 123 2.10 -2.29 3.39
CA ILE A 123 0.94 -3.08 3.82
C ILE A 123 1.20 -3.60 5.23
N TYR A 124 0.15 -3.49 6.03
CA TYR A 124 0.16 -3.83 7.47
C TYR A 124 -1.26 -3.82 8.06
N THR A 125 -1.48 -4.81 8.91
CA THR A 125 -2.76 -5.02 9.60
C THR A 125 -2.97 -3.90 10.64
N TYR A 126 -3.93 -4.09 11.55
CA TYR A 126 -4.27 -3.11 12.60
C TYR A 126 -5.05 -3.78 13.77
N PRO A 127 -4.82 -3.34 15.02
CA PRO A 127 -3.77 -2.39 15.44
C PRO A 127 -2.38 -3.01 15.52
N ASN A 128 -2.36 -4.31 15.23
CA ASN A 128 -1.12 -5.11 15.12
C ASN A 128 -0.04 -4.39 14.30
N LYS A 129 -0.43 -3.83 13.15
CA LYS A 129 0.48 -3.12 12.22
C LYS A 129 1.65 -4.00 11.78
N VAL A 130 1.36 -5.31 11.75
CA VAL A 130 2.32 -6.36 11.35
C VAL A 130 2.61 -6.14 9.86
N PHE A 131 3.72 -5.41 9.66
CA PHE A 131 4.28 -5.12 8.35
C PHE A 131 4.49 -6.44 7.60
N CYS A 132 3.67 -6.59 6.59
CA CYS A 132 3.74 -7.78 5.74
C CYS A 132 4.78 -7.58 4.63
N GLY A 133 4.60 -6.47 3.92
CA GLY A 133 5.50 -6.07 2.84
C GLY A 133 5.14 -4.75 2.20
N ILE A 134 5.74 -4.60 1.03
CA ILE A 134 5.47 -3.46 0.14
C ILE A 134 5.06 -4.02 -1.22
N ILE A 135 3.93 -3.52 -1.67
CA ILE A 135 3.37 -3.91 -2.99
C ILE A 135 3.38 -2.71 -3.93
N ALA A 136 3.77 -2.98 -5.17
CA ALA A 136 3.86 -1.94 -6.21
C ALA A 136 3.23 -2.39 -7.51
N HIS A 137 2.88 -1.39 -8.30
CA HIS A 137 2.25 -1.64 -9.61
C HIS A 137 3.34 -1.78 -10.66
N THR A 138 3.33 -2.92 -11.34
CA THR A 138 4.31 -3.23 -12.41
C THR A 138 3.98 -2.57 -13.76
N LYS A 139 3.47 -1.34 -13.66
CA LYS A 139 3.06 -0.50 -14.80
C LYS A 139 2.61 0.88 -14.30
N GLU A 140 3.61 1.72 -14.04
CA GLU A 140 3.46 3.11 -13.55
C GLU A 140 2.88 3.16 -12.12
N ASN A 141 1.55 3.17 -12.07
CA ASN A 141 0.77 3.17 -10.81
C ASN A 141 -0.64 2.58 -11.02
N GLN A 142 -0.68 1.55 -11.87
CA GLN A 142 -1.93 0.86 -12.25
C GLN A 142 -1.78 -0.66 -12.39
N GLY A 143 -0.71 -1.08 -13.07
CA GLY A 143 -0.38 -2.51 -13.28
C GLY A 143 -0.57 -3.33 -12.01
N GLU A 144 -0.85 -4.62 -12.19
CA GLU A 144 -1.12 -5.52 -11.04
C GLU A 144 -0.10 -5.32 -9.90
N LEU A 145 -0.66 -5.02 -8.74
CA LEU A 145 0.12 -4.83 -7.49
C LEU A 145 0.93 -6.09 -7.22
N LYS A 146 2.18 -6.01 -7.64
CA LYS A 146 3.15 -7.08 -7.45
C LYS A 146 3.88 -6.81 -6.13
N LEU A 147 3.65 -7.74 -5.22
CA LEU A 147 4.31 -7.78 -3.91
C LEU A 147 5.83 -7.76 -4.13
N CYS A 148 6.36 -6.56 -3.93
CA CYS A 148 7.80 -6.29 -4.03
C CYS A 148 8.55 -7.34 -3.20
N SER A 149 9.77 -7.58 -3.62
CA SER A 149 10.60 -8.62 -3.00
C SER A 149 11.94 -8.05 -2.58
N HIS A 150 12.38 -8.59 -1.46
CA HIS A 150 13.66 -8.17 -0.85
C HIS A 150 14.78 -9.23 -0.97
N ALA A 1 18.05 -2.04 6.82
CA ALA A 1 16.69 -2.62 6.92
C ALA A 1 16.33 -3.37 5.64
N VAL A 2 15.27 -4.16 5.75
CA VAL A 2 14.78 -5.01 4.63
C VAL A 2 14.54 -4.15 3.37
N THR A 3 15.35 -4.40 2.36
CA THR A 3 15.33 -3.64 1.08
C THR A 3 14.28 -4.23 0.14
N TRP A 4 13.08 -3.70 0.25
CA TRP A 4 11.96 -4.13 -0.62
C TRP A 4 12.04 -3.42 -1.96
N THR A 5 12.38 -4.19 -2.97
CA THR A 5 12.60 -3.68 -4.33
C THR A 5 11.47 -4.21 -5.24
N CYS A 6 10.99 -3.29 -6.07
CA CYS A 6 9.91 -3.54 -7.03
C CYS A 6 10.35 -3.15 -8.46
N LEU A 7 9.66 -3.72 -9.45
CA LEU A 7 9.98 -3.47 -10.85
C LEU A 7 8.77 -2.86 -11.58
N ASN A 8 8.72 -1.55 -11.54
CA ASN A 8 7.66 -0.76 -12.18
C ASN A 8 8.08 -0.30 -13.57
N ASP A 9 7.07 -0.17 -14.41
CA ASP A 9 7.29 0.28 -15.79
C ASP A 9 7.09 1.80 -15.89
N GLN A 10 8.06 2.52 -16.46
CA GLN A 10 7.95 3.99 -16.65
C GLN A 10 8.13 4.44 -18.10
N LYS A 11 7.08 5.09 -18.61
CA LYS A 11 7.06 5.60 -20.01
C LYS A 11 7.69 6.98 -20.05
N ASN A 12 8.96 6.95 -20.38
CA ASN A 12 9.73 8.20 -20.47
C ASN A 12 9.21 9.01 -21.68
N PRO A 13 8.96 10.31 -21.50
CA PRO A 13 8.48 11.20 -22.58
C PRO A 13 9.56 11.52 -23.63
N LYS A 14 10.82 11.49 -23.18
CA LYS A 14 11.99 11.66 -24.08
C LYS A 14 12.43 10.33 -24.71
N THR A 15 11.86 9.23 -24.22
CA THR A 15 12.18 7.90 -24.79
C THR A 15 11.02 7.37 -25.65
N ASN A 16 9.82 7.94 -25.45
CA ASN A 16 8.53 7.49 -26.03
C ASN A 16 8.32 5.96 -25.91
N LYS A 17 8.87 5.43 -24.83
CA LYS A 17 8.91 3.98 -24.56
C LYS A 17 8.90 3.76 -23.04
N TYR A 18 8.62 2.51 -22.72
CA TYR A 18 8.48 2.03 -21.34
C TYR A 18 9.72 1.22 -20.91
N GLU A 19 10.09 1.43 -19.66
CA GLU A 19 11.28 0.77 -19.07
C GLU A 19 10.91 0.22 -17.69
N THR A 20 11.51 -0.93 -17.38
CA THR A 20 11.22 -1.60 -16.10
C THR A 20 12.38 -1.37 -15.13
N LYS A 21 12.30 -0.21 -14.49
CA LYS A 21 13.29 0.21 -13.49
C LYS A 21 13.12 -0.59 -12.19
N ARG A 22 14.06 -0.41 -11.27
CA ARG A 22 14.09 -1.13 -9.98
C ARG A 22 13.90 -0.13 -8.82
N LEU A 23 12.67 -0.04 -8.39
CA LEU A 23 12.28 0.83 -7.26
C LEU A 23 12.59 0.16 -5.92
N LEU A 24 13.75 0.51 -5.38
CA LEU A 24 14.20 0.03 -4.06
C LEU A 24 13.66 0.94 -2.96
N TYR A 25 13.01 0.27 -2.03
CA TYR A 25 12.43 0.90 -0.82
C TYR A 25 13.06 0.30 0.43
N ASN A 26 13.21 1.16 1.43
CA ASN A 26 13.75 0.74 2.72
C ASN A 26 12.55 0.44 3.63
N GLN A 27 12.39 -0.82 3.99
CA GLN A 27 11.34 -1.25 4.93
C GLN A 27 11.27 -0.36 6.16
N ASN A 28 12.43 0.08 6.66
CA ASN A 28 12.50 1.05 7.77
C ASN A 28 11.56 2.24 7.52
N LYS A 29 11.75 2.83 6.34
CA LYS A 29 10.91 3.94 5.88
C LYS A 29 9.45 3.57 5.69
N ALA A 30 9.19 2.31 5.40
CA ALA A 30 7.82 1.75 5.25
C ALA A 30 7.17 1.49 6.63
N GLU A 31 7.76 0.59 7.41
CA GLU A 31 7.36 0.27 8.80
C GLU A 31 7.25 1.54 9.68
N SER A 32 8.05 2.54 9.36
CA SER A 32 8.02 3.87 10.01
C SER A 32 6.93 4.79 9.42
N ASN A 33 6.90 4.99 8.11
CA ASN A 33 5.84 5.76 7.41
C ASN A 33 4.43 5.29 7.83
N SER A 34 4.31 3.99 7.98
CA SER A 34 3.09 3.35 8.48
C SER A 34 2.83 3.65 9.94
N HIS A 35 3.87 3.57 10.76
CA HIS A 35 3.81 3.89 12.20
C HIS A 35 3.75 5.41 12.51
N HIS A 36 3.76 6.20 11.44
CA HIS A 36 3.63 7.67 11.47
C HIS A 36 2.29 8.13 10.88
N ALA A 37 1.73 7.29 10.00
CA ALA A 37 0.41 7.48 9.40
C ALA A 37 -0.72 7.01 10.34
N PRO A 38 -1.87 7.67 10.30
CA PRO A 38 -3.03 7.33 11.15
C PRO A 38 -3.66 6.06 10.60
N LEU A 39 -4.13 5.25 11.53
CA LEU A 39 -4.77 3.96 11.19
C LEU A 39 -6.26 4.15 10.96
N SER A 40 -6.54 4.57 9.73
CA SER A 40 -7.93 4.83 9.31
C SER A 40 -8.04 4.89 7.79
N ASP A 41 -9.16 4.38 7.29
CA ASP A 41 -9.48 4.45 5.86
C ASP A 41 -10.14 5.79 5.53
N GLY A 42 -9.63 6.39 4.46
CA GLY A 42 -10.13 7.65 3.86
C GLY A 42 -10.61 8.65 4.94
N LYS A 43 -9.64 9.08 5.75
CA LYS A 43 -9.91 10.03 6.86
C LYS A 43 -8.72 10.97 7.10
N THR A 44 -8.02 11.23 6.00
CA THR A 44 -6.83 12.07 6.03
C THR A 44 -6.84 12.90 4.75
N GLY A 45 -5.94 13.87 4.74
CA GLY A 45 -5.83 14.83 3.64
C GLY A 45 -5.76 14.15 2.27
N SER A 46 -4.64 13.48 2.05
CA SER A 46 -4.44 12.68 0.82
C SER A 46 -5.43 11.52 0.65
N SER A 47 -6.17 11.24 1.74
CA SER A 47 -7.15 10.15 1.90
C SER A 47 -6.44 8.85 2.32
N TYR A 48 -5.15 9.00 2.60
CA TYR A 48 -4.24 7.91 2.99
C TYR A 48 -3.97 7.91 4.50
N PRO A 49 -3.76 6.72 5.07
CA PRO A 49 -3.76 5.44 4.34
C PRO A 49 -5.17 4.91 4.08
N HIS A 50 -5.32 4.40 2.86
CA HIS A 50 -6.63 3.89 2.44
C HIS A 50 -6.69 2.39 2.69
N TRP A 51 -7.89 1.95 3.03
CA TRP A 51 -8.18 0.53 3.25
C TRP A 51 -7.88 -0.22 1.96
N PHE A 52 -7.00 -1.19 2.16
CA PHE A 52 -6.56 -2.06 1.08
C PHE A 52 -7.44 -3.31 1.15
N THR A 53 -8.57 -3.19 0.45
CA THR A 53 -9.53 -4.30 0.26
C THR A 53 -8.80 -5.64 0.06
N ASN A 54 -7.68 -5.57 -0.68
CA ASN A 54 -6.82 -6.72 -1.04
C ASN A 54 -7.66 -7.77 -1.78
N GLY A 55 -8.74 -7.30 -2.37
CA GLY A 55 -9.74 -8.16 -3.04
C GLY A 55 -10.99 -8.34 -2.18
N TYR A 56 -10.85 -8.41 -0.86
CA TYR A 56 -11.98 -8.59 0.07
C TYR A 56 -13.06 -7.53 -0.15
N ASP A 57 -14.29 -7.93 0.10
CA ASP A 57 -15.45 -7.00 -0.01
C ASP A 57 -15.62 -6.10 1.23
N GLY A 58 -14.98 -6.52 2.31
CA GLY A 58 -15.04 -5.86 3.62
C GLY A 58 -15.63 -6.74 4.72
N ASP A 59 -15.34 -8.04 4.59
CA ASP A 59 -15.82 -9.06 5.55
C ASP A 59 -14.85 -10.26 5.59
N GLY A 60 -14.48 -10.72 4.41
CA GLY A 60 -13.63 -11.92 4.24
C GLY A 60 -13.83 -12.63 2.90
N LYS A 61 -15.02 -12.45 2.36
CA LYS A 61 -15.38 -12.99 1.04
C LYS A 61 -15.00 -11.99 -0.06
N LEU A 62 -14.40 -12.56 -1.08
CA LEU A 62 -13.93 -11.79 -2.21
C LEU A 62 -14.92 -11.91 -3.39
N PRO A 63 -15.01 -10.88 -4.25
CA PRO A 63 -15.98 -10.85 -5.38
C PRO A 63 -15.58 -11.82 -6.49
N LYS A 64 -16.17 -11.64 -7.67
CA LYS A 64 -15.85 -12.49 -8.82
C LYS A 64 -14.56 -11.98 -9.49
N GLY A 65 -13.58 -12.89 -9.51
CA GLY A 65 -12.27 -12.64 -10.12
C GLY A 65 -11.41 -11.73 -9.22
N ARG A 66 -11.02 -12.31 -8.11
CA ARG A 66 -10.19 -11.63 -7.10
C ARG A 66 -8.77 -12.23 -7.11
N THR A 67 -7.86 -11.46 -6.55
CA THR A 67 -6.46 -11.90 -6.38
C THR A 67 -5.76 -11.26 -5.17
N PRO A 68 -6.05 -11.79 -3.97
CA PRO A 68 -5.44 -11.25 -2.74
C PRO A 68 -3.97 -11.61 -2.67
N ILE A 69 -3.13 -10.58 -2.59
CA ILE A 69 -1.68 -10.75 -2.46
C ILE A 69 -1.39 -11.66 -1.25
N LYS A 70 -0.92 -12.85 -1.57
CA LYS A 70 -0.56 -13.83 -0.53
C LYS A 70 0.88 -13.57 -0.10
N PHE A 71 0.94 -12.81 0.99
CA PHE A 71 2.22 -12.44 1.63
C PHE A 71 2.91 -13.67 2.24
N GLY A 72 2.09 -14.67 2.56
CA GLY A 72 2.51 -15.93 3.18
C GLY A 72 2.47 -15.82 4.72
N LYS A 73 1.63 -14.93 5.22
CA LYS A 73 1.38 -14.76 6.65
C LYS A 73 0.04 -15.42 7.04
N SER A 74 -0.37 -15.15 8.27
CA SER A 74 -1.61 -15.71 8.86
C SER A 74 -2.60 -14.60 9.25
N ASP A 75 -2.11 -13.66 10.04
CA ASP A 75 -2.88 -12.47 10.45
C ASP A 75 -3.00 -11.43 9.34
N CYS A 76 -1.95 -11.36 8.51
CA CYS A 76 -1.91 -10.50 7.33
C CYS A 76 -2.73 -11.06 6.17
N ASP A 77 -2.83 -12.38 6.12
CA ASP A 77 -3.70 -13.07 5.15
C ASP A 77 -5.10 -13.28 5.71
N ARG A 78 -5.33 -12.89 6.96
CA ARG A 78 -6.62 -13.05 7.67
C ARG A 78 -7.73 -12.21 7.02
N PRO A 79 -9.01 -12.52 7.30
CA PRO A 79 -10.12 -11.73 6.76
C PRO A 79 -10.18 -10.32 7.38
N PRO A 80 -10.02 -9.28 6.57
CA PRO A 80 -10.04 -7.89 6.98
C PRO A 80 -11.47 -7.46 7.26
N LYS A 81 -11.69 -7.16 8.53
CA LYS A 81 -13.02 -6.73 8.99
C LYS A 81 -13.13 -5.21 8.83
N HIS A 82 -13.42 -4.83 7.59
CA HIS A 82 -13.61 -3.43 7.24
C HIS A 82 -15.05 -3.00 7.58
N SER A 83 -15.12 -1.85 8.21
CA SER A 83 -16.41 -1.29 8.67
C SER A 83 -16.98 -0.32 7.61
N LYS A 84 -17.69 0.70 8.02
CA LYS A 84 -18.25 1.71 7.09
C LYS A 84 -17.18 2.59 6.45
N ASP A 85 -16.73 3.59 7.22
CA ASP A 85 -15.62 4.51 6.82
C ASP A 85 -14.32 3.70 6.62
N GLY A 86 -14.24 2.65 7.43
CA GLY A 86 -13.13 1.69 7.42
C GLY A 86 -12.17 1.89 8.57
N ASN A 87 -12.76 1.88 9.76
CA ASN A 87 -12.05 2.09 11.05
C ASN A 87 -12.80 1.38 12.16
N GLY A 88 -14.13 1.61 12.17
CA GLY A 88 -15.06 1.08 13.19
C GLY A 88 -14.54 1.40 14.60
N LYS A 89 -14.82 0.46 15.49
CA LYS A 89 -14.31 0.53 16.86
C LYS A 89 -13.09 -0.39 17.09
N THR A 90 -13.12 -1.54 16.41
CA THR A 90 -12.07 -2.58 16.48
C THR A 90 -11.88 -3.30 15.13
N ASP A 91 -11.56 -2.50 14.13
CA ASP A 91 -11.29 -3.09 12.80
C ASP A 91 -9.91 -3.77 12.78
N HIS A 92 -9.83 -4.81 11.96
CA HIS A 92 -8.56 -5.53 11.79
C HIS A 92 -8.30 -5.85 10.31
N TYR A 93 -8.39 -4.79 9.54
CA TYR A 93 -8.20 -4.89 8.09
C TYR A 93 -6.74 -4.71 7.63
N LEU A 94 -6.54 -4.92 6.34
CA LEU A 94 -5.24 -4.60 5.71
C LEU A 94 -5.32 -3.25 5.04
N LEU A 95 -4.53 -2.31 5.56
CA LEU A 95 -4.45 -1.00 4.92
C LEU A 95 -3.13 -0.88 4.15
N GLU A 96 -3.19 -0.04 3.14
CA GLU A 96 -1.99 0.34 2.38
C GLU A 96 -1.74 1.84 2.34
N PHE A 97 -0.48 2.14 2.57
CA PHE A 97 0.01 3.52 2.57
C PHE A 97 0.94 3.77 1.37
N PRO A 98 0.87 4.95 0.72
CA PRO A 98 1.76 5.32 -0.40
C PRO A 98 3.17 5.64 0.12
N THR A 99 3.91 4.57 0.35
CA THR A 99 5.31 4.67 0.86
C THR A 99 6.25 5.19 -0.23
N PHE A 100 7.17 6.03 0.21
CA PHE A 100 8.14 6.71 -0.69
C PHE A 100 9.57 6.17 -0.50
N PRO A 101 10.37 6.10 -1.58
CA PRO A 101 11.74 5.56 -1.52
C PRO A 101 12.71 6.57 -0.91
N ASP A 102 12.57 7.84 -1.28
CA ASP A 102 13.33 8.99 -0.71
C ASP A 102 13.34 8.93 0.82
N GLY A 103 12.24 8.40 1.34
CA GLY A 103 12.05 8.21 2.79
C GLY A 103 11.40 9.41 3.46
N HIS A 104 10.83 10.25 2.62
CA HIS A 104 10.08 11.42 3.06
C HIS A 104 8.65 10.96 3.31
N ASP A 105 8.22 11.25 4.52
CA ASP A 105 6.84 11.04 4.95
C ASP A 105 5.89 11.94 4.18
N TYR A 106 5.60 11.52 2.96
CA TYR A 106 4.66 12.22 2.07
C TYR A 106 3.55 12.84 2.89
N LYS A 107 3.25 14.09 2.55
CA LYS A 107 2.14 14.86 3.14
C LYS A 107 0.79 14.20 2.80
N PHE A 108 0.61 13.04 3.41
CA PHE A 108 -0.63 12.25 3.28
C PHE A 108 -1.84 12.91 3.97
N ASP A 109 -1.51 13.92 4.75
CA ASP A 109 -2.47 14.74 5.49
C ASP A 109 -2.85 16.01 4.71
N SER A 110 -2.16 16.28 3.60
CA SER A 110 -2.41 17.47 2.78
C SER A 110 -3.46 17.15 1.70
N LYS A 111 -4.69 17.47 2.04
CA LYS A 111 -5.85 17.24 1.15
C LYS A 111 -5.71 17.97 -0.18
N LYS A 112 -5.72 19.28 -0.05
CA LYS A 112 -5.55 20.18 -1.19
C LYS A 112 -4.52 21.31 -0.86
N PRO A 113 -3.46 21.38 -1.66
CA PRO A 113 -3.18 20.47 -2.78
C PRO A 113 -2.62 19.12 -2.27
N LYS A 114 -2.34 18.26 -3.23
CA LYS A 114 -1.90 16.89 -2.94
C LYS A 114 -1.19 16.35 -4.18
N GLU A 115 0.12 16.21 -4.03
CA GLU A 115 0.96 15.64 -5.09
C GLU A 115 0.56 14.17 -5.29
N ASN A 116 0.59 13.77 -6.57
CA ASN A 116 0.28 12.40 -6.99
C ASN A 116 0.99 11.36 -6.09
N PRO A 117 0.28 10.30 -5.68
CA PRO A 117 0.86 9.28 -4.81
C PRO A 117 1.95 8.46 -5.54
N GLY A 118 2.54 7.55 -4.77
CA GLY A 118 3.61 6.66 -5.22
C GLY A 118 3.05 5.29 -5.66
N PRO A 119 3.82 4.53 -6.45
CA PRO A 119 3.42 3.18 -6.88
C PRO A 119 3.57 2.17 -5.74
N ALA A 120 4.78 2.07 -5.18
CA ALA A 120 5.03 1.21 -4.02
C ALA A 120 4.30 1.69 -2.78
N ARG A 121 3.62 0.72 -2.20
CA ARG A 121 2.76 0.90 -1.04
C ARG A 121 3.04 -0.13 0.04
N VAL A 122 3.17 0.38 1.26
CA VAL A 122 3.41 -0.45 2.45
C VAL A 122 2.07 -1.07 2.91
N ILE A 123 2.14 -2.36 3.16
CA ILE A 123 0.98 -3.14 3.62
C ILE A 123 1.29 -3.71 5.00
N TYR A 124 0.25 -3.63 5.84
CA TYR A 124 0.34 -3.99 7.26
C TYR A 124 -1.06 -3.99 7.90
N THR A 125 -1.25 -4.98 8.76
CA THR A 125 -2.51 -5.19 9.50
C THR A 125 -2.82 -3.95 10.36
N TYR A 126 -3.77 -4.08 11.28
CA TYR A 126 -4.20 -2.96 12.14
C TYR A 126 -5.07 -3.45 13.33
N PRO A 127 -4.89 -2.87 14.52
CA PRO A 127 -3.84 -1.88 14.86
C PRO A 127 -2.45 -2.45 15.05
N ASN A 128 -2.38 -3.78 14.91
CA ASN A 128 -1.14 -4.56 14.96
C ASN A 128 -0.03 -3.90 14.12
N LYS A 129 -0.39 -3.51 12.89
CA LYS A 129 0.54 -2.89 11.94
C LYS A 129 1.76 -3.78 11.68
N VAL A 130 1.49 -5.09 11.77
CA VAL A 130 2.51 -6.14 11.54
C VAL A 130 2.87 -6.08 10.05
N PHE A 131 3.91 -5.29 9.82
CA PHE A 131 4.49 -5.08 8.50
C PHE A 131 4.55 -6.42 7.75
N CYS A 132 3.82 -6.42 6.64
CA CYS A 132 3.72 -7.63 5.83
C CYS A 132 4.69 -7.54 4.65
N GLY A 133 4.67 -6.37 4.04
CA GLY A 133 5.54 -6.06 2.90
C GLY A 133 5.21 -4.75 2.22
N ILE A 134 5.67 -4.71 0.99
CA ILE A 134 5.44 -3.57 0.09
C ILE A 134 5.02 -4.11 -1.27
N ILE A 135 3.99 -3.50 -1.80
CA ILE A 135 3.47 -3.85 -3.14
C ILE A 135 3.45 -2.62 -4.02
N ALA A 136 3.85 -2.81 -5.27
CA ALA A 136 3.87 -1.74 -6.26
C ALA A 136 3.22 -2.20 -7.56
N HIS A 137 2.62 -1.24 -8.23
CA HIS A 137 1.94 -1.49 -9.51
C HIS A 137 3.00 -1.70 -10.59
N THR A 138 2.93 -2.87 -11.21
CA THR A 138 3.88 -3.26 -12.28
C THR A 138 3.56 -2.65 -13.64
N LYS A 139 3.34 -1.32 -13.60
CA LYS A 139 2.95 -0.47 -14.74
C LYS A 139 2.75 0.97 -14.23
N GLU A 140 3.86 1.64 -13.93
CA GLU A 140 3.89 3.05 -13.50
C GLU A 140 3.26 3.24 -12.11
N ASN A 141 1.94 3.28 -12.12
CA ASN A 141 1.08 3.36 -10.92
C ASN A 141 -0.31 2.73 -11.19
N GLN A 142 -0.33 1.71 -12.02
CA GLN A 142 -1.55 0.99 -12.36
C GLN A 142 -1.29 -0.49 -12.67
N GLY A 143 -2.37 -1.25 -12.60
CA GLY A 143 -2.35 -2.71 -12.85
C GLY A 143 -2.09 -3.44 -11.54
N GLU A 144 -2.28 -4.77 -11.61
CA GLU A 144 -2.06 -5.67 -10.45
C GLU A 144 -0.77 -5.36 -9.70
N LEU A 145 -0.95 -5.08 -8.42
CA LEU A 145 0.16 -4.75 -7.53
C LEU A 145 0.95 -6.02 -7.23
N LYS A 146 2.20 -6.01 -7.66
CA LYS A 146 3.10 -7.13 -7.37
C LYS A 146 3.87 -6.89 -6.07
N LEU A 147 3.69 -7.84 -5.18
CA LEU A 147 4.39 -7.87 -3.88
C LEU A 147 5.89 -7.83 -4.13
N CYS A 148 6.46 -6.67 -3.84
CA CYS A 148 7.91 -6.41 -3.93
C CYS A 148 8.63 -7.51 -3.12
N SER A 149 9.93 -7.54 -3.31
CA SER A 149 10.77 -8.57 -2.68
C SER A 149 12.06 -7.96 -2.15
N HIS A 150 12.55 -8.59 -1.11
CA HIS A 150 13.80 -8.17 -0.46
C HIS A 150 14.91 -9.23 -0.49
N ALA A 1 18.13 -0.94 5.59
CA ALA A 1 17.51 -1.88 6.54
C ALA A 1 16.31 -2.59 5.88
N VAL A 2 16.72 -3.48 4.98
CA VAL A 2 15.82 -4.38 4.21
C VAL A 2 15.21 -3.59 3.03
N THR A 3 15.90 -3.68 1.89
CA THR A 3 15.50 -3.00 0.63
C THR A 3 14.35 -3.74 -0.06
N TRP A 4 13.20 -3.11 -0.03
CA TRP A 4 12.00 -3.68 -0.68
C TRP A 4 11.87 -3.15 -2.11
N THR A 5 12.60 -3.83 -2.99
CA THR A 5 12.66 -3.49 -4.41
C THR A 5 11.47 -4.14 -5.15
N CYS A 6 11.00 -3.42 -6.15
CA CYS A 6 9.87 -3.83 -6.99
C CYS A 6 10.21 -3.61 -8.48
N LEU A 7 9.41 -4.23 -9.34
CA LEU A 7 9.61 -4.15 -10.80
C LEU A 7 8.32 -3.68 -11.48
N ASN A 8 8.31 -2.39 -11.80
CA ASN A 8 7.13 -1.72 -12.39
C ASN A 8 7.47 -1.25 -13.80
N ASP A 9 6.43 -1.17 -14.61
CA ASP A 9 6.61 -0.74 -16.00
C ASP A 9 6.40 0.78 -16.10
N GLN A 10 7.50 1.50 -16.23
CA GLN A 10 7.48 2.97 -16.35
C GLN A 10 7.49 3.40 -17.82
N LYS A 11 6.56 4.30 -18.13
CA LYS A 11 6.46 4.87 -19.49
C LYS A 11 7.37 6.09 -19.57
N ASN A 12 8.66 5.79 -19.78
CA ASN A 12 9.71 6.80 -19.93
C ASN A 12 9.24 7.87 -20.91
N PRO A 13 9.13 9.14 -20.49
CA PRO A 13 8.66 10.22 -21.36
C PRO A 13 9.69 10.64 -22.42
N LYS A 14 10.97 10.39 -22.13
CA LYS A 14 12.08 10.68 -23.05
C LYS A 14 11.99 9.78 -24.30
N THR A 15 11.80 8.49 -24.04
CA THR A 15 11.71 7.48 -25.12
C THR A 15 10.23 7.17 -25.50
N ASN A 16 9.31 7.77 -24.75
CA ASN A 16 7.85 7.56 -24.86
C ASN A 16 7.47 6.07 -24.91
N LYS A 17 8.24 5.29 -24.15
CA LYS A 17 8.13 3.83 -24.15
C LYS A 17 8.10 3.26 -22.72
N TYR A 18 7.56 2.06 -22.62
CA TYR A 18 7.42 1.33 -21.35
C TYR A 18 8.63 0.46 -21.05
N GLU A 19 9.12 0.60 -19.82
CA GLU A 19 10.34 -0.10 -19.35
C GLU A 19 10.10 -0.65 -17.94
N THR A 20 10.63 -1.84 -17.69
CA THR A 20 10.51 -2.49 -16.37
C THR A 20 11.71 -2.13 -15.49
N LYS A 21 11.59 -0.95 -14.89
CA LYS A 21 12.61 -0.43 -13.96
C LYS A 21 12.45 -1.10 -12.58
N ARG A 22 13.45 -0.87 -11.74
CA ARG A 22 13.50 -1.40 -10.37
C ARG A 22 13.27 -0.30 -9.33
N LEU A 23 12.04 -0.32 -8.80
CA LEU A 23 11.64 0.63 -7.76
C LEU A 23 12.12 0.15 -6.37
N LEU A 24 13.34 0.53 -6.06
CA LEU A 24 13.98 0.24 -4.76
C LEU A 24 13.39 1.15 -3.68
N TYR A 25 13.05 0.51 -2.57
CA TYR A 25 12.51 1.19 -1.37
C TYR A 25 13.30 0.81 -0.12
N ASN A 26 12.83 1.36 0.99
CA ASN A 26 13.40 1.02 2.29
C ASN A 26 12.28 0.69 3.28
N GLN A 27 12.40 -0.48 3.90
CA GLN A 27 11.44 -0.89 4.94
C GLN A 27 11.47 0.07 6.11
N ASN A 28 12.67 0.49 6.53
CA ASN A 28 12.82 1.45 7.64
C ASN A 28 11.94 2.69 7.48
N LYS A 29 11.74 3.05 6.22
CA LYS A 29 10.87 4.18 5.85
C LYS A 29 9.42 3.77 5.70
N ALA A 30 9.17 2.51 5.34
CA ALA A 30 7.83 1.93 5.28
C ALA A 30 7.23 1.66 6.68
N GLU A 31 7.98 0.94 7.52
CA GLU A 31 7.63 0.68 8.92
C GLU A 31 7.42 1.99 9.69
N SER A 32 8.28 2.97 9.42
CA SER A 32 8.18 4.30 10.04
C SER A 32 7.01 5.10 9.50
N ASN A 33 6.87 5.16 8.17
CA ASN A 33 5.72 5.81 7.50
C ASN A 33 4.38 5.29 8.03
N SER A 34 4.29 3.97 8.11
CA SER A 34 3.13 3.29 8.69
C SER A 34 2.93 3.63 10.17
N HIS A 35 4.03 3.69 10.90
CA HIS A 35 4.06 4.02 12.35
C HIS A 35 4.06 5.54 12.60
N HIS A 36 3.86 6.32 11.54
CA HIS A 36 3.78 7.78 11.54
C HIS A 36 2.39 8.25 11.09
N ALA A 37 1.82 7.52 10.12
CA ALA A 37 0.45 7.73 9.64
C ALA A 37 -0.59 7.22 10.64
N PRO A 38 -1.74 7.91 10.76
CA PRO A 38 -2.82 7.52 11.67
C PRO A 38 -3.51 6.28 11.12
N LEU A 39 -3.91 5.44 12.05
CA LEU A 39 -4.59 4.19 11.70
C LEU A 39 -6.10 4.40 11.51
N SER A 40 -6.43 4.82 10.30
CA SER A 40 -7.83 5.09 9.92
C SER A 40 -7.94 5.04 8.39
N ASP A 41 -9.05 4.47 7.95
CA ASP A 41 -9.37 4.44 6.51
C ASP A 41 -10.02 5.76 6.10
N GLY A 42 -9.48 6.34 5.02
CA GLY A 42 -10.00 7.57 4.41
C GLY A 42 -10.50 8.59 5.45
N LYS A 43 -9.55 9.08 6.23
CA LYS A 43 -9.84 10.05 7.31
C LYS A 43 -8.70 11.07 7.51
N THR A 44 -8.00 11.29 6.41
CA THR A 44 -6.85 12.22 6.41
C THR A 44 -6.92 13.03 5.12
N GLY A 45 -6.00 13.97 5.02
CA GLY A 45 -5.94 14.91 3.89
C GLY A 45 -5.90 14.22 2.54
N SER A 46 -4.78 13.55 2.27
CA SER A 46 -4.60 12.75 1.05
C SER A 46 -5.54 11.54 0.96
N SER A 47 -6.29 11.30 2.06
CA SER A 47 -7.23 10.18 2.28
C SER A 47 -6.52 8.91 2.77
N TYR A 48 -5.21 9.05 2.94
CA TYR A 48 -4.29 8.00 3.38
C TYR A 48 -4.04 8.02 4.91
N PRO A 49 -3.83 6.83 5.50
CA PRO A 49 -3.81 5.53 4.84
C PRO A 49 -5.22 5.02 4.53
N HIS A 50 -5.37 4.67 3.27
CA HIS A 50 -6.67 4.14 2.81
C HIS A 50 -6.63 2.63 2.93
N TRP A 51 -7.80 2.11 3.31
CA TRP A 51 -8.02 0.66 3.37
C TRP A 51 -7.67 0.03 2.03
N PHE A 52 -6.99 -1.08 2.19
CA PHE A 52 -6.50 -1.87 1.08
C PHE A 52 -7.42 -3.09 0.99
N THR A 53 -8.40 -2.91 0.10
CA THR A 53 -9.29 -3.99 -0.33
C THR A 53 -8.55 -5.30 -0.50
N ASN A 54 -7.31 -5.25 -0.99
CA ASN A 54 -6.43 -6.44 -1.20
C ASN A 54 -7.20 -7.55 -1.96
N GLY A 55 -8.09 -7.08 -2.81
CA GLY A 55 -9.02 -7.93 -3.55
C GLY A 55 -10.39 -8.08 -2.88
N TYR A 56 -10.39 -8.16 -1.56
CA TYR A 56 -11.61 -8.28 -0.72
C TYR A 56 -12.56 -7.11 -1.01
N ASP A 57 -13.85 -7.42 -0.95
CA ASP A 57 -14.91 -6.41 -1.14
C ASP A 57 -15.14 -5.51 0.08
N GLY A 58 -14.63 -5.99 1.21
CA GLY A 58 -14.76 -5.33 2.52
C GLY A 58 -15.40 -6.22 3.59
N ASP A 59 -15.09 -7.51 3.49
CA ASP A 59 -15.62 -8.54 4.40
C ASP A 59 -14.68 -9.74 4.44
N GLY A 60 -14.25 -10.17 3.24
CA GLY A 60 -13.35 -11.32 3.07
C GLY A 60 -13.48 -12.02 1.72
N LYS A 61 -14.67 -11.88 1.15
CA LYS A 61 -14.98 -12.38 -0.19
C LYS A 61 -14.49 -11.40 -1.26
N LEU A 62 -14.13 -11.98 -2.40
CA LEU A 62 -13.55 -11.24 -3.52
C LEU A 62 -14.43 -11.44 -4.77
N PRO A 63 -14.48 -10.46 -5.69
CA PRO A 63 -15.25 -10.59 -6.93
C PRO A 63 -14.61 -11.59 -7.92
N LYS A 64 -15.06 -11.55 -9.16
CA LYS A 64 -14.55 -12.42 -10.22
C LYS A 64 -13.31 -11.78 -10.87
N GLY A 65 -12.21 -12.51 -10.71
CA GLY A 65 -10.90 -12.11 -11.26
C GLY A 65 -10.13 -11.24 -10.26
N ARG A 66 -10.02 -11.78 -9.06
CA ARG A 66 -9.29 -11.12 -7.97
C ARG A 66 -8.08 -11.93 -7.52
N THR A 67 -7.11 -11.21 -6.96
CA THR A 67 -5.86 -11.81 -6.48
C THR A 67 -5.30 -11.11 -5.23
N PRO A 68 -5.66 -11.62 -4.04
CA PRO A 68 -5.21 -11.03 -2.78
C PRO A 68 -3.73 -11.35 -2.58
N ILE A 69 -2.90 -10.30 -2.62
CA ILE A 69 -1.44 -10.45 -2.42
C ILE A 69 -1.16 -11.40 -1.26
N LYS A 70 -0.63 -12.55 -1.63
CA LYS A 70 -0.32 -13.61 -0.64
C LYS A 70 1.07 -13.36 -0.08
N PHE A 71 1.04 -12.63 1.03
CA PHE A 71 2.26 -12.28 1.77
C PHE A 71 2.96 -13.50 2.37
N GLY A 72 2.13 -14.47 2.77
CA GLY A 72 2.54 -15.72 3.40
C GLY A 72 2.31 -15.71 4.91
N LYS A 73 1.42 -14.80 5.34
CA LYS A 73 0.98 -14.71 6.73
C LYS A 73 -0.39 -15.34 6.92
N SER A 74 -0.89 -15.23 8.14
CA SER A 74 -2.20 -15.80 8.54
C SER A 74 -3.22 -14.71 8.89
N ASP A 75 -2.70 -13.66 9.53
CA ASP A 75 -3.49 -12.45 9.91
C ASP A 75 -3.47 -11.38 8.80
N CYS A 76 -2.30 -11.22 8.19
CA CYS A 76 -2.14 -10.32 7.04
C CYS A 76 -2.79 -10.89 5.76
N ASP A 77 -2.96 -12.21 5.76
CA ASP A 77 -3.68 -12.90 4.66
C ASP A 77 -5.17 -13.13 4.99
N ARG A 78 -5.52 -12.98 6.27
CA ARG A 78 -6.88 -13.13 6.77
C ARG A 78 -7.85 -12.17 6.04
N PRO A 79 -9.17 -12.45 6.16
CA PRO A 79 -10.20 -11.51 5.65
C PRO A 79 -10.31 -10.26 6.51
N PRO A 80 -10.03 -9.08 5.91
CA PRO A 80 -10.11 -7.79 6.59
C PRO A 80 -11.57 -7.36 6.69
N LYS A 81 -11.92 -7.09 7.94
CA LYS A 81 -13.29 -6.69 8.26
C LYS A 81 -13.35 -5.17 8.45
N HIS A 82 -13.47 -4.54 7.28
CA HIS A 82 -13.58 -3.07 7.19
C HIS A 82 -15.02 -2.65 7.50
N SER A 83 -15.13 -1.47 8.09
CA SER A 83 -16.45 -0.91 8.50
C SER A 83 -16.86 0.27 7.58
N LYS A 84 -17.50 1.29 8.12
CA LYS A 84 -17.91 2.48 7.34
C LYS A 84 -16.69 3.34 6.98
N ASP A 85 -16.07 3.89 8.03
CA ASP A 85 -14.83 4.71 7.91
C ASP A 85 -13.57 3.90 8.23
N GLY A 86 -13.72 2.58 8.14
CA GLY A 86 -12.66 1.62 8.52
C GLY A 86 -12.06 1.89 9.89
N ASN A 87 -12.98 2.01 10.83
CA ASN A 87 -12.68 2.27 12.23
C ASN A 87 -13.87 1.85 13.11
N GLY A 88 -13.86 0.56 13.37
CA GLY A 88 -14.87 -0.09 14.23
C GLY A 88 -14.33 -0.19 15.66
N LYS A 89 -14.95 -1.10 16.41
CA LYS A 89 -14.51 -1.45 17.76
C LYS A 89 -13.05 -1.95 17.76
N THR A 90 -12.76 -2.76 16.74
CA THR A 90 -11.47 -3.47 16.59
C THR A 90 -11.22 -3.80 15.11
N ASP A 91 -11.51 -2.83 14.24
CA ASP A 91 -11.33 -2.94 12.78
C ASP A 91 -9.98 -3.62 12.47
N HIS A 92 -10.07 -4.78 11.83
CA HIS A 92 -8.86 -5.57 11.56
C HIS A 92 -8.66 -5.74 10.06
N TYR A 93 -8.69 -4.57 9.43
CA TYR A 93 -8.53 -4.44 7.98
C TYR A 93 -7.07 -4.20 7.58
N LEU A 94 -6.78 -4.56 6.33
CA LEU A 94 -5.46 -4.31 5.75
C LEU A 94 -5.50 -2.99 4.99
N LEU A 95 -4.65 -2.07 5.43
CA LEU A 95 -4.53 -0.73 4.79
C LEU A 95 -3.21 -0.60 4.02
N GLU A 96 -3.21 0.38 3.12
CA GLU A 96 -2.05 0.66 2.25
C GLU A 96 -1.68 2.14 2.22
N PHE A 97 -0.48 2.39 2.70
CA PHE A 97 0.05 3.75 2.73
C PHE A 97 1.01 3.98 1.55
N PRO A 98 0.97 5.15 0.90
CA PRO A 98 1.91 5.51 -0.18
C PRO A 98 3.32 5.78 0.34
N THR A 99 4.07 4.68 0.46
CA THR A 99 5.46 4.71 0.95
C THR A 99 6.39 5.27 -0.13
N PHE A 100 7.14 6.26 0.28
CA PHE A 100 8.09 6.96 -0.61
C PHE A 100 9.54 6.41 -0.49
N PRO A 101 10.30 6.39 -1.59
CA PRO A 101 11.69 5.88 -1.59
C PRO A 101 12.67 6.85 -0.93
N ASP A 102 12.53 8.15 -1.24
CA ASP A 102 13.30 9.25 -0.61
C ASP A 102 13.35 9.10 0.92
N GLY A 103 12.25 8.56 1.43
CA GLY A 103 12.09 8.29 2.86
C GLY A 103 11.37 9.41 3.61
N HIS A 104 10.85 10.33 2.81
CA HIS A 104 10.04 11.43 3.31
C HIS A 104 8.60 10.94 3.44
N ASP A 105 8.10 11.11 4.64
CA ASP A 105 6.70 10.84 4.96
C ASP A 105 5.78 11.79 4.19
N TYR A 106 5.54 11.42 2.94
CA TYR A 106 4.64 12.17 2.04
C TYR A 106 3.52 12.77 2.83
N LYS A 107 3.26 14.05 2.56
CA LYS A 107 2.18 14.80 3.19
C LYS A 107 0.81 14.19 2.83
N PHE A 108 0.54 13.12 3.59
CA PHE A 108 -0.69 12.35 3.48
C PHE A 108 -1.87 13.03 4.16
N ASP A 109 -1.52 14.03 4.96
CA ASP A 109 -2.50 14.86 5.67
C ASP A 109 -2.88 16.12 4.86
N SER A 110 -2.19 16.33 3.74
CA SER A 110 -2.43 17.49 2.86
C SER A 110 -3.49 17.16 1.82
N LYS A 111 -4.73 17.49 2.16
CA LYS A 111 -5.90 17.25 1.28
C LYS A 111 -5.76 17.96 -0.06
N LYS A 112 -5.81 19.27 0.02
CA LYS A 112 -5.63 20.12 -1.15
C LYS A 112 -4.61 21.24 -0.85
N PRO A 113 -3.53 21.30 -1.64
CA PRO A 113 -3.25 20.35 -2.74
C PRO A 113 -2.71 19.02 -2.21
N LYS A 114 -2.45 18.11 -3.14
CA LYS A 114 -2.03 16.75 -2.83
C LYS A 114 -1.31 16.17 -4.05
N GLU A 115 0.00 16.05 -3.90
CA GLU A 115 0.84 15.45 -4.95
C GLU A 115 0.46 13.98 -5.11
N ASN A 116 0.42 13.56 -6.39
CA ASN A 116 0.12 12.19 -6.80
C ASN A 116 0.91 11.18 -5.93
N PRO A 117 0.25 10.11 -5.47
CA PRO A 117 0.91 9.11 -4.62
C PRO A 117 1.95 8.31 -5.42
N GLY A 118 2.39 7.20 -4.84
CA GLY A 118 3.42 6.32 -5.41
C GLY A 118 2.87 4.91 -5.71
N PRO A 119 3.57 4.08 -6.51
CA PRO A 119 3.11 2.72 -6.83
C PRO A 119 3.32 1.79 -5.65
N ALA A 120 4.53 1.86 -5.11
CA ALA A 120 4.91 1.10 -3.92
C ALA A 120 4.35 1.69 -2.65
N ARG A 121 3.51 0.85 -2.09
CA ARG A 121 2.73 1.12 -0.89
C ARG A 121 3.01 0.06 0.18
N VAL A 122 3.15 0.56 1.40
CA VAL A 122 3.37 -0.29 2.58
C VAL A 122 2.02 -0.88 3.03
N ILE A 123 2.06 -2.19 3.29
CA ILE A 123 0.86 -2.93 3.74
C ILE A 123 1.15 -3.50 5.12
N TYR A 124 0.13 -3.36 5.97
CA TYR A 124 0.21 -3.71 7.40
C TYR A 124 -1.17 -3.71 8.05
N THR A 125 -1.40 -4.73 8.85
CA THR A 125 -2.71 -4.90 9.54
C THR A 125 -2.94 -3.73 10.51
N TYR A 126 -3.91 -3.86 11.43
CA TYR A 126 -4.28 -2.80 12.37
C TYR A 126 -5.18 -3.34 13.52
N PRO A 127 -4.96 -2.87 14.76
CA PRO A 127 -3.87 -1.96 15.18
C PRO A 127 -2.50 -2.62 15.33
N ASN A 128 -2.49 -3.92 15.01
CA ASN A 128 -1.28 -4.76 14.98
C ASN A 128 -0.16 -4.07 14.21
N LYS A 129 -0.48 -3.56 13.01
CA LYS A 129 0.49 -2.90 12.13
C LYS A 129 1.67 -3.81 11.82
N VAL A 130 1.36 -5.09 11.75
CA VAL A 130 2.35 -6.15 11.45
C VAL A 130 2.74 -5.98 9.99
N PHE A 131 3.78 -5.17 9.83
CA PHE A 131 4.41 -4.89 8.53
C PHE A 131 4.58 -6.17 7.73
N CYS A 132 3.71 -6.28 6.75
CA CYS A 132 3.71 -7.47 5.89
C CYS A 132 4.72 -7.32 4.76
N GLY A 133 4.86 -6.08 4.33
CA GLY A 133 5.80 -5.70 3.27
C GLY A 133 5.40 -4.45 2.57
N ILE A 134 5.77 -4.44 1.30
CA ILE A 134 5.45 -3.37 0.36
C ILE A 134 4.96 -3.98 -0.93
N ILE A 135 4.01 -3.27 -1.52
CA ILE A 135 3.40 -3.69 -2.78
C ILE A 135 3.38 -2.53 -3.77
N ALA A 136 3.70 -2.84 -5.02
CA ALA A 136 3.74 -1.86 -6.10
C ALA A 136 3.19 -2.47 -7.37
N HIS A 137 2.49 -1.61 -8.10
CA HIS A 137 1.92 -2.02 -9.39
C HIS A 137 3.05 -2.31 -10.36
N THR A 138 2.98 -3.51 -10.94
CA THR A 138 3.99 -3.96 -11.94
C THR A 138 3.89 -3.25 -13.28
N LYS A 139 2.94 -2.34 -13.39
CA LYS A 139 2.77 -1.51 -14.59
C LYS A 139 2.41 -0.08 -14.17
N GLU A 140 3.48 0.68 -13.92
CA GLU A 140 3.46 2.09 -13.52
C GLU A 140 2.91 2.28 -12.09
N ASN A 141 1.59 2.45 -12.03
CA ASN A 141 0.80 2.63 -10.82
C ASN A 141 -0.60 2.00 -10.94
N GLN A 142 -0.72 1.05 -11.87
CA GLN A 142 -1.99 0.37 -12.16
C GLN A 142 -1.89 -1.16 -12.26
N GLY A 143 -0.86 -1.61 -12.95
CA GLY A 143 -0.60 -3.06 -13.16
C GLY A 143 -0.68 -3.83 -11.84
N GLU A 144 -0.96 -5.13 -11.97
CA GLU A 144 -1.16 -6.01 -10.80
C GLU A 144 -0.21 -5.70 -9.65
N LEU A 145 -0.78 -5.20 -8.55
CA LEU A 145 -0.02 -4.82 -7.35
C LEU A 145 0.83 -6.01 -6.89
N LYS A 146 2.10 -5.97 -7.28
CA LYS A 146 3.04 -7.03 -6.92
C LYS A 146 3.57 -6.75 -5.51
N LEU A 147 3.77 -7.83 -4.78
CA LEU A 147 4.36 -7.77 -3.44
C LEU A 147 5.88 -7.73 -3.61
N CYS A 148 6.40 -6.50 -3.55
CA CYS A 148 7.85 -6.23 -3.55
C CYS A 148 8.51 -7.16 -2.52
N SER A 149 9.81 -7.32 -2.70
CA SER A 149 10.59 -8.25 -1.85
C SER A 149 11.93 -7.61 -1.52
N HIS A 150 12.60 -8.25 -0.58
CA HIS A 150 13.96 -7.84 -0.17
C HIS A 150 15.04 -8.90 -0.42
N ALA A 1 14.59 -3.87 9.38
CA ALA A 1 14.31 -3.20 8.10
C ALA A 1 14.37 -4.26 6.97
N VAL A 2 14.64 -3.83 5.73
CA VAL A 2 14.77 -4.63 4.49
C VAL A 2 14.75 -3.67 3.27
N THR A 3 15.10 -4.25 2.11
CA THR A 3 15.09 -3.56 0.82
C THR A 3 14.02 -4.17 -0.11
N TRP A 4 12.84 -3.56 -0.08
CA TRP A 4 11.73 -3.97 -0.94
C TRP A 4 11.85 -3.32 -2.32
N THR A 5 12.14 -4.16 -3.30
CA THR A 5 12.42 -3.72 -4.67
C THR A 5 11.29 -4.20 -5.59
N CYS A 6 10.68 -3.21 -6.23
CA CYS A 6 9.51 -3.38 -7.10
C CYS A 6 9.91 -3.05 -8.55
N LEU A 7 9.50 -3.90 -9.47
CA LEU A 7 9.84 -3.70 -10.90
C LEU A 7 8.65 -3.10 -11.66
N ASN A 8 8.51 -1.79 -11.49
CA ASN A 8 7.43 -1.02 -12.12
C ASN A 8 7.82 -0.67 -13.55
N ASP A 9 6.81 -0.42 -14.36
CA ASP A 9 7.03 -0.04 -15.76
C ASP A 9 6.91 1.49 -15.91
N GLN A 10 7.71 2.06 -16.81
CA GLN A 10 7.76 3.52 -17.07
C GLN A 10 7.92 3.84 -18.55
N LYS A 11 6.91 4.53 -19.10
CA LYS A 11 6.92 4.93 -20.51
C LYS A 11 7.74 6.21 -20.68
N ASN A 12 9.04 5.97 -20.87
CA ASN A 12 10.01 7.06 -21.04
C ASN A 12 9.59 7.92 -22.24
N PRO A 13 9.42 9.24 -22.08
CA PRO A 13 9.01 10.13 -23.17
C PRO A 13 10.12 10.36 -24.22
N LYS A 14 11.38 10.23 -23.77
CA LYS A 14 12.56 10.36 -24.65
C LYS A 14 12.56 9.25 -25.70
N THR A 15 12.49 8.01 -25.21
CA THR A 15 12.51 6.81 -26.07
C THR A 15 11.13 6.50 -26.66
N ASN A 16 10.08 6.87 -25.92
CA ASN A 16 8.65 6.60 -26.20
C ASN A 16 8.27 5.13 -25.95
N LYS A 17 9.10 4.47 -25.18
CA LYS A 17 8.93 3.05 -24.85
C LYS A 17 8.81 2.83 -23.32
N TYR A 18 8.35 1.64 -22.99
CA TYR A 18 8.14 1.21 -21.60
C TYR A 18 9.32 0.39 -21.08
N GLU A 19 9.80 0.81 -19.91
CA GLU A 19 10.98 0.19 -19.27
C GLU A 19 10.60 -0.27 -17.86
N THR A 20 11.25 -1.34 -17.42
CA THR A 20 10.95 -1.94 -16.11
C THR A 20 12.05 -1.53 -15.10
N LYS A 21 11.86 -0.32 -14.60
CA LYS A 21 12.76 0.29 -13.60
C LYS A 21 12.69 -0.49 -12.28
N ARG A 22 13.72 -0.32 -11.46
CA ARG A 22 13.84 -1.02 -10.18
C ARG A 22 13.59 -0.05 -9.01
N LEU A 23 12.35 -0.08 -8.55
CA LEU A 23 11.89 0.75 -7.43
C LEU A 23 12.26 0.12 -6.09
N LEU A 24 13.48 0.41 -5.68
CA LEU A 24 14.01 -0.02 -4.39
C LEU A 24 13.56 0.93 -3.27
N TYR A 25 12.90 0.31 -2.32
CA TYR A 25 12.38 0.94 -1.10
C TYR A 25 13.05 0.38 0.14
N ASN A 26 12.85 1.10 1.23
CA ASN A 26 13.40 0.68 2.52
C ASN A 26 12.22 0.33 3.45
N GLN A 27 12.25 -0.89 3.95
CA GLN A 27 11.23 -1.35 4.93
C GLN A 27 11.21 -0.45 6.17
N ASN A 28 12.38 0.04 6.56
CA ASN A 28 12.49 0.98 7.69
C ASN A 28 11.54 2.16 7.51
N LYS A 29 11.67 2.82 6.35
CA LYS A 29 10.79 3.94 6.00
C LYS A 29 9.33 3.47 5.87
N ALA A 30 9.10 2.25 5.41
CA ALA A 30 7.76 1.66 5.26
C ALA A 30 7.09 1.37 6.62
N GLU A 31 7.69 0.50 7.42
CA GLU A 31 7.28 0.20 8.80
C GLU A 31 7.22 1.48 9.66
N SER A 32 8.14 2.41 9.41
CA SER A 32 8.19 3.70 10.14
C SER A 32 7.05 4.63 9.75
N ASN A 33 6.86 4.80 8.45
CA ASN A 33 5.76 5.60 7.90
C ASN A 33 4.41 5.08 8.39
N SER A 34 4.21 3.77 8.24
CA SER A 34 3.00 3.11 8.73
C SER A 34 2.79 3.35 10.23
N HIS A 35 3.91 3.42 10.95
CA HIS A 35 3.97 3.73 12.40
C HIS A 35 3.87 5.23 12.73
N HIS A 36 3.61 6.02 11.69
CA HIS A 36 3.43 7.48 11.78
C HIS A 36 1.99 7.86 11.41
N ALA A 37 1.55 7.42 10.22
CA ALA A 37 0.16 7.60 9.75
C ALA A 37 -0.87 7.04 10.76
N PRO A 38 -1.97 7.76 11.00
CA PRO A 38 -3.01 7.35 11.95
C PRO A 38 -3.75 6.14 11.39
N LEU A 39 -4.22 5.30 12.30
CA LEU A 39 -4.94 4.07 11.94
C LEU A 39 -6.44 4.35 11.71
N SER A 40 -6.71 4.75 10.48
CA SER A 40 -8.08 5.17 10.07
C SER A 40 -8.21 5.19 8.54
N ASP A 41 -9.20 4.45 8.08
CA ASP A 41 -9.50 4.35 6.65
C ASP A 41 -10.20 5.64 6.19
N GLY A 42 -9.54 6.34 5.28
CA GLY A 42 -10.07 7.59 4.67
C GLY A 42 -10.57 8.55 5.75
N LYS A 43 -9.62 9.11 6.48
CA LYS A 43 -9.92 10.06 7.57
C LYS A 43 -8.77 11.06 7.78
N THR A 44 -8.09 11.34 6.68
CA THR A 44 -6.94 12.24 6.71
C THR A 44 -6.99 13.08 5.44
N GLY A 45 -6.07 14.03 5.36
CA GLY A 45 -5.97 14.96 4.25
C GLY A 45 -5.94 14.27 2.88
N SER A 46 -4.85 13.55 2.66
CA SER A 46 -4.71 12.75 1.44
C SER A 46 -5.61 11.50 1.37
N SER A 47 -6.41 11.32 2.42
CA SER A 47 -7.33 10.19 2.70
C SER A 47 -6.59 9.06 3.44
N TYR A 48 -5.32 8.93 3.08
CA TYR A 48 -4.36 7.94 3.60
C TYR A 48 -4.22 8.00 5.11
N PRO A 49 -4.09 6.84 5.76
CA PRO A 49 -4.04 5.50 5.13
C PRO A 49 -5.44 5.00 4.76
N HIS A 50 -5.53 4.69 3.48
CA HIS A 50 -6.80 4.18 2.95
C HIS A 50 -6.74 2.65 3.00
N TRP A 51 -7.87 2.10 3.43
CA TRP A 51 -8.04 0.65 3.46
C TRP A 51 -7.64 0.05 2.13
N PHE A 52 -6.83 -0.97 2.32
CA PHE A 52 -6.28 -1.75 1.23
C PHE A 52 -7.10 -3.00 1.09
N THR A 53 -8.02 -2.87 0.15
CA THR A 53 -8.86 -3.98 -0.34
C THR A 53 -8.08 -5.30 -0.32
N ASN A 54 -6.85 -5.22 -0.83
CA ASN A 54 -5.90 -6.33 -0.96
C ASN A 54 -6.59 -7.54 -1.59
N GLY A 55 -7.60 -7.23 -2.40
CA GLY A 55 -8.50 -8.21 -3.03
C GLY A 55 -9.91 -8.18 -2.41
N TYR A 56 -9.97 -8.12 -1.09
CA TYR A 56 -11.23 -8.12 -0.32
C TYR A 56 -12.00 -6.81 -0.51
N ASP A 57 -13.32 -6.92 -0.49
CA ASP A 57 -14.24 -5.77 -0.65
C ASP A 57 -14.52 -5.05 0.66
N GLY A 58 -14.01 -5.63 1.74
CA GLY A 58 -14.11 -5.09 3.11
C GLY A 58 -14.67 -6.11 4.11
N ASP A 59 -15.43 -7.04 3.57
CA ASP A 59 -15.99 -8.16 4.35
C ASP A 59 -15.31 -9.49 4.07
N GLY A 60 -14.82 -9.63 2.83
CA GLY A 60 -14.18 -10.86 2.34
C GLY A 60 -14.42 -11.08 0.85
N LYS A 61 -15.42 -10.41 0.29
CA LYS A 61 -15.74 -10.51 -1.15
C LYS A 61 -14.56 -10.08 -2.02
N LEU A 62 -14.20 -10.94 -2.96
CA LEU A 62 -13.04 -10.70 -3.80
C LEU A 62 -13.42 -10.62 -5.30
N PRO A 63 -12.56 -10.10 -6.19
CA PRO A 63 -12.90 -9.93 -7.61
C PRO A 63 -12.90 -11.29 -8.36
N LYS A 64 -11.74 -11.77 -8.78
CA LYS A 64 -11.59 -13.09 -9.46
C LYS A 64 -11.60 -14.24 -8.43
N GLY A 65 -12.72 -14.30 -7.72
CA GLY A 65 -12.99 -15.27 -6.64
C GLY A 65 -12.22 -14.93 -5.37
N ARG A 66 -10.90 -14.79 -5.54
CA ARG A 66 -9.91 -14.51 -4.50
C ARG A 66 -8.49 -14.36 -5.05
N THR A 67 -8.05 -13.10 -5.13
CA THR A 67 -6.65 -12.82 -5.51
C THR A 67 -5.91 -11.83 -4.55
N PRO A 68 -5.94 -12.10 -3.24
CA PRO A 68 -5.33 -11.21 -2.25
C PRO A 68 -3.81 -11.34 -2.32
N ILE A 69 -3.16 -10.19 -2.32
CA ILE A 69 -1.69 -10.16 -2.30
C ILE A 69 -1.22 -10.80 -0.99
N LYS A 70 -0.62 -11.96 -1.17
CA LYS A 70 -0.01 -12.71 -0.06
C LYS A 70 1.40 -12.19 0.20
N PHE A 71 1.68 -12.04 1.49
CA PHE A 71 2.97 -11.50 1.98
C PHE A 71 3.81 -12.57 2.71
N GLY A 72 3.09 -13.53 3.29
CA GLY A 72 3.67 -14.63 4.09
C GLY A 72 3.20 -14.61 5.55
N LYS A 73 2.31 -13.68 5.87
CA LYS A 73 1.69 -13.60 7.20
C LYS A 73 0.24 -14.04 7.09
N SER A 74 -0.05 -15.12 7.80
CA SER A 74 -1.43 -15.66 7.91
C SER A 74 -2.44 -14.62 8.44
N ASP A 75 -1.88 -13.60 9.12
CA ASP A 75 -2.61 -12.42 9.59
C ASP A 75 -2.72 -11.32 8.51
N CYS A 76 -1.72 -11.20 7.64
CA CYS A 76 -1.80 -10.26 6.51
C CYS A 76 -2.71 -10.77 5.38
N ASP A 77 -2.79 -12.10 5.26
CA ASP A 77 -3.72 -12.77 4.35
C ASP A 77 -5.12 -12.86 4.94
N ARG A 78 -5.26 -12.70 6.25
CA ARG A 78 -6.57 -12.77 6.95
C ARG A 78 -7.63 -11.88 6.26
N PRO A 79 -8.91 -12.15 6.49
CA PRO A 79 -9.99 -11.30 5.98
C PRO A 79 -10.07 -9.97 6.77
N PRO A 80 -9.81 -8.84 6.09
CA PRO A 80 -9.82 -7.51 6.66
C PRO A 80 -11.27 -7.07 6.88
N LYS A 81 -11.62 -6.98 8.16
CA LYS A 81 -12.98 -6.60 8.56
C LYS A 81 -13.13 -5.08 8.54
N HIS A 82 -13.19 -4.58 7.31
CA HIS A 82 -13.36 -3.15 7.03
C HIS A 82 -14.86 -2.79 7.15
N SER A 83 -15.08 -1.73 7.92
CA SER A 83 -16.44 -1.24 8.18
C SER A 83 -16.78 -0.07 7.24
N LYS A 84 -17.59 0.89 7.67
CA LYS A 84 -17.93 2.07 6.85
C LYS A 84 -16.72 3.00 6.60
N ASP A 85 -16.18 3.48 7.70
CA ASP A 85 -14.98 4.36 7.72
C ASP A 85 -13.72 3.59 8.17
N GLY A 86 -13.81 2.26 8.03
CA GLY A 86 -12.79 1.30 8.50
C GLY A 86 -12.30 1.60 9.92
N ASN A 87 -13.28 1.81 10.80
CA ASN A 87 -13.06 2.22 12.20
C ASN A 87 -14.28 1.84 13.06
N GLY A 88 -14.36 0.55 13.32
CA GLY A 88 -15.45 -0.05 14.10
C GLY A 88 -14.91 -0.57 15.42
N LYS A 89 -15.47 -1.72 15.79
CA LYS A 89 -15.06 -2.44 17.00
C LYS A 89 -13.69 -3.11 16.80
N THR A 90 -13.68 -4.07 15.89
CA THR A 90 -12.48 -4.87 15.56
C THR A 90 -12.20 -4.76 14.07
N ASP A 91 -12.11 -3.51 13.63
CA ASP A 91 -11.80 -3.16 12.22
C ASP A 91 -10.36 -3.58 11.86
N HIS A 92 -10.08 -4.87 11.91
CA HIS A 92 -8.74 -5.42 11.67
C HIS A 92 -8.49 -5.58 10.16
N TYR A 93 -8.50 -4.44 9.52
CA TYR A 93 -8.32 -4.36 8.06
C TYR A 93 -6.87 -4.17 7.65
N LEU A 94 -6.61 -4.42 6.37
CA LEU A 94 -5.28 -4.16 5.80
C LEU A 94 -5.26 -2.76 5.21
N LEU A 95 -4.48 -1.90 5.84
CA LEU A 95 -4.32 -0.49 5.38
C LEU A 95 -3.06 -0.37 4.52
N GLU A 96 -3.03 0.69 3.74
CA GLU A 96 -1.89 1.00 2.87
C GLU A 96 -1.48 2.47 2.92
N PHE A 97 -0.25 2.71 2.47
CA PHE A 97 0.34 4.05 2.49
C PHE A 97 1.35 4.24 1.35
N PRO A 98 1.36 5.41 0.68
CA PRO A 98 2.34 5.73 -0.39
C PRO A 98 3.76 5.90 0.17
N THR A 99 4.45 4.77 0.23
CA THR A 99 5.83 4.72 0.73
C THR A 99 6.79 5.13 -0.39
N PHE A 100 7.43 6.28 -0.16
CA PHE A 100 8.38 6.87 -1.13
C PHE A 100 9.82 6.32 -0.97
N PRO A 101 10.60 6.25 -2.05
CA PRO A 101 11.97 5.71 -2.01
C PRO A 101 12.97 6.67 -1.38
N ASP A 102 12.81 7.96 -1.70
CA ASP A 102 13.57 9.08 -1.10
C ASP A 102 13.72 8.95 0.43
N GLY A 103 12.68 8.38 1.02
CA GLY A 103 12.66 8.14 2.47
C GLY A 103 11.88 9.25 3.19
N HIS A 104 11.13 10.00 2.40
CA HIS A 104 10.27 11.07 2.94
C HIS A 104 8.88 10.52 3.24
N ASP A 105 8.28 11.18 4.21
CA ASP A 105 6.92 10.89 4.64
C ASP A 105 5.95 11.88 3.99
N TYR A 106 5.63 11.59 2.74
CA TYR A 106 4.64 12.38 1.97
C TYR A 106 3.53 12.91 2.88
N LYS A 107 3.20 14.17 2.65
CA LYS A 107 2.14 14.84 3.39
C LYS A 107 0.75 14.22 3.08
N PHE A 108 0.50 13.14 3.82
CA PHE A 108 -0.75 12.38 3.72
C PHE A 108 -1.93 13.05 4.45
N ASP A 109 -1.55 14.01 5.28
CA ASP A 109 -2.49 14.84 6.00
C ASP A 109 -2.90 16.10 5.19
N SER A 110 -2.19 16.36 4.10
CA SER A 110 -2.46 17.56 3.28
C SER A 110 -3.54 17.27 2.23
N LYS A 111 -4.77 17.58 2.61
CA LYS A 111 -5.94 17.38 1.74
C LYS A 111 -5.81 18.16 0.44
N LYS A 112 -5.76 19.48 0.63
CA LYS A 112 -5.58 20.40 -0.50
C LYS A 112 -4.52 21.47 -0.15
N PRO A 113 -3.45 21.52 -0.96
CA PRO A 113 -3.22 20.62 -2.10
C PRO A 113 -2.69 19.26 -1.66
N LYS A 114 -2.47 18.40 -2.64
CA LYS A 114 -2.06 17.01 -2.39
C LYS A 114 -1.43 16.45 -3.66
N GLU A 115 -0.14 16.21 -3.55
CA GLU A 115 0.65 15.60 -4.63
C GLU A 115 0.15 14.17 -4.89
N ASN A 116 0.27 13.78 -6.15
CA ASN A 116 -0.03 12.41 -6.60
C ASN A 116 0.75 11.38 -5.78
N PRO A 117 0.09 10.26 -5.44
CA PRO A 117 0.73 9.18 -4.65
C PRO A 117 1.79 8.45 -5.49
N GLY A 118 2.35 7.42 -4.87
CA GLY A 118 3.40 6.59 -5.47
C GLY A 118 2.83 5.24 -5.97
N PRO A 119 3.60 4.52 -6.80
CA PRO A 119 3.19 3.18 -7.27
C PRO A 119 3.34 2.14 -6.16
N ALA A 120 4.47 2.16 -5.45
CA ALA A 120 4.69 1.29 -4.30
C ALA A 120 4.15 1.87 -3.00
N ARG A 121 3.44 0.98 -2.34
CA ARG A 121 2.75 1.27 -1.08
C ARG A 121 2.99 0.19 -0.02
N VAL A 122 3.20 0.70 1.19
CA VAL A 122 3.40 -0.15 2.37
C VAL A 122 2.07 -0.68 2.88
N ILE A 123 2.06 -1.97 3.20
CA ILE A 123 0.89 -2.67 3.71
C ILE A 123 1.17 -3.21 5.11
N TYR A 124 0.10 -3.22 5.89
CA TYR A 124 0.15 -3.56 7.32
C TYR A 124 -1.25 -3.62 7.91
N THR A 125 -1.42 -4.59 8.79
CA THR A 125 -2.70 -4.84 9.49
C THR A 125 -2.95 -3.71 10.52
N TYR A 126 -3.87 -3.95 11.47
CA TYR A 126 -4.23 -2.98 12.50
C TYR A 126 -5.03 -3.65 13.66
N PRO A 127 -4.85 -3.17 14.90
CA PRO A 127 -3.83 -2.18 15.31
C PRO A 127 -2.41 -2.74 15.41
N ASN A 128 -2.34 -4.05 15.22
CA ASN A 128 -1.08 -4.82 15.13
C ASN A 128 -0.04 -4.11 14.27
N LYS A 129 -0.47 -3.72 13.06
CA LYS A 129 0.40 -3.04 12.08
C LYS A 129 1.60 -3.90 11.72
N VAL A 130 1.37 -5.21 11.75
CA VAL A 130 2.37 -6.24 11.43
C VAL A 130 2.71 -6.07 9.95
N PHE A 131 3.75 -5.27 9.75
CA PHE A 131 4.31 -4.94 8.45
C PHE A 131 4.31 -6.19 7.56
N CYS A 132 3.43 -6.12 6.57
CA CYS A 132 3.22 -7.24 5.65
C CYS A 132 4.32 -7.21 4.59
N GLY A 133 4.30 -6.10 3.84
CA GLY A 133 5.27 -5.84 2.77
C GLY A 133 4.99 -4.53 2.05
N ILE A 134 5.44 -4.51 0.81
CA ILE A 134 5.25 -3.37 -0.10
C ILE A 134 4.76 -3.89 -1.44
N ILE A 135 3.61 -3.39 -1.82
CA ILE A 135 3.03 -3.70 -3.14
C ILE A 135 3.05 -2.47 -4.04
N ALA A 136 3.27 -2.73 -5.31
CA ALA A 136 3.34 -1.69 -6.33
C ALA A 136 2.66 -2.14 -7.62
N HIS A 137 2.35 -1.17 -8.46
CA HIS A 137 1.70 -1.44 -9.76
C HIS A 137 2.79 -1.66 -10.80
N THR A 138 2.79 -2.84 -11.37
CA THR A 138 3.75 -3.28 -12.39
C THR A 138 3.43 -2.73 -13.79
N LYS A 139 3.11 -1.44 -13.80
CA LYS A 139 2.70 -0.66 -14.98
C LYS A 139 2.42 0.80 -14.55
N GLU A 140 3.50 1.57 -14.39
CA GLU A 140 3.44 3.00 -14.03
C GLU A 140 2.88 3.20 -12.61
N ASN A 141 1.55 3.24 -12.53
CA ASN A 141 0.78 3.33 -11.28
C ASN A 141 -0.62 2.70 -11.42
N GLN A 142 -0.74 1.75 -12.36
CA GLN A 142 -1.99 1.05 -12.63
C GLN A 142 -1.73 -0.43 -12.93
N GLY A 143 -2.83 -1.18 -12.88
CA GLY A 143 -2.82 -2.64 -13.08
C GLY A 143 -2.52 -3.34 -11.76
N GLU A 144 -2.97 -4.60 -11.70
CA GLU A 144 -2.76 -5.47 -10.52
C GLU A 144 -1.37 -5.32 -9.91
N LEU A 145 -1.42 -4.97 -8.63
CA LEU A 145 -0.21 -4.70 -7.85
C LEU A 145 0.54 -6.03 -7.66
N LYS A 146 1.86 -5.93 -7.65
CA LYS A 146 2.71 -7.11 -7.45
C LYS A 146 3.56 -6.90 -6.21
N LEU A 147 3.31 -7.75 -5.24
CA LEU A 147 4.08 -7.82 -3.98
C LEU A 147 5.57 -7.77 -4.29
N CYS A 148 6.15 -6.61 -3.96
CA CYS A 148 7.59 -6.38 -4.12
C CYS A 148 8.35 -7.46 -3.36
N SER A 149 9.64 -7.48 -3.59
CA SER A 149 10.50 -8.53 -3.02
C SER A 149 11.69 -7.88 -2.34
N HIS A 150 12.27 -8.66 -1.44
CA HIS A 150 13.47 -8.24 -0.70
C HIS A 150 14.64 -9.24 -0.75
N ALA A 1 16.14 -1.01 7.14
CA ALA A 1 16.59 -2.32 6.63
C ALA A 1 15.56 -2.88 5.65
N VAL A 2 15.83 -4.07 5.11
CA VAL A 2 14.92 -4.83 4.23
C VAL A 2 14.57 -3.97 2.99
N THR A 3 15.37 -4.17 1.96
CA THR A 3 15.29 -3.40 0.69
C THR A 3 14.21 -3.97 -0.25
N TRP A 4 13.00 -3.45 -0.08
CA TRP A 4 11.84 -3.89 -0.89
C TRP A 4 11.87 -3.22 -2.26
N THR A 5 12.32 -4.00 -3.24
CA THR A 5 12.51 -3.48 -4.59
C THR A 5 11.43 -4.07 -5.52
N CYS A 6 10.74 -3.16 -6.18
CA CYS A 6 9.68 -3.47 -7.15
C CYS A 6 10.11 -3.09 -8.57
N LEU A 7 9.45 -3.75 -9.52
CA LEU A 7 9.73 -3.58 -10.96
C LEU A 7 8.47 -3.10 -11.70
N ASN A 8 8.34 -1.78 -11.71
CA ASN A 8 7.16 -1.12 -12.34
C ASN A 8 7.55 -0.62 -13.72
N ASP A 9 6.57 -0.77 -14.62
CA ASP A 9 6.77 -0.34 -16.01
C ASP A 9 6.60 1.19 -16.13
N GLN A 10 7.43 1.82 -16.95
CA GLN A 10 7.44 3.28 -17.19
C GLN A 10 7.59 3.65 -18.67
N LYS A 11 6.52 4.23 -19.19
CA LYS A 11 6.44 4.68 -20.59
C LYS A 11 7.19 6.01 -20.72
N ASN A 12 8.48 5.85 -20.96
CA ASN A 12 9.36 7.02 -21.14
C ASN A 12 8.95 7.76 -22.41
N PRO A 13 8.68 9.08 -22.34
CA PRO A 13 8.30 9.88 -23.53
C PRO A 13 9.46 10.10 -24.51
N LYS A 14 10.69 10.10 -24.00
CA LYS A 14 11.94 10.24 -24.78
C LYS A 14 12.04 9.13 -25.85
N THR A 15 11.79 7.91 -25.39
CA THR A 15 11.89 6.72 -26.26
C THR A 15 10.50 6.18 -26.68
N ASN A 16 9.44 6.83 -26.19
CA ASN A 16 8.01 6.42 -26.31
C ASN A 16 7.78 4.92 -26.06
N LYS A 17 8.63 4.38 -25.20
CA LYS A 17 8.68 2.96 -24.86
C LYS A 17 8.54 2.72 -23.37
N TYR A 18 8.16 1.49 -23.06
CA TYR A 18 7.94 1.02 -21.69
C TYR A 18 9.14 0.25 -21.16
N GLU A 19 9.63 0.73 -20.02
CA GLU A 19 10.82 0.15 -19.37
C GLU A 19 10.45 -0.33 -17.96
N THR A 20 11.14 -1.36 -17.51
CA THR A 20 10.86 -1.96 -16.19
C THR A 20 11.84 -1.40 -15.15
N LYS A 21 11.47 -0.23 -14.64
CA LYS A 21 12.25 0.51 -13.62
C LYS A 21 12.31 -0.29 -12.33
N ARG A 22 13.29 0.05 -11.49
CA ARG A 22 13.51 -0.61 -10.20
C ARG A 22 13.31 0.33 -9.02
N LEU A 23 12.09 0.28 -8.49
CA LEU A 23 11.71 1.08 -7.34
C LEU A 23 12.13 0.41 -6.03
N LEU A 24 13.32 0.78 -5.60
CA LEU A 24 13.91 0.32 -4.32
C LEU A 24 13.42 1.18 -3.15
N TYR A 25 12.90 0.45 -2.18
CA TYR A 25 12.38 1.01 -0.92
C TYR A 25 13.10 0.41 0.29
N ASN A 26 12.94 1.09 1.42
CA ASN A 26 13.51 0.59 2.67
C ASN A 26 12.37 0.38 3.68
N GLN A 27 12.32 -0.84 4.21
CA GLN A 27 11.32 -1.18 5.25
C GLN A 27 11.48 -0.31 6.50
N ASN A 28 12.70 -0.09 7.00
CA ASN A 28 12.92 0.83 8.12
C ASN A 28 12.19 2.18 7.97
N LYS A 29 12.09 2.60 6.73
CA LYS A 29 11.32 3.79 6.34
C LYS A 29 9.83 3.53 6.14
N ALA A 30 9.48 2.44 5.47
CA ALA A 30 8.09 1.99 5.30
C ALA A 30 7.37 1.75 6.64
N GLU A 31 8.07 1.05 7.55
CA GLU A 31 7.62 0.82 8.95
C GLU A 31 7.48 2.15 9.70
N SER A 32 8.41 3.07 9.48
CA SER A 32 8.43 4.37 10.18
C SER A 32 7.34 5.32 9.68
N ASN A 33 7.16 5.31 8.35
CA ASN A 33 6.07 6.02 7.64
C ASN A 33 4.69 5.59 8.13
N SER A 34 4.45 4.29 8.09
CA SER A 34 3.20 3.70 8.62
C SER A 34 3.05 3.92 10.13
N HIS A 35 4.17 3.85 10.87
CA HIS A 35 4.21 4.15 12.32
C HIS A 35 3.98 5.64 12.66
N HIS A 36 3.99 6.49 11.62
CA HIS A 36 3.68 7.93 11.71
C HIS A 36 2.23 8.20 11.34
N ALA A 37 1.78 7.55 10.27
CA ALA A 37 0.36 7.60 9.82
C ALA A 37 -0.59 7.02 10.87
N PRO A 38 -1.72 7.71 11.16
CA PRO A 38 -2.72 7.24 12.13
C PRO A 38 -3.45 6.01 11.59
N LEU A 39 -4.09 5.28 12.48
CA LEU A 39 -4.83 4.08 12.11
C LEU A 39 -6.31 4.33 11.90
N SER A 40 -6.61 4.70 10.66
CA SER A 40 -7.95 5.12 10.26
C SER A 40 -8.10 5.19 8.75
N ASP A 41 -9.07 4.41 8.25
CA ASP A 41 -9.34 4.34 6.81
C ASP A 41 -10.02 5.64 6.37
N GLY A 42 -9.40 6.27 5.37
CA GLY A 42 -9.90 7.50 4.74
C GLY A 42 -10.40 8.51 5.78
N LYS A 43 -9.49 8.92 6.66
CA LYS A 43 -9.81 9.84 7.76
C LYS A 43 -8.73 10.92 7.98
N THR A 44 -7.98 11.13 6.92
CA THR A 44 -6.86 12.09 6.90
C THR A 44 -6.99 12.94 5.66
N GLY A 45 -6.10 13.90 5.55
CA GLY A 45 -6.08 14.87 4.45
C GLY A 45 -6.05 14.21 3.07
N SER A 46 -4.93 13.54 2.78
CA SER A 46 -4.77 12.79 1.51
C SER A 46 -5.59 11.49 1.49
N SER A 47 -6.37 11.26 2.56
CA SER A 47 -7.21 10.07 2.80
C SER A 47 -6.43 8.93 3.48
N TYR A 48 -5.15 8.85 3.10
CA TYR A 48 -4.15 7.91 3.63
C TYR A 48 -3.94 8.01 5.15
N PRO A 49 -3.80 6.88 5.84
CA PRO A 49 -3.80 5.54 5.24
C PRO A 49 -5.21 5.03 4.95
N HIS A 50 -5.36 4.67 3.69
CA HIS A 50 -6.64 4.14 3.22
C HIS A 50 -6.59 2.61 3.36
N TRP A 51 -7.78 2.03 3.26
CA TRP A 51 -7.96 0.59 3.26
C TRP A 51 -7.46 -0.01 1.94
N PHE A 52 -6.79 -1.11 2.16
CA PHE A 52 -6.17 -1.92 1.12
C PHE A 52 -7.06 -3.11 0.86
N THR A 53 -7.93 -2.86 -0.13
CA THR A 53 -8.81 -3.87 -0.72
C THR A 53 -8.10 -5.23 -0.79
N ASN A 54 -6.89 -5.18 -1.35
CA ASN A 54 -6.00 -6.34 -1.58
C ASN A 54 -6.77 -7.47 -2.31
N GLY A 55 -7.81 -7.05 -3.02
CA GLY A 55 -8.78 -7.93 -3.72
C GLY A 55 -10.17 -7.86 -3.09
N TYR A 56 -10.22 -7.86 -1.76
CA TYR A 56 -11.47 -7.83 -0.99
C TYR A 56 -12.21 -6.49 -1.19
N ASP A 57 -13.54 -6.58 -1.22
CA ASP A 57 -14.44 -5.43 -1.42
C ASP A 57 -14.73 -4.68 -0.12
N GLY A 58 -14.31 -5.27 0.98
CA GLY A 58 -14.49 -4.71 2.34
C GLY A 58 -15.08 -5.74 3.32
N ASP A 59 -15.86 -6.63 2.75
CA ASP A 59 -16.51 -7.71 3.51
C ASP A 59 -15.84 -9.08 3.32
N GLY A 60 -15.28 -9.27 2.14
CA GLY A 60 -14.66 -10.55 1.72
C GLY A 60 -14.77 -10.80 0.21
N LYS A 61 -15.71 -10.11 -0.44
CA LYS A 61 -15.91 -10.21 -1.90
C LYS A 61 -14.67 -9.85 -2.69
N LEU A 62 -14.19 -10.80 -3.48
CA LEU A 62 -12.94 -10.64 -4.25
C LEU A 62 -13.21 -10.58 -5.76
N PRO A 63 -12.23 -10.17 -6.61
CA PRO A 63 -12.45 -10.05 -8.06
C PRO A 63 -12.56 -11.43 -8.73
N LYS A 64 -11.42 -12.05 -9.06
CA LYS A 64 -11.37 -13.40 -9.66
C LYS A 64 -11.52 -14.50 -8.60
N GLY A 65 -12.63 -14.40 -7.85
CA GLY A 65 -12.99 -15.29 -6.74
C GLY A 65 -12.17 -14.98 -5.48
N ARG A 66 -10.86 -14.91 -5.66
CA ARG A 66 -9.85 -14.66 -4.62
C ARG A 66 -8.44 -14.53 -5.21
N THR A 67 -7.96 -13.29 -5.28
CA THR A 67 -6.55 -13.05 -5.69
C THR A 67 -5.73 -12.13 -4.74
N PRO A 68 -5.81 -12.34 -3.42
CA PRO A 68 -5.12 -11.47 -2.46
C PRO A 68 -3.63 -11.76 -2.48
N ILE A 69 -2.87 -10.67 -2.47
CA ILE A 69 -1.40 -10.76 -2.44
C ILE A 69 -0.96 -11.61 -1.22
N LYS A 70 -0.26 -12.68 -1.55
CA LYS A 70 0.32 -13.57 -0.54
C LYS A 70 1.64 -13.00 -0.02
N PHE A 71 1.63 -12.73 1.27
CA PHE A 71 2.79 -12.15 1.96
C PHE A 71 3.62 -13.20 2.72
N GLY A 72 2.90 -14.17 3.26
CA GLY A 72 3.46 -15.28 4.06
C GLY A 72 3.14 -15.17 5.56
N LYS A 73 2.05 -14.48 5.86
CA LYS A 73 1.53 -14.32 7.23
C LYS A 73 0.23 -15.13 7.38
N SER A 74 -0.48 -14.84 8.47
CA SER A 74 -1.77 -15.49 8.82
C SER A 74 -2.90 -14.49 9.02
N ASP A 75 -2.60 -13.45 9.82
CA ASP A 75 -3.51 -12.33 10.06
C ASP A 75 -3.52 -11.29 8.92
N CYS A 76 -2.39 -11.18 8.24
CA CYS A 76 -2.26 -10.30 7.08
C CYS A 76 -2.91 -10.90 5.82
N ASP A 77 -2.90 -12.22 5.74
CA ASP A 77 -3.60 -12.95 4.67
C ASP A 77 -5.08 -13.21 5.03
N ARG A 78 -5.50 -12.78 6.21
CA ARG A 78 -6.88 -12.93 6.72
C ARG A 78 -7.86 -12.01 5.97
N PRO A 79 -9.18 -12.28 6.04
CA PRO A 79 -10.19 -11.40 5.42
C PRO A 79 -10.31 -10.03 6.13
N PRO A 80 -9.99 -8.94 5.42
CA PRO A 80 -10.08 -7.58 5.95
C PRO A 80 -11.53 -7.13 6.03
N LYS A 81 -11.92 -6.95 7.27
CA LYS A 81 -13.29 -6.53 7.61
C LYS A 81 -13.34 -4.99 7.70
N HIS A 82 -13.43 -4.41 6.51
CA HIS A 82 -13.55 -2.96 6.34
C HIS A 82 -15.01 -2.54 6.57
N SER A 83 -15.13 -1.47 7.33
CA SER A 83 -16.45 -0.90 7.70
C SER A 83 -16.77 0.32 6.82
N LYS A 84 -17.53 1.28 7.31
CA LYS A 84 -17.84 2.52 6.55
C LYS A 84 -16.63 3.45 6.40
N ASP A 85 -15.98 3.67 7.53
CA ASP A 85 -14.77 4.50 7.66
C ASP A 85 -13.55 3.71 8.15
N GLY A 86 -13.62 2.40 7.90
CA GLY A 86 -12.61 1.38 8.30
C GLY A 86 -11.89 1.72 9.60
N ASN A 87 -12.66 1.55 10.66
CA ASN A 87 -12.30 1.94 12.02
C ASN A 87 -13.01 1.03 13.04
N GLY A 88 -14.34 0.98 12.91
CA GLY A 88 -15.24 0.21 13.80
C GLY A 88 -14.82 0.31 15.27
N LYS A 89 -15.08 -0.76 16.00
CA LYS A 89 -14.57 -0.92 17.38
C LYS A 89 -13.14 -1.46 17.35
N THR A 90 -12.99 -2.58 16.65
CA THR A 90 -11.72 -3.34 16.56
C THR A 90 -11.50 -3.85 15.13
N ASP A 91 -11.81 -2.98 14.15
CA ASP A 91 -11.63 -3.32 12.72
C ASP A 91 -10.27 -3.99 12.49
N HIS A 92 -10.28 -5.00 11.65
CA HIS A 92 -9.04 -5.77 11.39
C HIS A 92 -8.78 -5.86 9.88
N TYR A 93 -8.79 -4.68 9.28
CA TYR A 93 -8.58 -4.55 7.83
C TYR A 93 -7.12 -4.34 7.49
N LEU A 94 -6.79 -4.63 6.23
CA LEU A 94 -5.44 -4.34 5.69
C LEU A 94 -5.44 -2.94 5.08
N LEU A 95 -4.57 -2.11 5.61
CA LEU A 95 -4.37 -0.72 5.14
C LEU A 95 -3.11 -0.63 4.28
N GLU A 96 -2.95 0.53 3.64
CA GLU A 96 -1.77 0.85 2.84
C GLU A 96 -1.40 2.32 2.84
N PHE A 97 -0.10 2.53 2.69
CA PHE A 97 0.49 3.89 2.73
C PHE A 97 1.53 4.07 1.60
N PRO A 98 1.52 5.23 0.89
CA PRO A 98 2.47 5.51 -0.20
C PRO A 98 3.87 5.72 0.37
N THR A 99 4.57 4.61 0.48
CA THR A 99 5.95 4.60 1.01
C THR A 99 6.94 5.05 -0.07
N PHE A 100 7.63 6.13 0.24
CA PHE A 100 8.59 6.79 -0.66
C PHE A 100 10.03 6.25 -0.46
N PRO A 101 10.89 6.28 -1.50
CA PRO A 101 12.28 5.81 -1.39
C PRO A 101 13.19 6.76 -0.60
N ASP A 102 12.98 8.08 -0.82
CA ASP A 102 13.66 9.16 -0.08
C ASP A 102 13.59 8.94 1.44
N GLY A 103 12.49 8.27 1.83
CA GLY A 103 12.19 7.87 3.21
C GLY A 103 11.52 8.96 4.03
N HIS A 104 10.95 9.90 3.28
CA HIS A 104 10.13 10.95 3.86
C HIS A 104 8.69 10.43 3.97
N ASP A 105 8.05 10.94 5.02
CA ASP A 105 6.62 10.70 5.25
C ASP A 105 5.85 11.76 4.46
N TYR A 106 5.58 11.44 3.20
CA TYR A 106 4.69 12.23 2.35
C TYR A 106 3.53 12.80 3.17
N LYS A 107 3.29 14.09 2.94
CA LYS A 107 2.18 14.82 3.58
C LYS A 107 0.83 14.20 3.21
N PHE A 108 0.50 13.17 3.98
CA PHE A 108 -0.75 12.41 3.85
C PHE A 108 -1.95 13.04 4.58
N ASP A 109 -1.59 14.01 5.41
CA ASP A 109 -2.55 14.85 6.13
C ASP A 109 -2.97 16.10 5.34
N SER A 110 -2.29 16.34 4.22
CA SER A 110 -2.53 17.53 3.38
C SER A 110 -3.60 17.21 2.33
N LYS A 111 -4.83 17.54 2.70
CA LYS A 111 -6.00 17.30 1.84
C LYS A 111 -5.88 18.03 0.51
N LYS A 112 -5.91 19.35 0.63
CA LYS A 112 -5.75 20.24 -0.54
C LYS A 112 -4.71 21.33 -0.21
N PRO A 113 -3.63 21.38 -1.01
CA PRO A 113 -3.36 20.43 -2.12
C PRO A 113 -2.81 19.09 -1.62
N LYS A 114 -2.62 18.19 -2.57
CA LYS A 114 -2.20 16.81 -2.30
C LYS A 114 -1.47 16.28 -3.53
N GLU A 115 -0.16 16.10 -3.36
CA GLU A 115 0.68 15.50 -4.40
C GLU A 115 0.21 14.06 -4.65
N ASN A 116 0.19 13.72 -5.94
CA ASN A 116 -0.15 12.37 -6.42
C ASN A 116 0.66 11.31 -5.66
N PRO A 117 0.01 10.21 -5.24
CA PRO A 117 0.69 9.16 -4.47
C PRO A 117 1.69 8.39 -5.36
N GLY A 118 2.21 7.31 -4.80
CA GLY A 118 3.22 6.45 -5.46
C GLY A 118 2.64 5.09 -5.84
N PRO A 119 3.35 4.33 -6.70
CA PRO A 119 2.94 2.96 -7.06
C PRO A 119 3.14 1.98 -5.90
N ALA A 120 4.30 2.09 -5.22
CA ALA A 120 4.56 1.29 -4.02
C ALA A 120 3.84 1.81 -2.78
N ARG A 121 3.37 0.82 -2.06
CA ARG A 121 2.61 0.99 -0.82
C ARG A 121 2.93 -0.09 0.22
N VAL A 122 3.16 0.42 1.42
CA VAL A 122 3.42 -0.40 2.60
C VAL A 122 2.09 -0.95 3.14
N ILE A 123 2.04 -2.26 3.23
CA ILE A 123 0.85 -2.98 3.71
C ILE A 123 1.11 -3.49 5.12
N TYR A 124 0.03 -3.48 5.88
CA TYR A 124 0.05 -3.78 7.32
C TYR A 124 -1.38 -3.83 7.88
N THR A 125 -1.56 -4.78 8.79
CA THR A 125 -2.86 -5.00 9.47
C THR A 125 -3.17 -3.82 10.42
N TYR A 126 -4.12 -3.99 11.33
CA TYR A 126 -4.56 -2.95 12.29
C TYR A 126 -5.40 -3.56 13.43
N PRO A 127 -5.21 -3.05 14.66
CA PRO A 127 -4.18 -2.07 15.08
C PRO A 127 -2.78 -2.65 15.25
N ASN A 128 -2.67 -3.95 14.96
CA ASN A 128 -1.40 -4.68 14.95
C ASN A 128 -0.32 -3.95 14.15
N LYS A 129 -0.69 -3.53 12.92
CA LYS A 129 0.23 -2.84 12.00
C LYS A 129 1.48 -3.65 11.67
N VAL A 130 1.30 -4.97 11.78
CA VAL A 130 2.34 -5.99 11.51
C VAL A 130 2.68 -5.88 10.03
N PHE A 131 3.66 -5.02 9.80
CA PHE A 131 4.27 -4.76 8.49
C PHE A 131 4.42 -6.07 7.74
N CYS A 132 3.62 -6.15 6.70
CA CYS A 132 3.58 -7.36 5.89
C CYS A 132 4.67 -7.32 4.82
N GLY A 133 4.55 -6.29 3.99
CA GLY A 133 5.51 -6.01 2.90
C GLY A 133 5.27 -4.66 2.25
N ILE A 134 5.66 -4.63 0.99
CA ILE A 134 5.46 -3.48 0.10
C ILE A 134 5.02 -4.03 -1.26
N ILE A 135 3.84 -3.59 -1.64
CA ILE A 135 3.30 -3.91 -2.98
C ILE A 135 3.27 -2.65 -3.85
N ALA A 136 3.51 -2.86 -5.13
CA ALA A 136 3.48 -1.77 -6.12
C ALA A 136 2.75 -2.20 -7.39
N HIS A 137 2.27 -1.19 -8.12
CA HIS A 137 1.61 -1.41 -9.41
C HIS A 137 2.65 -1.66 -10.51
N THR A 138 2.55 -2.83 -11.09
CA THR A 138 3.47 -3.30 -12.18
C THR A 138 3.14 -2.73 -13.57
N LYS A 139 2.84 -1.44 -13.55
CA LYS A 139 2.46 -0.65 -14.73
C LYS A 139 2.24 0.81 -14.30
N GLU A 140 3.35 1.50 -14.04
CA GLU A 140 3.37 2.93 -13.65
C GLU A 140 2.74 3.17 -12.27
N ASN A 141 1.40 3.18 -12.26
CA ASN A 141 0.57 3.32 -11.05
C ASN A 141 -0.83 2.66 -11.22
N GLN A 142 -0.86 1.61 -12.04
CA GLN A 142 -2.08 0.86 -12.34
C GLN A 142 -1.78 -0.62 -12.64
N GLY A 143 -2.86 -1.39 -12.76
CA GLY A 143 -2.83 -2.84 -12.97
C GLY A 143 -2.49 -3.53 -11.63
N GLU A 144 -2.58 -4.87 -11.66
CA GLU A 144 -2.27 -5.71 -10.50
C GLU A 144 -1.02 -5.22 -9.74
N LEU A 145 -1.02 -5.49 -8.45
CA LEU A 145 0.12 -5.10 -7.61
C LEU A 145 1.01 -6.31 -7.39
N LYS A 146 2.29 -6.14 -7.72
CA LYS A 146 3.28 -7.21 -7.46
C LYS A 146 3.99 -6.94 -6.15
N LEU A 147 3.84 -7.94 -5.27
CA LEU A 147 4.52 -7.99 -3.98
C LEU A 147 6.04 -7.88 -4.21
N CYS A 148 6.52 -6.69 -3.89
CA CYS A 148 7.97 -6.39 -3.95
C CYS A 148 8.71 -7.42 -3.08
N SER A 149 9.97 -7.57 -3.39
CA SER A 149 10.82 -8.55 -2.71
C SER A 149 12.14 -7.92 -2.29
N HIS A 150 12.55 -8.32 -1.10
CA HIS A 150 13.80 -7.86 -0.49
C HIS A 150 14.91 -8.94 -0.47
N ALA A 1 14.73 -2.65 9.23
CA ALA A 1 13.83 -3.18 8.20
C ALA A 1 14.60 -3.83 7.04
N VAL A 2 14.34 -3.43 5.79
CA VAL A 2 15.05 -3.98 4.61
C VAL A 2 14.77 -3.13 3.38
N THR A 3 15.32 -3.54 2.25
CA THR A 3 15.14 -2.87 0.95
C THR A 3 14.12 -3.60 0.08
N TRP A 4 12.86 -3.22 0.22
CA TRP A 4 11.76 -3.76 -0.60
C TRP A 4 11.74 -3.07 -1.96
N THR A 5 12.20 -3.81 -2.95
CA THR A 5 12.32 -3.32 -4.34
C THR A 5 11.20 -3.94 -5.17
N CYS A 6 10.64 -3.10 -6.02
CA CYS A 6 9.54 -3.44 -6.94
C CYS A 6 9.98 -3.21 -8.39
N LEU A 7 9.27 -3.89 -9.28
CA LEU A 7 9.55 -3.83 -10.72
C LEU A 7 8.30 -3.39 -11.50
N ASN A 8 8.16 -2.07 -11.58
CA ASN A 8 7.00 -1.43 -12.24
C ASN A 8 7.37 -1.14 -13.70
N ASP A 9 6.35 -0.93 -14.51
CA ASP A 9 6.56 -0.63 -15.93
C ASP A 9 6.50 0.88 -16.16
N GLN A 10 7.47 1.45 -16.87
CA GLN A 10 7.53 2.89 -17.15
C GLN A 10 7.66 3.15 -18.64
N LYS A 11 6.70 3.94 -19.14
CA LYS A 11 6.68 4.32 -20.56
C LYS A 11 7.65 5.47 -20.78
N ASN A 12 8.93 5.11 -20.84
CA ASN A 12 10.02 6.05 -21.07
C ASN A 12 9.67 6.93 -22.28
N PRO A 13 9.66 8.26 -22.13
CA PRO A 13 9.31 9.19 -23.21
C PRO A 13 10.41 9.30 -24.29
N LYS A 14 11.65 9.07 -23.86
CA LYS A 14 12.82 9.08 -24.75
C LYS A 14 12.70 7.97 -25.81
N THR A 15 12.39 6.79 -25.31
CA THR A 15 12.26 5.61 -26.18
C THR A 15 10.79 5.34 -26.56
N ASN A 16 9.87 6.16 -26.01
CA ASN A 16 8.41 6.01 -26.14
C ASN A 16 7.93 4.57 -25.91
N LYS A 17 8.69 3.86 -25.09
CA LYS A 17 8.50 2.42 -24.85
C LYS A 17 8.41 2.14 -23.36
N TYR A 18 7.88 0.96 -23.07
CA TYR A 18 7.68 0.50 -21.69
C TYR A 18 8.86 -0.31 -21.17
N GLU A 19 9.31 0.07 -19.99
CA GLU A 19 10.50 -0.55 -19.36
C GLU A 19 10.16 -0.96 -17.92
N THR A 20 10.83 -1.98 -17.44
CA THR A 20 10.59 -2.49 -16.08
C THR A 20 11.70 -2.02 -15.14
N LYS A 21 11.50 -0.80 -14.65
CA LYS A 21 12.44 -0.16 -13.74
C LYS A 21 12.39 -0.87 -12.36
N ARG A 22 13.39 -0.60 -11.54
CA ARG A 22 13.53 -1.21 -10.21
C ARG A 22 13.37 -0.15 -9.11
N LEU A 23 12.15 -0.02 -8.65
CA LEU A 23 11.83 0.92 -7.57
C LEU A 23 12.16 0.33 -6.20
N LEU A 24 13.26 0.81 -5.64
CA LEU A 24 13.68 0.41 -4.28
C LEU A 24 12.96 1.24 -3.22
N TYR A 25 12.44 0.52 -2.24
CA TYR A 25 11.72 1.08 -1.09
C TYR A 25 12.16 0.41 0.20
N ASN A 26 12.89 1.16 1.02
CA ASN A 26 13.28 0.66 2.34
C ASN A 26 12.02 0.48 3.19
N GLN A 27 11.76 -0.77 3.57
CA GLN A 27 10.67 -1.12 4.50
C GLN A 27 10.67 -0.16 5.70
N ASN A 28 11.86 0.26 6.14
CA ASN A 28 12.03 1.17 7.29
C ASN A 28 11.23 2.45 7.10
N LYS A 29 11.48 3.07 5.97
CA LYS A 29 10.73 4.24 5.54
C LYS A 29 9.24 3.97 5.30
N ALA A 30 8.90 2.71 5.14
CA ALA A 30 7.52 2.22 5.01
C ALA A 30 6.86 1.98 6.36
N GLU A 31 7.36 1.01 7.14
CA GLU A 31 6.95 0.71 8.52
C GLU A 31 6.99 1.95 9.40
N SER A 32 7.95 2.83 9.16
CA SER A 32 8.11 4.10 9.90
C SER A 32 7.04 5.11 9.49
N ASN A 33 6.79 5.22 8.18
CA ASN A 33 5.71 6.07 7.60
C ASN A 33 4.33 5.65 8.10
N SER A 34 4.03 4.37 7.95
CA SER A 34 2.79 3.77 8.44
C SER A 34 2.64 3.93 9.96
N HIS A 35 3.75 3.78 10.66
CA HIS A 35 3.81 3.97 12.14
C HIS A 35 3.71 5.45 12.56
N HIS A 36 3.98 6.34 11.59
CA HIS A 36 3.87 7.80 11.75
C HIS A 36 2.48 8.30 11.27
N ALA A 37 1.73 7.41 10.61
CA ALA A 37 0.38 7.66 10.10
C ALA A 37 -0.67 7.10 11.09
N PRO A 38 -1.81 7.80 11.25
CA PRO A 38 -2.88 7.37 12.16
C PRO A 38 -3.61 6.17 11.58
N LEU A 39 -4.14 5.33 12.45
CA LEU A 39 -4.86 4.14 12.01
C LEU A 39 -6.36 4.42 11.82
N SER A 40 -6.66 4.90 10.62
CA SER A 40 -8.03 5.29 10.27
C SER A 40 -8.21 5.37 8.76
N ASP A 41 -8.95 4.39 8.24
CA ASP A 41 -9.27 4.32 6.81
C ASP A 41 -9.97 5.61 6.39
N GLY A 42 -9.34 6.30 5.44
CA GLY A 42 -9.89 7.56 4.87
C GLY A 42 -10.37 8.51 5.97
N LYS A 43 -9.40 9.05 6.71
CA LYS A 43 -9.72 9.97 7.82
C LYS A 43 -8.59 10.98 8.07
N THR A 44 -7.98 11.36 6.96
CA THR A 44 -6.82 12.27 7.01
C THR A 44 -6.86 13.12 5.75
N GLY A 45 -5.93 14.07 5.70
CA GLY A 45 -5.85 15.02 4.59
C GLY A 45 -5.86 14.35 3.20
N SER A 46 -4.77 13.65 2.94
CA SER A 46 -4.66 12.84 1.71
C SER A 46 -5.56 11.58 1.72
N SER A 47 -6.31 11.39 2.80
CA SER A 47 -7.22 10.25 3.09
C SER A 47 -6.44 9.13 3.79
N TYR A 48 -5.19 9.00 3.38
CA TYR A 48 -4.24 8.01 3.88
C TYR A 48 -4.07 8.09 5.39
N PRO A 49 -3.89 6.93 6.04
CA PRO A 49 -3.83 5.61 5.39
C PRO A 49 -5.23 5.06 5.07
N HIS A 50 -5.35 4.77 3.79
CA HIS A 50 -6.61 4.25 3.27
C HIS A 50 -6.55 2.73 3.30
N TRP A 51 -7.66 2.12 3.68
CA TRP A 51 -7.81 0.66 3.65
C TRP A 51 -7.36 0.13 2.28
N PHE A 52 -6.75 -1.03 2.40
CA PHE A 52 -6.19 -1.74 1.24
C PHE A 52 -6.99 -3.02 1.10
N THR A 53 -7.85 -2.96 0.11
CA THR A 53 -8.61 -4.13 -0.38
C THR A 53 -7.80 -5.43 -0.31
N ASN A 54 -6.53 -5.32 -0.70
CA ASN A 54 -5.56 -6.44 -0.68
C ASN A 54 -6.13 -7.68 -1.38
N GLY A 55 -6.86 -7.37 -2.44
CA GLY A 55 -7.65 -8.36 -3.19
C GLY A 55 -9.08 -8.43 -2.65
N TYR A 56 -9.25 -8.43 -1.33
CA TYR A 56 -10.56 -8.56 -0.67
C TYR A 56 -11.29 -7.23 -0.62
N ASP A 57 -12.61 -7.26 -0.54
CA ASP A 57 -13.43 -6.04 -0.54
C ASP A 57 -13.60 -5.55 0.91
N GLY A 58 -14.52 -4.63 1.10
CA GLY A 58 -14.90 -4.09 2.44
C GLY A 58 -15.32 -5.21 3.42
N ASP A 59 -15.69 -6.35 2.82
CA ASP A 59 -16.10 -7.55 3.56
C ASP A 59 -15.09 -8.70 3.37
N GLY A 60 -15.23 -9.39 2.24
CA GLY A 60 -14.40 -10.56 1.90
C GLY A 60 -14.65 -11.03 0.47
N LYS A 61 -14.81 -10.06 -0.42
CA LYS A 61 -14.99 -10.36 -1.86
C LYS A 61 -13.78 -9.93 -2.67
N LEU A 62 -13.41 -10.79 -3.59
CA LEU A 62 -12.22 -10.55 -4.43
C LEU A 62 -12.62 -10.30 -5.90
N PRO A 63 -11.71 -9.76 -6.73
CA PRO A 63 -12.01 -9.43 -8.13
C PRO A 63 -12.13 -10.71 -8.98
N LYS A 64 -11.00 -11.19 -9.53
CA LYS A 64 -10.93 -12.40 -10.37
C LYS A 64 -11.06 -13.67 -9.51
N GLY A 65 -12.24 -13.83 -8.94
CA GLY A 65 -12.60 -14.92 -8.02
C GLY A 65 -11.93 -14.72 -6.66
N ARG A 66 -10.59 -14.61 -6.70
CA ARG A 66 -9.63 -14.48 -5.60
C ARG A 66 -8.19 -14.22 -6.08
N THR A 67 -7.78 -12.97 -6.00
CA THR A 67 -6.38 -12.56 -6.30
C THR A 67 -5.76 -11.75 -5.14
N PRO A 68 -5.68 -12.34 -3.93
CA PRO A 68 -5.11 -11.64 -2.79
C PRO A 68 -3.58 -11.66 -2.87
N ILE A 69 -3.00 -10.55 -2.49
CA ILE A 69 -1.53 -10.43 -2.45
C ILE A 69 -0.99 -11.26 -1.30
N LYS A 70 -0.14 -12.21 -1.68
CA LYS A 70 0.52 -13.09 -0.69
C LYS A 70 1.75 -12.35 -0.16
N PHE A 71 1.67 -12.03 1.12
CA PHE A 71 2.77 -11.34 1.83
C PHE A 71 3.70 -12.31 2.56
N GLY A 72 3.09 -13.42 3.01
CA GLY A 72 3.79 -14.49 3.75
C GLY A 72 3.30 -14.58 5.20
N LYS A 73 2.10 -14.04 5.44
CA LYS A 73 1.45 -14.10 6.76
C LYS A 73 0.06 -14.71 6.62
N SER A 74 -0.59 -14.86 7.77
CA SER A 74 -1.93 -15.44 7.85
C SER A 74 -2.97 -14.39 8.25
N ASP A 75 -2.49 -13.28 8.82
CA ASP A 75 -3.31 -12.13 9.24
C ASP A 75 -3.44 -11.10 8.10
N CYS A 76 -2.36 -10.98 7.35
CA CYS A 76 -2.33 -10.09 6.17
C CYS A 76 -3.13 -10.70 5.00
N ASP A 77 -3.10 -12.04 4.93
CA ASP A 77 -3.92 -12.80 3.99
C ASP A 77 -5.36 -12.96 4.50
N ARG A 78 -5.58 -12.76 5.79
CA ARG A 78 -6.90 -12.87 6.42
C ARG A 78 -7.93 -11.91 5.79
N PRO A 79 -9.24 -12.18 5.98
CA PRO A 79 -10.30 -11.30 5.45
C PRO A 79 -10.33 -9.96 6.20
N PRO A 80 -10.03 -8.86 5.48
CA PRO A 80 -10.02 -7.51 6.04
C PRO A 80 -11.46 -7.03 6.29
N LYS A 81 -11.88 -7.19 7.53
CA LYS A 81 -13.23 -6.81 7.95
C LYS A 81 -13.31 -5.27 8.17
N HIS A 82 -13.31 -4.60 7.04
CA HIS A 82 -13.39 -3.13 6.97
C HIS A 82 -14.83 -2.68 7.17
N SER A 83 -14.98 -1.66 8.01
CA SER A 83 -16.30 -1.09 8.35
C SER A 83 -16.63 0.10 7.46
N LYS A 84 -17.37 1.09 7.98
CA LYS A 84 -17.65 2.33 7.24
C LYS A 84 -16.42 3.21 7.06
N ASP A 85 -15.85 3.58 8.20
CA ASP A 85 -14.61 4.39 8.25
C ASP A 85 -13.38 3.52 8.55
N GLY A 86 -13.53 2.22 8.34
CA GLY A 86 -12.52 1.21 8.68
C GLY A 86 -12.01 1.35 10.11
N ASN A 87 -12.98 1.46 11.00
CA ASN A 87 -12.73 1.62 12.43
C ASN A 87 -13.95 1.16 13.22
N GLY A 88 -13.96 -0.14 13.44
CA GLY A 88 -15.02 -0.82 14.18
C GLY A 88 -14.62 -1.02 15.63
N LYS A 89 -15.13 -2.09 16.19
CA LYS A 89 -14.79 -2.50 17.57
C LYS A 89 -13.34 -3.06 17.60
N THR A 90 -12.99 -3.76 16.53
CA THR A 90 -11.72 -4.48 16.40
C THR A 90 -11.35 -4.71 14.93
N ASP A 91 -11.65 -3.68 14.10
CA ASP A 91 -11.36 -3.67 12.66
C ASP A 91 -9.97 -4.25 12.40
N HIS A 92 -9.95 -5.38 11.70
CA HIS A 92 -8.67 -6.08 11.46
C HIS A 92 -8.40 -6.15 9.94
N TYR A 93 -8.48 -4.97 9.35
CA TYR A 93 -8.26 -4.80 7.92
C TYR A 93 -6.81 -4.49 7.59
N LEU A 94 -6.47 -4.65 6.31
CA LEU A 94 -5.14 -4.29 5.81
C LEU A 94 -5.18 -2.90 5.22
N LEU A 95 -4.49 -1.98 5.89
CA LEU A 95 -4.40 -0.57 5.44
C LEU A 95 -3.28 -0.44 4.39
N GLU A 96 -3.24 0.73 3.77
CA GLU A 96 -2.27 1.07 2.73
C GLU A 96 -1.88 2.54 2.84
N PHE A 97 -0.56 2.72 2.74
CA PHE A 97 0.04 4.06 2.79
C PHE A 97 1.07 4.25 1.66
N PRO A 98 1.13 5.45 1.07
CA PRO A 98 2.12 5.80 0.02
C PRO A 98 3.53 5.97 0.58
N THR A 99 4.31 4.92 0.38
CA THR A 99 5.69 4.88 0.86
C THR A 99 6.65 5.36 -0.23
N PHE A 100 7.28 6.49 0.04
CA PHE A 100 8.25 7.13 -0.88
C PHE A 100 9.65 6.51 -0.78
N PRO A 101 10.46 6.57 -1.86
CA PRO A 101 11.82 5.99 -1.86
C PRO A 101 12.81 6.86 -1.08
N ASP A 102 12.76 8.17 -1.36
CA ASP A 102 13.59 9.19 -0.68
C ASP A 102 13.57 8.97 0.84
N GLY A 103 12.36 8.70 1.31
CA GLY A 103 12.10 8.40 2.72
C GLY A 103 11.43 9.55 3.46
N HIS A 104 10.87 10.44 2.66
CA HIS A 104 10.12 11.58 3.18
C HIS A 104 8.67 11.15 3.34
N ASP A 105 8.27 11.14 4.61
CA ASP A 105 6.88 10.88 4.98
C ASP A 105 5.91 11.86 4.32
N TYR A 106 5.59 11.58 3.06
CA TYR A 106 4.67 12.38 2.26
C TYR A 106 3.55 12.90 3.15
N LYS A 107 3.31 14.19 3.04
CA LYS A 107 2.25 14.88 3.77
C LYS A 107 0.88 14.23 3.44
N PHE A 108 0.61 13.16 4.17
CA PHE A 108 -0.62 12.38 4.00
C PHE A 108 -1.82 13.04 4.72
N ASP A 109 -1.45 14.02 5.54
CA ASP A 109 -2.42 14.82 6.30
C ASP A 109 -2.81 16.10 5.54
N SER A 110 -2.12 16.38 4.44
CA SER A 110 -2.35 17.58 3.64
C SER A 110 -3.43 17.31 2.59
N LYS A 111 -4.65 17.64 3.00
CA LYS A 111 -5.84 17.45 2.15
C LYS A 111 -5.71 18.22 0.84
N LYS A 112 -5.59 19.53 1.05
CA LYS A 112 -5.41 20.47 -0.06
C LYS A 112 -4.32 21.51 0.24
N PRO A 113 -3.28 21.53 -0.61
CA PRO A 113 -3.14 20.63 -1.77
C PRO A 113 -2.69 19.23 -1.31
N LYS A 114 -2.49 18.37 -2.30
CA LYS A 114 -2.15 16.97 -2.06
C LYS A 114 -1.42 16.42 -3.30
N GLU A 115 -0.11 16.27 -3.15
CA GLU A 115 0.72 15.71 -4.22
C GLU A 115 0.31 14.25 -4.48
N ASN A 116 0.36 13.89 -5.76
CA ASN A 116 0.03 12.53 -6.22
C ASN A 116 0.86 11.49 -5.43
N PRO A 117 0.27 10.34 -5.09
CA PRO A 117 0.99 9.32 -4.34
C PRO A 117 2.04 8.61 -5.23
N GLY A 118 2.50 7.47 -4.74
CA GLY A 118 3.51 6.64 -5.41
C GLY A 118 2.93 5.34 -5.95
N PRO A 119 3.71 4.61 -6.77
CA PRO A 119 3.29 3.29 -7.29
C PRO A 119 3.36 2.22 -6.18
N ALA A 120 4.46 2.21 -5.44
CA ALA A 120 4.63 1.31 -4.30
C ALA A 120 4.04 1.89 -3.01
N ARG A 121 3.36 0.99 -2.33
CA ARG A 121 2.66 1.31 -1.10
C ARG A 121 2.91 0.23 -0.04
N VAL A 122 3.02 0.74 1.18
CA VAL A 122 3.24 -0.12 2.36
C VAL A 122 1.91 -0.72 2.81
N ILE A 123 2.01 -1.98 3.22
CA ILE A 123 0.85 -2.74 3.72
C ILE A 123 1.16 -3.27 5.11
N TYR A 124 0.11 -3.22 5.90
CA TYR A 124 0.17 -3.54 7.33
C TYR A 124 -1.23 -3.63 7.94
N THR A 125 -1.33 -4.57 8.87
CA THR A 125 -2.59 -4.87 9.56
C THR A 125 -2.92 -3.72 10.54
N TYR A 126 -3.83 -3.96 11.47
CA TYR A 126 -4.30 -2.96 12.45
C TYR A 126 -5.19 -3.58 13.54
N PRO A 127 -5.05 -3.09 14.79
CA PRO A 127 -4.05 -2.10 15.23
C PRO A 127 -2.65 -2.66 15.40
N ASN A 128 -2.55 -3.95 15.10
CA ASN A 128 -1.27 -4.69 15.11
C ASN A 128 -0.21 -3.93 14.29
N LYS A 129 -0.58 -3.54 13.08
CA LYS A 129 0.33 -2.82 12.16
C LYS A 129 1.59 -3.64 11.87
N VAL A 130 1.39 -4.96 11.94
CA VAL A 130 2.44 -5.97 11.72
C VAL A 130 2.73 -5.97 10.21
N PHE A 131 3.54 -4.98 9.83
CA PHE A 131 4.02 -4.78 8.48
C PHE A 131 4.24 -6.16 7.84
N CYS A 132 3.64 -6.30 6.67
CA CYS A 132 3.76 -7.55 5.92
C CYS A 132 4.79 -7.40 4.80
N GLY A 133 4.46 -6.43 3.95
CA GLY A 133 5.29 -6.10 2.79
C GLY A 133 4.83 -4.81 2.10
N ILE A 134 5.40 -4.64 0.93
CA ILE A 134 5.06 -3.50 0.06
C ILE A 134 4.56 -4.04 -1.27
N ILE A 135 3.56 -3.35 -1.79
CA ILE A 135 2.97 -3.68 -3.09
C ILE A 135 2.94 -2.46 -4.00
N ALA A 136 3.17 -2.71 -5.26
CA ALA A 136 3.16 -1.65 -6.28
C ALA A 136 2.49 -2.12 -7.55
N HIS A 137 2.13 -1.16 -8.39
CA HIS A 137 1.49 -1.48 -9.67
C HIS A 137 2.56 -1.79 -10.70
N THR A 138 2.48 -2.99 -11.26
CA THR A 138 3.43 -3.48 -12.27
C THR A 138 3.12 -2.94 -13.67
N LYS A 139 2.87 -1.64 -13.72
CA LYS A 139 2.48 -0.89 -14.92
C LYS A 139 2.23 0.58 -14.56
N GLU A 140 3.33 1.31 -14.36
CA GLU A 140 3.35 2.76 -14.07
C GLU A 140 2.84 3.03 -12.66
N ASN A 141 1.52 3.07 -12.56
CA ASN A 141 0.78 3.25 -11.30
C ASN A 141 -0.63 2.64 -11.39
N GLN A 142 -0.79 1.67 -12.29
CA GLN A 142 -2.06 0.98 -12.48
C GLN A 142 -1.84 -0.50 -12.81
N GLY A 143 -2.94 -1.23 -12.69
CA GLY A 143 -2.96 -2.68 -12.90
C GLY A 143 -2.65 -3.39 -11.58
N GLU A 144 -3.06 -4.65 -11.54
CA GLU A 144 -2.87 -5.56 -10.40
C GLU A 144 -1.49 -5.38 -9.74
N LEU A 145 -1.57 -4.91 -8.51
CA LEU A 145 -0.37 -4.61 -7.71
C LEU A 145 0.39 -5.91 -7.45
N LYS A 146 1.68 -5.77 -7.26
CA LYS A 146 2.58 -6.90 -6.97
C LYS A 146 3.38 -6.60 -5.71
N LEU A 147 3.45 -7.66 -4.90
CA LEU A 147 4.26 -7.68 -3.66
C LEU A 147 5.74 -7.55 -4.00
N CYS A 148 6.24 -6.34 -3.74
CA CYS A 148 7.66 -6.02 -3.88
C CYS A 148 8.46 -7.02 -3.02
N SER A 149 9.72 -7.18 -3.39
CA SER A 149 10.60 -8.12 -2.69
C SER A 149 11.88 -7.42 -2.27
N HIS A 150 12.54 -8.02 -1.29
CA HIS A 150 13.81 -7.50 -0.78
C HIS A 150 15.02 -8.43 -1.01
N ALA A 1 17.64 -2.54 6.98
CA ALA A 1 16.17 -2.49 7.06
C ALA A 1 15.47 -3.14 5.87
N VAL A 2 16.25 -3.94 5.14
CA VAL A 2 15.81 -4.76 4.00
C VAL A 2 15.33 -3.84 2.85
N THR A 3 15.63 -4.25 1.64
CA THR A 3 15.30 -3.40 0.48
C THR A 3 14.26 -4.08 -0.41
N TRP A 4 13.02 -3.65 -0.23
CA TRP A 4 11.86 -4.20 -0.96
C TRP A 4 11.80 -3.63 -2.37
N THR A 5 12.39 -4.39 -3.27
CA THR A 5 12.52 -4.08 -4.69
C THR A 5 11.24 -4.42 -5.45
N CYS A 6 10.83 -3.47 -6.29
CA CYS A 6 9.61 -3.60 -7.10
C CYS A 6 9.91 -3.25 -8.56
N LEU A 7 9.58 -4.20 -9.42
CA LEU A 7 9.79 -4.07 -10.87
C LEU A 7 8.50 -3.62 -11.56
N ASN A 8 8.42 -2.31 -11.73
CA ASN A 8 7.29 -1.65 -12.39
C ASN A 8 7.66 -1.19 -13.81
N ASP A 9 6.63 -0.80 -14.53
CA ASP A 9 6.81 -0.30 -15.90
C ASP A 9 6.77 1.24 -15.91
N GLN A 10 7.54 1.83 -16.80
CA GLN A 10 7.66 3.30 -16.96
C GLN A 10 7.69 3.70 -18.43
N LYS A 11 6.67 4.46 -18.84
CA LYS A 11 6.56 4.98 -20.20
C LYS A 11 7.54 6.15 -20.37
N ASN A 12 8.81 5.75 -20.47
CA ASN A 12 9.93 6.68 -20.63
C ASN A 12 9.58 7.68 -21.73
N PRO A 13 9.62 8.99 -21.45
CA PRO A 13 9.26 10.03 -22.45
C PRO A 13 10.28 10.13 -23.60
N LYS A 14 11.53 9.79 -23.31
CA LYS A 14 12.63 9.79 -24.29
C LYS A 14 12.35 8.77 -25.40
N THR A 15 12.14 7.53 -24.97
CA THR A 15 11.86 6.40 -25.89
C THR A 15 10.38 6.30 -26.27
N ASN A 16 9.54 7.03 -25.53
CA ASN A 16 8.05 7.01 -25.62
C ASN A 16 7.48 5.59 -25.48
N LYS A 17 8.21 4.78 -24.73
CA LYS A 17 7.89 3.36 -24.54
C LYS A 17 8.00 2.95 -23.07
N TYR A 18 7.33 1.84 -22.79
CA TYR A 18 7.29 1.23 -21.45
C TYR A 18 8.48 0.32 -21.16
N GLU A 19 9.10 0.59 -20.01
CA GLU A 19 10.33 -0.12 -19.60
C GLU A 19 10.19 -0.58 -18.15
N THR A 20 10.79 -1.73 -17.84
CA THR A 20 10.71 -2.32 -16.50
C THR A 20 11.94 -1.89 -15.68
N LYS A 21 11.67 -0.91 -14.83
CA LYS A 21 12.69 -0.34 -13.92
C LYS A 21 12.66 -1.07 -12.58
N ARG A 22 13.67 -0.79 -11.77
CA ARG A 22 13.79 -1.36 -10.41
C ARG A 22 13.50 -0.32 -9.33
N LEU A 23 12.20 -0.12 -9.09
CA LEU A 23 11.74 0.78 -8.03
C LEU A 23 11.73 0.08 -6.68
N LEU A 24 12.91 0.13 -6.08
CA LEU A 24 13.17 -0.42 -4.73
C LEU A 24 12.89 0.60 -3.62
N TYR A 25 12.56 0.06 -2.47
CA TYR A 25 12.15 0.83 -1.28
C TYR A 25 12.88 0.34 -0.02
N ASN A 26 12.55 0.98 1.08
CA ASN A 26 13.07 0.58 2.39
C ASN A 26 11.90 0.18 3.29
N GLN A 27 12.02 -1.04 3.82
CA GLN A 27 11.04 -1.56 4.79
C GLN A 27 10.97 -0.68 6.05
N ASN A 28 12.09 -0.04 6.41
CA ASN A 28 12.17 0.92 7.52
C ASN A 28 11.29 2.13 7.25
N LYS A 29 11.63 2.89 6.23
CA LYS A 29 10.86 4.06 5.81
C LYS A 29 9.36 3.78 5.62
N ALA A 30 9.07 2.53 5.28
CA ALA A 30 7.71 1.99 5.18
C ALA A 30 7.07 1.77 6.56
N GLU A 31 7.55 0.78 7.33
CA GLU A 31 7.11 0.48 8.71
C GLU A 31 7.19 1.71 9.64
N SER A 32 8.10 2.63 9.35
CA SER A 32 8.30 3.88 10.09
C SER A 32 7.29 4.97 9.66
N ASN A 33 7.03 5.07 8.37
CA ASN A 33 5.99 5.97 7.78
C ASN A 33 4.61 5.62 8.30
N SER A 34 4.25 4.33 8.18
CA SER A 34 2.97 3.82 8.73
C SER A 34 2.85 4.03 10.24
N HIS A 35 3.97 3.89 10.95
CA HIS A 35 4.04 4.16 12.40
C HIS A 35 3.92 5.66 12.76
N HIS A 36 4.01 6.51 11.73
CA HIS A 36 3.79 7.96 11.82
C HIS A 36 2.42 8.37 11.27
N ALA A 37 1.72 7.42 10.66
CA ALA A 37 0.36 7.59 10.11
C ALA A 37 -0.69 7.06 11.11
N PRO A 38 -1.85 7.75 11.19
CA PRO A 38 -2.94 7.34 12.09
C PRO A 38 -3.60 6.07 11.58
N LEU A 39 -4.34 5.43 12.47
CA LEU A 39 -5.04 4.18 12.15
C LEU A 39 -6.52 4.38 11.84
N SER A 40 -6.73 4.79 10.60
CA SER A 40 -8.08 5.17 10.13
C SER A 40 -8.14 5.23 8.60
N ASP A 41 -9.03 4.42 8.07
CA ASP A 41 -9.27 4.36 6.62
C ASP A 41 -9.93 5.68 6.18
N GLY A 42 -9.36 6.26 5.12
CA GLY A 42 -9.86 7.49 4.48
C GLY A 42 -10.39 8.50 5.49
N LYS A 43 -9.49 8.90 6.39
CA LYS A 43 -9.82 9.85 7.47
C LYS A 43 -8.72 10.89 7.70
N THR A 44 -7.94 11.10 6.65
CA THR A 44 -6.81 12.01 6.70
C THR A 44 -6.87 12.87 5.43
N GLY A 45 -5.93 13.79 5.37
CA GLY A 45 -5.86 14.77 4.27
C GLY A 45 -5.80 14.10 2.90
N SER A 46 -4.67 13.47 2.65
CA SER A 46 -4.48 12.71 1.40
C SER A 46 -5.36 11.46 1.24
N SER A 47 -6.12 11.19 2.31
CA SER A 47 -7.07 10.06 2.50
C SER A 47 -6.32 8.79 2.93
N TYR A 48 -5.13 9.02 3.46
CA TYR A 48 -4.16 7.97 3.85
C TYR A 48 -3.91 7.94 5.36
N PRO A 49 -3.75 6.75 5.93
CA PRO A 49 -3.75 5.46 5.20
C PRO A 49 -5.15 4.97 4.87
N HIS A 50 -5.29 4.74 3.58
CA HIS A 50 -6.57 4.24 3.07
C HIS A 50 -6.53 2.72 3.10
N TRP A 51 -7.65 2.18 3.54
CA TRP A 51 -7.86 0.73 3.56
C TRP A 51 -7.43 0.13 2.21
N PHE A 52 -6.73 -0.96 2.40
CA PHE A 52 -6.19 -1.76 1.31
C PHE A 52 -7.10 -2.93 1.08
N THR A 53 -7.92 -2.72 0.06
CA THR A 53 -8.80 -3.76 -0.51
C THR A 53 -8.06 -5.09 -0.63
N ASN A 54 -6.84 -5.03 -1.16
CA ASN A 54 -5.98 -6.21 -1.38
C ASN A 54 -6.72 -7.35 -2.11
N GLY A 55 -7.65 -6.89 -2.96
CA GLY A 55 -8.59 -7.75 -3.71
C GLY A 55 -9.98 -7.78 -3.04
N TYR A 56 -10.01 -7.81 -1.71
CA TYR A 56 -11.24 -7.83 -0.92
C TYR A 56 -12.07 -6.55 -1.16
N ASP A 57 -13.38 -6.74 -1.17
CA ASP A 57 -14.35 -5.65 -1.41
C ASP A 57 -14.64 -4.85 -0.14
N GLY A 58 -14.25 -5.42 0.99
CA GLY A 58 -14.49 -4.86 2.33
C GLY A 58 -15.00 -5.87 3.36
N ASP A 59 -15.70 -6.85 2.81
CA ASP A 59 -16.27 -7.95 3.60
C ASP A 59 -15.52 -9.28 3.45
N GLY A 60 -14.95 -9.47 2.25
CA GLY A 60 -14.23 -10.70 1.87
C GLY A 60 -14.33 -11.00 0.37
N LYS A 61 -15.33 -10.42 -0.29
CA LYS A 61 -15.54 -10.60 -1.75
C LYS A 61 -14.32 -10.14 -2.54
N LEU A 62 -13.79 -11.03 -3.33
CA LEU A 62 -12.56 -10.78 -4.10
C LEU A 62 -12.82 -10.79 -5.62
N PRO A 63 -11.88 -10.34 -6.47
CA PRO A 63 -12.09 -10.25 -7.93
C PRO A 63 -12.10 -11.65 -8.57
N LYS A 64 -10.92 -12.18 -8.92
CA LYS A 64 -10.77 -13.52 -9.53
C LYS A 64 -10.92 -14.66 -8.51
N GLY A 65 -12.12 -14.71 -7.93
CA GLY A 65 -12.50 -15.65 -6.86
C GLY A 65 -11.91 -15.19 -5.51
N ARG A 66 -10.58 -15.05 -5.53
CA ARG A 66 -9.68 -14.68 -4.41
C ARG A 66 -8.24 -14.43 -4.88
N THR A 67 -7.83 -13.16 -4.79
CA THR A 67 -6.43 -12.75 -5.06
C THR A 67 -5.86 -11.90 -3.89
N PRO A 68 -5.85 -12.42 -2.65
CA PRO A 68 -5.32 -11.68 -1.50
C PRO A 68 -3.80 -11.77 -1.53
N ILE A 69 -3.16 -10.65 -1.90
CA ILE A 69 -1.69 -10.53 -1.95
C ILE A 69 -1.10 -11.23 -0.70
N LYS A 70 -0.33 -12.25 -1.03
CA LYS A 70 0.33 -13.08 -0.02
C LYS A 70 1.63 -12.43 0.42
N PHE A 71 1.65 -12.09 1.70
CA PHE A 71 2.79 -11.43 2.33
C PHE A 71 3.69 -12.40 3.12
N GLY A 72 3.05 -13.43 3.65
CA GLY A 72 3.69 -14.46 4.50
C GLY A 72 3.09 -14.52 5.91
N LYS A 73 2.08 -13.70 6.15
CA LYS A 73 1.33 -13.69 7.41
C LYS A 73 -0.11 -14.11 7.15
N SER A 74 -0.50 -15.17 7.84
CA SER A 74 -1.91 -15.67 7.83
C SER A 74 -2.92 -14.60 8.25
N ASP A 75 -2.45 -13.65 9.04
CA ASP A 75 -3.21 -12.46 9.48
C ASP A 75 -3.27 -11.37 8.42
N CYS A 76 -2.20 -11.22 7.65
CA CYS A 76 -2.15 -10.28 6.50
C CYS A 76 -2.95 -10.82 5.29
N ASP A 77 -3.01 -12.15 5.18
CA ASP A 77 -3.84 -12.85 4.18
C ASP A 77 -5.29 -13.04 4.66
N ARG A 78 -5.54 -12.82 5.96
CA ARG A 78 -6.88 -12.94 6.55
C ARG A 78 -7.91 -12.02 5.89
N PRO A 79 -9.21 -12.30 6.00
CA PRO A 79 -10.26 -11.43 5.45
C PRO A 79 -10.35 -10.09 6.22
N PRO A 80 -10.03 -8.97 5.55
CA PRO A 80 -10.08 -7.63 6.11
C PRO A 80 -11.52 -7.17 6.22
N LYS A 81 -11.93 -7.12 7.49
CA LYS A 81 -13.29 -6.72 7.86
C LYS A 81 -13.36 -5.19 7.96
N HIS A 82 -13.44 -4.59 6.78
CA HIS A 82 -13.55 -3.12 6.63
C HIS A 82 -14.99 -2.69 6.85
N SER A 83 -15.12 -1.64 7.65
CA SER A 83 -16.44 -1.10 8.03
C SER A 83 -16.78 0.14 7.19
N LYS A 84 -17.52 1.11 7.71
CA LYS A 84 -17.82 2.37 6.99
C LYS A 84 -16.60 3.24 6.74
N ASP A 85 -15.98 3.63 7.84
CA ASP A 85 -14.77 4.47 7.85
C ASP A 85 -13.52 3.63 8.19
N GLY A 86 -13.65 2.31 7.97
CA GLY A 86 -12.64 1.31 8.35
C GLY A 86 -12.16 1.49 9.79
N ASN A 87 -13.12 1.61 10.70
CA ASN A 87 -12.84 1.87 12.12
C ASN A 87 -14.03 1.45 12.99
N GLY A 88 -14.18 0.13 13.04
CA GLY A 88 -15.26 -0.53 13.81
C GLY A 88 -14.82 -0.67 15.27
N LYS A 89 -15.39 -1.71 15.87
CA LYS A 89 -15.05 -2.11 17.25
C LYS A 89 -13.63 -2.69 17.28
N THR A 90 -13.42 -3.70 16.45
CA THR A 90 -12.14 -4.45 16.35
C THR A 90 -11.77 -4.72 14.89
N ASP A 91 -11.92 -3.66 14.08
CA ASP A 91 -11.59 -3.71 12.64
C ASP A 91 -10.18 -4.25 12.43
N HIS A 92 -10.09 -5.30 11.62
CA HIS A 92 -8.81 -5.97 11.38
C HIS A 92 -8.51 -6.04 9.87
N TYR A 93 -8.60 -4.87 9.27
CA TYR A 93 -8.38 -4.70 7.82
C TYR A 93 -6.93 -4.36 7.49
N LEU A 94 -6.55 -4.69 6.25
CA LEU A 94 -5.23 -4.31 5.74
C LEU A 94 -5.29 -2.89 5.15
N LEU A 95 -4.33 -2.07 5.54
CA LEU A 95 -4.23 -0.68 5.07
C LEU A 95 -2.98 -0.51 4.18
N GLU A 96 -3.09 0.45 3.27
CA GLU A 96 -2.00 0.79 2.34
C GLU A 96 -1.63 2.29 2.37
N PHE A 97 -0.39 2.51 2.75
CA PHE A 97 0.14 3.89 2.82
C PHE A 97 1.15 4.13 1.68
N PRO A 98 1.12 5.32 1.05
CA PRO A 98 2.07 5.72 0.00
C PRO A 98 3.48 5.96 0.54
N THR A 99 4.23 4.87 0.53
CA THR A 99 5.62 4.86 1.01
C THR A 99 6.57 5.28 -0.12
N PHE A 100 7.37 6.28 0.19
CA PHE A 100 8.33 6.85 -0.78
C PHE A 100 9.73 6.24 -0.61
N PRO A 101 10.54 6.15 -1.70
CA PRO A 101 11.89 5.58 -1.64
C PRO A 101 12.89 6.53 -0.96
N ASP A 102 12.81 7.82 -1.31
CA ASP A 102 13.65 8.90 -0.70
C ASP A 102 13.62 8.81 0.84
N GLY A 103 12.43 8.48 1.34
CA GLY A 103 12.19 8.31 2.76
C GLY A 103 11.56 9.54 3.42
N HIS A 104 10.94 10.35 2.57
CA HIS A 104 10.21 11.51 3.03
C HIS A 104 8.77 11.06 3.32
N ASP A 105 8.41 11.31 4.56
CA ASP A 105 7.05 11.13 5.06
C ASP A 105 6.07 12.08 4.37
N TYR A 106 5.80 11.76 3.11
CA TYR A 106 4.84 12.51 2.27
C TYR A 106 3.68 12.97 3.12
N LYS A 107 3.36 14.23 2.91
CA LYS A 107 2.22 14.89 3.56
C LYS A 107 0.90 14.15 3.25
N PHE A 108 0.71 13.08 4.00
CA PHE A 108 -0.47 12.23 3.89
C PHE A 108 -1.69 12.80 4.62
N ASP A 109 -1.43 13.92 5.29
CA ASP A 109 -2.43 14.71 6.02
C ASP A 109 -2.84 15.96 5.22
N SER A 110 -2.17 16.23 4.12
CA SER A 110 -2.47 17.45 3.32
C SER A 110 -3.53 17.13 2.28
N LYS A 111 -4.78 17.44 2.65
CA LYS A 111 -5.94 17.22 1.77
C LYS A 111 -5.84 17.97 0.47
N LYS A 112 -5.87 19.28 0.61
CA LYS A 112 -5.72 20.19 -0.52
C LYS A 112 -4.72 21.31 -0.18
N PRO A 113 -3.63 21.41 -0.98
CA PRO A 113 -3.35 20.51 -2.11
C PRO A 113 -2.78 19.16 -1.65
N LYS A 114 -2.53 18.31 -2.63
CA LYS A 114 -2.07 16.94 -2.38
C LYS A 114 -1.37 16.43 -3.65
N GLU A 115 -0.05 16.32 -3.52
CA GLU A 115 0.76 15.77 -4.59
C GLU A 115 0.42 14.28 -4.81
N ASN A 116 0.43 13.90 -6.08
CA ASN A 116 0.15 12.52 -6.52
C ASN A 116 0.97 11.52 -5.68
N PRO A 117 0.34 10.41 -5.26
CA PRO A 117 1.03 9.40 -4.45
C PRO A 117 2.13 8.66 -5.26
N GLY A 118 2.66 7.63 -4.61
CA GLY A 118 3.73 6.77 -5.18
C GLY A 118 3.16 5.46 -5.78
N PRO A 119 3.97 4.76 -6.60
CA PRO A 119 3.57 3.46 -7.15
C PRO A 119 3.59 2.37 -6.08
N ALA A 120 4.70 2.29 -5.33
CA ALA A 120 4.79 1.37 -4.19
C ALA A 120 4.29 1.97 -2.89
N ARG A 121 3.58 1.08 -2.21
CA ARG A 121 2.90 1.39 -0.94
C ARG A 121 3.15 0.31 0.10
N VAL A 122 3.27 0.78 1.32
CA VAL A 122 3.46 -0.09 2.50
C VAL A 122 2.12 -0.67 2.93
N ILE A 123 2.20 -1.91 3.39
CA ILE A 123 1.05 -2.67 3.89
C ILE A 123 1.31 -3.13 5.31
N TYR A 124 0.20 -3.17 6.04
CA TYR A 124 0.18 -3.47 7.48
C TYR A 124 -1.24 -3.59 7.99
N THR A 125 -1.42 -4.52 8.90
CA THR A 125 -2.71 -4.80 9.56
C THR A 125 -3.09 -3.63 10.49
N TYR A 126 -4.03 -3.85 11.39
CA TYR A 126 -4.56 -2.83 12.32
C TYR A 126 -5.43 -3.45 13.44
N PRO A 127 -5.32 -2.93 14.67
CA PRO A 127 -4.36 -1.90 15.11
C PRO A 127 -2.93 -2.40 15.32
N ASN A 128 -2.79 -3.73 15.16
CA ASN A 128 -1.52 -4.44 15.18
C ASN A 128 -0.43 -3.73 14.37
N LYS A 129 -0.79 -3.31 13.16
CA LYS A 129 0.11 -2.60 12.23
C LYS A 129 1.37 -3.43 11.90
N VAL A 130 1.13 -4.75 11.94
CA VAL A 130 2.17 -5.74 11.69
C VAL A 130 2.46 -5.70 10.18
N PHE A 131 3.43 -4.83 9.88
CA PHE A 131 3.98 -4.65 8.53
C PHE A 131 4.00 -5.99 7.82
N CYS A 132 3.33 -5.99 6.68
CA CYS A 132 3.22 -7.21 5.86
C CYS A 132 4.29 -7.19 4.77
N GLY A 133 4.23 -6.15 3.94
CA GLY A 133 5.13 -5.95 2.80
C GLY A 133 4.95 -4.57 2.18
N ILE A 134 5.44 -4.51 0.95
CA ILE A 134 5.28 -3.34 0.08
C ILE A 134 4.77 -3.83 -1.27
N ILE A 135 3.64 -3.30 -1.67
CA ILE A 135 3.05 -3.60 -2.99
C ILE A 135 3.14 -2.37 -3.90
N ALA A 136 3.34 -2.64 -5.18
CA ALA A 136 3.40 -1.58 -6.21
C ALA A 136 2.70 -2.02 -7.48
N HIS A 137 2.29 -1.01 -8.24
CA HIS A 137 1.64 -1.23 -9.53
C HIS A 137 2.73 -1.45 -10.59
N THR A 138 2.70 -2.68 -11.10
CA THR A 138 3.65 -3.15 -12.13
C THR A 138 3.27 -2.65 -13.54
N LYS A 139 3.02 -1.33 -13.57
CA LYS A 139 2.58 -0.57 -14.75
C LYS A 139 2.38 0.92 -14.38
N GLU A 140 3.49 1.63 -14.20
CA GLU A 140 3.54 3.06 -13.84
C GLU A 140 2.97 3.32 -12.43
N ASN A 141 1.64 3.39 -12.36
CA ASN A 141 0.85 3.57 -11.14
C ASN A 141 -0.58 2.99 -11.30
N GLN A 142 -0.67 1.91 -12.05
CA GLN A 142 -1.95 1.21 -12.29
C GLN A 142 -1.73 -0.27 -12.59
N GLY A 143 -2.84 -1.01 -12.53
CA GLY A 143 -2.86 -2.45 -12.76
C GLY A 143 -2.52 -3.20 -11.46
N GLU A 144 -2.96 -4.45 -11.44
CA GLU A 144 -2.75 -5.36 -10.30
C GLU A 144 -1.35 -5.24 -9.69
N LEU A 145 -1.36 -4.88 -8.41
CA LEU A 145 -0.14 -4.64 -7.65
C LEU A 145 0.57 -5.97 -7.44
N LYS A 146 1.88 -5.89 -7.32
CA LYS A 146 2.69 -7.09 -7.08
C LYS A 146 3.58 -6.85 -5.87
N LEU A 147 3.29 -7.67 -4.85
CA LEU A 147 4.08 -7.70 -3.61
C LEU A 147 5.57 -7.70 -3.94
N CYS A 148 6.15 -6.53 -3.70
CA CYS A 148 7.59 -6.30 -3.87
C CYS A 148 8.33 -7.36 -3.04
N SER A 149 9.64 -7.42 -3.24
CA SER A 149 10.46 -8.41 -2.52
C SER A 149 11.87 -7.88 -2.41
N HIS A 150 12.56 -8.46 -1.45
CA HIS A 150 13.97 -8.10 -1.20
C HIS A 150 14.97 -9.22 -1.58
#